data_7AKJ
#
_entry.id   7AKJ
#
_cell.length_a   1.00
_cell.length_b   1.00
_cell.length_c   1.00
_cell.angle_alpha   90.00
_cell.angle_beta   90.00
_cell.angle_gamma   90.00
#
_symmetry.space_group_name_H-M   'P 1'
#
loop_
_entity.id
_entity.type
_entity.pdbx_description
1 polymer 'Spike glycoprotein'
2 polymer '47D11 neutralizing antibody heavy chain'
3 polymer '47D11 neutralizing antibody light chain'
4 branched 2-acetamido-2-deoxy-beta-D-glucopyranose-(1-4)-2-acetamido-2-deoxy-beta-D-glucopyranose
5 branched 2-acetamido-2-deoxy-beta-D-glucopyranose-(1-4)-[alpha-L-fucopyranose-(1-6)]2-acetamido-2-deoxy-beta-D-glucopyranose
6 branched alpha-D-mannopyranose-(1-3)-alpha-D-mannopyranose-(1-3)-[alpha-D-mannopyranose-(1-2)-[alpha-D-mannopyranose-(1-3)]alpha-D-mannopyranose-(1-6)]beta-D-mannopyranose-(1-4)-2-acetamido-2-deoxy-beta-D-glucopyranose-(1-4)-[alpha-L-fucopyranose-(1-6)]2-acetamido-2-deoxy-beta-D-glucopyranose
7 non-polymer 2-acetamido-2-deoxy-beta-D-glucopyranose
#
loop_
_entity_poly.entity_id
_entity_poly.type
_entity_poly.pdbx_seq_one_letter_code
_entity_poly.pdbx_strand_id
1 'polypeptide(L)'
;RCTTFDDVQAPNYTQHTSSMRGVYYPDEIFRSDTLYLTQDLFLPFYSNVTGFHTINHTFDNPVIPFKDGIYFAATEKSNV
VRGWVFGSTMNNKSQSVIIINNSTNVVIRACNFELCDNPFFAVSKPMGTQTHTMIFDNAFNCTFEYISDAFSLDVSEKSG
NFKHLREFVFKNKDGFLYVYKGYQPIDVVRDLPSGFNTLKPIFKLPLGINITNFRAILTAFSPAQDTWGTSAAAYFVGYL
KPTTFMLKYDENGTITDAVDCSQNPLAELKCSVKSFEIDKGIYQTSNFRVVPSGDVVRFPNITNLCPFGEVFNATKFPSV
YAWERKKISNCVADYSVLYNSTFFSTFKCYGVSATKLNDLCFSNVYADSFVVKGDDVRQIAPGQTGVIADYNYKLPDDFM
GCVLAWNTRNIDATSTGNYNYKYRYLRHGKLRPFERDISNVPFSPDGKPCTPPALNCYWPLNDYGFYTTTGIGYQPYRVV
VLSFELLNAPATVCGPKLSTDLIKNQCVNFNFNGLTGTGVLTPSSKRFQPFQQFGRDVSDFTDSVRDPKTSEILDISPCS
FGGVSVITPGTNASSEVAVLYQDVNCTDVSTAIHADQLTPAWRIYSTGNNVFQTQAGCLIGAEHVDTSYECDIPIGAGIC
ASYHTVSLLRSTSQKSIVAYTMSLGADSSIAYSNNTIAIPTNFSISITTEVMPVSMAKTSVDCNMYICGDSTECANLLLQ
YGSFCTQLNRALSGIAAEQDRNTREVFAQVKQMYKTPTLKYFGGFNFSQILPDPLKPTKRSFIEDLLFNKVTLADAGFMK
QYGECLGDINARDLICAQKFNGLTVLPPLLTDDMIAAYTAALVSGTATAGWTFGAGAALQIPFAMQMAYRFNGIGVTQNV
LYENQKQIANQFNKAISQIQESLTTTSTALGKLQDVVNQNAQALNTLVKQLSSNFGAISSVLNDILSRLDPPEAEVQIDR
LITGRLQSLQTYVTQQLIRAAEIRASANLAATKMSECVLGQSKRVDFCGKGYHLMSFPQAAPHGVVFLHVTYVPSQERNF
TTAPAICHEGKAYFPREGVFVFNGTSWFITQRNFFSPQIITTDNTFVSGNCDVVIGIINNTVYDPLQPELDSFKEELDKY
FKNHTSPDVDLGDISGINASVVNLIKGSGYIPEAPRDGQAYVRKDGEWVLLSTFLIKLVPRGSLEWSHPQFEK
;
C,B,A
2 'polypeptide(L)'
;QVQLQESGPGLVKPSETLSLTCSVSGGSISSHYWSWIRQPPGKGLEWIGYIYYSGSTNHNPSLKSRVTISVDTSKNQFSL
KLSSVTAADTAVYYCARGVLLWFGEPIFEIWGQGTMVTVSS
;
G,E,H
3 'polypeptide(L)'
;EIVMTQSPATLSVSPGERATLSCRASQSVSSSLAWYQQKPGQAPRLLIYGASTRAPGIPARFSGSGSGTEFTLTISSLQS
EDFAVYYCQQYNNWPLTFGGGTKVEI
;
F,D,L
#
loop_
_chem_comp.id
_chem_comp.type
_chem_comp.name
_chem_comp.formula
BMA D-saccharide, beta linking beta-D-mannopyranose 'C6 H12 O6'
FUC L-saccharide, alpha linking alpha-L-fucopyranose 'C6 H12 O5'
MAN D-saccharide, alpha linking alpha-D-mannopyranose 'C6 H12 O6'
NAG D-saccharide, beta linking 2-acetamido-2-deoxy-beta-D-glucopyranose 'C8 H15 N O6'
#
# COMPACT_ATOMS: atom_id res chain seq x y z
N ARG A 1 -19.73 -53.32 49.50
CA ARG A 1 -20.02 -52.28 50.47
C ARG A 1 -18.76 -51.52 50.86
N CYS A 2 -18.85 -50.18 50.81
CA CYS A 2 -17.71 -49.34 51.14
C CYS A 2 -17.33 -49.44 52.61
N THR A 3 -16.03 -49.34 52.87
CA THR A 3 -15.49 -49.37 54.22
C THR A 3 -14.94 -47.98 54.55
N THR A 4 -15.38 -47.42 55.66
CA THR A 4 -14.99 -46.06 56.06
C THR A 4 -13.97 -46.13 57.20
N PHE A 5 -12.79 -45.58 56.95
CA PHE A 5 -11.75 -45.53 57.97
C PHE A 5 -12.11 -44.47 59.01
N ASP A 6 -12.52 -44.92 60.19
CA ASP A 6 -12.77 -44.04 61.31
C ASP A 6 -11.46 -43.58 61.95
N ASP A 7 -11.56 -42.49 62.71
CA ASP A 7 -10.48 -41.89 63.51
C ASP A 7 -9.38 -41.27 62.67
N VAL A 8 -9.58 -41.09 61.37
CA VAL A 8 -8.58 -40.42 60.55
C VAL A 8 -8.50 -38.94 60.92
N GLN A 9 -7.28 -38.43 61.00
CA GLN A 9 -7.04 -37.03 61.29
C GLN A 9 -7.36 -36.15 60.09
N ALA A 10 -7.66 -34.89 60.37
CA ALA A 10 -7.73 -33.89 59.31
C ALA A 10 -6.34 -33.54 58.81
N PRO A 11 -6.20 -33.18 57.55
CA PRO A 11 -4.88 -32.89 56.99
C PRO A 11 -4.32 -31.56 57.48
N ASN A 12 -3.00 -31.45 57.41
CA ASN A 12 -2.26 -30.21 57.64
C ASN A 12 -1.57 -29.81 56.35
N TYR A 13 -2.26 -29.05 55.50
CA TYR A 13 -1.69 -28.63 54.22
C TYR A 13 -0.39 -27.87 54.44
N THR A 14 0.59 -28.13 53.58
CA THR A 14 1.93 -27.58 53.71
C THR A 14 2.33 -26.89 52.41
N GLN A 15 3.09 -25.81 52.53
CA GLN A 15 3.50 -25.02 51.37
C GLN A 15 4.96 -25.28 51.03
N HIS A 16 5.23 -25.46 49.73
CA HIS A 16 6.59 -25.55 49.21
C HIS A 16 6.70 -24.78 47.90
N THR A 17 7.88 -24.22 47.66
CA THR A 17 8.19 -23.63 46.36
C THR A 17 8.42 -24.73 45.33
N SER A 18 7.77 -24.61 44.17
CA SER A 18 7.93 -25.60 43.11
C SER A 18 9.24 -25.45 42.35
N SER A 19 9.94 -24.33 42.52
CA SER A 19 11.17 -24.01 41.78
C SER A 19 10.87 -24.03 40.28
N MET A 20 11.71 -24.63 39.45
CA MET A 20 11.66 -24.45 38.00
C MET A 20 11.00 -25.61 37.26
N ARG A 21 10.48 -26.60 37.96
CA ARG A 21 9.99 -27.82 37.33
C ARG A 21 8.77 -27.53 36.45
N GLY A 22 8.42 -28.51 35.62
CA GLY A 22 7.18 -28.50 34.88
C GLY A 22 7.23 -28.12 33.41
N VAL A 23 8.42 -27.92 32.85
CA VAL A 23 8.54 -27.62 31.43
C VAL A 23 8.33 -28.90 30.60
N TYR A 24 7.71 -28.74 29.43
CA TYR A 24 7.42 -29.88 28.57
C TYR A 24 7.52 -29.44 27.11
N TYR A 25 7.62 -30.43 26.22
CA TYR A 25 7.79 -30.14 24.79
C TYR A 25 6.53 -29.49 24.22
N PRO A 26 6.62 -28.27 23.68
CA PRO A 26 5.40 -27.60 23.21
C PRO A 26 4.84 -28.19 21.94
N ASP A 27 5.69 -28.60 21.00
CA ASP A 27 5.24 -29.13 19.73
C ASP A 27 6.11 -30.28 19.25
N GLU A 28 5.47 -31.14 18.46
CA GLU A 28 6.12 -32.32 17.88
C GLU A 28 7.24 -31.98 16.89
N ILE A 29 7.11 -30.89 16.14
CA ILE A 29 8.11 -30.59 15.11
C ILE A 29 9.53 -30.47 15.66
N PHE A 30 10.47 -31.04 14.91
CA PHE A 30 11.89 -31.02 15.25
C PHE A 30 12.49 -29.63 15.06
N ARG A 31 13.38 -29.26 15.98
CA ARG A 31 14.16 -28.02 15.87
C ARG A 31 15.48 -28.23 16.59
N SER A 32 16.47 -27.43 16.22
CA SER A 32 17.80 -27.62 16.80
C SER A 32 18.57 -26.30 16.83
N ASP A 33 19.47 -26.21 17.81
CA ASP A 33 20.45 -25.12 17.91
C ASP A 33 19.82 -23.74 17.76
N THR A 34 18.65 -23.55 18.38
CA THR A 34 17.89 -22.32 18.20
C THR A 34 17.15 -21.99 19.49
N LEU A 35 16.83 -20.71 19.66
CA LEU A 35 15.98 -20.24 20.74
C LEU A 35 14.60 -19.94 20.18
N TYR A 36 13.58 -20.51 20.81
CA TYR A 36 12.21 -20.41 20.31
C TYR A 36 11.33 -19.77 21.37
N LEU A 37 10.44 -18.89 20.93
CA LEU A 37 9.62 -18.09 21.83
C LEU A 37 8.16 -18.41 21.55
N THR A 38 7.43 -18.82 22.58
CA THR A 38 6.09 -19.37 22.39
C THR A 38 5.23 -19.06 23.61
N GLN A 39 3.92 -18.99 23.39
CA GLN A 39 2.95 -18.78 24.44
C GLN A 39 2.09 -20.03 24.60
N ASP A 40 2.00 -20.54 25.83
CA ASP A 40 1.08 -21.63 26.14
C ASP A 40 0.87 -21.67 27.65
N LEU A 41 -0.02 -22.55 28.08
CA LEU A 41 -0.20 -22.83 29.51
C LEU A 41 1.05 -23.48 30.09
N PHE A 42 1.65 -22.83 31.08
CA PHE A 42 2.81 -23.37 31.76
C PHE A 42 2.71 -23.11 33.26
N LEU A 43 3.51 -23.85 34.03
CA LEU A 43 3.66 -23.65 35.46
C LEU A 43 4.68 -22.56 35.74
N PRO A 44 4.26 -21.40 36.24
CA PRO A 44 5.20 -20.30 36.45
C PRO A 44 6.23 -20.63 37.53
N PHE A 45 7.45 -20.15 37.32
CA PHE A 45 8.57 -20.49 38.19
C PHE A 45 8.36 -19.97 39.61
N TYR A 46 8.83 -20.75 40.58
CA TYR A 46 8.75 -20.42 42.01
C TYR A 46 7.31 -20.21 42.50
N SER A 47 6.32 -20.74 41.79
CA SER A 47 4.98 -20.82 42.34
C SER A 47 4.93 -21.84 43.47
N ASN A 48 4.05 -21.57 44.43
CA ASN A 48 3.85 -22.40 45.61
C ASN A 48 2.92 -23.59 45.35
N VAL A 49 3.14 -24.67 46.10
CA VAL A 49 2.41 -25.91 45.90
C VAL A 49 1.91 -26.46 47.24
N THR A 50 0.75 -27.11 47.18
CA THR A 50 0.08 -27.65 48.36
C THR A 50 0.52 -29.10 48.57
N GLY A 51 1.34 -29.33 49.59
CA GLY A 51 1.82 -30.68 49.87
C GLY A 51 0.81 -31.50 50.66
N PHE A 52 0.82 -32.80 50.40
CA PHE A 52 -0.02 -33.77 51.10
C PHE A 52 0.85 -34.92 51.60
N HIS A 53 0.31 -35.69 52.54
CA HIS A 53 1.10 -36.73 53.20
C HIS A 53 0.17 -37.73 53.85
N THR A 54 0.42 -39.02 53.63
CA THR A 54 -0.22 -40.10 54.37
C THR A 54 0.80 -40.74 55.30
N ILE A 55 0.56 -40.64 56.62
CA ILE A 55 1.41 -41.27 57.61
C ILE A 55 0.54 -41.78 58.76
N ASN A 56 0.78 -43.03 59.17
CA ASN A 56 0.10 -43.68 60.30
C ASN A 56 -1.41 -43.51 60.15
N HIS A 57 -2.11 -43.02 61.18
CA HIS A 57 -3.56 -42.86 61.09
C HIS A 57 -3.98 -41.88 60.00
N THR A 58 -3.19 -40.85 59.74
CA THR A 58 -3.57 -39.84 58.78
C THR A 58 -3.82 -40.45 57.40
N PHE A 59 -4.88 -39.96 56.74
CA PHE A 59 -5.30 -40.45 55.43
C PHE A 59 -6.06 -39.31 54.80
N ASP A 60 -5.52 -38.70 53.74
CA ASP A 60 -6.14 -37.55 53.10
C ASP A 60 -6.63 -37.89 51.71
N ASN A 61 -7.92 -37.72 51.49
CA ASN A 61 -8.57 -37.90 50.19
C ASN A 61 -9.51 -36.73 49.96
N PRO A 62 -8.97 -35.51 49.82
CA PRO A 62 -9.84 -34.33 49.67
C PRO A 62 -10.07 -33.93 48.23
N VAL A 63 -11.32 -33.65 47.87
CA VAL A 63 -11.61 -33.21 46.52
C VAL A 63 -10.88 -31.89 46.27
N ILE A 64 -10.15 -31.82 45.16
CA ILE A 64 -9.34 -30.67 44.81
C ILE A 64 -9.88 -30.06 43.52
N PRO A 65 -10.10 -28.74 43.46
CA PRO A 65 -10.57 -28.14 42.21
C PRO A 65 -9.50 -28.16 41.13
N PHE A 66 -9.94 -28.26 39.88
CA PHE A 66 -9.02 -28.50 38.77
C PHE A 66 -8.48 -27.23 38.13
N LYS A 67 -9.26 -26.14 38.15
CA LYS A 67 -8.84 -24.85 37.59
C LYS A 67 -8.33 -24.97 36.15
N ASP A 68 -8.94 -25.88 35.38
CA ASP A 68 -8.62 -26.14 33.96
C ASP A 68 -7.16 -26.54 33.73
N GLY A 69 -6.49 -27.11 34.73
CA GLY A 69 -5.22 -27.76 34.48
C GLY A 69 -4.29 -27.78 35.67
N ILE A 70 -3.65 -28.92 35.93
CA ILE A 70 -2.84 -29.11 37.13
C ILE A 70 -1.51 -29.73 36.76
N TYR A 71 -0.48 -29.35 37.50
CA TYR A 71 0.74 -30.12 37.63
C TYR A 71 0.56 -31.18 38.71
N PHE A 72 1.38 -32.22 38.64
CA PHE A 72 1.32 -33.27 39.66
C PHE A 72 2.69 -33.92 39.78
N ALA A 73 3.07 -34.28 41.01
CA ALA A 73 4.31 -35.00 41.25
C ALA A 73 4.13 -35.86 42.48
N ALA A 74 4.70 -37.07 42.44
CA ALA A 74 4.63 -37.98 43.57
C ALA A 74 5.99 -38.59 43.88
N THR A 75 6.26 -38.77 45.17
CA THR A 75 7.45 -39.47 45.65
C THR A 75 6.95 -40.71 46.37
N GLU A 76 7.26 -41.88 45.84
CA GLU A 76 6.74 -43.13 46.37
C GLU A 76 7.84 -44.18 46.47
N LYS A 77 7.80 -44.97 47.55
CA LYS A 77 8.78 -46.03 47.71
C LYS A 77 8.27 -47.33 47.13
N SER A 78 6.99 -47.68 47.37
CA SER A 78 6.44 -48.94 46.87
C SER A 78 5.02 -48.80 46.31
N ASN A 79 4.89 -48.08 45.20
CA ASN A 79 3.61 -47.91 44.49
C ASN A 79 2.44 -47.62 45.41
N VAL A 80 2.56 -46.59 46.23
CA VAL A 80 1.47 -46.24 47.14
C VAL A 80 0.29 -45.66 46.37
N VAL A 81 0.54 -44.82 45.37
CA VAL A 81 -0.52 -44.14 44.62
C VAL A 81 -0.73 -44.90 43.32
N ARG A 82 -1.98 -45.30 43.07
CA ARG A 82 -2.32 -46.08 41.90
C ARG A 82 -3.01 -45.30 40.79
N GLY A 83 -3.24 -44.00 40.92
CA GLY A 83 -3.90 -43.29 39.84
C GLY A 83 -4.80 -42.18 40.36
N TRP A 84 -5.69 -41.71 39.47
CA TRP A 84 -6.55 -40.57 39.76
C TRP A 84 -7.98 -40.86 39.31
N VAL A 85 -8.86 -39.88 39.55
CA VAL A 85 -10.26 -39.90 39.12
C VAL A 85 -10.67 -38.47 38.78
N PHE A 86 -11.16 -38.24 37.57
CA PHE A 86 -11.59 -36.91 37.13
C PHE A 86 -13.09 -36.89 36.87
N GLY A 87 -13.77 -35.89 37.41
CA GLY A 87 -15.20 -35.75 37.28
C GLY A 87 -15.63 -34.37 37.72
N SER A 88 -16.92 -34.08 37.52
CA SER A 88 -17.46 -32.79 37.93
C SER A 88 -18.37 -32.86 39.15
N THR A 89 -19.32 -33.80 39.16
CA THR A 89 -20.26 -33.94 40.27
C THR A 89 -20.04 -35.20 41.10
N MET A 90 -19.50 -36.25 40.51
CA MET A 90 -19.19 -37.51 41.19
C MET A 90 -20.36 -38.06 41.99
N ASN A 91 -21.61 -37.72 41.63
CA ASN A 91 -22.78 -38.25 42.33
C ASN A 91 -23.89 -38.68 41.36
N ASN A 92 -23.63 -39.73 40.57
CA ASN A 92 -24.58 -40.26 39.58
C ASN A 92 -25.04 -39.22 38.58
N LYS A 93 -24.32 -38.12 38.37
CA LYS A 93 -24.84 -37.09 37.49
C LYS A 93 -23.91 -36.65 36.38
N SER A 94 -22.64 -37.05 36.39
CA SER A 94 -21.75 -36.58 35.34
C SER A 94 -20.70 -37.63 35.04
N GLN A 95 -20.33 -37.73 33.77
CA GLN A 95 -19.32 -38.68 33.32
C GLN A 95 -18.03 -38.50 34.12
N SER A 96 -17.42 -39.61 34.50
CA SER A 96 -16.18 -39.59 35.23
C SER A 96 -15.21 -40.59 34.60
N VAL A 97 -13.92 -40.38 34.82
CA VAL A 97 -12.88 -41.22 34.26
C VAL A 97 -11.97 -41.72 35.36
N ILE A 98 -11.50 -42.96 35.22
CA ILE A 98 -10.56 -43.57 36.16
C ILE A 98 -9.32 -44.02 35.43
N ILE A 99 -8.17 -43.67 35.97
CA ILE A 99 -6.87 -44.11 35.49
C ILE A 99 -6.21 -44.76 36.70
N ILE A 100 -5.84 -46.04 36.56
CA ILE A 100 -5.23 -46.79 37.65
C ILE A 100 -4.17 -47.74 37.13
N ASN A 101 -3.07 -47.83 37.85
CA ASN A 101 -2.00 -48.77 37.51
C ASN A 101 -2.26 -50.12 38.18
N ASN A 102 -3.28 -50.78 37.67
CA ASN A 102 -3.63 -52.13 38.10
C ASN A 102 -2.48 -53.05 37.74
N SER A 103 -2.07 -53.90 38.68
CA SER A 103 -0.90 -54.74 38.43
C SER A 103 -1.06 -55.62 37.19
N THR A 104 -2.23 -56.23 37.01
CA THR A 104 -2.42 -57.05 35.82
C THR A 104 -2.49 -56.22 34.54
N ASN A 105 -3.21 -55.09 34.53
CA ASN A 105 -3.38 -54.31 33.32
C ASN A 105 -3.88 -52.89 33.59
N VAL A 106 -3.27 -51.92 32.91
CA VAL A 106 -3.67 -50.52 33.03
C VAL A 106 -5.08 -50.38 32.44
N VAL A 107 -5.98 -49.72 33.17
CA VAL A 107 -7.36 -49.58 32.73
C VAL A 107 -7.79 -48.12 32.73
N ILE A 108 -8.31 -47.65 31.58
CA ILE A 108 -8.82 -46.30 31.41
C ILE A 108 -10.27 -46.42 30.95
N ARG A 109 -11.18 -45.74 31.66
CA ARG A 109 -12.60 -45.80 31.30
C ARG A 109 -13.23 -44.43 31.49
N ALA A 110 -14.24 -44.13 30.66
CA ALA A 110 -14.98 -42.86 30.70
C ALA A 110 -16.49 -43.14 30.72
N CYS A 111 -16.99 -43.62 31.85
CA CYS A 111 -18.41 -43.97 31.97
C CYS A 111 -18.93 -43.51 33.32
N ASN A 112 -20.28 -43.49 33.47
CA ASN A 112 -20.83 -43.13 34.78
C ASN A 112 -20.35 -44.16 35.78
N PHE A 113 -19.75 -43.68 36.87
CA PHE A 113 -19.10 -44.56 37.83
C PHE A 113 -19.72 -44.65 39.21
N GLU A 114 -20.29 -43.58 39.77
CA GLU A 114 -20.84 -43.62 41.13
C GLU A 114 -19.76 -44.13 42.09
N LEU A 115 -18.60 -43.48 42.01
CA LEU A 115 -17.43 -43.91 42.76
C LEU A 115 -17.67 -43.91 44.26
N CYS A 116 -17.09 -44.91 44.93
CA CYS A 116 -17.21 -45.04 46.37
C CYS A 116 -16.60 -43.82 47.06
N ASP A 117 -17.21 -43.41 48.17
CA ASP A 117 -16.72 -42.24 48.91
C ASP A 117 -15.24 -42.34 49.26
N ASN A 118 -14.76 -43.53 49.63
CA ASN A 118 -13.36 -43.74 49.99
C ASN A 118 -12.77 -44.90 49.19
N PRO A 119 -12.51 -44.70 47.90
CA PRO A 119 -12.00 -45.79 47.07
C PRO A 119 -10.56 -46.15 47.43
N PHE A 120 -10.27 -47.45 47.42
CA PHE A 120 -8.95 -47.93 47.81
C PHE A 120 -8.72 -49.34 47.28
N PHE A 121 -7.45 -49.74 47.26
CA PHE A 121 -7.02 -51.12 47.01
C PHE A 121 -6.60 -51.78 48.30
N ALA A 122 -7.05 -53.01 48.50
CA ALA A 122 -6.78 -53.75 49.72
C ALA A 122 -5.58 -54.67 49.52
N VAL A 123 -4.71 -54.74 50.53
CA VAL A 123 -3.47 -55.50 50.46
C VAL A 123 -3.29 -56.22 51.78
N SER A 124 -2.53 -57.31 51.77
CA SER A 124 -2.20 -58.06 52.97
C SER A 124 -0.71 -57.97 53.26
N LYS A 125 -0.36 -57.74 54.53
CA LYS A 125 1.02 -57.51 54.90
C LYS A 125 1.95 -58.67 54.57
N PRO A 126 1.79 -59.87 55.13
CA PRO A 126 2.80 -60.91 54.90
C PRO A 126 2.75 -61.51 53.50
N MET A 127 1.58 -61.57 52.87
CA MET A 127 1.49 -62.17 51.54
C MET A 127 1.96 -61.21 50.47
N GLY A 128 1.67 -59.92 50.62
CA GLY A 128 1.95 -58.95 49.57
C GLY A 128 1.04 -59.13 48.36
N THR A 129 -0.23 -59.43 48.59
CA THR A 129 -1.18 -59.72 47.52
C THR A 129 -2.39 -58.79 47.65
N GLN A 130 -2.97 -58.43 46.52
CA GLN A 130 -4.14 -57.58 46.49
C GLN A 130 -5.39 -58.45 46.64
N THR A 131 -6.39 -57.93 47.35
CA THR A 131 -7.60 -58.69 47.63
C THR A 131 -8.90 -58.02 47.19
N HIS A 132 -8.99 -56.69 47.20
CA HIS A 132 -10.20 -56.02 46.77
C HIS A 132 -9.87 -54.73 46.03
N THR A 133 -10.86 -54.24 45.25
CA THR A 133 -10.76 -52.97 44.52
C THR A 133 -12.10 -52.23 44.67
N MET A 134 -12.29 -51.60 45.83
CA MET A 134 -13.55 -50.90 46.13
C MET A 134 -13.53 -49.50 45.55
N ILE A 135 -13.70 -49.41 44.23
CA ILE A 135 -13.68 -48.14 43.52
C ILE A 135 -15.08 -47.69 43.09
N PHE A 136 -15.89 -48.60 42.55
CA PHE A 136 -17.19 -48.17 42.04
C PHE A 136 -18.25 -49.24 42.25
N ASP A 137 -19.40 -48.82 42.77
CA ASP A 137 -20.50 -49.76 43.01
C ASP A 137 -21.09 -50.28 41.69
N ASN A 138 -21.28 -49.42 40.71
CA ASN A 138 -21.93 -49.80 39.45
C ASN A 138 -21.49 -48.88 38.33
N ALA A 139 -22.04 -49.11 37.14
CA ALA A 139 -21.70 -48.34 35.95
C ALA A 139 -22.78 -48.52 34.90
N PHE A 140 -23.39 -47.42 34.44
CA PHE A 140 -24.43 -47.48 33.41
C PHE A 140 -24.14 -46.38 32.39
N ASN A 141 -24.76 -46.50 31.22
CA ASN A 141 -24.52 -45.55 30.13
C ASN A 141 -23.03 -45.43 29.81
N CYS A 142 -22.33 -46.58 29.83
CA CYS A 142 -20.90 -46.61 29.60
C CYS A 142 -20.60 -46.48 28.11
N THR A 143 -19.85 -45.43 27.72
CA THR A 143 -19.51 -45.18 26.33
C THR A 143 -18.03 -45.27 25.97
N PHE A 144 -17.13 -45.61 26.89
CA PHE A 144 -15.72 -45.66 26.53
C PHE A 144 -14.97 -46.62 27.43
N GLU A 145 -14.02 -47.36 26.84
CA GLU A 145 -13.24 -48.31 27.62
C GLU A 145 -11.91 -48.53 26.89
N TYR A 146 -10.83 -48.74 27.64
CA TYR A 146 -9.52 -49.08 27.07
C TYR A 146 -8.75 -50.02 28.00
N ILE A 147 -7.99 -50.95 27.42
CA ILE A 147 -7.10 -51.83 28.18
C ILE A 147 -5.72 -51.85 27.55
N SER A 148 -4.69 -51.57 28.35
CA SER A 148 -3.30 -51.68 27.93
C SER A 148 -2.85 -53.15 27.89
N ASP A 149 -1.65 -53.36 27.35
CA ASP A 149 -1.07 -54.69 27.26
C ASP A 149 -0.67 -55.24 28.63
N ALA A 150 -0.64 -56.58 28.71
CA ALA A 150 -0.33 -57.29 29.95
C ALA A 150 1.13 -57.14 30.37
N PHE A 151 1.33 -57.12 31.69
CA PHE A 151 2.67 -57.02 32.27
C PHE A 151 2.61 -57.66 33.66
N SER A 152 3.52 -57.26 34.55
CA SER A 152 3.56 -57.80 35.90
C SER A 152 4.02 -56.70 36.85
N LEU A 153 3.21 -56.40 37.87
CA LEU A 153 3.51 -55.38 38.86
C LEU A 153 3.50 -56.01 40.24
N ASP A 154 4.57 -55.82 40.99
CA ASP A 154 4.69 -56.36 42.33
C ASP A 154 4.04 -55.44 43.36
N VAL A 155 3.78 -56.00 44.54
CA VAL A 155 3.42 -55.23 45.73
C VAL A 155 4.33 -55.67 46.87
N SER A 156 4.95 -54.70 47.53
CA SER A 156 5.90 -54.97 48.61
C SER A 156 6.06 -53.70 49.42
N GLU A 157 6.53 -53.85 50.65
CA GLU A 157 6.80 -52.71 51.53
C GLU A 157 8.31 -52.61 51.77
N LYS A 158 8.81 -51.37 51.79
CA LYS A 158 10.23 -51.12 51.99
C LYS A 158 10.44 -50.17 53.14
N SER A 159 11.36 -50.54 54.05
CA SER A 159 11.69 -49.69 55.20
C SER A 159 12.33 -48.37 54.80
N GLY A 160 13.15 -48.38 53.75
CA GLY A 160 13.87 -47.18 53.36
C GLY A 160 13.00 -46.07 52.77
N ASN A 161 13.63 -44.91 52.67
CA ASN A 161 13.04 -43.67 52.16
C ASN A 161 12.73 -43.77 50.67
N PHE A 162 11.87 -42.87 50.21
CA PHE A 162 11.40 -42.87 48.83
C PHE A 162 12.55 -42.84 47.84
N LYS A 163 12.51 -43.75 46.87
CA LYS A 163 13.55 -43.84 45.84
C LYS A 163 13.08 -43.42 44.46
N HIS A 164 11.83 -42.96 44.30
CA HIS A 164 11.33 -42.63 42.98
C HIS A 164 10.55 -41.32 42.98
N LEU A 165 10.74 -40.53 41.93
CA LEU A 165 10.01 -39.28 41.73
C LEU A 165 9.32 -39.33 40.38
N ARG A 166 7.99 -39.24 40.37
CA ARG A 166 7.21 -39.34 39.14
C ARG A 166 6.42 -38.05 38.90
N GLU A 167 6.43 -37.57 37.67
CA GLU A 167 5.85 -36.28 37.31
C GLU A 167 4.83 -36.44 36.19
N PHE A 168 3.79 -35.60 36.22
CA PHE A 168 2.72 -35.63 35.23
C PHE A 168 2.25 -34.21 34.95
N VAL A 169 1.54 -34.04 33.84
CA VAL A 169 0.79 -32.83 33.53
C VAL A 169 -0.52 -33.23 32.87
N PHE A 170 -1.60 -32.52 33.20
CA PHE A 170 -2.90 -32.77 32.60
C PHE A 170 -3.48 -31.47 32.08
N LYS A 171 -3.99 -31.49 30.85
CA LYS A 171 -4.63 -30.33 30.24
C LYS A 171 -5.88 -30.79 29.51
N ASN A 172 -6.82 -29.86 29.32
CA ASN A 172 -8.03 -30.13 28.56
C ASN A 172 -8.23 -29.01 27.55
N LYS A 173 -8.39 -29.39 26.27
CA LYS A 173 -8.79 -28.46 25.23
C LYS A 173 -9.60 -29.20 24.18
N ASP A 174 -10.59 -28.51 23.62
CA ASP A 174 -11.36 -28.98 22.46
C ASP A 174 -11.86 -30.41 22.65
N GLY A 175 -12.15 -30.81 23.88
CA GLY A 175 -12.60 -32.15 24.16
C GLY A 175 -11.49 -33.19 24.24
N PHE A 176 -10.26 -32.80 23.97
CA PHE A 176 -9.11 -33.70 24.10
C PHE A 176 -8.42 -33.46 25.43
N LEU A 177 -8.06 -34.54 26.12
CA LEU A 177 -7.27 -34.47 27.34
C LEU A 177 -5.85 -34.90 27.05
N TYR A 178 -4.89 -34.09 27.45
CA TYR A 178 -3.47 -34.31 27.14
C TYR A 178 -2.76 -34.78 28.39
N VAL A 179 -2.00 -35.86 28.26
CA VAL A 179 -1.25 -36.43 29.38
C VAL A 179 0.23 -36.41 29.04
N TYR A 180 1.05 -36.09 30.03
CA TYR A 180 2.50 -36.10 29.88
C TYR A 180 3.10 -36.90 31.03
N LYS A 181 4.33 -37.36 30.85
CA LYS A 181 4.99 -38.14 31.89
C LYS A 181 6.49 -37.89 31.87
N GLY A 182 7.10 -38.04 33.04
CA GLY A 182 8.54 -38.11 33.16
C GLY A 182 8.96 -39.08 34.25
N TYR A 183 10.24 -39.10 34.60
CA TYR A 183 10.71 -39.93 35.69
C TYR A 183 12.07 -39.42 36.14
N GLN A 184 12.33 -39.49 37.45
CA GLN A 184 13.63 -39.13 37.98
C GLN A 184 13.91 -39.91 39.26
N PRO A 185 15.05 -40.58 39.37
CA PRO A 185 15.41 -41.25 40.63
C PRO A 185 15.96 -40.27 41.64
N ILE A 186 15.48 -40.37 42.89
CA ILE A 186 15.90 -39.47 43.96
C ILE A 186 15.82 -40.22 45.28
N ASP A 187 16.62 -39.77 46.26
CA ASP A 187 16.65 -40.35 47.61
C ASP A 187 16.56 -39.24 48.65
N VAL A 188 15.35 -38.70 48.84
CA VAL A 188 15.14 -37.59 49.77
C VAL A 188 13.94 -37.92 50.65
N VAL A 189 13.93 -37.31 51.84
CA VAL A 189 12.86 -37.50 52.82
C VAL A 189 12.04 -36.22 52.90
N ARG A 190 10.76 -36.31 52.53
CA ARG A 190 9.78 -35.25 52.75
C ARG A 190 10.26 -33.90 52.23
N ASP A 191 10.70 -33.89 50.98
CA ASP A 191 11.01 -32.63 50.31
C ASP A 191 10.79 -32.80 48.81
N LEU A 192 10.42 -31.70 48.16
CA LEU A 192 10.33 -31.67 46.70
C LEU A 192 11.64 -31.09 46.16
N PRO A 193 12.54 -31.90 45.62
CA PRO A 193 13.89 -31.43 45.35
C PRO A 193 13.97 -30.54 44.11
N SER A 194 14.77 -29.49 44.21
CA SER A 194 14.96 -28.56 43.11
C SER A 194 15.61 -29.26 41.92
N GLY A 195 15.13 -28.92 40.72
CA GLY A 195 15.73 -29.47 39.52
C GLY A 195 14.92 -29.10 38.29
N PHE A 196 15.43 -29.52 37.14
CA PHE A 196 14.79 -29.30 35.85
C PHE A 196 14.56 -30.64 35.16
N ASN A 197 13.35 -30.84 34.63
CA ASN A 197 13.03 -32.07 33.92
C ASN A 197 11.96 -31.80 32.87
N THR A 198 12.06 -32.46 31.72
CA THR A 198 11.26 -32.16 30.54
C THR A 198 10.37 -33.36 30.21
N LEU A 199 9.06 -33.14 30.27
CA LEU A 199 8.08 -34.21 30.05
C LEU A 199 7.83 -34.44 28.56
N LYS A 200 7.50 -35.71 28.22
CA LYS A 200 7.10 -36.20 26.91
C LYS A 200 5.58 -36.39 26.83
N PRO A 201 5.02 -36.41 25.61
CA PRO A 201 3.56 -36.55 25.47
C PRO A 201 3.10 -37.99 25.31
N ILE A 202 2.62 -38.60 26.40
CA ILE A 202 2.20 -40.00 26.37
C ILE A 202 0.90 -40.20 25.58
N PHE A 203 -0.12 -39.37 25.85
CA PHE A 203 -1.46 -39.62 25.31
C PHE A 203 -2.14 -38.32 24.90
N LYS A 204 -3.11 -38.48 24.00
CA LYS A 204 -4.02 -37.41 23.57
C LYS A 204 -5.41 -38.03 23.48
N LEU A 205 -6.23 -37.84 24.52
CA LEU A 205 -7.39 -38.69 24.74
C LEU A 205 -8.69 -37.94 24.46
N PRO A 206 -9.59 -38.49 23.63
CA PRO A 206 -10.76 -37.76 23.13
C PRO A 206 -11.99 -37.84 24.02
N LEU A 207 -11.82 -37.62 25.33
CA LEU A 207 -12.87 -37.92 26.29
C LEU A 207 -14.12 -37.06 26.05
N GLY A 208 -13.93 -35.75 25.88
CA GLY A 208 -15.03 -34.84 25.58
C GLY A 208 -15.95 -34.44 26.73
N ILE A 209 -15.43 -34.38 27.96
CA ILE A 209 -16.21 -33.95 29.12
C ILE A 209 -15.44 -32.82 29.80
N ASN A 210 -16.14 -32.05 30.64
CA ASN A 210 -15.46 -31.02 31.42
C ASN A 210 -15.20 -31.51 32.83
N ILE A 211 -13.96 -31.34 33.29
CA ILE A 211 -13.53 -31.81 34.60
C ILE A 211 -13.21 -30.61 35.48
N THR A 212 -13.90 -30.52 36.61
CA THR A 212 -13.69 -29.46 37.59
C THR A 212 -12.95 -29.94 38.84
N ASN A 213 -13.19 -31.17 39.28
CA ASN A 213 -12.59 -31.68 40.50
C ASN A 213 -12.02 -33.07 40.26
N PHE A 214 -11.10 -33.48 41.12
CA PHE A 214 -10.49 -34.79 40.98
C PHE A 214 -10.15 -35.37 42.36
N ARG A 215 -10.03 -36.70 42.40
CA ARG A 215 -9.66 -37.43 43.61
C ARG A 215 -8.50 -38.37 43.30
N ALA A 216 -7.47 -38.35 44.16
CA ALA A 216 -6.41 -39.34 44.08
C ALA A 216 -6.86 -40.64 44.72
N ILE A 217 -6.42 -41.76 44.14
CA ILE A 217 -6.74 -43.10 44.64
C ILE A 217 -5.51 -43.68 45.30
N LEU A 218 -5.67 -44.15 46.54
CA LEU A 218 -4.59 -44.76 47.31
C LEU A 218 -4.90 -46.22 47.56
N THR A 219 -3.87 -46.94 48.03
CA THR A 219 -4.01 -48.31 48.46
C THR A 219 -3.69 -48.41 49.95
N ALA A 220 -4.30 -49.39 50.61
CA ALA A 220 -4.13 -49.57 52.05
C ALA A 220 -4.20 -51.05 52.37
N PHE A 221 -3.67 -51.41 53.54
CA PHE A 221 -3.42 -52.80 53.84
C PHE A 221 -3.61 -53.05 55.34
N SER A 222 -3.71 -54.33 55.69
CA SER A 222 -3.91 -54.76 57.06
C SER A 222 -2.79 -54.25 57.96
N THR A 227 -7.45 -52.86 62.13
CA THR A 227 -6.67 -53.80 61.32
C THR A 227 -6.00 -53.05 60.18
N TRP A 228 -6.73 -52.11 59.59
CA TRP A 228 -6.20 -51.31 58.50
C TRP A 228 -5.08 -50.40 58.98
N GLY A 229 -4.09 -50.19 58.10
CA GLY A 229 -2.99 -49.31 58.40
C GLY A 229 -2.52 -48.64 57.13
N THR A 230 -1.49 -47.80 57.27
CA THR A 230 -1.01 -46.95 56.18
C THR A 230 0.49 -46.98 56.12
N SER A 231 1.03 -46.46 55.01
CA SER A 231 2.46 -46.40 54.78
C SER A 231 2.84 -45.01 54.29
N ALA A 232 4.09 -44.63 54.59
CA ALA A 232 4.59 -43.30 54.28
C ALA A 232 4.49 -42.98 52.79
N ALA A 233 3.76 -41.91 52.47
CA ALA A 233 3.65 -41.47 51.08
C ALA A 233 3.28 -40.01 51.02
N ALA A 234 3.79 -39.32 49.99
CA ALA A 234 3.62 -37.89 49.84
C ALA A 234 3.45 -37.55 48.36
N TYR A 235 2.65 -36.51 48.10
CA TYR A 235 2.40 -36.06 46.74
C TYR A 235 2.01 -34.58 46.79
N PHE A 236 2.01 -33.94 45.62
CA PHE A 236 1.87 -32.49 45.55
C PHE A 236 0.97 -32.11 44.38
N VAL A 237 0.53 -30.84 44.36
CA VAL A 237 -0.32 -30.30 43.31
C VAL A 237 0.10 -28.86 43.03
N GLY A 238 -0.14 -28.41 41.79
CA GLY A 238 0.05 -27.01 41.43
C GLY A 238 -0.82 -26.68 40.23
N TYR A 239 -0.97 -25.38 39.98
CA TYR A 239 -1.82 -24.89 38.90
C TYR A 239 -1.02 -24.17 37.83
N LEU A 240 -1.56 -24.16 36.61
CA LEU A 240 -0.93 -23.55 35.45
C LEU A 240 -1.54 -22.19 35.11
N LYS A 241 -0.70 -21.30 34.58
CA LYS A 241 -1.10 -19.96 34.16
C LYS A 241 -0.64 -19.69 32.72
N PRO A 242 -1.50 -19.08 31.90
CA PRO A 242 -1.11 -18.76 30.51
C PRO A 242 -0.03 -17.69 30.40
N THR A 243 1.17 -18.08 29.96
CA THR A 243 2.35 -17.23 30.06
C THR A 243 3.23 -17.47 28.83
N THR A 244 4.10 -16.50 28.56
CA THR A 244 5.06 -16.59 27.46
C THR A 244 6.38 -17.18 27.96
N PHE A 245 6.81 -18.27 27.32
CA PHE A 245 8.05 -18.95 27.68
C PHE A 245 9.02 -18.91 26.52
N MET A 246 10.32 -18.89 26.85
CA MET A 246 11.39 -19.09 25.88
C MET A 246 12.06 -20.44 26.11
N LEU A 247 12.36 -21.14 25.01
CA LEU A 247 12.91 -22.49 25.06
C LEU A 247 14.23 -22.56 24.30
N LYS A 248 15.19 -23.29 24.86
CA LYS A 248 16.50 -23.49 24.26
C LYS A 248 16.68 -24.95 23.87
N TYR A 249 16.97 -25.21 22.60
CA TYR A 249 17.18 -26.56 22.09
C TYR A 249 18.67 -26.86 21.95
N ASP A 250 19.08 -28.03 22.45
CA ASP A 250 20.43 -28.53 22.33
C ASP A 250 20.63 -29.17 20.95
N GLU A 251 21.90 -29.36 20.58
CA GLU A 251 22.23 -29.87 19.25
C GLU A 251 21.60 -31.25 18.99
N ASN A 252 21.34 -32.02 20.03
CA ASN A 252 20.65 -33.29 19.81
C ASN A 252 19.15 -33.14 19.70
N GLY A 253 18.64 -31.91 19.72
CA GLY A 253 17.20 -31.69 19.67
C GLY A 253 16.51 -31.76 21.01
N THR A 254 17.23 -31.59 22.12
CA THR A 254 16.68 -31.71 23.46
C THR A 254 16.68 -30.36 24.17
N ILE A 255 15.59 -30.05 24.86
CA ILE A 255 15.50 -28.82 25.64
C ILE A 255 16.43 -28.93 26.85
N THR A 256 17.10 -27.83 27.18
CA THR A 256 17.95 -27.78 28.36
C THR A 256 17.69 -26.62 29.32
N ASP A 257 16.99 -25.56 28.88
CA ASP A 257 16.76 -24.40 29.73
C ASP A 257 15.49 -23.70 29.29
N ALA A 258 14.96 -22.86 30.17
CA ALA A 258 13.89 -21.94 29.82
C ALA A 258 14.01 -20.69 30.67
N VAL A 259 13.36 -19.62 30.20
CA VAL A 259 13.09 -18.45 31.03
C VAL A 259 11.62 -18.10 30.92
N ASP A 260 11.12 -17.43 31.97
CA ASP A 260 9.71 -17.06 32.06
C ASP A 260 9.65 -15.54 32.08
N CYS A 261 9.08 -14.95 31.04
CA CYS A 261 9.26 -13.53 30.78
C CYS A 261 8.59 -12.64 31.81
N SER A 262 7.58 -13.13 32.53
CA SER A 262 6.82 -12.30 33.46
C SER A 262 7.35 -12.36 34.89
N GLN A 263 8.39 -13.13 35.16
CA GLN A 263 8.93 -13.29 36.51
C GLN A 263 10.12 -12.34 36.70
N ASN A 264 9.78 -11.10 37.08
CA ASN A 264 10.58 -9.89 37.34
C ASN A 264 11.08 -9.25 36.04
N PRO A 265 11.41 -7.95 36.05
CA PRO A 265 11.74 -7.27 34.79
C PRO A 265 12.93 -7.85 34.03
N LEU A 266 13.94 -8.35 34.72
CA LEU A 266 15.12 -8.86 34.01
C LEU A 266 14.76 -9.99 33.07
N ALA A 267 13.71 -10.74 33.39
CA ALA A 267 13.21 -11.74 32.45
C ALA A 267 12.68 -11.10 31.18
N GLU A 268 12.05 -9.92 31.30
CA GLU A 268 11.58 -9.23 30.11
C GLU A 268 12.76 -8.72 29.28
N LEU A 269 13.83 -8.28 29.92
CA LEU A 269 14.99 -7.83 29.16
C LEU A 269 15.61 -8.98 28.38
N LYS A 270 15.76 -10.15 29.03
CA LYS A 270 16.32 -11.30 28.34
C LYS A 270 15.40 -11.77 27.21
N CYS A 271 14.09 -11.80 27.46
CA CYS A 271 13.16 -12.24 26.43
C CYS A 271 13.19 -11.29 25.23
N SER A 272 13.25 -9.98 25.49
CA SER A 272 13.23 -8.99 24.41
C SER A 272 14.47 -9.08 23.52
N VAL A 273 15.66 -9.25 24.11
CA VAL A 273 16.88 -9.23 23.30
C VAL A 273 17.26 -10.60 22.75
N LYS A 274 16.50 -11.65 23.07
CA LYS A 274 16.80 -13.01 22.62
C LYS A 274 18.23 -13.42 23.01
N SER A 275 18.50 -13.36 24.31
CA SER A 275 19.82 -13.70 24.81
C SER A 275 19.68 -14.31 26.19
N PHE A 276 20.78 -14.91 26.65
CA PHE A 276 20.94 -15.32 28.04
C PHE A 276 21.96 -14.47 28.77
N GLU A 277 22.48 -13.42 28.13
CA GLU A 277 23.45 -12.55 28.76
C GLU A 277 23.33 -11.14 28.18
N ILE A 278 23.36 -10.15 29.07
CA ILE A 278 23.28 -8.74 28.71
C ILE A 278 24.40 -8.02 29.44
N ASP A 279 24.99 -7.01 28.79
CA ASP A 279 26.30 -6.52 29.19
C ASP A 279 26.27 -5.16 29.91
N LYS A 280 25.52 -4.18 29.40
CA LYS A 280 25.35 -2.92 30.12
C LYS A 280 24.32 -2.08 29.40
N GLY A 281 23.84 -1.05 30.09
CA GLY A 281 23.14 0.06 29.47
C GLY A 281 21.67 0.10 29.85
N ILE A 282 20.96 1.00 29.19
CA ILE A 282 19.52 1.21 29.39
C ILE A 282 18.78 0.71 28.15
N TYR A 283 17.76 -0.11 28.36
CA TYR A 283 17.05 -0.80 27.29
C TYR A 283 15.56 -0.54 27.43
N GLN A 284 14.90 -0.18 26.34
CA GLN A 284 13.47 0.12 26.36
C GLN A 284 12.71 -1.11 25.85
N THR A 285 11.83 -1.65 26.69
CA THR A 285 11.12 -2.87 26.35
C THR A 285 9.67 -2.67 25.91
N SER A 286 8.86 -1.94 26.69
CA SER A 286 7.44 -1.84 26.34
C SER A 286 6.81 -0.63 27.00
N ASN A 287 5.62 -0.28 26.51
CA ASN A 287 4.80 0.76 27.11
C ASN A 287 4.30 0.36 28.49
N PHE A 288 3.65 1.30 29.17
CA PHE A 288 2.86 1.02 30.37
C PHE A 288 1.60 1.88 30.35
N ARG A 289 0.57 1.44 31.09
CA ARG A 289 -0.64 2.24 31.21
C ARG A 289 -1.46 1.78 32.41
N VAL A 290 -2.47 2.58 32.75
CA VAL A 290 -3.35 2.34 33.89
C VAL A 290 -4.71 1.85 33.40
N VAL A 291 -5.22 0.81 34.05
CA VAL A 291 -6.52 0.22 33.75
C VAL A 291 -7.64 1.05 34.40
N PRO A 292 -8.76 1.27 33.74
CA PRO A 292 -9.84 2.06 34.36
C PRO A 292 -10.55 1.30 35.47
N SER A 293 -11.13 2.07 36.40
CA SER A 293 -11.62 1.52 37.66
C SER A 293 -13.14 1.59 37.84
N GLY A 294 -13.90 2.06 36.85
CA GLY A 294 -15.33 2.23 37.07
C GLY A 294 -16.03 2.77 35.85
N ASP A 295 -17.34 2.95 35.99
CA ASP A 295 -18.23 3.30 34.88
C ASP A 295 -19.15 4.44 35.27
N VAL A 296 -19.34 5.38 34.34
CA VAL A 296 -20.26 6.51 34.50
C VAL A 296 -21.26 6.50 33.35
N VAL A 297 -22.54 6.59 33.67
CA VAL A 297 -23.62 6.68 32.69
C VAL A 297 -24.53 7.84 33.09
N ARG A 298 -24.88 8.68 32.12
CA ARG A 298 -25.35 10.03 32.45
C ARG A 298 -26.38 10.52 31.44
N PHE A 299 -27.29 9.64 31.02
CA PHE A 299 -28.37 10.06 30.14
C PHE A 299 -29.25 11.11 30.82
N PRO A 300 -29.91 11.97 30.05
CA PRO A 300 -30.91 12.87 30.64
C PRO A 300 -32.13 12.11 31.15
N ASN A 301 -32.91 12.77 32.00
CA ASN A 301 -34.11 12.19 32.60
C ASN A 301 -35.39 12.57 31.86
N ILE A 302 -36.09 11.56 31.36
CA ILE A 302 -37.27 11.69 30.50
C ILE A 302 -38.28 10.66 30.98
N THR A 303 -39.58 11.01 30.96
CA THR A 303 -40.58 10.22 31.65
C THR A 303 -41.80 9.85 30.81
N ASN A 304 -41.86 10.22 29.54
CA ASN A 304 -42.97 9.86 28.67
C ASN A 304 -42.58 8.73 27.72
N LEU A 305 -43.60 8.07 27.18
CA LEU A 305 -43.42 6.95 26.26
C LEU A 305 -43.79 7.37 24.84
N CYS A 306 -42.87 7.13 23.90
CA CYS A 306 -43.06 7.49 22.50
C CYS A 306 -44.37 6.93 21.95
N PRO A 307 -45.23 7.76 21.39
CA PRO A 307 -46.50 7.28 20.83
C PRO A 307 -46.41 6.87 19.36
N PHE A 308 -45.35 6.14 18.99
CA PHE A 308 -45.16 5.74 17.59
C PHE A 308 -46.40 5.09 16.99
N GLY A 309 -47.18 4.37 17.81
CA GLY A 309 -48.40 3.75 17.34
C GLY A 309 -49.38 4.71 16.72
N GLU A 310 -49.28 6.01 17.05
CA GLU A 310 -50.15 7.00 16.43
C GLU A 310 -49.83 7.19 14.95
N VAL A 311 -48.62 6.88 14.54
CA VAL A 311 -48.27 6.85 13.12
C VAL A 311 -48.49 5.46 12.53
N PHE A 312 -47.93 4.43 13.16
CA PHE A 312 -47.94 3.11 12.55
C PHE A 312 -49.33 2.49 12.53
N ASN A 313 -50.12 2.72 13.57
CA ASN A 313 -51.43 2.09 13.69
C ASN A 313 -52.55 2.97 13.13
N ALA A 314 -52.20 4.00 12.37
CA ALA A 314 -53.18 4.88 11.75
C ALA A 314 -54.09 4.13 10.79
N THR A 315 -55.37 4.52 10.77
CA THR A 315 -56.36 3.83 9.95
C THR A 315 -56.13 4.03 8.45
N LYS A 316 -55.63 5.20 8.03
CA LYS A 316 -55.50 5.50 6.61
C LYS A 316 -54.18 6.21 6.36
N PHE A 317 -53.57 5.90 5.23
CA PHE A 317 -52.34 6.51 4.81
C PHE A 317 -52.59 7.55 3.72
N PRO A 318 -51.67 8.49 3.51
CA PRO A 318 -51.84 9.47 2.44
C PRO A 318 -51.45 8.94 1.08
N SER A 319 -51.92 9.65 0.05
CA SER A 319 -51.47 9.40 -1.31
C SER A 319 -50.01 9.81 -1.48
N VAL A 320 -49.25 8.97 -2.18
CA VAL A 320 -47.80 9.10 -2.25
C VAL A 320 -47.36 10.48 -2.74
N TYR A 321 -48.14 11.11 -3.63
CA TYR A 321 -47.69 12.42 -4.14
C TYR A 321 -47.61 13.46 -3.04
N ALA A 322 -48.47 13.39 -2.04
CA ALA A 322 -48.47 14.35 -0.93
C ALA A 322 -48.31 13.59 0.39
N TRP A 323 -47.09 13.09 0.63
CA TRP A 323 -46.78 12.40 1.87
C TRP A 323 -46.73 13.37 3.06
N GLU A 324 -47.06 12.84 4.23
CA GLU A 324 -47.13 13.63 5.46
C GLU A 324 -45.93 13.35 6.36
N ARG A 325 -45.53 14.36 7.13
CA ARG A 325 -44.41 14.28 8.05
C ARG A 325 -44.87 14.60 9.46
N LYS A 326 -44.51 13.75 10.42
CA LYS A 326 -44.84 13.96 11.84
C LYS A 326 -43.58 13.90 12.69
N LYS A 327 -43.53 14.73 13.73
CA LYS A 327 -42.39 14.83 14.63
C LYS A 327 -42.68 14.11 15.95
N ILE A 328 -41.67 13.40 16.46
CA ILE A 328 -41.72 12.72 17.76
C ILE A 328 -40.56 13.22 18.60
N SER A 329 -40.84 13.58 19.85
CA SER A 329 -39.80 14.12 20.72
C SER A 329 -40.19 13.95 22.18
N ASN A 330 -39.17 14.07 23.05
CA ASN A 330 -39.32 14.02 24.51
C ASN A 330 -40.02 12.75 24.98
N CYS A 331 -39.50 11.61 24.54
CA CYS A 331 -40.06 10.33 24.94
C CYS A 331 -38.97 9.26 24.87
N VAL A 332 -39.21 8.14 25.54
CA VAL A 332 -38.30 7.01 25.54
C VAL A 332 -39.07 5.75 25.17
N ALA A 333 -38.47 4.93 24.29
CA ALA A 333 -39.09 3.69 23.86
C ALA A 333 -38.00 2.76 23.34
N ASP A 334 -38.35 1.48 23.24
CA ASP A 334 -37.42 0.46 22.78
C ASP A 334 -37.72 0.08 21.33
N TYR A 335 -36.65 -0.08 20.55
CA TYR A 335 -36.76 -0.55 19.17
C TYR A 335 -36.71 -2.06 19.05
N SER A 336 -36.33 -2.78 20.11
CA SER A 336 -36.10 -4.21 20.03
C SER A 336 -37.33 -5.01 19.63
N VAL A 337 -38.52 -4.43 19.67
CA VAL A 337 -39.71 -5.15 19.23
C VAL A 337 -39.66 -5.41 17.73
N LEU A 338 -39.65 -4.34 16.94
CA LEU A 338 -39.67 -4.43 15.48
C LEU A 338 -38.41 -5.07 14.89
N TYR A 339 -37.36 -5.31 15.68
CA TYR A 339 -36.16 -5.92 15.14
C TYR A 339 -36.29 -7.43 14.98
N ASN A 340 -36.74 -8.11 16.03
CA ASN A 340 -36.84 -9.56 16.05
C ASN A 340 -38.27 -10.07 15.78
N SER A 341 -39.09 -9.25 15.15
CA SER A 341 -40.46 -9.59 14.80
C SER A 341 -40.51 -9.91 13.31
N THR A 342 -41.41 -10.80 12.92
CA THR A 342 -41.54 -11.20 11.52
C THR A 342 -42.59 -10.42 10.74
N PHE A 343 -43.27 -9.45 11.35
CA PHE A 343 -44.42 -8.82 10.71
C PHE A 343 -44.02 -8.10 9.42
N PHE A 344 -42.77 -7.65 9.31
CA PHE A 344 -42.33 -6.75 8.25
C PHE A 344 -41.69 -7.52 7.10
N SER A 345 -42.11 -7.21 5.87
CA SER A 345 -41.61 -7.91 4.71
C SER A 345 -40.17 -7.53 4.35
N THR A 346 -39.73 -6.30 4.65
CA THR A 346 -38.31 -6.00 4.51
C THR A 346 -37.85 -4.99 5.54
N PHE A 347 -36.58 -5.12 5.95
CA PHE A 347 -35.92 -4.21 6.88
C PHE A 347 -34.61 -3.72 6.29
N LYS A 348 -34.49 -2.41 6.10
CA LYS A 348 -33.29 -1.79 5.56
C LYS A 348 -32.86 -0.67 6.48
N CYS A 349 -31.60 -0.66 6.90
CA CYS A 349 -31.11 0.40 7.76
C CYS A 349 -29.78 0.90 7.21
N TYR A 350 -29.59 2.22 7.26
CA TYR A 350 -28.39 2.84 6.72
C TYR A 350 -27.70 3.67 7.79
N GLY A 351 -26.38 3.79 7.67
CA GLY A 351 -25.57 4.53 8.62
C GLY A 351 -25.41 3.89 9.98
N VAL A 352 -26.43 3.20 10.47
CA VAL A 352 -26.40 2.57 11.79
C VAL A 352 -27.01 1.19 11.71
N SER A 353 -26.44 0.26 12.49
CA SER A 353 -26.94 -1.11 12.54
C SER A 353 -28.12 -1.20 13.51
N ALA A 354 -29.12 -2.00 13.13
CA ALA A 354 -30.36 -2.05 13.89
C ALA A 354 -30.20 -2.68 15.27
N THR A 355 -29.17 -3.51 15.47
CA THR A 355 -28.94 -4.11 16.78
C THR A 355 -28.67 -3.07 17.86
N LYS A 356 -28.06 -1.94 17.49
CA LYS A 356 -27.53 -1.00 18.48
C LYS A 356 -28.40 0.24 18.68
N LEU A 357 -29.57 0.32 18.02
CA LEU A 357 -30.45 1.47 18.20
C LEU A 357 -30.85 1.71 19.64
N ASN A 358 -30.73 0.72 20.52
CA ASN A 358 -31.11 0.91 21.92
C ASN A 358 -30.03 1.57 22.76
N ASP A 359 -28.86 1.89 22.18
CA ASP A 359 -27.78 2.53 22.93
C ASP A 359 -27.55 3.97 22.52
N LEU A 360 -28.46 4.58 21.76
CA LEU A 360 -28.22 5.87 21.14
C LEU A 360 -29.30 6.86 21.54
N CYS A 361 -28.94 8.14 21.52
CA CYS A 361 -29.86 9.24 21.82
C CYS A 361 -29.97 10.14 20.59
N PHE A 362 -31.19 10.53 20.26
CA PHE A 362 -31.47 11.36 19.09
C PHE A 362 -32.19 12.63 19.50
N SER A 363 -31.88 13.72 18.80
CA SER A 363 -32.52 15.00 19.11
C SER A 363 -33.95 15.06 18.63
N ASN A 364 -34.25 14.46 17.47
CA ASN A 364 -35.61 14.32 16.99
C ASN A 364 -35.72 13.09 16.12
N VAL A 365 -36.94 12.59 15.97
CA VAL A 365 -37.28 11.62 14.94
C VAL A 365 -38.37 12.22 14.05
N TYR A 366 -38.21 12.07 12.74
CA TYR A 366 -39.25 12.42 11.77
C TYR A 366 -39.73 11.18 11.06
N ALA A 367 -41.04 10.95 11.08
CA ALA A 367 -41.65 9.80 10.43
C ALA A 367 -42.38 10.25 9.18
N ASP A 368 -42.03 9.65 8.04
CA ASP A 368 -42.68 9.92 6.76
C ASP A 368 -43.46 8.70 6.32
N SER A 369 -44.66 8.93 5.79
CA SER A 369 -45.60 7.84 5.52
C SER A 369 -46.27 8.04 4.16
N PHE A 370 -46.40 6.94 3.42
CA PHE A 370 -47.10 6.96 2.14
C PHE A 370 -47.37 5.53 1.70
N VAL A 371 -48.28 5.39 0.73
CA VAL A 371 -48.61 4.11 0.10
C VAL A 371 -47.78 3.95 -1.19
N VAL A 372 -47.29 2.74 -1.42
CA VAL A 372 -46.50 2.43 -2.60
C VAL A 372 -47.12 1.24 -3.32
N LYS A 373 -46.93 1.20 -4.64
CA LYS A 373 -47.59 0.21 -5.49
C LYS A 373 -46.63 -0.94 -5.78
N GLY A 374 -47.01 -2.14 -5.35
CA GLY A 374 -46.33 -3.35 -5.79
C GLY A 374 -44.86 -3.40 -5.41
N ASP A 375 -44.03 -3.69 -6.40
CA ASP A 375 -42.59 -3.84 -6.24
C ASP A 375 -41.83 -2.52 -6.24
N ASP A 376 -42.51 -1.39 -6.36
CA ASP A 376 -41.85 -0.09 -6.33
C ASP A 376 -41.17 0.20 -5.00
N VAL A 377 -41.34 -0.71 -4.03
CA VAL A 377 -40.55 -0.65 -2.80
C VAL A 377 -39.06 -0.64 -3.12
N ARG A 378 -38.66 -1.21 -4.26
CA ARG A 378 -37.27 -1.13 -4.68
C ARG A 378 -36.85 0.30 -4.99
N GLN A 379 -37.80 1.16 -5.37
CA GLN A 379 -37.47 2.53 -5.74
C GLN A 379 -37.22 3.43 -4.54
N ILE A 380 -37.69 3.07 -3.35
CA ILE A 380 -37.49 3.88 -2.17
C ILE A 380 -36.12 3.58 -1.57
N ALA A 381 -35.08 4.09 -2.21
CA ALA A 381 -33.71 3.90 -1.75
C ALA A 381 -32.86 5.01 -2.33
N PRO A 382 -31.70 5.30 -1.74
CA PRO A 382 -30.82 6.34 -2.29
C PRO A 382 -30.27 5.92 -3.65
N GLY A 383 -30.36 6.83 -4.62
CA GLY A 383 -29.78 6.63 -5.94
C GLY A 383 -30.68 5.93 -6.93
N GLN A 384 -31.92 5.62 -6.57
CA GLN A 384 -32.84 5.01 -7.53
C GLN A 384 -33.32 6.03 -8.54
N THR A 385 -33.77 5.53 -9.69
CA THR A 385 -34.31 6.36 -10.75
C THR A 385 -35.56 5.70 -11.30
N GLY A 386 -36.47 6.52 -11.82
CA GLY A 386 -37.79 6.06 -12.20
C GLY A 386 -38.88 7.06 -11.89
N VAL A 387 -40.11 6.73 -12.25
CA VAL A 387 -41.21 7.68 -12.13
C VAL A 387 -41.43 8.08 -10.67
N ILE A 388 -41.34 7.12 -9.74
CA ILE A 388 -41.55 7.44 -8.33
C ILE A 388 -40.32 8.12 -7.75
N ALA A 389 -39.14 7.53 -7.97
CA ALA A 389 -37.91 8.04 -7.38
C ALA A 389 -37.56 9.45 -7.85
N ASP A 390 -38.19 9.92 -8.92
CA ASP A 390 -37.87 11.23 -9.46
C ASP A 390 -39.02 12.22 -9.37
N TYR A 391 -40.26 11.76 -9.47
CA TYR A 391 -41.41 12.66 -9.39
C TYR A 391 -42.15 12.57 -8.07
N ASN A 392 -42.52 11.37 -7.64
CA ASN A 392 -43.30 11.24 -6.39
C ASN A 392 -42.49 11.54 -5.14
N TYR A 393 -41.26 11.05 -5.04
CA TYR A 393 -40.48 11.22 -3.82
C TYR A 393 -39.00 11.11 -4.15
N LYS A 394 -38.16 11.61 -3.24
CA LYS A 394 -36.72 11.61 -3.49
C LYS A 394 -35.97 11.67 -2.16
N LEU A 395 -34.99 10.77 -1.99
CA LEU A 395 -34.11 10.62 -0.84
C LEU A 395 -32.73 11.21 -1.12
N PRO A 396 -32.13 11.87 -0.13
CA PRO A 396 -30.82 12.50 -0.35
C PRO A 396 -29.71 11.47 -0.43
N ASP A 397 -28.55 11.94 -0.87
CA ASP A 397 -27.39 11.06 -1.01
C ASP A 397 -26.91 10.54 0.33
N ASP A 398 -26.78 11.42 1.32
CA ASP A 398 -26.35 11.03 2.66
C ASP A 398 -27.54 10.79 3.58
N PHE A 399 -28.37 9.83 3.20
CA PHE A 399 -29.50 9.44 4.01
C PHE A 399 -29.04 8.70 5.25
N MET A 400 -29.77 8.86 6.35
CA MET A 400 -29.44 8.14 7.58
C MET A 400 -30.74 7.83 8.32
N GLY A 401 -31.10 6.55 8.33
CA GLY A 401 -32.33 6.12 8.94
C GLY A 401 -32.64 4.69 8.51
N CYS A 402 -33.88 4.29 8.77
CA CYS A 402 -34.34 2.94 8.43
C CYS A 402 -35.62 3.01 7.62
N VAL A 403 -35.78 2.04 6.71
CA VAL A 403 -36.94 1.92 5.84
C VAL A 403 -37.71 0.66 6.18
N LEU A 404 -39.03 0.77 6.32
CA LEU A 404 -39.89 -0.35 6.69
C LEU A 404 -41.04 -0.48 5.69
N ALA A 405 -41.49 -1.72 5.48
CA ALA A 405 -42.67 -1.97 4.66
C ALA A 405 -43.36 -3.27 5.09
N TRP A 406 -44.67 -3.32 4.88
CA TRP A 406 -45.45 -4.54 5.10
C TRP A 406 -46.65 -4.60 4.15
N ASN A 407 -47.08 -5.83 3.85
CA ASN A 407 -48.15 -6.07 2.89
C ASN A 407 -49.51 -5.89 3.57
N THR A 408 -50.46 -5.27 2.84
CA THR A 408 -51.75 -4.88 3.39
C THR A 408 -52.96 -5.31 2.53
N ARG A 409 -52.87 -6.39 1.76
CA ARG A 409 -53.98 -6.74 0.88
C ARG A 409 -55.31 -6.89 1.62
N ASN A 410 -55.27 -7.17 2.93
CA ASN A 410 -56.50 -7.41 3.68
C ASN A 410 -57.44 -6.20 3.67
N ILE A 411 -56.92 -5.00 3.86
CA ILE A 411 -57.78 -3.81 3.93
C ILE A 411 -57.52 -2.81 2.81
N ASP A 412 -56.41 -2.91 2.08
CA ASP A 412 -56.12 -1.95 1.03
C ASP A 412 -56.60 -2.37 -0.36
N ALA A 413 -57.22 -3.55 -0.50
CA ALA A 413 -57.64 -3.99 -1.82
C ALA A 413 -58.95 -4.76 -1.74
N THR A 414 -59.63 -4.86 -2.88
CA THR A 414 -60.89 -5.57 -2.98
C THR A 414 -61.06 -6.04 -4.42
N SER A 415 -62.08 -6.89 -4.63
CA SER A 415 -62.28 -7.50 -5.94
C SER A 415 -62.74 -6.47 -6.97
N THR A 416 -63.67 -5.60 -6.60
CA THR A 416 -64.06 -4.51 -7.49
C THR A 416 -62.96 -3.47 -7.64
N GLY A 417 -62.01 -3.43 -6.71
CA GLY A 417 -60.93 -2.47 -6.73
C GLY A 417 -61.22 -1.21 -5.93
N ASN A 418 -60.15 -0.60 -5.43
CA ASN A 418 -60.20 0.69 -4.76
C ASN A 418 -59.38 1.68 -5.58
N TYR A 419 -59.94 2.87 -5.82
CA TYR A 419 -59.41 3.79 -6.81
C TYR A 419 -59.11 5.15 -6.20
N ASN A 420 -58.66 5.17 -4.94
CA ASN A 420 -58.52 6.40 -4.19
C ASN A 420 -57.12 7.02 -4.28
N TYR A 421 -56.18 6.41 -4.99
CA TYR A 421 -54.79 6.83 -4.95
C TYR A 421 -54.32 7.31 -6.31
N LYS A 422 -53.35 8.23 -6.30
CA LYS A 422 -52.87 8.87 -7.51
C LYS A 422 -51.36 9.06 -7.43
N TYR A 423 -50.74 9.24 -8.59
CA TYR A 423 -49.30 9.54 -8.67
C TYR A 423 -49.03 10.40 -9.89
N ARG A 424 -48.04 11.28 -9.75
CA ARG A 424 -47.67 12.27 -10.77
C ARG A 424 -46.52 11.73 -11.62
N TYR A 425 -46.82 11.40 -12.88
CA TYR A 425 -45.81 10.91 -13.81
C TYR A 425 -45.29 11.97 -14.79
N LEU A 426 -45.89 13.15 -14.86
CA LEU A 426 -45.45 14.20 -15.78
C LEU A 426 -45.05 15.46 -15.02
N ARG A 427 -43.84 15.95 -15.28
CA ARG A 427 -43.34 17.18 -14.68
C ARG A 427 -42.14 17.66 -15.47
N HIS A 428 -42.03 18.99 -15.61
CA HIS A 428 -40.91 19.59 -16.33
C HIS A 428 -39.58 19.49 -15.60
N GLY A 429 -39.52 18.84 -14.44
CA GLY A 429 -38.27 18.75 -13.72
C GLY A 429 -38.34 17.89 -12.46
N LYS A 430 -37.28 17.15 -12.19
CA LYS A 430 -37.27 16.25 -11.05
C LYS A 430 -37.17 17.03 -9.74
N LEU A 431 -37.78 16.47 -8.70
CA LEU A 431 -37.76 17.08 -7.37
C LEU A 431 -36.36 17.06 -6.76
N ARG A 432 -36.10 18.01 -5.89
CA ARG A 432 -34.94 18.01 -5.03
C ARG A 432 -35.25 17.21 -3.77
N PRO A 433 -34.26 16.88 -2.95
CA PRO A 433 -34.52 16.02 -1.78
C PRO A 433 -35.63 16.54 -0.87
N PHE A 434 -36.59 15.64 -0.58
CA PHE A 434 -37.75 15.89 0.27
C PHE A 434 -38.62 17.05 -0.20
N GLU A 435 -38.55 17.45 -1.47
CA GLU A 435 -39.48 18.46 -1.95
C GLU A 435 -40.89 17.88 -2.05
N ARG A 436 -41.86 18.76 -2.25
CA ARG A 436 -43.24 18.35 -2.45
C ARG A 436 -43.92 19.32 -3.41
N ASP A 437 -44.83 18.81 -4.21
CA ASP A 437 -45.63 19.64 -5.12
C ASP A 437 -47.04 19.04 -5.19
N ILE A 438 -48.02 19.76 -4.69
CA ILE A 438 -49.40 19.28 -4.66
C ILE A 438 -50.26 20.07 -5.67
N SER A 439 -49.63 20.61 -6.70
CA SER A 439 -50.34 21.40 -7.71
C SER A 439 -51.03 20.48 -8.72
N ASN A 440 -52.29 20.77 -9.02
CA ASN A 440 -53.06 20.06 -10.04
C ASN A 440 -53.57 21.06 -11.06
N VAL A 441 -53.09 20.95 -12.30
CA VAL A 441 -53.34 21.91 -13.37
C VAL A 441 -53.32 21.18 -14.70
N PRO A 442 -53.89 21.74 -15.77
CA PRO A 442 -53.70 21.16 -17.10
C PRO A 442 -52.24 21.27 -17.54
N PHE A 443 -51.77 20.25 -18.24
CA PHE A 443 -50.39 20.15 -18.68
C PHE A 443 -50.32 20.03 -20.20
N SER A 444 -49.39 20.77 -20.80
CA SER A 444 -49.11 20.65 -22.23
C SER A 444 -47.60 20.66 -22.46
N PRO A 445 -47.08 19.74 -23.29
CA PRO A 445 -45.62 19.60 -23.43
C PRO A 445 -44.92 20.86 -23.93
N ASP A 446 -45.65 21.84 -24.47
CA ASP A 446 -45.02 23.05 -24.97
C ASP A 446 -44.55 23.96 -23.85
N GLY A 447 -45.03 23.76 -22.62
CA GLY A 447 -44.73 24.68 -21.54
C GLY A 447 -45.58 25.93 -21.55
N LYS A 448 -46.75 25.89 -22.16
CA LYS A 448 -47.69 27.00 -22.18
C LYS A 448 -49.06 26.51 -21.73
N PRO A 449 -49.86 27.40 -21.13
CA PRO A 449 -51.16 26.95 -20.60
C PRO A 449 -52.11 26.54 -21.71
N CYS A 450 -53.00 25.62 -21.38
CA CYS A 450 -54.07 25.20 -22.28
C CYS A 450 -55.20 24.63 -21.45
N THR A 451 -56.30 24.30 -22.13
CA THR A 451 -57.47 23.73 -21.46
C THR A 451 -57.99 22.57 -22.31
N PRO A 452 -58.21 21.41 -21.71
CA PRO A 452 -58.74 20.26 -22.47
C PRO A 452 -60.19 20.50 -22.85
N PRO A 453 -60.70 19.82 -23.89
CA PRO A 453 -60.09 18.72 -24.65
C PRO A 453 -59.17 19.16 -25.78
N ALA A 454 -58.69 20.40 -25.74
CA ALA A 454 -57.88 20.92 -26.83
C ALA A 454 -56.58 20.12 -26.98
N LEU A 455 -55.85 20.43 -28.04
CA LEU A 455 -54.71 19.62 -28.44
C LEU A 455 -53.65 19.56 -27.34
N ASN A 456 -53.14 18.35 -27.09
CA ASN A 456 -52.03 18.10 -26.19
C ASN A 456 -52.24 18.70 -24.81
N CYS A 457 -53.46 18.58 -24.28
CA CYS A 457 -53.77 19.00 -22.92
C CYS A 457 -54.02 17.77 -22.07
N TYR A 458 -53.39 17.72 -20.90
CA TYR A 458 -53.38 16.51 -20.08
C TYR A 458 -53.46 16.89 -18.61
N TRP A 459 -53.65 15.87 -17.78
CA TRP A 459 -53.51 15.99 -16.34
C TRP A 459 -52.24 15.28 -15.91
N PRO A 460 -51.36 15.94 -15.13
CA PRO A 460 -50.02 15.40 -14.91
C PRO A 460 -49.96 14.24 -13.94
N LEU A 461 -51.06 13.89 -13.29
CA LEU A 461 -51.08 12.80 -12.33
C LEU A 461 -52.13 11.76 -12.72
N ASN A 462 -51.79 10.49 -12.52
CA ASN A 462 -52.59 9.38 -13.00
C ASN A 462 -53.35 8.74 -11.83
N ASP A 463 -54.66 8.60 -11.99
CA ASP A 463 -55.44 7.80 -11.07
C ASP A 463 -55.12 6.32 -11.22
N TYR A 464 -55.27 5.58 -10.13
CA TYR A 464 -54.88 4.18 -10.10
C TYR A 464 -55.80 3.42 -9.17
N GLY A 465 -55.78 2.09 -9.30
CA GLY A 465 -56.46 1.24 -8.34
C GLY A 465 -55.87 -0.15 -8.30
N PHE A 466 -55.98 -0.78 -7.14
CA PHE A 466 -55.50 -2.14 -6.90
C PHE A 466 -56.63 -3.14 -7.06
N TYR A 467 -56.26 -4.41 -7.17
CA TYR A 467 -57.20 -5.53 -7.23
C TYR A 467 -56.77 -6.60 -6.23
N THR A 468 -57.76 -7.29 -5.66
CA THR A 468 -57.45 -8.34 -4.70
C THR A 468 -56.67 -9.49 -5.33
N THR A 469 -56.88 -9.74 -6.63
CA THR A 469 -56.18 -10.80 -7.33
C THR A 469 -54.89 -10.35 -7.99
N THR A 470 -54.33 -9.23 -7.55
CA THR A 470 -53.00 -8.84 -7.99
C THR A 470 -51.96 -9.89 -7.61
N GLY A 471 -50.93 -10.00 -8.45
CA GLY A 471 -49.81 -10.87 -8.14
C GLY A 471 -48.83 -10.21 -7.18
N ILE A 472 -47.86 -11.00 -6.73
CA ILE A 472 -46.95 -10.58 -5.66
C ILE A 472 -46.28 -9.26 -6.01
N GLY A 473 -45.95 -9.07 -7.29
CA GLY A 473 -45.38 -7.82 -7.76
C GLY A 473 -46.35 -6.65 -7.83
N TYR A 474 -47.61 -6.80 -7.42
CA TYR A 474 -48.59 -5.75 -7.64
C TYR A 474 -49.36 -5.29 -6.41
N GLN A 475 -49.43 -6.08 -5.33
CA GLN A 475 -50.27 -5.70 -4.21
C GLN A 475 -49.82 -4.36 -3.61
N PRO A 476 -50.71 -3.62 -2.98
CA PRO A 476 -50.31 -2.39 -2.30
C PRO A 476 -49.50 -2.67 -1.04
N TYR A 477 -48.54 -1.80 -0.78
CA TYR A 477 -47.76 -1.85 0.44
C TYR A 477 -47.81 -0.50 1.16
N ARG A 478 -47.75 -0.55 2.48
CA ARG A 478 -47.53 0.63 3.29
C ARG A 478 -46.04 0.75 3.62
N VAL A 479 -45.54 1.99 3.59
CA VAL A 479 -44.12 2.26 3.85
C VAL A 479 -44.04 3.37 4.88
N VAL A 480 -43.07 3.24 5.79
CA VAL A 480 -42.74 4.27 6.76
C VAL A 480 -41.24 4.47 6.74
N VAL A 481 -40.80 5.72 6.71
CA VAL A 481 -39.38 6.06 6.75
C VAL A 481 -39.10 6.86 8.03
N LEU A 482 -38.13 6.41 8.79
CA LEU A 482 -37.71 7.07 10.03
C LEU A 482 -36.35 7.71 9.80
N SER A 483 -36.28 9.03 10.00
CA SER A 483 -35.04 9.78 9.84
C SER A 483 -34.55 10.25 11.20
N PHE A 484 -33.31 9.92 11.53
CA PHE A 484 -32.76 10.16 12.85
C PHE A 484 -31.87 11.39 12.81
N GLU A 485 -32.25 12.41 13.58
CA GLU A 485 -31.54 13.68 13.60
C GLU A 485 -30.49 13.63 14.72
N LEU A 486 -29.23 13.45 14.35
CA LEU A 486 -28.16 13.41 15.35
C LEU A 486 -27.60 14.80 15.61
N LEU A 487 -28.50 15.77 15.80
CA LEU A 487 -28.07 17.13 16.05
C LEU A 487 -27.30 17.21 17.36
N ASN A 488 -26.24 18.00 17.36
CA ASN A 488 -25.40 18.21 18.54
C ASN A 488 -26.03 19.31 19.40
N ALA A 489 -27.12 18.93 20.06
CA ALA A 489 -27.91 19.79 20.92
C ALA A 489 -28.54 18.87 21.97
N PRO A 490 -29.31 19.36 22.94
CA PRO A 490 -29.88 18.43 23.93
C PRO A 490 -30.79 17.40 23.27
N ALA A 491 -30.58 16.14 23.64
CA ALA A 491 -31.36 15.05 23.07
C ALA A 491 -32.73 14.96 23.73
N THR A 492 -33.73 14.62 22.94
CA THR A 492 -35.09 14.44 23.43
C THR A 492 -35.49 12.98 23.54
N VAL A 493 -35.13 12.15 22.56
CA VAL A 493 -35.50 10.74 22.53
C VAL A 493 -34.28 9.91 22.88
N CYS A 494 -34.45 8.94 23.77
CA CYS A 494 -33.34 8.10 24.20
C CYS A 494 -33.85 6.69 24.49
N GLY A 495 -32.94 5.73 24.43
CA GLY A 495 -33.19 4.38 24.86
C GLY A 495 -33.09 4.21 26.36
N PRO A 496 -33.73 3.17 26.90
CA PRO A 496 -33.79 3.01 28.37
C PRO A 496 -32.45 2.55 28.94
N LYS A 497 -31.92 3.36 29.85
CA LYS A 497 -30.70 3.03 30.59
C LYS A 497 -30.80 3.60 31.99
N LEU A 498 -30.19 2.89 32.94
CA LEU A 498 -29.98 3.43 34.28
C LEU A 498 -28.72 4.28 34.33
N SER A 499 -28.79 5.38 35.07
CA SER A 499 -27.67 6.28 35.23
C SER A 499 -26.93 5.99 36.53
N THR A 500 -25.78 6.66 36.70
CA THR A 500 -25.00 6.60 37.92
C THR A 500 -24.66 8.03 38.37
N ASP A 501 -24.03 8.14 39.52
CA ASP A 501 -23.36 9.36 39.93
C ASP A 501 -22.05 9.55 39.16
N LEU A 502 -21.50 10.75 39.25
CA LEU A 502 -20.20 11.02 38.67
C LEU A 502 -19.07 10.51 39.57
N ILE A 503 -17.92 10.25 38.96
CA ILE A 503 -16.73 9.80 39.67
C ILE A 503 -15.54 10.62 39.21
N LYS A 504 -15.42 11.85 39.72
CA LYS A 504 -14.39 12.76 39.27
C LYS A 504 -13.00 12.29 39.71
N ASN A 505 -11.98 12.75 38.97
CA ASN A 505 -10.57 12.58 39.32
C ASN A 505 -10.13 11.12 39.38
N GLN A 506 -10.77 10.24 38.64
CA GLN A 506 -10.33 8.85 38.57
C GLN A 506 -10.47 8.33 37.14
N CYS A 507 -9.58 7.42 36.77
CA CYS A 507 -9.65 6.79 35.45
C CYS A 507 -10.87 5.90 35.40
N VAL A 508 -11.86 6.28 34.58
CA VAL A 508 -13.12 5.55 34.48
C VAL A 508 -13.59 5.49 33.04
N ASN A 509 -14.40 4.47 32.76
CA ASN A 509 -15.23 4.49 31.56
C ASN A 509 -16.34 5.52 31.70
N PHE A 510 -16.64 6.22 30.61
CA PHE A 510 -17.69 7.22 30.62
C PHE A 510 -18.57 7.10 29.37
N ASN A 511 -19.89 7.27 29.57
CA ASN A 511 -20.88 7.22 28.50
C ASN A 511 -21.86 8.38 28.70
N PHE A 512 -21.39 9.61 28.46
CA PHE A 512 -22.22 10.78 28.76
C PHE A 512 -23.50 10.80 27.95
N ASN A 513 -23.40 10.67 26.63
CA ASN A 513 -24.60 10.67 25.81
C ASN A 513 -24.34 10.06 24.44
N GLY A 514 -24.07 8.77 24.40
CA GLY A 514 -23.74 8.11 23.15
C GLY A 514 -22.29 8.25 22.75
N LEU A 515 -21.48 8.89 23.59
CA LEU A 515 -20.05 9.07 23.37
C LEU A 515 -19.32 8.23 24.40
N THR A 516 -18.33 7.46 23.95
CA THR A 516 -17.70 6.50 24.82
C THR A 516 -16.18 6.67 24.79
N GLY A 517 -15.55 6.39 25.92
CA GLY A 517 -14.11 6.43 26.01
C GLY A 517 -13.68 6.17 27.43
N THR A 518 -12.44 6.52 27.72
CA THR A 518 -11.91 6.46 29.08
C THR A 518 -11.14 7.74 29.37
N GLY A 519 -11.23 8.23 30.60
CA GLY A 519 -10.50 9.44 30.91
C GLY A 519 -10.68 9.86 32.36
N VAL A 520 -10.11 11.03 32.65
CA VAL A 520 -10.14 11.66 33.96
C VAL A 520 -11.04 12.89 33.88
N LEU A 521 -12.20 12.83 34.53
CA LEU A 521 -13.13 13.94 34.53
C LEU A 521 -12.76 14.96 35.59
N THR A 522 -12.81 16.24 35.23
CA THR A 522 -12.49 17.35 36.12
C THR A 522 -13.40 18.52 35.83
N PRO A 523 -13.64 19.40 36.80
CA PRO A 523 -14.37 20.64 36.53
C PRO A 523 -13.57 21.57 35.63
N SER A 524 -14.28 22.50 34.99
CA SER A 524 -13.73 23.28 33.90
C SER A 524 -14.17 24.73 34.02
N SER A 525 -13.53 25.60 33.23
CA SER A 525 -13.90 27.01 33.14
C SER A 525 -14.31 27.40 31.71
N LYS A 526 -14.82 26.44 30.94
CA LYS A 526 -15.43 26.76 29.65
C LYS A 526 -16.69 27.58 29.85
N ARG A 527 -17.11 28.25 28.77
CA ARG A 527 -18.32 29.08 28.77
C ARG A 527 -19.09 28.78 27.49
N PHE A 528 -19.95 27.77 27.54
CA PHE A 528 -20.70 27.37 26.36
C PHE A 528 -21.83 28.36 26.08
N GLN A 529 -22.13 28.53 24.80
CA GLN A 529 -23.35 29.22 24.40
C GLN A 529 -24.54 28.29 24.56
N PRO A 530 -25.74 28.83 24.77
CA PRO A 530 -26.91 27.97 25.01
C PRO A 530 -27.23 27.01 23.88
N PHE A 531 -26.62 27.15 22.71
CA PHE A 531 -26.86 26.26 21.58
C PHE A 531 -25.69 25.33 21.29
N GLN A 532 -24.72 25.23 22.20
CA GLN A 532 -23.56 24.39 22.00
C GLN A 532 -23.47 23.35 23.11
N GLN A 533 -23.32 22.08 22.73
CA GLN A 533 -23.24 20.98 23.70
C GLN A 533 -21.89 20.27 23.73
N PHE A 534 -21.01 20.50 22.76
CA PHE A 534 -19.73 19.81 22.73
C PHE A 534 -18.63 20.74 22.27
N GLY A 535 -17.41 20.43 22.68
CA GLY A 535 -16.24 21.16 22.25
C GLY A 535 -15.24 20.20 21.66
N ARG A 536 -14.49 20.68 20.66
CA ARG A 536 -13.54 19.83 19.96
C ARG A 536 -12.21 20.53 19.78
N ASP A 537 -11.15 19.72 19.84
CA ASP A 537 -9.80 20.14 19.53
C ASP A 537 -9.47 19.79 18.09
N VAL A 538 -8.31 20.26 17.63
CA VAL A 538 -7.77 19.77 16.38
C VAL A 538 -7.55 18.27 16.47
N SER A 539 -7.59 17.60 15.32
CA SER A 539 -7.70 16.14 15.16
C SER A 539 -9.06 15.59 15.58
N ASP A 540 -10.06 16.45 15.75
CA ASP A 540 -11.45 16.03 15.93
C ASP A 540 -11.65 15.22 17.22
N PHE A 541 -10.80 15.43 18.22
CA PHE A 541 -11.01 14.78 19.51
C PHE A 541 -11.95 15.60 20.37
N THR A 542 -12.86 14.91 21.06
CA THR A 542 -13.71 15.56 22.04
C THR A 542 -12.87 16.03 23.22
N ASP A 543 -13.13 17.25 23.67
CA ASP A 543 -12.34 17.86 24.74
C ASP A 543 -13.15 18.23 25.97
N SER A 544 -14.44 18.48 25.84
CA SER A 544 -15.27 18.84 26.98
C SER A 544 -16.72 18.59 26.62
N VAL A 545 -17.56 18.47 27.65
CA VAL A 545 -18.96 18.11 27.46
C VAL A 545 -19.80 18.80 28.53
N ARG A 546 -21.06 19.06 28.20
CA ARG A 546 -22.03 19.59 29.15
C ARG A 546 -22.77 18.44 29.82
N ASP A 547 -22.71 18.40 31.14
CA ASP A 547 -23.39 17.35 31.90
C ASP A 547 -24.90 17.48 31.69
N PRO A 548 -25.57 16.45 31.19
CA PRO A 548 -27.02 16.60 30.92
C PRO A 548 -27.86 16.88 32.15
N LYS A 549 -27.59 16.19 33.28
CA LYS A 549 -28.44 16.33 34.45
C LYS A 549 -28.35 17.71 35.08
N THR A 550 -27.15 18.28 35.21
CA THR A 550 -26.97 19.55 35.90
C THR A 550 -26.38 20.68 35.06
N SER A 551 -26.06 20.43 33.79
CA SER A 551 -25.44 21.43 32.90
C SER A 551 -24.12 21.94 33.44
N GLU A 552 -23.45 21.17 34.29
CA GLU A 552 -22.04 21.38 34.56
C GLU A 552 -21.22 21.24 33.28
N ILE A 553 -20.06 21.89 33.24
CA ILE A 553 -19.11 21.75 32.16
C ILE A 553 -17.92 20.96 32.67
N LEU A 554 -17.60 19.85 32.00
CA LEU A 554 -16.59 18.91 32.44
C LEU A 554 -15.54 18.70 31.35
N ASP A 555 -14.27 18.74 31.73
CA ASP A 555 -13.17 18.38 30.84
C ASP A 555 -13.00 16.87 30.74
N ILE A 556 -12.30 16.44 29.71
CA ILE A 556 -11.84 15.06 29.56
C ILE A 556 -10.34 15.07 29.31
N SER A 557 -9.65 14.05 29.81
CA SER A 557 -8.22 13.91 29.64
C SER A 557 -7.86 12.45 29.77
N PRO A 558 -6.76 11.99 29.15
CA PRO A 558 -6.48 10.56 29.12
C PRO A 558 -5.85 10.04 30.41
N CYS A 559 -6.11 8.76 30.67
CA CYS A 559 -5.39 8.04 31.71
C CYS A 559 -3.91 7.92 31.36
N SER A 560 -3.05 7.98 32.38
CA SER A 560 -1.62 8.10 32.17
C SER A 560 -1.06 6.95 31.34
N PHE A 561 -0.06 7.28 30.50
CA PHE A 561 0.59 6.31 29.64
C PHE A 561 2.04 6.74 29.41
N GLY A 562 2.87 5.80 28.99
CA GLY A 562 4.25 6.13 28.64
C GLY A 562 5.07 4.89 28.38
N GLY A 563 6.38 5.12 28.28
CA GLY A 563 7.35 4.05 28.13
C GLY A 563 8.01 3.65 29.44
N VAL A 564 8.39 2.38 29.54
CA VAL A 564 9.22 1.88 30.63
C VAL A 564 10.50 1.29 30.06
N SER A 565 11.62 1.53 30.73
CA SER A 565 12.92 1.03 30.31
C SER A 565 13.70 0.58 31.54
N VAL A 566 14.61 -0.37 31.33
CA VAL A 566 15.26 -1.10 32.42
C VAL A 566 16.74 -0.78 32.43
N ILE A 567 17.26 -0.40 33.60
CA ILE A 567 18.69 -0.14 33.79
C ILE A 567 19.29 -1.32 34.53
N THR A 568 20.37 -1.88 33.97
CA THR A 568 21.07 -2.99 34.60
C THR A 568 22.56 -2.82 34.48
N PRO A 569 23.33 -3.23 35.48
CA PRO A 569 24.74 -3.57 35.25
C PRO A 569 24.87 -4.89 34.52
N GLY A 570 26.09 -5.32 34.23
CA GLY A 570 26.32 -6.58 33.57
C GLY A 570 25.68 -7.77 34.26
N THR A 571 25.08 -8.68 33.49
CA THR A 571 24.42 -9.83 34.10
C THR A 571 25.40 -10.68 34.88
N ASN A 572 26.62 -10.83 34.36
CA ASN A 572 27.63 -11.63 35.05
C ASN A 572 27.98 -11.01 36.40
N ALA A 573 28.06 -9.68 36.46
CA ALA A 573 28.42 -9.01 37.71
C ALA A 573 27.32 -9.15 38.76
N SER A 574 26.06 -8.95 38.39
CA SER A 574 24.97 -9.05 39.34
C SER A 574 23.65 -9.09 38.58
N SER A 575 22.58 -9.38 39.32
CA SER A 575 21.22 -9.42 38.78
C SER A 575 20.37 -8.25 39.25
N GLU A 576 21.01 -7.14 39.65
CA GLU A 576 20.28 -5.96 40.09
C GLU A 576 19.69 -5.22 38.88
N VAL A 577 18.54 -4.58 39.11
CA VAL A 577 17.89 -3.77 38.08
C VAL A 577 17.31 -2.52 38.73
N ALA A 578 17.15 -1.48 37.91
CA ALA A 578 16.36 -0.31 38.25
C ALA A 578 15.43 0.02 37.10
N VAL A 579 14.22 0.47 37.42
CA VAL A 579 13.17 0.71 36.42
C VAL A 579 12.90 2.21 36.34
N LEU A 580 12.86 2.73 35.11
CA LEU A 580 12.54 4.14 34.86
C LEU A 580 11.16 4.24 34.20
N TYR A 581 10.24 4.93 34.86
CA TYR A 581 8.93 5.26 34.29
C TYR A 581 8.99 6.69 33.77
N GLN A 582 8.88 6.87 32.46
CA GLN A 582 9.17 8.14 31.83
C GLN A 582 7.99 9.11 31.94
N ASP A 583 8.30 10.35 32.36
CA ASP A 583 7.36 11.48 32.29
C ASP A 583 6.06 11.22 33.04
N VAL A 584 6.19 10.79 34.29
CA VAL A 584 5.03 10.57 35.16
C VAL A 584 5.41 10.98 36.59
N ASN A 585 4.44 11.53 37.30
CA ASN A 585 4.57 11.75 38.73
C ASN A 585 4.38 10.46 39.52
N CYS A 586 5.32 10.17 40.43
CA CYS A 586 5.34 8.87 41.11
C CYS A 586 4.04 8.57 41.84
N THR A 587 3.31 9.60 42.28
CA THR A 587 2.09 9.36 43.04
C THR A 587 1.11 8.48 42.27
N ASP A 588 1.01 8.68 40.95
CA ASP A 588 0.05 7.92 40.18
C ASP A 588 0.50 6.48 39.96
N VAL A 589 1.81 6.26 39.80
CA VAL A 589 2.27 4.90 39.56
C VAL A 589 2.33 4.12 40.86
N SER A 590 2.69 4.76 41.97
CA SER A 590 2.65 4.05 43.24
C SER A 590 1.23 3.69 43.62
N THR A 591 0.29 4.61 43.47
CA THR A 591 -1.12 4.36 43.73
C THR A 591 -1.75 3.43 42.69
N ALA A 592 -1.01 3.06 41.64
CA ALA A 592 -1.52 2.08 40.69
C ALA A 592 -0.78 0.76 40.72
N ILE A 593 0.47 0.75 41.21
CA ILE A 593 1.12 -0.50 41.54
C ILE A 593 0.37 -1.18 42.69
N HIS A 594 0.13 -0.45 43.76
CA HIS A 594 -0.71 -0.97 44.83
C HIS A 594 -2.11 -1.19 44.30
N ALA A 595 -2.73 -2.28 44.76
CA ALA A 595 -4.05 -2.72 44.28
C ALA A 595 -4.03 -3.09 42.79
N ASP A 596 -2.85 -3.47 42.29
CA ASP A 596 -2.66 -4.09 40.96
C ASP A 596 -3.39 -3.36 39.84
N GLN A 597 -3.27 -2.04 39.81
CA GLN A 597 -3.93 -1.26 38.77
C GLN A 597 -3.05 -1.04 37.54
N LEU A 598 -1.73 -1.21 37.66
CA LEU A 598 -0.84 -1.02 36.54
C LEU A 598 -0.82 -2.27 35.65
N THR A 599 -0.34 -2.08 34.42
CA THR A 599 0.07 -3.18 33.55
C THR A 599 1.26 -2.72 32.74
N PRO A 600 2.30 -3.56 32.57
CA PRO A 600 2.42 -4.98 32.89
C PRO A 600 2.50 -5.29 34.39
N ALA A 601 2.04 -6.47 34.78
CA ALA A 601 1.99 -6.89 36.18
C ALA A 601 2.99 -8.01 36.38
N TRP A 602 4.11 -7.71 37.03
CA TRP A 602 5.03 -8.75 37.47
C TRP A 602 4.34 -9.65 38.49
N ARG A 603 4.77 -10.92 38.51
CA ARG A 603 4.33 -11.80 39.59
C ARG A 603 4.99 -11.42 40.92
N ILE A 604 6.30 -11.15 40.90
CA ILE A 604 7.02 -10.75 42.09
C ILE A 604 7.80 -9.49 41.79
N TYR A 605 7.65 -8.48 42.65
CA TYR A 605 8.41 -7.23 42.63
C TYR A 605 8.00 -6.47 43.88
N SER A 606 8.75 -5.41 44.18
CA SER A 606 8.28 -4.47 45.20
C SER A 606 8.90 -3.10 44.98
N THR A 607 8.10 -2.07 45.19
CA THR A 607 8.59 -0.72 45.42
C THR A 607 9.04 -0.63 46.87
N GLY A 608 10.34 -0.65 47.10
CA GLY A 608 10.84 -0.42 48.44
C GLY A 608 10.71 1.03 48.88
N ASN A 609 11.47 1.42 49.90
CA ASN A 609 11.54 2.82 50.30
C ASN A 609 12.26 3.69 49.28
N ASN A 610 13.00 3.08 48.34
CA ASN A 610 13.77 3.84 47.36
C ASN A 610 12.85 4.26 46.22
N VAL A 611 12.36 5.49 46.27
CA VAL A 611 11.67 6.14 45.16
C VAL A 611 12.26 7.54 45.02
N PHE A 612 12.49 7.95 43.76
CA PHE A 612 13.16 9.20 43.47
C PHE A 612 12.49 9.84 42.26
N GLN A 613 12.43 11.16 42.24
CA GLN A 613 11.76 11.92 41.18
C GLN A 613 12.76 12.68 40.33
N THR A 614 12.59 12.61 39.01
CA THR A 614 13.42 13.32 38.04
C THR A 614 12.50 13.98 37.02
N GLN A 615 13.07 14.91 36.25
CA GLN A 615 12.29 15.59 35.22
C GLN A 615 11.86 14.64 34.10
N ALA A 616 12.68 13.66 33.74
CA ALA A 616 12.35 12.70 32.69
C ALA A 616 11.35 11.65 33.14
N GLY A 617 11.08 11.56 34.43
CA GLY A 617 10.21 10.58 35.03
C GLY A 617 10.79 10.21 36.37
N CYS A 618 10.31 9.13 36.98
CA CYS A 618 10.86 8.75 38.27
C CYS A 618 11.37 7.31 38.28
N LEU A 619 12.49 7.12 38.98
CA LEU A 619 13.15 5.83 39.11
C LEU A 619 12.67 5.08 40.34
N ILE A 620 12.47 3.77 40.18
CA ILE A 620 12.12 2.88 41.27
C ILE A 620 13.28 1.93 41.51
N GLY A 621 13.68 1.77 42.77
CA GLY A 621 14.74 0.86 43.12
C GLY A 621 16.15 1.43 43.06
N ALA A 622 16.30 2.73 42.81
CA ALA A 622 17.60 3.38 42.87
C ALA A 622 17.68 4.31 44.08
N GLU A 623 18.84 4.32 44.73
CA GLU A 623 19.08 5.14 45.90
C GLU A 623 19.77 6.43 45.51
N HIS A 624 19.21 7.56 45.94
CA HIS A 624 19.83 8.86 45.68
C HIS A 624 21.09 9.04 46.51
N VAL A 625 22.04 9.79 45.96
CA VAL A 625 23.31 10.08 46.63
C VAL A 625 23.63 11.57 46.46
N ASP A 626 24.09 12.18 47.54
CA ASP A 626 24.52 13.59 47.52
C ASP A 626 26.03 13.69 47.24
N THR A 627 26.43 13.19 46.07
CA THR A 627 27.81 13.33 45.63
C THR A 627 27.80 13.24 44.11
N SER A 628 28.84 13.77 43.47
CA SER A 628 28.96 13.78 42.02
C SER A 628 30.12 12.92 41.54
N TYR A 629 29.92 12.24 40.41
CA TYR A 629 30.94 11.46 39.74
C TYR A 629 30.80 11.63 38.24
N GLU A 630 31.71 11.01 37.48
CA GLU A 630 31.60 10.95 36.03
C GLU A 630 30.54 9.94 35.60
N CYS A 631 29.83 10.26 34.52
CA CYS A 631 28.71 9.43 34.08
C CYS A 631 29.12 8.09 33.50
N ASP A 632 28.37 7.07 33.90
CA ASP A 632 28.42 5.72 33.33
C ASP A 632 27.21 5.47 32.44
N ILE A 633 26.02 5.72 32.96
CA ILE A 633 24.78 5.60 32.18
C ILE A 633 24.01 6.91 32.33
N PRO A 634 23.82 7.68 31.27
CA PRO A 634 23.02 8.91 31.38
C PRO A 634 21.54 8.64 31.35
N ILE A 635 20.80 9.32 32.22
CA ILE A 635 19.36 9.14 32.36
C ILE A 635 18.59 10.30 31.75
N GLY A 636 18.92 11.52 32.12
CA GLY A 636 18.27 12.68 31.55
C GLY A 636 18.25 13.85 32.50
N ALA A 637 18.15 15.05 31.93
CA ALA A 637 18.01 16.30 32.66
C ALA A 637 19.11 16.55 33.68
N GLY A 638 20.25 15.87 33.55
CA GLY A 638 21.33 16.00 34.50
C GLY A 638 21.48 14.83 35.45
N ILE A 639 20.50 13.94 35.51
CA ILE A 639 20.56 12.80 36.42
C ILE A 639 21.42 11.72 35.78
N CYS A 640 22.35 11.17 36.56
CA CYS A 640 23.26 10.15 36.07
C CYS A 640 23.22 8.95 36.99
N ALA A 641 23.48 7.76 36.42
CA ALA A 641 23.48 6.53 37.20
C ALA A 641 24.80 5.77 37.08
N SER A 642 25.04 4.91 38.06
CA SER A 642 26.17 3.98 38.03
C SER A 642 25.90 2.86 39.02
N TYR A 643 26.71 1.81 38.94
CA TYR A 643 26.68 0.70 39.88
C TYR A 643 27.90 0.81 40.79
N HIS A 644 27.67 0.98 42.09
CA HIS A 644 28.73 1.44 42.97
C HIS A 644 28.50 0.92 44.37
N THR A 645 29.56 0.92 45.18
CA THR A 645 29.46 0.53 46.57
C THR A 645 28.52 1.45 47.34
N VAL A 646 27.88 0.91 48.36
CA VAL A 646 27.00 1.68 49.22
C VAL A 646 27.79 2.76 49.95
N GLN A 654 29.45 -4.39 50.01
CA GLN A 654 28.18 -4.46 49.30
C GLN A 654 28.05 -3.33 48.29
N LYS A 655 27.48 -3.65 47.13
CA LYS A 655 27.26 -2.69 46.06
C LYS A 655 25.78 -2.61 45.73
N SER A 656 25.35 -1.45 45.22
CA SER A 656 23.96 -1.24 44.85
C SER A 656 23.90 -0.15 43.79
N ILE A 657 22.74 -0.05 43.14
CA ILE A 657 22.53 0.91 42.06
C ILE A 657 22.25 2.29 42.67
N VAL A 658 23.05 3.28 42.27
CA VAL A 658 22.88 4.65 42.76
C VAL A 658 22.47 5.55 41.60
N ALA A 659 21.91 6.70 41.95
CA ALA A 659 21.65 7.79 41.01
C ALA A 659 22.18 9.10 41.59
N TYR A 660 22.75 9.94 40.74
CA TYR A 660 23.45 11.13 41.21
C TYR A 660 23.53 12.15 40.07
N THR A 661 24.07 13.33 40.41
CA THR A 661 24.25 14.42 39.46
C THR A 661 25.70 14.44 38.98
N MET A 662 25.90 14.48 37.66
CA MET A 662 27.23 14.32 37.12
C MET A 662 28.14 15.50 37.42
N SER A 663 29.43 15.20 37.60
CA SER A 663 30.47 16.19 37.84
C SER A 663 31.17 16.46 36.51
N LEU A 664 30.94 17.65 35.95
CA LEU A 664 31.47 17.96 34.61
C LEU A 664 32.98 17.92 34.55
N GLY A 665 33.69 18.12 35.65
CA GLY A 665 35.13 18.03 35.59
C GLY A 665 35.77 18.36 36.92
N ALA A 666 37.10 18.33 36.91
CA ALA A 666 37.91 18.64 38.08
C ALA A 666 38.13 20.15 38.13
N ASP A 667 37.30 20.84 38.92
CA ASP A 667 37.33 22.29 38.96
C ASP A 667 38.69 22.77 39.44
N SER A 668 39.36 23.57 38.61
CA SER A 668 40.67 24.10 38.94
C SER A 668 40.70 25.61 38.77
N SER A 669 41.50 26.26 39.62
CA SER A 669 41.66 27.70 39.61
C SER A 669 43.13 28.03 39.39
N ILE A 670 43.41 28.92 38.43
CA ILE A 670 44.77 29.34 38.13
C ILE A 670 44.88 30.84 38.36
N ALA A 671 45.79 31.22 39.25
CA ALA A 671 46.01 32.63 39.56
C ALA A 671 46.51 33.38 38.34
N TYR A 672 46.06 34.62 38.20
CA TYR A 672 46.47 35.48 37.09
C TYR A 672 47.40 36.56 37.62
N SER A 673 48.54 36.72 36.97
CA SER A 673 49.52 37.70 37.38
C SER A 673 49.83 38.59 36.18
N ASN A 674 50.19 39.84 36.47
CA ASN A 674 50.46 40.80 35.41
C ASN A 674 51.74 40.47 34.65
N ASN A 675 52.82 40.10 35.34
CA ASN A 675 54.09 39.84 34.65
C ASN A 675 54.76 38.53 35.09
N THR A 676 54.13 37.39 34.74
CA THR A 676 54.73 36.09 35.02
C THR A 676 54.37 35.12 33.91
N ILE A 677 55.28 34.19 33.62
CA ILE A 677 55.03 33.19 32.59
C ILE A 677 55.52 31.84 33.11
N ALA A 678 54.91 30.78 32.60
CA ALA A 678 55.26 29.41 32.95
C ALA A 678 55.88 28.77 31.72
N ILE A 679 57.07 28.18 31.87
CA ILE A 679 57.75 27.58 30.73
C ILE A 679 58.10 26.12 31.02
N PRO A 680 57.46 25.17 30.34
CA PRO A 680 57.77 23.75 30.55
C PRO A 680 59.26 23.44 30.43
N THR A 681 59.76 22.62 31.36
CA THR A 681 61.16 22.23 31.38
C THR A 681 61.39 20.76 31.02
N ASN A 682 60.33 20.00 30.77
CA ASN A 682 60.44 18.59 30.40
C ASN A 682 59.31 18.24 29.45
N PHE A 683 59.42 17.05 28.86
CA PHE A 683 58.41 16.60 27.91
C PHE A 683 58.29 15.09 27.94
N SER A 684 57.28 14.59 27.23
CA SER A 684 57.01 13.16 27.14
C SER A 684 56.48 12.86 25.75
N ILE A 685 56.50 11.57 25.40
CA ILE A 685 55.91 11.09 24.17
C ILE A 685 54.82 10.07 24.50
N SER A 686 53.75 10.07 23.72
CA SER A 686 52.68 9.09 23.90
C SER A 686 52.16 8.65 22.53
N ILE A 687 51.50 7.50 22.52
CA ILE A 687 50.83 6.99 21.33
C ILE A 687 49.34 6.91 21.60
N THR A 688 48.54 7.53 20.74
CA THR A 688 47.09 7.43 20.74
C THR A 688 46.64 6.38 19.71
N THR A 689 45.39 5.94 19.81
CA THR A 689 44.82 4.98 18.88
C THR A 689 43.46 5.47 18.40
N GLU A 690 43.27 5.48 17.07
CA GLU A 690 42.05 5.96 16.44
C GLU A 690 41.55 4.93 15.43
N VAL A 691 40.22 4.77 15.32
CA VAL A 691 39.61 3.75 14.49
C VAL A 691 38.47 4.34 13.66
N MET A 692 38.38 3.93 12.39
CA MET A 692 37.34 4.36 11.44
C MET A 692 36.93 3.22 10.50
N PRO A 693 35.63 3.08 10.23
CA PRO A 693 35.16 2.00 9.34
C PRO A 693 34.98 2.43 7.88
N VAL A 694 35.68 1.81 6.95
CA VAL A 694 35.64 2.21 5.55
C VAL A 694 34.91 1.21 4.65
N SER A 695 34.29 0.15 5.18
CA SER A 695 33.68 -0.84 4.30
C SER A 695 32.33 -1.30 4.84
N MET A 696 31.54 -1.91 3.95
CA MET A 696 30.20 -2.39 4.29
C MET A 696 30.02 -3.83 3.80
N ALA A 697 28.85 -4.42 4.12
CA ALA A 697 28.57 -5.83 3.86
C ALA A 697 28.57 -6.19 2.37
N LYS A 698 28.05 -5.32 1.51
CA LYS A 698 27.98 -5.58 0.07
C LYS A 698 27.09 -6.80 -0.27
N THR A 699 25.96 -6.91 0.43
CA THR A 699 24.99 -7.98 0.22
C THR A 699 24.17 -7.78 -1.08
N SER A 700 23.61 -8.89 -1.58
CA SER A 700 22.77 -8.90 -2.77
C SER A 700 21.52 -9.74 -2.54
N VAL A 701 20.44 -9.44 -3.28
CA VAL A 701 19.16 -10.14 -3.16
C VAL A 701 18.64 -10.56 -4.54
N ASP A 702 17.93 -11.69 -4.57
CA ASP A 702 17.22 -12.21 -5.75
C ASP A 702 15.71 -12.01 -5.59
N CYS A 703 15.07 -11.32 -6.54
CA CYS A 703 13.68 -10.91 -6.36
C CYS A 703 12.71 -12.08 -6.37
N ASN A 704 12.90 -13.01 -7.30
CA ASN A 704 11.87 -14.02 -7.56
C ASN A 704 11.84 -15.12 -6.53
N MET A 705 13.00 -15.53 -5.99
CA MET A 705 12.97 -16.54 -4.96
C MET A 705 12.34 -16.02 -3.68
N TYR A 706 12.69 -14.80 -3.28
CA TYR A 706 12.17 -14.24 -2.04
C TYR A 706 10.66 -14.01 -2.15
N ILE A 707 10.24 -13.19 -3.12
CA ILE A 707 8.83 -12.85 -3.25
C ILE A 707 7.98 -14.04 -3.69
N CYS A 708 8.43 -14.76 -4.72
CA CYS A 708 7.62 -15.82 -5.33
C CYS A 708 8.20 -17.23 -5.18
N GLY A 709 9.50 -17.37 -4.97
CA GLY A 709 10.09 -18.69 -4.78
C GLY A 709 9.89 -19.67 -5.93
N ASP A 710 9.48 -20.89 -5.55
CA ASP A 710 9.33 -21.97 -6.53
C ASP A 710 8.17 -21.75 -7.49
N SER A 711 7.10 -21.09 -7.04
CA SER A 711 5.84 -21.16 -7.75
C SER A 711 5.88 -20.30 -9.01
N THR A 712 5.12 -20.74 -10.02
CA THR A 712 4.90 -19.95 -11.23
C THR A 712 3.61 -19.14 -11.18
N GLU A 713 2.57 -19.65 -10.52
CA GLU A 713 1.32 -18.92 -10.39
C GLU A 713 1.53 -17.55 -9.76
N CYS A 714 2.43 -17.44 -8.78
CA CYS A 714 2.67 -16.12 -8.19
C CYS A 714 3.48 -15.22 -9.12
N ALA A 715 4.38 -15.78 -9.92
CA ALA A 715 5.17 -14.94 -10.82
C ALA A 715 4.31 -14.28 -11.88
N ASN A 716 3.23 -14.93 -12.32
CA ASN A 716 2.34 -14.31 -13.28
C ASN A 716 1.54 -13.16 -12.67
N LEU A 717 1.51 -13.05 -11.34
CA LEU A 717 0.92 -11.90 -10.69
C LEU A 717 1.93 -10.80 -10.46
N LEU A 718 3.13 -11.15 -10.00
CA LEU A 718 4.20 -10.17 -9.85
C LEU A 718 4.54 -9.49 -11.17
N LEU A 719 4.23 -10.13 -12.30
CA LEU A 719 4.46 -9.51 -13.59
C LEU A 719 3.68 -8.19 -13.74
N GLN A 720 2.55 -8.06 -13.05
CA GLN A 720 1.72 -6.85 -13.20
C GLN A 720 2.34 -5.60 -12.61
N TYR A 721 3.50 -5.69 -11.96
CA TYR A 721 4.11 -4.52 -11.35
C TYR A 721 5.30 -4.00 -12.14
N GLY A 722 5.74 -4.76 -13.16
CA GLY A 722 6.78 -4.31 -14.06
C GLY A 722 8.17 -4.28 -13.44
N SER A 723 8.91 -3.23 -13.80
CA SER A 723 10.37 -3.16 -13.68
C SER A 723 10.87 -3.02 -12.26
N PHE A 724 9.99 -2.87 -11.27
CA PHE A 724 10.37 -2.28 -9.99
C PHE A 724 11.59 -2.95 -9.35
N CYS A 725 11.54 -4.27 -9.14
CA CYS A 725 12.69 -4.83 -8.44
C CYS A 725 13.95 -4.79 -9.30
N THR A 726 13.80 -4.62 -10.61
CA THR A 726 14.99 -4.59 -11.45
C THR A 726 15.77 -3.30 -11.24
N GLN A 727 15.08 -2.17 -11.09
CA GLN A 727 15.78 -0.97 -10.67
C GLN A 727 16.28 -1.11 -9.24
N LEU A 728 15.59 -1.92 -8.44
CA LEU A 728 16.11 -2.25 -7.11
C LEU A 728 17.46 -2.94 -7.21
N ASN A 729 17.58 -3.97 -8.06
CA ASN A 729 18.87 -4.63 -8.25
C ASN A 729 19.91 -3.66 -8.77
N ARG A 730 19.50 -2.76 -9.67
CA ARG A 730 20.38 -1.72 -10.17
C ARG A 730 20.93 -0.86 -9.03
N ALA A 731 20.09 -0.56 -8.04
CA ALA A 731 20.52 0.26 -6.92
C ALA A 731 21.50 -0.52 -6.04
N LEU A 732 21.11 -1.74 -5.65
CA LEU A 732 21.93 -2.50 -4.72
C LEU A 732 23.26 -2.88 -5.35
N SER A 733 23.31 -2.98 -6.68
CA SER A 733 24.58 -3.20 -7.35
C SER A 733 25.43 -1.94 -7.35
N GLY A 734 24.79 -0.76 -7.35
CA GLY A 734 25.57 0.46 -7.27
C GLY A 734 26.23 0.59 -5.91
N ILE A 735 25.51 0.19 -4.86
CA ILE A 735 26.09 0.21 -3.51
C ILE A 735 27.27 -0.74 -3.43
N ALA A 736 27.14 -1.91 -4.08
CA ALA A 736 28.24 -2.87 -4.05
C ALA A 736 29.49 -2.32 -4.72
N ALA A 737 29.32 -1.69 -5.89
CA ALA A 737 30.48 -1.12 -6.57
C ALA A 737 31.11 -0.01 -5.74
N GLU A 738 30.28 0.76 -5.04
CA GLU A 738 30.78 1.87 -4.23
C GLU A 738 31.72 1.39 -3.13
N GLN A 739 31.41 0.25 -2.51
CA GLN A 739 32.27 -0.23 -1.43
C GLN A 739 33.69 -0.51 -1.94
N ASP A 740 33.79 -1.11 -3.12
CA ASP A 740 35.11 -1.39 -3.69
C ASP A 740 35.86 -0.10 -3.96
N ARG A 741 35.15 0.92 -4.46
CA ARG A 741 35.80 2.20 -4.72
C ARG A 741 36.31 2.82 -3.42
N ASN A 742 35.55 2.71 -2.35
CA ASN A 742 35.97 3.28 -1.07
C ASN A 742 37.29 2.66 -0.60
N THR A 743 37.43 1.35 -0.71
CA THR A 743 38.66 0.71 -0.23
C THR A 743 39.84 1.04 -1.13
N ARG A 744 39.62 1.11 -2.44
CA ARG A 744 40.72 1.46 -3.34
C ARG A 744 41.12 2.91 -3.18
N GLU A 745 40.20 3.77 -2.76
CA GLU A 745 40.54 5.17 -2.53
C GLU A 745 41.38 5.32 -1.27
N VAL A 746 41.07 4.55 -0.23
CA VAL A 746 41.78 4.73 1.04
C VAL A 746 43.19 4.16 0.97
N PHE A 747 43.31 2.89 0.58
CA PHE A 747 44.63 2.24 0.63
C PHE A 747 45.49 2.47 -0.60
N ALA A 748 44.92 2.40 -1.80
CA ALA A 748 45.70 2.28 -3.03
C ALA A 748 46.20 3.64 -3.55
N GLN A 749 47.03 4.30 -2.74
CA GLN A 749 47.60 5.58 -3.15
C GLN A 749 49.13 5.57 -3.17
N VAL A 750 49.76 4.42 -2.96
CA VAL A 750 51.20 4.30 -3.03
C VAL A 750 51.62 4.03 -4.46
N LYS A 751 52.67 4.71 -4.91
CA LYS A 751 53.07 4.59 -6.31
C LYS A 751 53.91 3.34 -6.58
N GLN A 752 54.67 2.86 -5.60
CA GLN A 752 55.41 1.62 -5.75
C GLN A 752 55.67 1.02 -4.38
N MET A 753 55.47 -0.30 -4.28
CA MET A 753 55.57 -1.04 -3.02
C MET A 753 57.01 -1.42 -2.71
N TYR A 754 57.63 -0.69 -1.78
CA TYR A 754 58.99 -0.99 -1.37
C TYR A 754 59.03 -2.27 -0.54
N LYS A 755 60.07 -3.08 -0.78
CA LYS A 755 60.22 -4.32 -0.03
C LYS A 755 60.69 -4.07 1.39
N THR A 756 60.20 -4.90 2.31
CA THR A 756 60.55 -4.79 3.72
C THR A 756 62.05 -4.91 3.94
N PRO A 757 62.66 -4.03 4.75
CA PRO A 757 64.09 -4.12 4.99
C PRO A 757 64.46 -5.33 5.85
N THR A 758 65.75 -5.65 5.86
CA THR A 758 66.25 -6.79 6.60
C THR A 758 66.27 -6.56 8.11
N LEU A 759 67.10 -5.63 8.59
CA LEU A 759 67.09 -5.28 10.00
C LEU A 759 65.81 -4.52 10.35
N LYS A 760 65.41 -4.63 11.63
CA LYS A 760 64.24 -3.95 12.16
C LYS A 760 64.57 -2.98 13.28
N TYR A 761 65.79 -2.42 13.29
CA TYR A 761 66.28 -1.68 14.45
C TYR A 761 67.12 -0.53 13.92
N PHE A 762 66.52 0.67 13.88
CA PHE A 762 67.19 1.86 13.37
C PHE A 762 67.36 2.87 14.49
N GLY A 763 68.60 3.09 14.92
CA GLY A 763 68.87 4.10 15.93
C GLY A 763 68.39 3.78 17.33
N GLY A 764 67.78 2.61 17.55
CA GLY A 764 67.13 2.28 18.80
C GLY A 764 65.64 2.02 18.65
N PHE A 765 65.02 2.63 17.66
CA PHE A 765 63.60 2.46 17.44
C PHE A 765 63.30 1.03 16.99
N ASN A 766 62.54 0.30 17.79
CA ASN A 766 62.16 -1.07 17.52
C ASN A 766 60.87 -1.13 16.69
N PHE A 767 61.00 -1.60 15.45
CA PHE A 767 59.87 -1.71 14.54
C PHE A 767 59.41 -3.15 14.35
N SER A 768 60.06 -4.12 15.00
CA SER A 768 59.72 -5.53 14.83
C SER A 768 58.27 -5.83 15.20
N GLN A 769 57.60 -4.96 15.94
CA GLN A 769 56.20 -5.19 16.26
C GLN A 769 55.25 -4.75 15.15
N ILE A 770 55.70 -3.92 14.23
CA ILE A 770 54.83 -3.42 13.17
C ILE A 770 55.30 -3.87 11.80
N LEU A 771 56.59 -4.15 11.66
CA LEU A 771 56.92 -4.81 10.40
C LEU A 771 56.81 -6.33 10.55
N PRO A 772 56.36 -7.02 9.51
CA PRO A 772 56.31 -8.49 9.57
C PRO A 772 57.70 -9.11 9.56
N ASP A 773 57.72 -10.42 9.81
CA ASP A 773 58.94 -11.20 9.88
C ASP A 773 58.71 -12.50 9.11
N PRO A 774 59.72 -12.97 8.37
CA PRO A 774 59.52 -14.15 7.51
C PRO A 774 59.19 -15.45 8.25
N LEU A 775 59.74 -15.67 9.45
CA LEU A 775 59.60 -16.97 10.10
C LEU A 775 58.15 -17.36 10.32
N LYS A 776 57.31 -16.43 10.75
CA LYS A 776 55.91 -16.79 10.98
C LYS A 776 55.22 -17.13 9.67
N PRO A 777 54.28 -18.09 9.69
CA PRO A 777 53.57 -18.45 8.45
C PRO A 777 52.80 -17.33 7.80
N THR A 778 52.34 -16.33 8.55
CA THR A 778 51.46 -15.29 8.02
C THR A 778 52.24 -14.00 7.81
N LYS A 779 52.04 -13.37 6.66
CA LYS A 779 52.72 -12.12 6.36
C LYS A 779 52.16 -10.94 7.15
N ARG A 780 51.01 -11.11 7.81
CA ARG A 780 50.48 -10.06 8.67
C ARG A 780 51.46 -9.74 9.80
N SER A 781 51.41 -8.49 10.26
CA SER A 781 52.24 -8.05 11.37
C SER A 781 51.65 -8.50 12.70
N PHE A 782 52.41 -8.25 13.77
CA PHE A 782 52.05 -8.74 15.10
C PHE A 782 50.77 -8.08 15.59
N ILE A 783 50.76 -6.74 15.64
CA ILE A 783 49.60 -6.01 16.12
C ILE A 783 48.43 -6.18 15.17
N GLU A 784 48.71 -6.32 13.87
CA GLU A 784 47.64 -6.61 12.92
C GLU A 784 46.96 -7.93 13.26
N ASP A 785 47.76 -8.96 13.55
CA ASP A 785 47.20 -10.27 13.87
C ASP A 785 46.57 -10.30 15.26
N LEU A 786 46.85 -9.30 16.10
CA LEU A 786 46.13 -9.20 17.36
C LEU A 786 44.79 -8.50 17.17
N LEU A 787 44.78 -7.38 16.43
CA LEU A 787 43.54 -6.69 16.10
C LEU A 787 42.57 -7.61 15.39
N PHE A 788 43.06 -8.38 14.41
CA PHE A 788 42.22 -9.30 13.67
C PHE A 788 41.59 -10.36 14.55
N ASN A 789 42.11 -10.55 15.77
CA ASN A 789 41.59 -11.57 16.66
C ASN A 789 40.39 -11.10 17.48
N LYS A 790 40.26 -9.80 17.70
CA LYS A 790 39.40 -9.32 18.78
C LYS A 790 37.93 -9.22 18.39
N VAL A 791 37.65 -8.93 17.12
CA VAL A 791 36.29 -8.59 16.72
C VAL A 791 35.41 -9.84 16.68
N GLN A 801 20.52 -16.28 8.44
CA GLN A 801 21.49 -17.07 7.68
C GLN A 801 21.19 -17.04 6.19
N TYR A 802 22.24 -17.25 5.39
CA TYR A 802 22.22 -16.95 3.97
C TYR A 802 23.28 -17.79 3.28
N GLY A 803 23.16 -17.90 1.96
CA GLY A 803 24.12 -18.69 1.20
C GLY A 803 25.45 -17.98 1.02
N GLU A 804 26.53 -18.74 1.18
CA GLU A 804 27.89 -18.25 0.98
C GLU A 804 28.82 -19.46 0.95
N CYS A 805 29.95 -19.31 0.26
CA CYS A 805 31.00 -20.33 0.26
C CYS A 805 32.36 -19.71 0.53
N LEU A 806 33.01 -20.16 1.61
CA LEU A 806 34.30 -19.68 2.05
C LEU A 806 35.32 -20.81 1.95
N GLY A 807 36.47 -20.52 1.37
CA GLY A 807 37.52 -21.50 1.25
C GLY A 807 38.90 -20.89 1.05
N LEU A 814 35.97 -25.02 -1.64
CA LEU A 814 34.92 -24.02 -1.84
C LEU A 814 33.56 -24.66 -2.00
N ILE A 815 32.99 -25.19 -0.92
CA ILE A 815 31.66 -25.77 -0.98
C ILE A 815 30.64 -24.64 -0.92
N CYS A 816 29.90 -24.46 -2.01
CA CYS A 816 28.93 -23.37 -2.10
C CYS A 816 27.54 -23.90 -1.79
N ALA A 817 26.89 -23.32 -0.78
CA ALA A 817 25.55 -23.71 -0.37
C ALA A 817 24.62 -22.52 -0.50
N GLN A 818 23.34 -22.82 -0.67
CA GLN A 818 22.33 -21.80 -0.92
C GLN A 818 21.05 -22.15 -0.19
N LYS A 819 20.45 -21.17 0.47
CA LYS A 819 19.26 -21.37 1.27
C LYS A 819 18.05 -20.72 0.61
N PHE A 820 16.86 -21.24 0.94
CA PHE A 820 15.64 -20.91 0.20
C PHE A 820 15.32 -19.42 0.23
N ASN A 821 15.84 -18.67 1.20
CA ASN A 821 15.53 -17.24 1.29
C ASN A 821 16.16 -16.41 0.17
N GLY A 822 17.09 -16.97 -0.59
CA GLY A 822 17.66 -16.25 -1.71
C GLY A 822 18.64 -15.15 -1.38
N LEU A 823 19.00 -14.97 -0.12
CA LEU A 823 19.98 -13.97 0.26
C LEU A 823 21.39 -14.46 -0.02
N THR A 824 22.29 -13.54 -0.36
CA THR A 824 23.65 -13.90 -0.71
C THR A 824 24.59 -12.78 -0.28
N VAL A 825 25.86 -13.12 -0.12
CA VAL A 825 26.90 -12.17 0.25
C VAL A 825 28.06 -12.32 -0.73
N LEU A 826 28.43 -11.22 -1.38
CA LEU A 826 29.51 -11.21 -2.35
C LEU A 826 30.85 -10.96 -1.65
N PRO A 827 31.95 -11.41 -2.25
CA PRO A 827 33.26 -11.20 -1.63
C PRO A 827 33.85 -9.86 -2.00
N PRO A 828 34.78 -9.35 -1.21
CA PRO A 828 35.51 -8.13 -1.61
C PRO A 828 36.51 -8.41 -2.71
N LEU A 829 36.83 -7.37 -3.47
CA LEU A 829 37.83 -7.49 -4.52
C LEU A 829 39.23 -7.66 -3.94
N LEU A 830 39.70 -6.69 -3.17
CA LEU A 830 41.01 -6.77 -2.56
C LEU A 830 41.01 -7.78 -1.42
N THR A 831 41.83 -8.81 -1.54
CA THR A 831 41.96 -9.80 -0.49
C THR A 831 42.88 -9.31 0.62
N ASP A 832 42.74 -9.92 1.80
CA ASP A 832 43.36 -9.39 3.01
C ASP A 832 44.89 -9.37 2.94
N ASP A 833 45.50 -10.22 2.12
CA ASP A 833 46.96 -10.22 2.03
C ASP A 833 47.47 -9.13 1.10
N MET A 834 46.63 -8.69 0.17
CA MET A 834 46.98 -7.57 -0.68
C MET A 834 46.87 -6.26 0.10
N ILE A 835 45.84 -6.15 0.94
CA ILE A 835 45.71 -5.01 1.84
C ILE A 835 46.89 -4.97 2.83
N ALA A 836 47.26 -6.12 3.38
CA ALA A 836 48.41 -6.14 4.28
C ALA A 836 49.71 -5.85 3.56
N ALA A 837 49.77 -6.05 2.24
CA ALA A 837 50.98 -5.67 1.52
C ALA A 837 51.02 -4.17 1.28
N TYR A 838 49.86 -3.53 1.12
CA TYR A 838 49.84 -2.07 1.05
C TYR A 838 50.30 -1.46 2.36
N THR A 839 49.77 -1.95 3.48
CA THR A 839 50.14 -1.38 4.77
C THR A 839 51.62 -1.59 5.08
N ALA A 840 52.16 -2.77 4.73
CA ALA A 840 53.59 -2.98 4.96
C ALA A 840 54.45 -2.18 4.00
N ALA A 841 53.92 -1.83 2.82
CA ALA A 841 54.67 -0.98 1.92
C ALA A 841 54.69 0.46 2.43
N LEU A 842 53.61 0.91 3.04
CA LEU A 842 53.57 2.26 3.58
C LEU A 842 54.52 2.40 4.76
N VAL A 843 54.47 1.47 5.72
CA VAL A 843 55.37 1.54 6.87
C VAL A 843 56.82 1.41 6.42
N SER A 844 57.08 0.59 5.41
CA SER A 844 58.45 0.42 4.93
C SER A 844 58.97 1.71 4.31
N GLY A 845 58.20 2.30 3.40
CA GLY A 845 58.66 3.53 2.77
C GLY A 845 58.78 4.69 3.73
N THR A 846 57.82 4.82 4.65
CA THR A 846 57.88 5.94 5.60
C THR A 846 59.06 5.82 6.53
N ALA A 847 59.57 4.62 6.77
CA ALA A 847 60.71 4.47 7.67
C ALA A 847 61.94 5.21 7.14
N THR A 848 62.22 5.09 5.86
CA THR A 848 63.41 5.71 5.25
C THR A 848 63.12 6.98 4.46
N ALA A 849 62.10 6.98 3.59
CA ALA A 849 61.82 8.15 2.77
C ALA A 849 61.24 9.31 3.57
N GLY A 850 60.31 9.02 4.47
CA GLY A 850 59.69 10.08 5.25
C GLY A 850 58.62 10.81 4.48
N TRP A 851 58.65 12.14 4.53
CA TRP A 851 57.69 12.96 3.78
C TRP A 851 58.04 13.09 2.30
N THR A 852 59.19 12.59 1.88
CA THR A 852 59.70 12.92 0.55
C THR A 852 59.09 12.08 -0.56
N PHE A 853 58.58 10.89 -0.26
CA PHE A 853 57.99 10.08 -1.32
C PHE A 853 56.55 10.50 -1.64
N GLY A 854 56.08 11.60 -1.07
CA GLY A 854 54.82 12.19 -1.51
C GLY A 854 54.93 12.92 -2.82
N ALA A 855 56.13 13.33 -3.21
CA ALA A 855 56.40 14.00 -4.48
C ALA A 855 57.74 13.52 -5.00
N GLY A 856 57.78 13.16 -6.28
CA GLY A 856 58.85 12.30 -6.77
C GLY A 856 58.62 10.85 -6.34
N ALA A 857 59.63 10.03 -6.61
CA ALA A 857 59.52 8.62 -6.27
C ALA A 857 59.78 8.39 -4.79
N ALA A 858 60.99 8.70 -4.33
CA ALA A 858 61.34 8.69 -2.91
C ALA A 858 62.72 9.32 -2.76
N LEU A 859 63.10 9.54 -1.51
CA LEU A 859 64.40 10.09 -1.18
C LEU A 859 64.94 9.28 -0.01
N GLN A 860 66.27 9.18 0.09
CA GLN A 860 66.90 8.40 1.14
C GLN A 860 67.48 9.31 2.22
N ILE A 861 67.13 9.04 3.48
CA ILE A 861 67.62 9.81 4.62
C ILE A 861 67.54 8.97 5.90
N PRO A 862 68.63 8.83 6.65
CA PRO A 862 68.58 8.05 7.89
C PRO A 862 67.54 8.59 8.87
N PHE A 863 66.88 7.65 9.57
CA PHE A 863 65.82 7.96 10.51
C PHE A 863 66.19 9.04 11.53
N ALA A 864 67.39 8.92 12.12
CA ALA A 864 67.79 9.88 13.14
C ALA A 864 68.01 11.28 12.58
N MET A 865 68.17 11.44 11.27
CA MET A 865 68.15 12.75 10.66
C MET A 865 66.75 13.22 10.31
N GLN A 866 65.81 12.29 10.15
CA GLN A 866 64.41 12.68 9.99
C GLN A 866 63.90 13.37 11.25
N MET A 867 64.29 12.88 12.43
CA MET A 867 63.79 13.46 13.67
C MET A 867 64.19 14.92 13.83
N ALA A 868 65.40 15.29 13.40
CA ALA A 868 65.77 16.70 13.53
C ALA A 868 64.88 17.59 12.70
N TYR A 869 64.35 17.08 11.58
CA TYR A 869 63.42 17.85 10.76
C TYR A 869 62.03 17.93 11.39
N ARG A 870 61.51 16.80 11.86
CA ARG A 870 60.18 16.83 12.46
C ARG A 870 60.14 17.55 13.80
N PHE A 871 61.27 17.69 14.50
CA PHE A 871 61.31 18.64 15.60
C PHE A 871 61.37 20.08 15.11
N ASN A 872 62.23 20.36 14.13
CA ASN A 872 62.29 21.73 13.62
C ASN A 872 60.97 22.20 13.05
N GLY A 873 60.07 21.27 12.72
CA GLY A 873 58.73 21.64 12.28
C GLY A 873 57.80 22.11 13.37
N ILE A 874 58.14 21.90 14.64
CA ILE A 874 57.28 22.24 15.76
C ILE A 874 57.87 23.40 16.58
N GLY A 875 58.92 24.03 16.07
CA GLY A 875 59.54 25.12 16.78
C GLY A 875 60.43 24.72 17.93
N VAL A 876 60.72 23.43 18.07
CA VAL A 876 61.73 22.95 19.01
C VAL A 876 63.04 22.82 18.24
N THR A 877 64.07 23.49 18.72
CA THR A 877 65.34 23.53 18.01
C THR A 877 65.94 22.13 17.92
N GLN A 878 66.49 21.80 16.74
CA GLN A 878 66.85 20.42 16.43
C GLN A 878 67.92 19.87 17.35
N ASN A 879 68.68 20.73 18.04
CA ASN A 879 69.69 20.24 18.97
C ASN A 879 69.11 19.51 20.17
N VAL A 880 67.80 19.61 20.41
CA VAL A 880 67.18 18.87 21.51
C VAL A 880 67.33 17.36 21.34
N LEU A 881 67.32 16.87 20.10
CA LEU A 881 67.29 15.43 19.88
C LEU A 881 68.63 14.78 20.20
N TYR A 882 69.68 15.18 19.49
CA TYR A 882 70.96 14.50 19.58
C TYR A 882 71.57 14.58 20.97
N GLU A 883 71.15 15.54 21.79
CA GLU A 883 71.67 15.64 23.15
C GLU A 883 71.27 14.42 23.97
N ASN A 884 70.01 14.01 23.89
CA ASN A 884 69.53 12.85 24.63
C ASN A 884 68.66 11.96 23.75
N GLN A 885 69.26 11.42 22.70
CA GLN A 885 68.53 10.55 21.77
C GLN A 885 68.04 9.28 22.46
N LYS A 886 68.86 8.72 23.36
CA LYS A 886 68.53 7.46 24.03
C LYS A 886 67.20 7.53 24.76
N GLN A 887 66.95 8.62 25.49
CA GLN A 887 65.71 8.76 26.25
C GLN A 887 64.49 8.63 25.34
N ILE A 888 64.46 9.42 24.26
CA ILE A 888 63.34 9.35 23.33
C ILE A 888 63.15 7.94 22.82
N ALA A 889 64.25 7.27 22.44
CA ALA A 889 64.13 5.92 21.90
C ALA A 889 63.50 4.98 22.90
N ASN A 890 63.95 5.03 24.16
CA ASN A 890 63.40 4.15 25.18
C ASN A 890 61.92 4.44 25.42
N GLN A 891 61.55 5.71 25.46
CA GLN A 891 60.15 6.06 25.67
C GLN A 891 59.29 5.54 24.54
N PHE A 892 59.80 5.63 23.30
CA PHE A 892 59.05 5.14 22.15
C PHE A 892 58.78 3.65 22.28
N ASN A 893 59.81 2.87 22.65
CA ASN A 893 59.64 1.42 22.78
C ASN A 893 58.68 1.07 23.90
N LYS A 894 58.76 1.79 25.03
CA LYS A 894 57.83 1.54 26.13
C LYS A 894 56.39 1.84 25.72
N ALA A 895 56.19 2.88 24.91
CA ALA A 895 54.86 3.19 24.43
C ALA A 895 54.29 2.05 23.59
N ILE A 896 55.13 1.46 22.73
CA ILE A 896 54.64 0.34 21.93
C ILE A 896 54.32 -0.86 22.82
N SER A 897 55.02 -0.99 23.94
CA SER A 897 54.71 -2.08 24.86
C SER A 897 53.36 -1.86 25.53
N GLN A 898 53.12 -0.65 26.02
CA GLN A 898 51.87 -0.39 26.74
C GLN A 898 50.66 -0.50 25.82
N ILE A 899 50.78 -0.02 24.59
CA ILE A 899 49.67 -0.17 23.65
C ILE A 899 49.42 -1.64 23.36
N GLN A 900 50.48 -2.46 23.34
CA GLN A 900 50.27 -3.87 23.06
C GLN A 900 49.54 -4.57 24.19
N GLU A 901 49.90 -4.26 25.45
CA GLU A 901 49.18 -4.84 26.57
C GLU A 901 47.74 -4.38 26.60
N SER A 902 47.49 -3.11 26.30
CA SER A 902 46.12 -2.60 26.26
C SER A 902 45.29 -3.39 25.26
N LEU A 903 45.79 -3.54 24.03
CA LEU A 903 45.07 -4.35 23.05
C LEU A 903 44.90 -5.79 23.52
N THR A 904 45.85 -6.31 24.29
CA THR A 904 45.74 -7.68 24.75
C THR A 904 44.61 -7.87 25.75
N THR A 905 44.27 -6.82 26.52
CA THR A 905 43.26 -6.96 27.56
C THR A 905 41.96 -6.22 27.28
N THR A 906 41.98 -5.15 26.49
CA THR A 906 40.76 -4.38 26.24
C THR A 906 39.78 -5.16 25.37
N SER A 907 38.50 -4.85 25.52
CA SER A 907 37.46 -5.30 24.60
C SER A 907 36.68 -4.18 23.94
N THR A 908 36.54 -3.03 24.59
CA THR A 908 35.65 -1.97 24.12
C THR A 908 36.24 -1.14 22.98
N ALA A 909 37.57 -1.11 22.84
CA ALA A 909 38.22 -0.13 21.97
C ALA A 909 37.73 -0.19 20.53
N LEU A 910 37.21 -1.32 20.08
CA LEU A 910 36.78 -1.51 18.69
C LEU A 910 35.27 -1.50 18.56
N GLY A 911 34.58 -0.80 19.47
CA GLY A 911 33.13 -0.77 19.45
C GLY A 911 32.54 -0.24 18.17
N LYS A 912 33.24 0.68 17.50
CA LYS A 912 32.73 1.23 16.24
C LYS A 912 32.60 0.13 15.18
N LEU A 913 33.69 -0.60 14.93
CA LEU A 913 33.64 -1.68 13.95
C LEU A 913 32.64 -2.75 14.38
N GLN A 914 32.57 -3.02 15.68
CA GLN A 914 31.61 -3.99 16.17
C GLN A 914 30.18 -3.54 15.89
N ASP A 915 29.91 -2.24 16.08
CA ASP A 915 28.57 -1.72 15.80
C ASP A 915 28.23 -1.85 14.33
N VAL A 916 29.21 -1.65 13.45
CA VAL A 916 28.96 -1.84 12.02
C VAL A 916 28.51 -3.26 11.74
N VAL A 917 29.25 -4.24 12.28
CA VAL A 917 28.92 -5.64 12.03
C VAL A 917 27.54 -5.97 12.61
N ASN A 918 27.25 -5.48 13.81
CA ASN A 918 25.98 -5.81 14.44
C ASN A 918 24.82 -5.15 13.71
N GLN A 919 25.00 -3.93 13.23
CA GLN A 919 23.94 -3.26 12.48
C GLN A 919 23.58 -4.04 11.23
N ASN A 920 24.59 -4.46 10.46
CA ASN A 920 24.31 -5.18 9.23
C ASN A 920 23.66 -6.53 9.51
N ALA A 921 24.15 -7.24 10.53
CA ALA A 921 23.59 -8.56 10.84
C ALA A 921 22.16 -8.44 11.33
N GLN A 922 21.89 -7.48 12.21
CA GLN A 922 20.53 -7.29 12.71
C GLN A 922 19.57 -6.97 11.57
N ALA A 923 20.00 -6.13 10.63
CA ALA A 923 19.13 -5.76 9.52
C ALA A 923 18.73 -7.00 8.72
N LEU A 924 19.70 -7.85 8.40
CA LEU A 924 19.39 -9.06 7.65
C LEU A 924 18.47 -9.98 8.44
N ASN A 925 18.73 -10.11 9.75
CA ASN A 925 17.87 -10.95 10.59
C ASN A 925 16.43 -10.50 10.52
N THR A 926 16.19 -9.18 10.53
CA THR A 926 14.82 -8.68 10.45
C THR A 926 14.18 -9.01 9.11
N LEU A 927 14.94 -8.80 8.02
CA LEU A 927 14.40 -9.09 6.70
C LEU A 927 14.04 -10.57 6.57
N VAL A 928 14.79 -11.45 7.22
CA VAL A 928 14.47 -12.87 7.20
C VAL A 928 13.21 -13.15 8.00
N LYS A 929 13.15 -12.60 9.22
CA LYS A 929 12.02 -12.90 10.12
C LYS A 929 10.69 -12.47 9.53
N GLN A 930 10.69 -11.42 8.70
CA GLN A 930 9.44 -10.95 8.09
C GLN A 930 8.73 -12.02 7.26
N LEU A 931 9.43 -13.06 6.82
CA LEU A 931 8.77 -14.11 6.03
C LEU A 931 7.70 -14.85 6.83
N SER A 932 7.86 -14.94 8.15
CA SER A 932 6.90 -15.68 8.96
C SER A 932 5.60 -14.92 9.19
N SER A 933 5.53 -13.63 8.86
CA SER A 933 4.33 -12.87 9.06
C SER A 933 3.20 -13.36 8.15
N ASN A 934 1.98 -12.99 8.50
CA ASN A 934 0.79 -13.52 7.85
C ASN A 934 0.09 -12.52 6.94
N PHE A 935 0.20 -11.22 7.23
CA PHE A 935 -0.44 -10.16 6.42
C PHE A 935 -1.92 -10.46 6.14
N GLY A 936 -2.57 -11.19 7.03
CA GLY A 936 -3.97 -11.51 6.87
C GLY A 936 -4.27 -12.64 5.91
N ALA A 937 -3.26 -13.36 5.44
CA ALA A 937 -3.49 -14.56 4.67
C ALA A 937 -3.97 -15.69 5.57
N ILE A 938 -4.60 -16.70 4.95
CA ILE A 938 -5.07 -17.85 5.71
C ILE A 938 -3.92 -18.65 6.30
N SER A 939 -2.72 -18.52 5.73
CA SER A 939 -1.54 -19.21 6.25
C SER A 939 -0.30 -18.50 5.74
N SER A 940 0.79 -18.63 6.49
CA SER A 940 2.08 -18.08 6.08
C SER A 940 2.81 -18.96 5.08
N VAL A 941 2.38 -20.20 4.89
CA VAL A 941 3.11 -21.15 4.07
C VAL A 941 2.55 -21.12 2.65
N LEU A 942 3.41 -20.83 1.68
CA LEU A 942 2.96 -20.65 0.32
C LEU A 942 2.53 -21.97 -0.31
N ASN A 943 3.39 -22.99 -0.21
CA ASN A 943 3.07 -24.29 -0.81
C ASN A 943 1.85 -24.92 -0.16
N ASP A 944 1.59 -24.62 1.12
CA ASP A 944 0.37 -25.09 1.77
C ASP A 944 -0.86 -24.56 1.05
N ILE A 945 -0.94 -23.23 0.90
CA ILE A 945 -2.06 -22.62 0.19
C ILE A 945 -2.21 -23.24 -1.19
N LEU A 946 -1.09 -23.36 -1.92
CA LEU A 946 -1.16 -23.90 -3.27
C LEU A 946 -1.58 -25.36 -3.29
N SER A 947 -1.32 -26.10 -2.21
CA SER A 947 -1.63 -27.53 -2.21
C SER A 947 -3.07 -27.80 -1.81
N ARG A 948 -3.61 -27.08 -0.84
CA ARG A 948 -4.94 -27.38 -0.32
C ARG A 948 -5.99 -26.35 -0.69
N LEU A 949 -5.68 -25.40 -1.57
CA LEU A 949 -6.67 -24.46 -2.08
C LEU A 949 -6.62 -24.39 -3.59
N ASP A 950 -7.79 -24.24 -4.21
CA ASP A 950 -7.96 -24.13 -5.65
C ASP A 950 -7.53 -22.73 -6.10
N PRO A 951 -7.03 -22.58 -7.33
CA PRO A 951 -6.40 -21.29 -7.74
C PRO A 951 -7.30 -20.07 -7.57
N PRO A 952 -8.58 -20.12 -7.96
CA PRO A 952 -9.43 -18.93 -7.71
C PRO A 952 -9.48 -18.52 -6.25
N GLU A 953 -9.33 -19.47 -5.33
CA GLU A 953 -9.29 -19.13 -3.91
C GLU A 953 -7.89 -18.70 -3.50
N ALA A 954 -6.87 -19.35 -4.04
CA ALA A 954 -5.49 -19.06 -3.65
C ALA A 954 -5.08 -17.63 -3.99
N GLU A 955 -5.46 -17.16 -5.18
CA GLU A 955 -4.94 -15.88 -5.67
C GLU A 955 -5.28 -14.72 -4.75
N VAL A 956 -6.38 -14.81 -4.01
CA VAL A 956 -6.76 -13.73 -3.11
C VAL A 956 -5.73 -13.55 -2.00
N GLN A 957 -5.28 -14.65 -1.40
CA GLN A 957 -4.20 -14.54 -0.41
C GLN A 957 -2.87 -14.22 -1.06
N ILE A 958 -2.62 -14.75 -2.26
CA ILE A 958 -1.33 -14.52 -2.91
C ILE A 958 -1.11 -13.03 -3.14
N ASP A 959 -2.18 -12.30 -3.46
CA ASP A 959 -2.08 -10.86 -3.63
C ASP A 959 -1.60 -10.19 -2.34
N ARG A 960 -2.09 -10.67 -1.20
CA ARG A 960 -1.72 -10.05 0.08
C ARG A 960 -0.27 -10.34 0.42
N LEU A 961 0.18 -11.58 0.22
CA LEU A 961 1.56 -11.91 0.54
C LEU A 961 2.52 -11.15 -0.36
N ILE A 962 2.16 -10.98 -1.63
CA ILE A 962 3.02 -10.23 -2.54
C ILE A 962 3.12 -8.77 -2.12
N THR A 963 2.03 -8.19 -1.65
CA THR A 963 2.06 -6.80 -1.21
C THR A 963 2.97 -6.63 0.00
N GLY A 964 2.79 -7.48 1.02
CA GLY A 964 3.63 -7.37 2.20
C GLY A 964 5.10 -7.52 1.92
N ARG A 965 5.47 -8.49 1.09
CA ARG A 965 6.89 -8.75 0.86
C ARG A 965 7.52 -7.66 0.01
N LEU A 966 6.77 -7.10 -0.95
CA LEU A 966 7.27 -5.94 -1.69
C LEU A 966 7.57 -4.79 -0.73
N GLN A 967 6.63 -4.50 0.18
CA GLN A 967 6.83 -3.40 1.11
C GLN A 967 8.09 -3.61 1.97
N SER A 968 8.34 -4.85 2.38
CA SER A 968 9.48 -5.07 3.28
C SER A 968 10.81 -4.97 2.54
N LEU A 969 10.84 -5.35 1.27
CA LEU A 969 12.05 -5.12 0.47
C LEU A 969 12.29 -3.63 0.26
N GLN A 970 11.24 -2.87 -0.02
CA GLN A 970 11.37 -1.43 -0.18
C GLN A 970 11.99 -0.79 1.06
N THR A 971 11.51 -1.19 2.24
CA THR A 971 12.04 -0.61 3.47
C THR A 971 13.52 -0.95 3.66
N TYR A 972 13.89 -2.19 3.37
CA TYR A 972 15.28 -2.59 3.56
C TYR A 972 16.21 -1.80 2.64
N VAL A 973 15.88 -1.74 1.35
CA VAL A 973 16.77 -1.06 0.42
C VAL A 973 16.87 0.43 0.73
N THR A 974 15.76 1.05 1.15
CA THR A 974 15.80 2.48 1.48
C THR A 974 16.79 2.74 2.62
N GLN A 975 16.67 1.99 3.72
CA GLN A 975 17.57 2.22 4.83
C GLN A 975 19.02 1.86 4.47
N GLN A 976 19.19 0.95 3.51
CA GLN A 976 20.54 0.60 3.08
C GLN A 976 21.21 1.76 2.34
N LEU A 977 20.44 2.50 1.54
CA LEU A 977 20.98 3.70 0.92
C LEU A 977 21.24 4.81 1.93
N ILE A 978 20.46 4.87 3.01
CA ILE A 978 20.78 5.84 4.06
C ILE A 978 22.13 5.54 4.69
N ARG A 979 22.36 4.28 5.07
CA ARG A 979 23.62 3.91 5.72
C ARG A 979 24.82 4.18 4.82
N ALA A 980 24.71 3.86 3.54
CA ALA A 980 25.86 3.97 2.63
C ALA A 980 26.49 5.36 2.67
N ALA A 981 25.67 6.40 2.80
CA ALA A 981 26.20 7.76 2.77
C ALA A 981 27.04 8.08 4.01
N GLU A 982 26.57 7.67 5.20
CA GLU A 982 27.34 7.97 6.40
C GLU A 982 28.60 7.14 6.49
N ILE A 983 28.68 6.01 5.78
CA ILE A 983 29.95 5.29 5.72
C ILE A 983 30.88 5.96 4.70
N ARG A 984 30.31 6.44 3.59
CA ARG A 984 31.11 7.13 2.58
C ARG A 984 31.82 8.35 3.15
N ALA A 985 31.13 9.13 3.99
CA ALA A 985 31.76 10.31 4.58
C ALA A 985 32.94 9.92 5.46
N SER A 986 32.83 8.79 6.16
CA SER A 986 33.95 8.36 7.01
C SER A 986 35.11 7.86 6.16
N ALA A 987 34.80 7.15 5.05
CA ALA A 987 35.86 6.74 4.14
C ALA A 987 36.60 7.95 3.57
N ASN A 988 35.89 9.03 3.31
CA ASN A 988 36.53 10.23 2.78
C ASN A 988 37.42 10.87 3.83
N LEU A 989 36.97 10.92 5.09
CA LEU A 989 37.81 11.45 6.15
C LEU A 989 39.02 10.56 6.40
N ALA A 990 38.85 9.25 6.26
CA ALA A 990 39.97 8.32 6.41
C ALA A 990 41.03 8.58 5.34
N ALA A 991 40.60 8.73 4.09
CA ALA A 991 41.54 9.03 3.01
C ALA A 991 42.24 10.35 3.26
N THR A 992 41.54 11.33 3.82
CA THR A 992 42.17 12.61 4.13
C THR A 992 43.25 12.44 5.20
N LYS A 993 42.95 11.69 6.26
CA LYS A 993 43.95 11.47 7.30
C LYS A 993 45.14 10.68 6.78
N MET A 994 44.90 9.70 5.92
CA MET A 994 46.00 8.96 5.33
C MET A 994 46.89 9.86 4.50
N SER A 995 46.28 10.71 3.66
CA SER A 995 47.05 11.61 2.82
C SER A 995 47.82 12.64 3.62
N GLU A 996 47.28 13.10 4.75
CA GLU A 996 47.80 14.27 5.43
C GLU A 996 48.58 13.99 6.69
N CYS A 997 48.37 12.83 7.35
CA CYS A 997 49.09 12.48 8.55
C CYS A 997 50.29 11.60 8.24
N VAL A 998 50.07 10.55 7.44
CA VAL A 998 51.10 9.55 7.18
C VAL A 998 52.18 10.09 6.25
N LEU A 999 51.79 10.88 5.25
CA LEU A 999 52.72 11.34 4.23
C LEU A 999 53.36 12.68 4.55
N GLY A 1000 52.98 13.33 5.64
CA GLY A 1000 53.56 14.60 5.99
C GLY A 1000 53.10 15.06 7.34
N GLN A 1001 53.84 16.01 7.90
CA GLN A 1001 53.57 16.51 9.24
C GLN A 1001 52.42 17.51 9.19
N SER A 1002 51.33 17.21 9.89
CA SER A 1002 50.19 18.10 9.94
C SER A 1002 50.46 19.28 10.87
N LYS A 1003 49.76 20.37 10.63
CA LYS A 1003 49.97 21.61 11.37
C LYS A 1003 48.65 22.22 11.85
N ARG A 1004 47.58 21.44 11.83
CA ARG A 1004 46.26 21.88 12.25
C ARG A 1004 45.88 21.15 13.53
N VAL A 1005 45.63 21.93 14.59
CA VAL A 1005 45.50 21.40 15.94
C VAL A 1005 44.45 20.31 16.05
N ASP A 1006 44.81 19.21 16.71
CA ASP A 1006 43.98 18.05 17.00
C ASP A 1006 43.54 17.24 15.78
N PHE A 1007 44.01 17.56 14.58
CA PHE A 1007 43.63 16.76 13.44
C PHE A 1007 44.34 15.40 13.43
N CYS A 1008 45.61 15.38 13.84
CA CYS A 1008 46.46 14.18 13.74
C CYS A 1008 47.08 14.00 15.13
N GLY A 1009 46.29 13.50 16.07
CA GLY A 1009 46.75 13.26 17.42
C GLY A 1009 46.43 14.43 18.36
N LYS A 1010 46.34 14.11 19.65
CA LYS A 1010 46.01 15.11 20.67
C LYS A 1010 47.31 15.69 21.24
N GLY A 1011 48.01 16.44 20.39
CA GLY A 1011 49.24 17.09 20.79
C GLY A 1011 49.91 17.69 19.57
N TYR A 1012 51.17 18.08 19.76
CA TYR A 1012 52.00 18.35 18.60
C TYR A 1012 52.33 17.03 17.91
N HIS A 1013 52.15 16.98 16.60
CA HIS A 1013 52.12 15.72 15.85
C HIS A 1013 53.44 15.45 15.15
N LEU A 1014 53.94 14.21 15.25
CA LEU A 1014 55.15 13.82 14.57
C LEU A 1014 54.89 12.86 13.41
N MET A 1015 54.14 11.78 13.63
CA MET A 1015 53.98 10.71 12.64
C MET A 1015 52.66 10.00 12.86
N SER A 1016 52.32 9.14 11.91
CA SER A 1016 51.27 8.16 12.06
C SER A 1016 51.67 6.92 11.27
N PHE A 1017 51.21 5.76 11.74
CA PHE A 1017 51.41 4.49 11.06
C PHE A 1017 50.05 3.81 10.92
N PRO A 1018 49.70 3.35 9.73
CA PRO A 1018 48.45 2.61 9.55
C PRO A 1018 48.60 1.13 9.84
N GLN A 1019 47.53 0.56 10.40
CA GLN A 1019 47.41 -0.88 10.56
C GLN A 1019 46.05 -1.32 10.02
N ALA A 1020 46.04 -2.44 9.30
CA ALA A 1020 44.79 -2.94 8.75
C ALA A 1020 43.88 -3.45 9.86
N ALA A 1021 42.60 -3.54 9.53
CA ALA A 1021 41.60 -4.11 10.42
C ALA A 1021 40.40 -4.51 9.57
N PRO A 1022 39.53 -5.38 10.09
CA PRO A 1022 38.37 -5.79 9.29
C PRO A 1022 37.37 -4.65 9.12
N HIS A 1023 36.97 -4.41 7.87
CA HIS A 1023 36.05 -3.34 7.52
C HIS A 1023 36.51 -1.96 7.97
N GLY A 1024 37.79 -1.75 8.19
CA GLY A 1024 38.24 -0.47 8.66
C GLY A 1024 39.74 -0.31 8.62
N VAL A 1025 40.22 0.70 9.34
CA VAL A 1025 41.65 0.94 9.48
C VAL A 1025 41.89 1.56 10.84
N VAL A 1026 43.07 1.32 11.39
CA VAL A 1026 43.48 1.85 12.69
C VAL A 1026 44.72 2.70 12.51
N PHE A 1027 44.71 3.90 13.09
CA PHE A 1027 45.84 4.81 13.08
C PHE A 1027 46.41 4.92 14.49
N LEU A 1028 47.72 5.05 14.59
CA LEU A 1028 48.37 5.30 15.87
C LEU A 1028 49.32 6.48 15.73
N HIS A 1029 49.05 7.54 16.48
CA HIS A 1029 49.70 8.83 16.30
C HIS A 1029 50.76 9.05 17.38
N VAL A 1030 51.95 9.45 16.96
CA VAL A 1030 53.02 9.81 17.88
C VAL A 1030 52.97 11.31 18.13
N THR A 1031 52.85 11.72 19.40
CA THR A 1031 52.65 13.11 19.76
C THR A 1031 53.59 13.54 20.88
N TYR A 1032 53.96 14.81 20.86
CA TYR A 1032 54.85 15.42 21.84
C TYR A 1032 54.03 16.17 22.89
N VAL A 1033 54.35 15.97 24.17
CA VAL A 1033 53.64 16.62 25.27
C VAL A 1033 54.62 17.18 26.30
N PRO A 1034 54.64 18.49 26.54
CA PRO A 1034 55.52 19.07 27.56
C PRO A 1034 54.91 19.03 28.96
N SER A 1035 55.78 19.23 29.97
CA SER A 1035 55.35 19.19 31.36
C SER A 1035 56.39 19.88 32.25
N GLN A 1036 56.09 19.93 33.55
CA GLN A 1036 56.96 20.51 34.60
C GLN A 1036 57.33 21.97 34.35
N GLU A 1037 56.31 22.82 34.32
CA GLU A 1037 56.48 24.26 34.11
C GLU A 1037 56.96 24.98 35.36
N ARG A 1038 57.65 26.11 35.15
CA ARG A 1038 58.18 26.96 36.22
C ARG A 1038 57.78 28.42 36.00
N ASN A 1039 57.41 29.09 37.10
CA ASN A 1039 57.00 30.50 37.05
C ASN A 1039 58.19 31.45 37.06
N PHE A 1040 58.22 32.39 36.11
CA PHE A 1040 59.32 33.31 35.93
C PHE A 1040 58.81 34.75 35.87
N THR A 1041 59.74 35.70 35.76
CA THR A 1041 59.45 37.13 35.67
C THR A 1041 59.76 37.64 34.26
N THR A 1042 58.92 38.55 33.76
CA THR A 1042 59.04 39.02 32.37
C THR A 1042 59.05 40.54 32.30
N ALA A 1043 59.37 41.04 31.09
CA ALA A 1043 59.30 42.43 30.71
C ALA A 1043 59.14 42.48 29.21
N PRO A 1044 58.13 43.18 28.69
CA PRO A 1044 57.87 43.17 27.23
C PRO A 1044 59.05 43.58 26.38
N ALA A 1045 59.91 44.48 26.89
CA ALA A 1045 61.00 45.01 26.10
C ALA A 1045 62.05 45.56 27.06
N ILE A 1046 63.24 45.79 26.55
CA ILE A 1046 64.32 46.36 27.36
C ILE A 1046 64.90 47.58 26.67
N CYS A 1047 65.33 48.55 27.49
CA CYS A 1047 65.90 49.80 27.01
C CYS A 1047 67.41 49.77 27.22
N HIS A 1048 68.15 50.05 26.15
CA HIS A 1048 69.58 50.32 26.26
C HIS A 1048 69.92 51.53 25.42
N GLU A 1049 70.88 52.33 25.90
CA GLU A 1049 71.29 53.57 25.25
C GLU A 1049 70.11 54.49 24.93
N GLY A 1050 69.00 54.34 25.66
CA GLY A 1050 67.81 55.10 25.36
C GLY A 1050 67.02 54.59 24.17
N LYS A 1051 67.28 53.37 23.72
CA LYS A 1051 66.60 52.78 22.58
C LYS A 1051 66.00 51.44 22.96
N ALA A 1052 64.92 51.06 22.29
CA ALA A 1052 64.16 49.88 22.62
C ALA A 1052 64.61 48.71 21.74
N TYR A 1053 64.82 47.56 22.37
CA TYR A 1053 65.15 46.32 21.67
C TYR A 1053 64.05 45.30 21.92
N PHE A 1054 63.44 44.84 20.88
CA PHE A 1054 62.49 43.76 20.95
C PHE A 1054 63.17 42.43 20.67
N PRO A 1055 62.69 41.33 21.23
CA PRO A 1055 63.24 40.01 20.88
C PRO A 1055 62.58 39.41 19.65
N ARG A 1056 63.40 38.68 18.88
CA ARG A 1056 62.87 37.83 17.81
C ARG A 1056 63.19 36.37 18.13
N GLU A 1057 62.22 35.48 17.88
CA GLU A 1057 62.37 34.05 18.14
C GLU A 1057 62.68 33.77 19.61
N GLY A 1058 61.93 34.42 20.50
CA GLY A 1058 62.07 34.14 21.91
C GLY A 1058 61.32 35.15 22.75
N VAL A 1059 61.42 34.96 24.07
CA VAL A 1059 60.82 35.85 25.06
C VAL A 1059 61.82 36.06 26.20
N PHE A 1060 61.81 37.26 26.77
CA PHE A 1060 62.68 37.54 27.90
C PHE A 1060 62.18 36.85 29.17
N VAL A 1061 63.12 36.40 30.00
CA VAL A 1061 62.81 35.87 31.31
C VAL A 1061 63.89 36.27 32.30
N PHE A 1062 63.50 36.37 33.57
CA PHE A 1062 64.38 36.66 34.69
C PHE A 1062 64.47 35.43 35.60
N ASN A 1063 65.69 34.99 35.94
CA ASN A 1063 65.80 33.81 36.80
C ASN A 1063 66.27 34.18 38.20
N GLY A 1064 66.23 35.46 38.56
CA GLY A 1064 66.69 35.92 39.85
C GLY A 1064 68.13 36.37 39.87
N THR A 1065 68.90 36.09 38.81
CA THR A 1065 70.28 36.54 38.70
C THR A 1065 70.48 37.51 37.55
N SER A 1066 70.04 37.15 36.35
CA SER A 1066 70.18 38.03 35.19
C SER A 1066 69.11 37.66 34.17
N TRP A 1067 68.81 38.62 33.30
CA TRP A 1067 67.82 38.40 32.26
C TRP A 1067 68.35 37.49 31.16
N PHE A 1068 67.43 36.70 30.59
CA PHE A 1068 67.76 35.74 29.53
C PHE A 1068 66.55 35.58 28.61
N ILE A 1069 66.82 35.09 27.40
CA ILE A 1069 65.80 34.80 26.41
C ILE A 1069 65.71 33.28 26.24
N THR A 1070 64.48 32.78 26.08
CA THR A 1070 64.27 31.35 25.99
C THR A 1070 63.19 31.04 24.96
N GLN A 1071 63.19 29.80 24.50
CA GLN A 1071 62.09 29.31 23.68
C GLN A 1071 60.83 29.20 24.54
N ARG A 1072 59.68 29.30 23.89
CA ARG A 1072 58.42 29.20 24.61
C ARG A 1072 58.04 27.78 25.00
N ASN A 1073 58.62 26.76 24.35
CA ASN A 1073 58.27 25.38 24.65
C ASN A 1073 59.26 24.68 25.58
N PHE A 1074 60.57 24.84 25.36
CA PHE A 1074 61.59 24.21 26.17
C PHE A 1074 62.49 25.27 26.77
N PHE A 1075 62.89 25.07 28.02
CA PHE A 1075 63.67 26.07 28.74
C PHE A 1075 65.13 25.98 28.30
N SER A 1076 65.57 26.96 27.50
CA SER A 1076 66.94 27.00 26.98
C SER A 1076 67.49 28.42 27.06
N PRO A 1077 67.92 28.86 28.25
CA PRO A 1077 68.43 30.23 28.38
C PRO A 1077 69.72 30.47 27.61
N GLN A 1078 69.82 31.67 27.02
CA GLN A 1078 71.01 32.11 26.29
C GLN A 1078 71.27 33.57 26.61
N ILE A 1079 72.56 33.93 26.67
CA ILE A 1079 72.96 35.28 27.02
C ILE A 1079 72.51 36.25 25.93
N ILE A 1080 71.74 37.27 26.32
CA ILE A 1080 71.16 38.21 25.38
C ILE A 1080 72.26 39.03 24.72
N THR A 1081 72.29 39.01 23.40
CA THR A 1081 73.35 39.64 22.62
C THR A 1081 72.70 40.29 21.39
N THR A 1082 73.40 41.26 20.81
CA THR A 1082 72.86 42.13 19.77
C THR A 1082 72.05 41.40 18.68
N ASP A 1083 72.55 40.28 18.18
CA ASP A 1083 71.87 39.60 17.09
C ASP A 1083 70.63 38.84 17.53
N ASN A 1084 70.36 38.76 18.83
CA ASN A 1084 69.10 38.19 19.30
C ASN A 1084 67.93 39.14 19.14
N THR A 1085 68.18 40.42 18.84
CA THR A 1085 67.19 41.46 18.98
C THR A 1085 67.28 42.40 17.79
N PHE A 1086 66.22 43.18 17.59
CA PHE A 1086 66.19 44.25 16.60
C PHE A 1086 65.65 45.51 17.23
N VAL A 1087 66.29 46.64 16.94
CA VAL A 1087 65.92 47.94 17.48
C VAL A 1087 64.69 48.48 16.77
N SER A 1088 63.76 49.02 17.54
CA SER A 1088 62.56 49.65 16.99
C SER A 1088 62.04 50.69 17.98
N GLY A 1089 61.31 51.66 17.44
CA GLY A 1089 60.60 52.67 18.21
C GLY A 1089 61.50 53.42 19.18
N ASN A 1090 60.91 53.79 20.32
CA ASN A 1090 61.66 54.45 21.38
C ASN A 1090 61.06 54.06 22.73
N CYS A 1091 61.91 54.15 23.76
CA CYS A 1091 61.56 53.64 25.08
C CYS A 1091 60.37 54.38 25.70
N ASP A 1092 60.27 55.69 25.46
CA ASP A 1092 59.18 56.48 26.03
C ASP A 1092 57.80 56.01 25.60
N VAL A 1093 57.68 55.29 24.48
CA VAL A 1093 56.37 54.97 23.94
C VAL A 1093 55.74 53.72 24.57
N VAL A 1094 56.52 52.91 25.28
CA VAL A 1094 56.10 51.56 25.62
C VAL A 1094 56.02 51.41 27.13
N ILE A 1095 55.23 50.44 27.57
CA ILE A 1095 54.90 50.22 28.97
C ILE A 1095 55.80 49.12 29.52
N GLY A 1096 56.38 49.36 30.70
CA GLY A 1096 57.11 48.33 31.40
C GLY A 1096 58.47 47.99 30.85
N ILE A 1097 59.06 48.85 30.01
CA ILE A 1097 60.41 48.61 29.54
C ILE A 1097 61.39 48.75 30.71
N ILE A 1098 62.40 47.88 30.71
CA ILE A 1098 63.32 47.75 31.84
C ILE A 1098 64.74 48.09 31.37
N ASN A 1099 65.45 48.90 32.16
CA ASN A 1099 66.83 49.23 31.84
C ASN A 1099 67.69 47.96 31.85
N ASN A 1100 68.45 47.75 30.79
CA ASN A 1100 69.28 46.55 30.68
C ASN A 1100 70.45 46.83 29.75
N THR A 1101 71.47 45.99 29.84
CA THR A 1101 72.66 46.08 29.00
C THR A 1101 72.74 44.87 28.08
N VAL A 1102 72.94 45.12 26.80
CA VAL A 1102 73.08 44.07 25.78
C VAL A 1102 74.53 44.00 25.34
N TYR A 1103 75.04 42.77 25.25
CA TYR A 1103 76.44 42.56 24.92
C TYR A 1103 76.67 42.77 23.42
N ASP A 1104 77.80 43.40 23.09
CA ASP A 1104 78.26 43.52 21.71
C ASP A 1104 79.50 42.66 21.53
N PRO A 1105 79.46 41.63 20.68
CA PRO A 1105 80.63 40.75 20.54
C PRO A 1105 81.75 41.33 19.70
N LEU A 1106 81.59 42.53 19.16
CA LEU A 1106 82.71 43.28 18.58
C LEU A 1106 83.46 44.10 19.59
N GLN A 1107 82.91 44.27 20.80
CA GLN A 1107 83.59 45.03 21.83
C GLN A 1107 84.94 44.43 22.25
N PRO A 1108 85.08 43.10 22.46
CA PRO A 1108 86.40 42.58 22.86
C PRO A 1108 87.39 42.54 21.70
N GLU A 1109 86.89 42.40 20.48
CA GLU A 1109 87.79 42.28 19.33
C GLU A 1109 88.56 43.58 19.08
N LEU A 1110 87.95 44.72 19.37
CA LEU A 1110 88.65 46.00 19.30
C LEU A 1110 89.51 46.21 20.55
N ARG B 1 -10.42 -37.13 -64.77
CA ARG B 1 -9.56 -38.19 -64.28
C ARG B 1 -8.12 -37.69 -64.08
N CYS B 2 -7.57 -37.98 -62.90
CA CYS B 2 -6.23 -37.54 -62.56
C CYS B 2 -5.18 -38.23 -63.43
N THR B 3 -4.12 -37.50 -63.75
CA THR B 3 -2.99 -38.01 -64.52
C THR B 3 -1.79 -38.10 -63.60
N THR B 4 -1.16 -39.27 -63.56
CA THR B 4 -0.03 -39.53 -62.68
C THR B 4 1.27 -39.54 -63.49
N PHE B 5 2.18 -38.63 -63.15
CA PHE B 5 3.48 -38.57 -63.81
C PHE B 5 4.34 -39.73 -63.32
N ASP B 6 4.54 -40.73 -64.18
CA ASP B 6 5.44 -41.83 -63.90
C ASP B 6 6.89 -41.41 -64.08
N ASP B 7 7.79 -42.20 -63.48
CA ASP B 7 9.24 -42.07 -63.59
C ASP B 7 9.80 -40.84 -62.89
N VAL B 8 9.00 -40.15 -62.08
CA VAL B 8 9.52 -39.00 -61.34
C VAL B 8 10.49 -39.47 -60.26
N GLN B 9 11.60 -38.75 -60.13
CA GLN B 9 12.60 -39.04 -59.12
C GLN B 9 12.12 -38.63 -57.73
N ALA B 10 12.69 -39.29 -56.71
CA ALA B 10 12.52 -38.82 -55.35
C ALA B 10 13.32 -37.54 -55.11
N PRO B 11 12.86 -36.67 -54.23
CA PRO B 11 13.56 -35.40 -54.00
C PRO B 11 14.85 -35.58 -53.22
N ASN B 12 15.74 -34.61 -53.37
CA ASN B 12 16.96 -34.48 -52.57
C ASN B 12 16.87 -33.18 -51.77
N TYR B 13 16.30 -33.26 -50.57
CA TYR B 13 16.14 -32.07 -49.73
C TYR B 13 17.50 -31.42 -49.46
N THR B 14 17.52 -30.10 -49.48
CA THR B 14 18.76 -29.34 -49.37
C THR B 14 18.61 -28.31 -48.26
N GLN B 15 19.70 -28.04 -47.55
CA GLN B 15 19.69 -27.13 -46.41
C GLN B 15 20.34 -25.80 -46.78
N HIS B 16 19.69 -24.71 -46.37
CA HIS B 16 20.24 -23.37 -46.50
C HIS B 16 19.95 -22.55 -45.25
N THR B 17 20.86 -21.65 -44.91
CA THR B 17 20.60 -20.67 -43.87
C THR B 17 19.64 -19.60 -44.36
N SER B 18 18.59 -19.32 -43.58
CA SER B 18 17.62 -18.31 -43.95
C SER B 18 18.12 -16.88 -43.74
N SER B 19 19.22 -16.70 -43.02
CA SER B 19 19.77 -15.39 -42.66
C SER B 19 18.71 -14.60 -41.90
N MET B 20 18.50 -13.32 -42.20
CA MET B 20 17.72 -12.43 -41.36
C MET B 20 16.29 -12.18 -41.85
N ARG B 21 15.88 -12.84 -42.92
CA ARG B 21 14.60 -12.53 -43.56
C ARG B 21 13.43 -12.87 -42.64
N GLY B 22 12.25 -12.38 -43.01
CA GLY B 22 11.00 -12.77 -42.39
C GLY B 22 10.39 -11.82 -41.39
N VAL B 23 10.94 -10.63 -41.20
CA VAL B 23 10.35 -9.65 -40.29
C VAL B 23 9.13 -9.00 -40.95
N TYR B 24 8.13 -8.68 -40.13
CA TYR B 24 6.89 -8.10 -40.64
C TYR B 24 6.33 -7.13 -39.60
N TYR B 25 5.42 -6.28 -40.03
CA TYR B 25 4.85 -5.26 -39.15
C TYR B 25 4.00 -5.91 -38.06
N PRO B 26 4.34 -5.71 -36.79
CA PRO B 26 3.59 -6.40 -35.73
C PRO B 26 2.20 -5.84 -35.52
N ASP B 27 2.03 -4.52 -35.61
CA ASP B 27 0.74 -3.90 -35.35
C ASP B 27 0.48 -2.73 -36.31
N GLU B 28 -0.80 -2.48 -36.53
CA GLU B 28 -1.28 -1.42 -37.40
C GLU B 28 -0.93 -0.01 -36.89
N ILE B 29 -0.91 0.20 -35.57
CA ILE B 29 -0.70 1.54 -35.03
C ILE B 29 0.60 2.16 -35.50
N PHE B 30 0.54 3.45 -35.84
CA PHE B 30 1.68 4.23 -36.28
C PHE B 30 2.64 4.54 -35.14
N ARG B 31 3.93 4.49 -35.43
CA ARG B 31 4.98 4.87 -34.49
C ARG B 31 6.17 5.39 -35.30
N SER B 32 7.00 6.20 -34.65
CA SER B 32 8.12 6.79 -35.36
C SER B 32 9.28 7.07 -34.42
N ASP B 33 10.49 7.05 -34.98
CA ASP B 33 11.72 7.47 -34.32
C ASP B 33 11.87 6.85 -32.93
N THR B 34 11.55 5.57 -32.81
CA THR B 34 11.54 4.90 -31.51
C THR B 34 11.93 3.45 -31.68
N LEU B 35 12.44 2.87 -30.60
CA LEU B 35 12.73 1.44 -30.53
C LEU B 35 11.63 0.77 -29.71
N TYR B 36 11.05 -0.28 -30.27
CA TYR B 36 9.90 -0.95 -29.67
C TYR B 36 10.23 -2.41 -29.43
N LEU B 37 9.82 -2.92 -28.27
CA LEU B 37 10.17 -4.27 -27.85
C LEU B 37 8.89 -5.07 -27.67
N THR B 38 8.79 -6.19 -28.36
CA THR B 38 7.54 -6.93 -28.44
C THR B 38 7.82 -8.42 -28.57
N GLN B 39 6.85 -9.22 -28.13
CA GLN B 39 6.92 -10.67 -28.24
C GLN B 39 5.83 -11.14 -29.21
N ASP B 40 6.22 -11.94 -30.19
CA ASP B 40 5.27 -12.60 -31.07
C ASP B 40 5.97 -13.75 -31.78
N LEU B 41 5.20 -14.51 -32.56
CA LEU B 41 5.75 -15.55 -33.42
C LEU B 41 6.61 -14.92 -34.53
N PHE B 42 7.90 -15.27 -34.56
CA PHE B 42 8.80 -14.79 -35.60
C PHE B 42 9.71 -15.92 -36.06
N LEU B 43 10.33 -15.72 -37.23
CA LEU B 43 11.35 -16.62 -37.76
C LEU B 43 12.71 -16.27 -37.18
N PRO B 44 13.27 -17.13 -36.33
CA PRO B 44 14.55 -16.80 -35.69
C PRO B 44 15.68 -16.73 -36.70
N PHE B 45 16.61 -15.81 -36.45
CA PHE B 45 17.68 -15.53 -37.39
C PHE B 45 18.61 -16.71 -37.57
N TYR B 46 19.10 -16.89 -38.80
CA TYR B 46 20.03 -17.96 -39.17
C TYR B 46 19.46 -19.36 -38.92
N SER B 47 18.14 -19.49 -38.82
CA SER B 47 17.53 -20.81 -38.87
C SER B 47 17.64 -21.42 -40.27
N ASN B 48 17.74 -22.74 -40.29
CA ASN B 48 17.89 -23.51 -41.52
C ASN B 48 16.55 -23.78 -42.21
N VAL B 49 16.61 -23.92 -43.54
CA VAL B 49 15.40 -24.07 -44.36
C VAL B 49 15.58 -25.22 -45.35
N THR B 50 14.46 -25.90 -45.63
CA THR B 50 14.43 -27.06 -46.51
C THR B 50 14.14 -26.61 -47.94
N GLY B 51 15.17 -26.65 -48.79
CA GLY B 51 14.99 -26.25 -50.17
C GLY B 51 14.39 -27.34 -51.04
N PHE B 52 13.60 -26.91 -52.03
CA PHE B 52 12.99 -27.80 -53.02
C PHE B 52 13.29 -27.29 -54.42
N HIS B 53 13.10 -28.16 -55.41
CA HIS B 53 13.51 -27.84 -56.77
C HIS B 53 12.78 -28.75 -57.75
N THR B 54 12.20 -28.18 -58.80
CA THR B 54 11.68 -28.92 -59.93
C THR B 54 12.58 -28.70 -61.14
N ILE B 55 13.22 -29.76 -61.61
CA ILE B 55 14.05 -29.70 -62.81
C ILE B 55 13.89 -31.00 -63.60
N ASN B 56 13.68 -30.87 -64.90
CA ASN B 56 13.56 -31.98 -65.86
C ASN B 56 12.55 -33.01 -65.32
N HIS B 57 12.92 -34.29 -65.23
CA HIS B 57 11.98 -35.31 -64.75
C HIS B 57 11.55 -35.05 -63.31
N THR B 58 12.42 -34.51 -62.48
CA THR B 58 12.10 -34.33 -61.07
C THR B 58 10.86 -33.47 -60.89
N PHE B 59 10.02 -33.89 -59.93
CA PHE B 59 8.76 -33.21 -59.64
C PHE B 59 8.43 -33.56 -58.21
N ASP B 60 8.49 -32.57 -57.31
CA ASP B 60 8.26 -32.81 -55.88
C ASP B 60 6.97 -32.16 -55.40
N ASN B 61 6.06 -32.98 -54.88
CA ASN B 61 4.80 -32.53 -54.29
C ASN B 61 4.62 -33.29 -52.98
N PRO B 62 5.47 -33.03 -51.99
CA PRO B 62 5.39 -33.77 -50.73
C PRO B 62 4.61 -33.05 -49.65
N VAL B 63 3.70 -33.76 -48.97
CA VAL B 63 2.94 -33.15 -47.90
C VAL B 63 3.92 -32.71 -46.81
N ILE B 64 3.80 -31.46 -46.38
CA ILE B 64 4.70 -30.87 -45.40
C ILE B 64 3.90 -30.50 -44.15
N PRO B 65 4.35 -30.87 -42.95
CA PRO B 65 3.60 -30.49 -41.74
C PRO B 65 3.70 -28.99 -41.49
N PHE B 66 2.63 -28.45 -40.89
CA PHE B 66 2.50 -27.00 -40.77
C PHE B 66 3.09 -26.43 -39.49
N LYS B 67 3.11 -27.21 -38.41
CA LYS B 67 3.70 -26.77 -37.13
C LYS B 67 3.15 -25.43 -36.66
N ASP B 68 1.87 -25.17 -36.93
CA ASP B 68 1.15 -23.94 -36.57
C ASP B 68 1.79 -22.65 -37.10
N GLY B 69 2.53 -22.74 -38.21
CA GLY B 69 2.91 -21.54 -38.92
C GLY B 69 4.21 -21.67 -39.70
N ILE B 70 4.22 -21.16 -40.93
CA ILE B 70 5.36 -21.35 -41.83
C ILE B 70 5.73 -20.03 -42.48
N TYR B 71 7.03 -19.85 -42.71
CA TYR B 71 7.54 -18.92 -43.69
C TYR B 71 7.52 -19.57 -45.07
N PHE B 72 7.53 -18.74 -46.11
CA PHE B 72 7.56 -19.26 -47.47
C PHE B 72 8.22 -18.24 -48.37
N ALA B 73 9.00 -18.73 -49.34
CA ALA B 73 9.62 -17.85 -50.34
C ALA B 73 9.79 -18.65 -51.62
N ALA B 74 9.57 -17.98 -52.75
CA ALA B 74 9.73 -18.62 -54.06
C ALA B 74 10.51 -17.72 -55.00
N THR B 75 11.34 -18.36 -55.84
CA THR B 75 12.08 -17.71 -56.91
C THR B 75 11.56 -18.32 -58.21
N GLU B 76 10.89 -17.50 -59.03
CA GLU B 76 10.25 -18.00 -60.23
C GLU B 76 10.53 -17.08 -61.42
N LYS B 77 10.75 -17.67 -62.59
CA LYS B 77 10.98 -16.88 -63.77
C LYS B 77 9.67 -16.60 -64.51
N SER B 78 8.79 -17.61 -64.65
CA SER B 78 7.56 -17.44 -65.37
C SER B 78 6.34 -18.11 -64.69
N ASN B 79 5.97 -17.60 -63.52
CA ASN B 79 4.79 -18.06 -62.76
C ASN B 79 4.68 -19.58 -62.69
N VAL B 80 5.74 -20.24 -62.22
CA VAL B 80 5.70 -21.69 -62.13
C VAL B 80 4.76 -22.15 -61.01
N VAL B 81 4.76 -21.45 -59.87
CA VAL B 81 3.95 -21.83 -58.72
C VAL B 81 2.70 -20.98 -58.71
N ARG B 82 1.54 -21.62 -58.67
CA ARG B 82 0.27 -20.93 -58.71
C ARG B 82 -0.45 -20.83 -57.36
N GLY B 83 0.11 -21.33 -56.27
CA GLY B 83 -0.62 -21.22 -55.01
C GLY B 83 -0.39 -22.43 -54.12
N TRP B 84 -1.25 -22.56 -53.11
CA TRP B 84 -1.12 -23.59 -52.08
C TRP B 84 -2.46 -24.25 -51.81
N VAL B 85 -2.44 -25.23 -50.91
CA VAL B 85 -3.62 -25.93 -50.41
C VAL B 85 -3.40 -26.29 -48.95
N PHE B 86 -4.31 -25.87 -48.07
CA PHE B 86 -4.20 -26.14 -46.64
C PHE B 86 -5.34 -27.04 -46.18
N GLY B 87 -4.98 -28.08 -45.43
CA GLY B 87 -5.96 -29.05 -44.94
C GLY B 87 -5.32 -29.92 -43.87
N SER B 88 -6.14 -30.76 -43.26
CA SER B 88 -5.65 -31.68 -42.23
C SER B 88 -5.60 -33.13 -42.67
N THR B 89 -6.67 -33.64 -43.29
CA THR B 89 -6.72 -35.02 -43.72
C THR B 89 -6.70 -35.19 -45.23
N MET B 90 -7.19 -34.19 -45.98
CA MET B 90 -7.20 -34.19 -47.44
C MET B 90 -7.79 -35.48 -48.04
N ASN B 91 -8.66 -36.18 -47.32
CA ASN B 91 -9.29 -37.40 -47.84
C ASN B 91 -10.80 -37.46 -47.52
N ASN B 92 -11.57 -36.53 -48.10
CA ASN B 92 -13.03 -36.46 -47.89
C ASN B 92 -13.41 -36.32 -46.42
N LYS B 93 -12.51 -35.87 -45.54
CA LYS B 93 -12.86 -35.85 -44.14
C LYS B 93 -12.68 -34.53 -43.42
N SER B 94 -12.03 -33.54 -44.03
CA SER B 94 -11.81 -32.29 -43.34
C SER B 94 -11.78 -31.13 -44.33
N GLN B 95 -12.32 -30.00 -43.88
CA GLN B 95 -12.36 -28.79 -44.70
C GLN B 95 -10.97 -28.44 -45.19
N SER B 96 -10.88 -28.04 -46.46
CA SER B 96 -9.61 -27.64 -47.06
C SER B 96 -9.83 -26.34 -47.81
N VAL B 97 -8.74 -25.60 -48.01
CA VAL B 97 -8.78 -24.32 -48.69
C VAL B 97 -7.77 -24.30 -49.82
N ILE B 98 -8.14 -23.64 -50.92
CA ILE B 98 -7.29 -23.48 -52.09
C ILE B 98 -7.09 -22.01 -52.40
N ILE B 99 -5.85 -21.63 -52.60
CA ILE B 99 -5.48 -20.29 -53.02
C ILE B 99 -4.66 -20.49 -54.29
N ILE B 100 -5.11 -19.89 -55.40
CA ILE B 100 -4.43 -20.05 -56.68
C ILE B 100 -4.50 -18.75 -57.47
N ASN B 101 -3.39 -18.42 -58.14
CA ASN B 101 -3.34 -17.25 -59.00
C ASN B 101 -3.77 -17.62 -60.42
N ASN B 102 -5.06 -17.89 -60.53
CA ASN B 102 -5.69 -18.18 -61.81
C ASN B 102 -5.59 -16.93 -62.67
N SER B 103 -5.19 -17.11 -63.93
CA SER B 103 -4.96 -15.94 -64.77
C SER B 103 -6.20 -15.06 -64.91
N THR B 104 -7.37 -15.66 -65.10
CA THR B 104 -8.57 -14.83 -65.20
C THR B 104 -8.96 -14.18 -63.87
N ASN B 105 -8.89 -14.92 -62.76
CA ASN B 105 -9.32 -14.38 -61.47
C ASN B 105 -8.81 -15.19 -60.28
N VAL B 106 -8.33 -14.48 -59.25
CA VAL B 106 -7.85 -15.12 -58.03
C VAL B 106 -9.05 -15.76 -57.33
N VAL B 107 -8.93 -17.01 -56.91
CA VAL B 107 -10.02 -17.74 -56.29
C VAL B 107 -9.61 -18.33 -54.95
N ILE B 108 -10.37 -18.01 -53.91
CA ILE B 108 -10.16 -18.52 -52.55
C ILE B 108 -11.44 -19.23 -52.13
N ARG B 109 -11.32 -20.49 -51.69
CA ARG B 109 -12.48 -21.26 -51.27
C ARG B 109 -12.14 -22.11 -50.05
N ALA B 110 -13.14 -22.34 -49.18
CA ALA B 110 -12.99 -23.14 -47.96
C ALA B 110 -14.12 -24.16 -47.89
N CYS B 111 -14.04 -25.20 -48.72
CA CYS B 111 -15.08 -26.22 -48.78
C CYS B 111 -14.44 -27.59 -48.92
N ASN B 112 -15.22 -28.65 -48.69
CA ASN B 112 -14.67 -29.99 -48.87
C ASN B 112 -14.27 -30.13 -50.32
N PHE B 113 -13.02 -30.52 -50.56
CA PHE B 113 -12.46 -30.53 -51.91
C PHE B 113 -12.13 -31.90 -52.50
N GLU B 114 -11.67 -32.87 -51.72
CA GLU B 114 -11.28 -34.17 -52.29
C GLU B 114 -10.26 -33.94 -53.40
N LEU B 115 -9.22 -33.18 -53.06
CA LEU B 115 -8.23 -32.76 -54.04
C LEU B 115 -7.52 -33.95 -54.69
N CYS B 116 -7.23 -33.78 -55.98
CA CYS B 116 -6.55 -34.81 -56.75
C CYS B 116 -5.16 -35.07 -56.16
N ASP B 117 -4.72 -36.33 -56.21
CA ASP B 117 -3.43 -36.69 -55.66
C ASP B 117 -2.29 -35.85 -56.22
N ASN B 118 -2.34 -35.52 -57.51
CA ASN B 118 -1.30 -34.72 -58.17
C ASN B 118 -1.93 -33.54 -58.91
N PRO B 119 -2.39 -32.53 -58.18
CA PRO B 119 -3.05 -31.40 -58.84
C PRO B 119 -2.07 -30.54 -59.62
N PHE B 120 -2.51 -30.07 -60.79
CA PHE B 120 -1.64 -29.30 -61.66
C PHE B 120 -2.47 -28.51 -62.67
N PHE B 121 -1.83 -27.50 -63.27
CA PHE B 121 -2.36 -26.77 -64.41
C PHE B 121 -1.66 -27.20 -65.69
N ALA B 122 -2.43 -27.43 -66.75
CA ALA B 122 -1.91 -27.91 -68.01
C ALA B 122 -1.68 -26.74 -68.95
N VAL B 123 -0.56 -26.78 -69.68
CA VAL B 123 -0.14 -25.69 -70.55
C VAL B 123 0.40 -26.33 -71.85
N SER B 124 0.37 -25.55 -72.93
CA SER B 124 0.91 -25.98 -74.20
C SER B 124 2.10 -25.11 -74.58
N LYS B 125 3.17 -25.76 -75.06
CA LYS B 125 4.42 -25.06 -75.33
C LYS B 125 4.28 -23.96 -76.36
N PRO B 126 3.92 -24.22 -77.63
CA PRO B 126 3.96 -23.14 -78.62
C PRO B 126 2.84 -22.13 -78.47
N MET B 127 1.66 -22.54 -77.97
CA MET B 127 0.56 -21.59 -77.83
C MET B 127 0.72 -20.72 -76.59
N GLY B 128 1.24 -21.28 -75.51
CA GLY B 128 1.27 -20.56 -74.25
C GLY B 128 -0.10 -20.36 -73.64
N THR B 129 -0.96 -21.37 -73.73
CA THR B 129 -2.33 -21.28 -73.27
C THR B 129 -2.62 -22.41 -72.29
N GLN B 130 -3.48 -22.14 -71.31
CA GLN B 130 -3.86 -23.13 -70.33
C GLN B 130 -5.02 -23.95 -70.87
N THR B 131 -5.03 -25.24 -70.55
CA THR B 131 -6.03 -26.15 -71.07
C THR B 131 -6.83 -26.92 -70.02
N HIS B 132 -6.24 -27.23 -68.86
CA HIS B 132 -6.98 -27.95 -67.82
C HIS B 132 -6.55 -27.46 -66.45
N THR B 133 -7.41 -27.76 -65.44
CA THR B 133 -7.15 -27.43 -64.04
C THR B 133 -7.60 -28.62 -63.18
N MET B 134 -6.76 -29.67 -63.15
CA MET B 134 -7.09 -30.90 -62.44
C MET B 134 -6.73 -30.77 -60.95
N ILE B 135 -7.56 -30.01 -60.22
CA ILE B 135 -7.33 -29.79 -58.81
C ILE B 135 -8.29 -30.57 -57.93
N PHE B 136 -9.58 -30.63 -58.27
CA PHE B 136 -10.53 -31.30 -57.40
C PHE B 136 -11.63 -31.99 -58.18
N ASP B 137 -11.89 -33.24 -57.83
CA ASP B 137 -12.93 -34.01 -58.50
C ASP B 137 -14.33 -33.46 -58.20
N ASN B 138 -14.61 -33.09 -56.95
CA ASN B 138 -15.94 -32.65 -56.56
C ASN B 138 -15.85 -31.75 -55.32
N ALA B 139 -17.01 -31.32 -54.85
CA ALA B 139 -17.09 -30.42 -53.69
C ALA B 139 -18.50 -30.46 -53.12
N PHE B 140 -18.63 -30.79 -51.83
CA PHE B 140 -19.93 -30.84 -51.17
C PHE B 140 -19.80 -30.16 -49.82
N ASN B 141 -20.95 -29.79 -49.23
CA ASN B 141 -20.95 -29.07 -47.96
C ASN B 141 -20.08 -27.81 -48.03
N CYS B 142 -20.17 -27.11 -49.16
CA CYS B 142 -19.36 -25.91 -49.38
C CYS B 142 -19.95 -24.72 -48.63
N THR B 143 -19.17 -24.14 -47.72
CA THR B 143 -19.63 -23.00 -46.92
C THR B 143 -18.89 -21.69 -47.14
N PHE B 144 -17.94 -21.60 -48.05
CA PHE B 144 -17.22 -20.33 -48.22
C PHE B 144 -16.67 -20.20 -49.64
N GLU B 145 -16.74 -19.00 -50.19
CA GLU B 145 -16.23 -18.77 -51.54
C GLU B 145 -15.89 -17.28 -51.67
N TYR B 146 -14.83 -16.98 -52.43
CA TYR B 146 -14.45 -15.61 -52.73
C TYR B 146 -13.86 -15.48 -54.13
N ILE B 147 -14.14 -14.38 -54.83
CA ILE B 147 -13.53 -14.07 -56.14
C ILE B 147 -12.99 -12.65 -56.14
N SER B 148 -11.72 -12.51 -56.49
CA SER B 148 -11.09 -11.21 -56.69
C SER B 148 -11.51 -10.58 -58.02
N ASP B 149 -11.13 -9.31 -58.20
CA ASP B 149 -11.45 -8.58 -59.42
C ASP B 149 -10.66 -9.11 -60.63
N ALA B 150 -11.24 -8.90 -61.81
CA ALA B 150 -10.67 -9.36 -63.08
C ALA B 150 -9.38 -8.63 -63.46
N PHE B 151 -8.49 -9.36 -64.10
CA PHE B 151 -7.22 -8.82 -64.58
C PHE B 151 -6.76 -9.67 -65.77
N SER B 152 -5.47 -9.68 -66.05
CA SER B 152 -4.92 -10.47 -67.15
C SER B 152 -3.54 -10.97 -66.77
N LEU B 153 -3.36 -12.29 -66.81
CA LEU B 153 -2.09 -12.93 -66.48
C LEU B 153 -1.62 -13.76 -67.66
N ASP B 154 -0.37 -13.53 -68.08
CA ASP B 154 0.21 -14.24 -69.20
C ASP B 154 0.80 -15.57 -68.77
N VAL B 155 1.04 -16.44 -69.74
CA VAL B 155 1.86 -17.63 -69.57
C VAL B 155 2.90 -17.67 -70.68
N SER B 156 4.16 -17.85 -70.30
CA SER B 156 5.28 -17.84 -71.24
C SER B 156 6.46 -18.51 -70.57
N GLU B 157 7.40 -18.97 -71.37
CA GLU B 157 8.63 -19.59 -70.88
C GLU B 157 9.82 -18.68 -71.21
N LYS B 158 10.75 -18.58 -70.28
CA LYS B 158 11.93 -17.73 -70.47
C LYS B 158 13.20 -18.53 -70.23
N SER B 159 14.14 -18.41 -71.17
CA SER B 159 15.43 -19.11 -71.07
C SER B 159 16.26 -18.64 -69.88
N GLY B 160 16.21 -17.35 -69.58
CA GLY B 160 17.03 -16.78 -68.52
C GLY B 160 16.66 -17.23 -67.11
N ASN B 161 17.58 -16.94 -66.20
CA ASN B 161 17.49 -17.26 -64.77
C ASN B 161 16.38 -16.46 -64.09
N PHE B 162 15.98 -16.94 -62.91
CA PHE B 162 14.87 -16.35 -62.17
C PHE B 162 15.09 -14.87 -61.92
N LYS B 163 14.07 -14.07 -62.24
CA LYS B 163 14.13 -12.63 -62.05
C LYS B 163 13.22 -12.12 -60.93
N HIS B 164 12.53 -12.99 -60.20
CA HIS B 164 11.60 -12.52 -59.18
C HIS B 164 11.71 -13.33 -57.90
N LEU B 165 11.62 -12.65 -56.76
CA LEU B 165 11.62 -13.28 -55.45
C LEU B 165 10.36 -12.85 -54.70
N ARG B 166 9.52 -13.81 -54.33
CA ARG B 166 8.25 -13.54 -53.67
C ARG B 166 8.21 -14.19 -52.29
N GLU B 167 7.73 -13.45 -51.29
CA GLU B 167 7.77 -13.87 -49.91
C GLU B 167 6.38 -13.82 -49.30
N PHE B 168 6.11 -14.75 -48.37
CA PHE B 168 4.82 -14.83 -47.69
C PHE B 168 5.03 -15.26 -46.25
N VAL B 169 4.01 -15.06 -45.43
CA VAL B 169 3.92 -15.61 -44.08
C VAL B 169 2.48 -16.05 -43.84
N PHE B 170 2.30 -17.18 -43.16
CA PHE B 170 0.97 -17.65 -42.80
C PHE B 170 0.90 -17.97 -41.32
N LYS B 171 -0.15 -17.52 -40.66
CA LYS B 171 -0.37 -17.78 -39.24
C LYS B 171 -1.84 -18.10 -39.02
N ASN B 172 -2.11 -18.82 -37.94
CA ASN B 172 -3.48 -19.14 -37.54
C ASN B 172 -3.66 -18.81 -36.08
N LYS B 173 -4.67 -18.00 -35.76
CA LYS B 173 -5.09 -17.77 -34.38
C LYS B 173 -6.58 -17.51 -34.36
N ASP B 174 -7.23 -17.98 -33.28
CA ASP B 174 -8.63 -17.65 -32.98
C ASP B 174 -9.55 -17.87 -34.18
N GLY B 175 -9.21 -18.83 -35.04
CA GLY B 175 -10.00 -19.08 -36.22
C GLY B 175 -9.73 -18.14 -37.38
N PHE B 176 -8.87 -17.14 -37.20
CA PHE B 176 -8.48 -16.24 -38.27
C PHE B 176 -7.13 -16.69 -38.84
N LEU B 177 -7.03 -16.69 -40.16
CA LEU B 177 -5.76 -16.95 -40.84
C LEU B 177 -5.21 -15.65 -41.38
N TYR B 178 -3.93 -15.38 -41.08
CA TYR B 178 -3.29 -14.12 -41.42
C TYR B 178 -2.32 -14.35 -42.57
N VAL B 179 -2.41 -13.52 -43.60
CA VAL B 179 -1.56 -13.62 -44.77
C VAL B 179 -0.76 -12.34 -44.90
N TYR B 180 0.51 -12.47 -45.28
CA TYR B 180 1.38 -11.32 -45.53
C TYR B 180 2.05 -11.52 -46.89
N LYS B 181 2.56 -10.42 -47.45
CA LYS B 181 3.20 -10.51 -48.75
C LYS B 181 4.30 -9.47 -48.85
N GLY B 182 5.31 -9.78 -49.67
CA GLY B 182 6.31 -8.80 -50.08
C GLY B 182 6.72 -9.05 -51.51
N TYR B 183 7.77 -8.36 -51.97
CA TYR B 183 8.31 -8.60 -53.30
C TYR B 183 9.72 -8.02 -53.36
N GLN B 184 10.60 -8.70 -54.10
CA GLN B 184 11.94 -8.19 -54.32
C GLN B 184 12.49 -8.70 -55.65
N PRO B 185 12.98 -7.83 -56.52
CA PRO B 185 13.61 -8.29 -57.76
C PRO B 185 15.04 -8.76 -57.52
N ILE B 186 15.39 -9.92 -58.09
CA ILE B 186 16.71 -10.50 -57.92
C ILE B 186 17.05 -11.31 -59.17
N ASP B 187 18.36 -11.48 -59.42
CA ASP B 187 18.88 -12.24 -60.56
C ASP B 187 19.94 -13.23 -60.07
N VAL B 188 19.52 -14.32 -59.45
CA VAL B 188 20.43 -15.30 -58.89
C VAL B 188 19.99 -16.69 -59.34
N VAL B 189 20.95 -17.61 -59.37
CA VAL B 189 20.71 -19.00 -59.77
C VAL B 189 20.84 -19.89 -58.53
N ARG B 190 19.73 -20.53 -58.16
CA ARG B 190 19.72 -21.60 -57.15
C ARG B 190 20.39 -21.16 -55.86
N ASP B 191 19.98 -20.00 -55.34
CA ASP B 191 20.40 -19.57 -54.03
C ASP B 191 19.31 -18.70 -53.41
N LEU B 192 19.23 -18.73 -52.08
CA LEU B 192 18.35 -17.83 -51.35
C LEU B 192 19.18 -16.64 -50.88
N PRO B 193 19.08 -15.48 -51.51
CA PRO B 193 20.05 -14.41 -51.27
C PRO B 193 19.81 -13.70 -49.94
N SER B 194 20.91 -13.39 -49.26
CA SER B 194 20.85 -12.69 -47.99
C SER B 194 20.27 -11.30 -48.16
N GLY B 195 19.43 -10.89 -47.21
CA GLY B 195 18.87 -9.56 -47.22
C GLY B 195 17.81 -9.40 -46.16
N PHE B 196 17.29 -8.17 -46.08
CA PHE B 196 16.22 -7.81 -45.16
C PHE B 196 15.03 -7.26 -45.92
N ASN B 197 13.83 -7.74 -45.59
CA ASN B 197 12.62 -7.25 -46.23
C ASN B 197 11.45 -7.37 -45.27
N THR B 198 10.53 -6.40 -45.32
CA THR B 198 9.46 -6.24 -44.34
C THR B 198 8.10 -6.43 -45.01
N LEU B 199 7.37 -7.45 -44.58
CA LEU B 199 6.10 -7.79 -45.18
C LEU B 199 4.96 -6.94 -44.63
N LYS B 200 3.94 -6.71 -45.47
CA LYS B 200 2.68 -6.02 -45.19
C LYS B 200 1.54 -7.01 -44.98
N PRO B 201 0.46 -6.61 -44.31
CA PRO B 201 -0.66 -7.53 -44.06
C PRO B 201 -1.75 -7.48 -45.12
N ILE B 202 -1.74 -8.43 -46.05
CA ILE B 202 -2.71 -8.44 -47.14
C ILE B 202 -4.11 -8.81 -46.66
N PHE B 203 -4.24 -9.87 -45.87
CA PHE B 203 -5.56 -10.44 -45.53
C PHE B 203 -5.62 -10.89 -44.09
N LYS B 204 -6.86 -10.97 -43.58
CA LYS B 204 -7.18 -11.52 -42.28
C LYS B 204 -8.46 -12.34 -42.47
N LEU B 205 -8.32 -13.66 -42.61
CA LEU B 205 -9.38 -14.48 -43.20
C LEU B 205 -10.03 -15.38 -42.16
N PRO B 206 -11.37 -15.36 -42.05
CA PRO B 206 -12.08 -15.99 -40.93
C PRO B 206 -12.43 -17.46 -41.16
N LEU B 207 -11.46 -18.25 -41.62
CA LEU B 207 -11.74 -19.60 -42.10
C LEU B 207 -12.30 -20.49 -40.99
N GLY B 208 -11.63 -20.50 -39.83
CA GLY B 208 -12.10 -21.27 -38.69
C GLY B 208 -11.87 -22.76 -38.69
N ILE B 209 -10.79 -23.24 -39.32
CA ILE B 209 -10.43 -24.66 -39.33
C ILE B 209 -8.99 -24.77 -38.85
N ASN B 210 -8.59 -25.98 -38.44
CA ASN B 210 -7.20 -26.21 -38.07
C ASN B 210 -6.46 -26.88 -39.22
N ILE B 211 -5.29 -26.33 -39.56
CA ILE B 211 -4.48 -26.80 -40.66
C ILE B 211 -3.19 -27.40 -40.12
N THR B 212 -2.95 -28.67 -40.43
CA THR B 212 -1.74 -29.38 -40.03
C THR B 212 -0.77 -29.60 -41.18
N ASN B 213 -1.27 -29.84 -42.40
CA ASN B 213 -0.42 -30.12 -43.54
C ASN B 213 -0.84 -29.27 -44.73
N PHE B 214 0.06 -29.12 -45.69
CA PHE B 214 -0.24 -28.33 -46.87
C PHE B 214 0.49 -28.91 -48.10
N ARG B 215 -0.04 -28.59 -49.28
CA ARG B 215 0.53 -28.99 -50.56
C ARG B 215 0.68 -27.78 -51.46
N ALA B 216 1.86 -27.62 -52.06
CA ALA B 216 2.05 -26.62 -53.10
C ALA B 216 1.48 -27.11 -54.43
N ILE B 217 0.91 -26.20 -55.20
CA ILE B 217 0.33 -26.51 -56.50
C ILE B 217 1.26 -25.96 -57.58
N LEU B 218 1.63 -26.81 -58.52
CA LEU B 218 2.49 -26.44 -59.64
C LEU B 218 1.73 -26.54 -60.95
N THR B 219 2.32 -25.99 -62.00
CA THR B 219 1.83 -26.12 -63.35
C THR B 219 2.84 -26.87 -64.22
N ALA B 220 2.34 -27.57 -65.23
CA ALA B 220 3.20 -28.36 -66.09
C ALA B 220 2.62 -28.36 -67.50
N PHE B 221 3.47 -28.69 -68.47
CA PHE B 221 3.14 -28.44 -69.86
C PHE B 221 3.74 -29.54 -70.74
N SER B 222 3.26 -29.60 -71.98
CA SER B 222 3.71 -30.58 -72.95
C SER B 222 5.22 -30.48 -73.18
N THR B 227 5.18 -36.88 -72.96
CA THR B 227 4.79 -35.60 -73.56
C THR B 227 4.93 -34.49 -72.52
N TRP B 228 4.57 -34.80 -71.28
CA TRP B 228 4.68 -33.85 -70.18
C TRP B 228 6.14 -33.53 -69.88
N GLY B 229 6.38 -32.28 -69.49
CA GLY B 229 7.71 -31.86 -69.12
C GLY B 229 7.62 -30.79 -68.05
N THR B 230 8.79 -30.31 -67.62
CA THR B 230 8.89 -29.41 -66.47
C THR B 230 9.84 -28.27 -66.79
N SER B 231 9.81 -27.25 -65.95
CA SER B 231 10.66 -26.08 -66.09
C SER B 231 11.30 -25.75 -64.74
N ALA B 232 12.48 -25.12 -64.83
CA ALA B 232 13.29 -24.79 -63.65
C ALA B 232 12.51 -23.94 -62.65
N ALA B 233 12.36 -24.46 -61.42
CA ALA B 233 11.70 -23.69 -60.38
C ALA B 233 12.12 -24.19 -59.02
N ALA B 234 12.20 -23.27 -58.05
CA ALA B 234 12.69 -23.56 -56.72
C ALA B 234 11.90 -22.76 -55.69
N TYR B 235 11.72 -23.35 -54.51
CA TYR B 235 10.99 -22.71 -53.43
C TYR B 235 11.47 -23.30 -52.10
N PHE B 236 11.12 -22.64 -51.00
CA PHE B 236 11.67 -22.96 -49.70
C PHE B 236 10.59 -22.91 -48.63
N VAL B 237 10.91 -23.45 -47.45
CA VAL B 237 10.00 -23.45 -46.31
C VAL B 237 10.81 -23.23 -45.03
N GLY B 238 10.17 -22.67 -44.01
CA GLY B 238 10.74 -22.56 -42.69
C GLY B 238 9.65 -22.44 -41.65
N TYR B 239 10.03 -22.63 -40.38
CA TYR B 239 9.08 -22.62 -39.28
C TYR B 239 9.35 -21.46 -38.33
N LEU B 240 8.30 -21.03 -37.62
CA LEU B 240 8.35 -19.91 -36.68
C LEU B 240 8.40 -20.38 -35.23
N LYS B 241 9.08 -19.59 -34.40
CA LYS B 241 9.21 -19.85 -32.97
C LYS B 241 8.83 -18.62 -32.17
N PRO B 242 8.09 -18.80 -31.06
CA PRO B 242 7.71 -17.65 -30.23
C PRO B 242 8.87 -17.01 -29.49
N THR B 243 9.23 -15.78 -29.87
CA THR B 243 10.47 -15.16 -29.44
C THR B 243 10.25 -13.66 -29.25
N THR B 244 11.14 -13.04 -28.49
CA THR B 244 11.09 -11.59 -28.24
C THR B 244 11.96 -10.86 -29.26
N PHE B 245 11.37 -9.93 -29.99
CA PHE B 245 12.05 -9.15 -31.00
C PHE B 245 12.06 -7.67 -30.63
N MET B 246 13.12 -6.97 -31.05
CA MET B 246 13.18 -5.52 -30.98
C MET B 246 13.09 -4.93 -32.39
N LEU B 247 12.34 -3.84 -32.54
CA LEU B 247 12.08 -3.22 -33.84
C LEU B 247 12.50 -1.76 -33.82
N LYS B 248 13.10 -1.30 -34.91
CA LYS B 248 13.52 0.08 -35.07
C LYS B 248 12.71 0.73 -36.19
N TYR B 249 12.06 1.85 -35.87
CA TYR B 249 11.26 2.60 -36.82
C TYR B 249 12.01 3.82 -37.34
N ASP B 250 12.01 3.99 -38.66
CA ASP B 250 12.60 5.15 -39.32
C ASP B 250 11.64 6.34 -39.26
N GLU B 251 12.17 7.54 -39.51
CA GLU B 251 11.37 8.75 -39.40
C GLU B 251 10.15 8.75 -40.31
N ASN B 252 10.20 8.00 -41.41
CA ASN B 252 9.01 7.90 -42.26
C ASN B 252 8.02 6.87 -41.73
N GLY B 253 8.27 6.26 -40.58
CA GLY B 253 7.41 5.22 -40.07
C GLY B 253 7.69 3.83 -40.61
N THR B 254 8.88 3.58 -41.15
CA THR B 254 9.23 2.31 -41.77
C THR B 254 10.29 1.58 -40.95
N ILE B 255 10.10 0.28 -40.77
CA ILE B 255 11.09 -0.54 -40.08
C ILE B 255 12.34 -0.68 -40.93
N THR B 256 13.51 -0.62 -40.29
CA THR B 256 14.77 -0.82 -40.99
C THR B 256 15.69 -1.86 -40.39
N ASP B 257 15.50 -2.27 -39.14
CA ASP B 257 16.39 -3.24 -38.49
C ASP B 257 15.63 -3.98 -37.41
N ALA B 258 16.19 -5.11 -36.99
CA ALA B 258 15.72 -5.82 -35.82
C ALA B 258 16.89 -6.55 -35.17
N VAL B 259 16.71 -6.90 -33.89
CA VAL B 259 17.57 -7.87 -33.23
C VAL B 259 16.70 -8.92 -32.57
N ASP B 260 17.28 -10.11 -32.38
CA ASP B 260 16.59 -11.25 -31.81
C ASP B 260 17.29 -11.60 -30.51
N CYS B 261 16.60 -11.42 -29.39
CA CYS B 261 17.25 -11.39 -28.09
C CYS B 261 17.83 -12.74 -27.67
N SER B 262 17.34 -13.85 -28.22
CA SER B 262 17.77 -15.17 -27.78
C SER B 262 18.91 -15.74 -28.62
N GLN B 263 19.38 -15.02 -29.63
CA GLN B 263 20.43 -15.51 -30.53
C GLN B 263 21.78 -14.98 -30.05
N ASN B 264 22.38 -15.69 -29.09
CA ASN B 264 23.64 -15.53 -28.36
C ASN B 264 23.54 -14.43 -27.31
N PRO B 265 24.37 -14.44 -26.26
CA PRO B 265 24.21 -13.50 -25.15
C PRO B 265 24.27 -12.02 -25.55
N LEU B 266 25.11 -11.66 -26.53
CA LEU B 266 25.25 -10.25 -26.87
C LEU B 266 23.91 -9.65 -27.31
N ALA B 267 23.03 -10.48 -27.88
CA ALA B 267 21.69 -10.02 -28.20
C ALA B 267 20.92 -9.67 -26.93
N GLU B 268 21.15 -10.43 -25.85
CA GLU B 268 20.48 -10.09 -24.59
C GLU B 268 21.02 -8.79 -24.01
N LEU B 269 22.32 -8.54 -24.17
CA LEU B 269 22.87 -7.28 -23.67
C LEU B 269 22.27 -6.10 -24.42
N LYS B 270 22.19 -6.20 -25.76
CA LYS B 270 21.60 -5.11 -26.54
C LYS B 270 20.13 -4.93 -26.22
N CYS B 271 19.39 -6.02 -26.07
CA CYS B 271 17.97 -5.91 -25.76
C CYS B 271 17.76 -5.28 -24.39
N SER B 272 18.58 -5.66 -23.41
CA SER B 272 18.43 -5.14 -22.05
C SER B 272 18.70 -3.64 -21.96
N VAL B 273 19.73 -3.15 -22.66
CA VAL B 273 20.09 -1.73 -22.51
C VAL B 273 19.37 -0.84 -23.51
N LYS B 274 18.54 -1.38 -24.39
CA LYS B 274 17.83 -0.62 -25.41
C LYS B 274 18.80 0.22 -26.24
N SER B 275 19.76 -0.46 -26.87
CA SER B 275 20.76 0.22 -27.67
C SER B 275 21.16 -0.69 -28.82
N PHE B 276 21.86 -0.10 -29.78
CA PHE B 276 22.57 -0.83 -30.82
C PHE B 276 24.08 -0.75 -30.66
N GLU B 277 24.55 -0.16 -29.57
CA GLU B 277 25.98 -0.04 -29.32
C GLU B 277 26.25 -0.01 -27.82
N ILE B 278 27.25 -0.78 -27.40
CA ILE B 278 27.67 -0.86 -26.01
C ILE B 278 29.18 -0.69 -25.97
N ASP B 279 29.69 -0.03 -24.93
CA ASP B 279 31.03 0.55 -24.98
C ASP B 279 32.06 -0.20 -24.16
N LYS B 280 31.76 -0.58 -22.92
CA LYS B 280 32.65 -1.43 -22.14
C LYS B 280 31.96 -1.85 -20.86
N GLY B 281 32.54 -2.85 -20.21
CA GLY B 281 32.26 -3.16 -18.81
C GLY B 281 31.51 -4.48 -18.65
N ILE B 282 31.10 -4.70 -17.41
CA ILE B 282 30.36 -5.90 -17.01
C ILE B 282 28.92 -5.51 -16.70
N TYR B 283 27.97 -6.23 -17.29
CA TYR B 283 26.56 -5.89 -17.21
C TYR B 283 25.77 -7.11 -16.74
N GLN B 284 24.88 -6.93 -15.78
CA GLN B 284 24.08 -8.01 -15.23
C GLN B 284 22.71 -7.98 -15.88
N THR B 285 22.34 -9.08 -16.55
CA THR B 285 21.09 -9.13 -17.29
C THR B 285 19.97 -9.91 -16.59
N SER B 286 20.23 -11.15 -16.16
CA SER B 286 19.13 -11.94 -15.61
C SER B 286 19.68 -13.07 -14.74
N ASN B 287 18.78 -13.68 -13.97
CA ASN B 287 19.08 -14.86 -13.17
C ASN B 287 19.35 -16.06 -14.08
N PHE B 288 19.76 -17.17 -13.44
CA PHE B 288 19.78 -18.48 -14.08
C PHE B 288 19.35 -19.54 -13.07
N ARG B 289 18.88 -20.68 -13.58
CA ARG B 289 18.53 -21.79 -12.70
C ARG B 289 18.45 -23.09 -13.49
N VAL B 290 18.36 -24.19 -12.74
CA VAL B 290 18.31 -25.55 -13.29
C VAL B 290 16.90 -26.09 -13.20
N VAL B 291 16.43 -26.71 -14.29
CA VAL B 291 15.11 -27.33 -14.35
C VAL B 291 15.15 -28.73 -13.73
N PRO B 292 14.12 -29.13 -12.97
CA PRO B 292 14.14 -30.47 -12.37
C PRO B 292 13.95 -31.57 -13.39
N SER B 293 14.46 -32.77 -13.06
CA SER B 293 14.60 -33.85 -14.00
C SER B 293 13.72 -35.07 -13.70
N GLY B 294 12.88 -35.04 -12.68
CA GLY B 294 12.14 -36.24 -12.34
C GLY B 294 11.23 -36.03 -11.14
N ASP B 295 10.54 -37.10 -10.77
CA ASP B 295 9.48 -37.07 -9.76
C ASP B 295 9.64 -38.21 -8.77
N VAL B 296 9.43 -37.90 -7.49
CA VAL B 296 9.46 -38.88 -6.40
C VAL B 296 8.13 -38.82 -5.65
N VAL B 297 7.51 -39.98 -5.45
CA VAL B 297 6.28 -40.12 -4.69
C VAL B 297 6.46 -41.25 -3.69
N ARG B 298 6.08 -41.02 -2.43
CA ARG B 298 6.60 -41.84 -1.34
C ARG B 298 5.57 -41.98 -0.22
N PHE B 299 4.31 -42.19 -0.58
CA PHE B 299 3.29 -42.46 0.42
C PHE B 299 3.61 -43.75 1.19
N PRO B 300 3.14 -43.87 2.42
CA PRO B 300 3.25 -45.15 3.13
C PRO B 300 2.36 -46.22 2.50
N ASN B 301 2.65 -47.47 2.84
CA ASN B 301 1.92 -48.63 2.31
C ASN B 301 0.83 -49.12 3.26
N ILE B 302 -0.40 -49.11 2.77
CA ILE B 302 -1.62 -49.39 3.54
C ILE B 302 -2.52 -50.24 2.65
N THR B 303 -3.20 -51.22 3.24
CA THR B 303 -3.87 -52.26 2.45
C THR B 303 -5.34 -52.50 2.78
N ASN B 304 -5.92 -51.76 3.72
CA ASN B 304 -7.33 -51.90 4.06
C ASN B 304 -8.16 -50.77 3.46
N LEU B 305 -9.46 -51.01 3.37
CA LEU B 305 -10.41 -50.05 2.81
C LEU B 305 -11.26 -49.45 3.92
N CYS B 306 -11.32 -48.12 3.95
CA CYS B 306 -12.06 -47.39 4.97
C CYS B 306 -13.52 -47.84 5.02
N PRO B 307 -14.02 -48.25 6.19
CA PRO B 307 -15.41 -48.69 6.31
C PRO B 307 -16.39 -47.57 6.63
N PHE B 308 -16.25 -46.42 5.96
CA PHE B 308 -17.11 -45.27 6.24
C PHE B 308 -18.59 -45.63 6.23
N GLY B 309 -18.98 -46.60 5.39
CA GLY B 309 -20.36 -47.03 5.35
C GLY B 309 -20.90 -47.51 6.67
N GLU B 310 -20.02 -47.90 7.60
CA GLU B 310 -20.49 -48.30 8.92
C GLU B 310 -21.02 -47.12 9.72
N VAL B 311 -20.60 -45.91 9.40
CA VAL B 311 -21.19 -44.71 9.96
C VAL B 311 -22.36 -44.21 9.10
N PHE B 312 -22.12 -44.02 7.81
CA PHE B 312 -23.11 -43.38 6.95
C PHE B 312 -24.34 -44.24 6.74
N ASN B 313 -24.17 -45.56 6.61
CA ASN B 313 -25.27 -46.45 6.30
C ASN B 313 -25.90 -47.05 7.55
N ALA B 314 -25.61 -46.47 8.72
CA ALA B 314 -26.19 -46.94 9.98
C ALA B 314 -27.71 -46.80 9.98
N THR B 315 -28.38 -47.79 10.59
CA THR B 315 -29.83 -47.81 10.60
C THR B 315 -30.44 -46.68 11.43
N LYS B 316 -29.79 -46.26 12.52
CA LYS B 316 -30.37 -45.28 13.43
C LYS B 316 -29.31 -44.29 13.87
N PHE B 317 -29.70 -43.04 14.00
CA PHE B 317 -28.82 -41.99 14.46
C PHE B 317 -29.12 -41.65 15.92
N PRO B 318 -28.17 -41.03 16.62
CA PRO B 318 -28.41 -40.62 18.00
C PRO B 318 -29.19 -39.32 18.11
N SER B 319 -29.75 -39.11 19.30
CA SER B 319 -30.36 -37.82 19.63
C SER B 319 -29.29 -36.74 19.76
N VAL B 320 -29.60 -35.56 19.20
CA VAL B 320 -28.61 -34.50 19.05
C VAL B 320 -27.94 -34.12 20.36
N TYR B 321 -28.65 -34.20 21.49
CA TYR B 321 -28.03 -33.79 22.75
C TYR B 321 -26.83 -34.67 23.10
N ALA B 322 -26.87 -35.95 22.76
CA ALA B 322 -25.77 -36.87 23.04
C ALA B 322 -25.27 -37.49 21.73
N TRP B 323 -24.56 -36.69 20.95
CA TRP B 323 -23.98 -37.16 19.70
C TRP B 323 -22.81 -38.11 19.96
N GLU B 324 -22.60 -39.04 19.03
CA GLU B 324 -21.57 -40.05 19.13
C GLU B 324 -20.39 -39.73 18.22
N ARG B 325 -19.19 -40.17 18.63
CA ARG B 325 -17.96 -39.96 17.88
C ARG B 325 -17.30 -41.31 17.60
N LYS B 326 -16.92 -41.53 16.33
CA LYS B 326 -16.24 -42.74 15.92
C LYS B 326 -14.94 -42.39 15.19
N LYS B 327 -13.92 -43.22 15.40
CA LYS B 327 -12.60 -43.02 14.81
C LYS B 327 -12.37 -43.98 13.64
N ILE B 328 -11.75 -43.46 12.58
CA ILE B 328 -11.38 -44.24 11.40
C ILE B 328 -9.88 -44.07 11.17
N SER B 329 -9.18 -45.18 10.95
CA SER B 329 -7.73 -45.12 10.78
C SER B 329 -7.23 -46.34 10.03
N ASN B 330 -6.00 -46.21 9.51
CA ASN B 330 -5.29 -47.30 8.81
C ASN B 330 -6.10 -47.87 7.65
N CYS B 331 -6.56 -46.98 6.76
CA CYS B 331 -7.32 -47.41 5.60
C CYS B 331 -7.14 -46.38 4.50
N VAL B 332 -7.46 -46.79 3.27
CA VAL B 332 -7.40 -45.92 2.10
C VAL B 332 -8.72 -45.96 1.37
N ALA B 333 -9.23 -44.80 0.96
CA ALA B 333 -10.49 -44.72 0.23
C ALA B 333 -10.51 -43.41 -0.55
N ASP B 334 -11.41 -43.36 -1.53
CA ASP B 334 -11.55 -42.19 -2.39
C ASP B 334 -12.76 -41.35 -1.96
N TYR B 335 -12.58 -40.04 -1.96
CA TYR B 335 -13.66 -39.10 -1.69
C TYR B 335 -14.43 -38.69 -2.93
N SER B 336 -13.92 -39.00 -4.12
CA SER B 336 -14.49 -38.50 -5.36
C SER B 336 -15.92 -38.96 -5.60
N VAL B 337 -16.42 -39.96 -4.87
CA VAL B 337 -17.80 -40.38 -5.01
C VAL B 337 -18.75 -39.28 -4.54
N LEU B 338 -18.69 -38.95 -3.25
CA LEU B 338 -19.57 -37.96 -2.64
C LEU B 338 -19.39 -36.55 -3.17
N TYR B 339 -18.36 -36.29 -3.98
CA TYR B 339 -18.16 -34.94 -4.50
C TYR B 339 -19.07 -34.64 -5.69
N ASN B 340 -19.09 -35.54 -6.67
CA ASN B 340 -19.85 -35.35 -7.90
C ASN B 340 -21.18 -36.09 -7.90
N SER B 341 -21.71 -36.41 -6.72
CA SER B 341 -22.98 -37.10 -6.56
C SER B 341 -24.01 -36.07 -6.11
N THR B 342 -25.27 -36.29 -6.51
CA THR B 342 -26.35 -35.36 -6.16
C THR B 342 -27.12 -35.74 -4.89
N PHE B 343 -26.74 -36.83 -4.21
CA PHE B 343 -27.58 -37.33 -3.12
C PHE B 343 -27.71 -36.33 -1.98
N PHE B 344 -26.72 -35.44 -1.82
CA PHE B 344 -26.60 -34.59 -0.63
C PHE B 344 -27.20 -33.22 -0.89
N SER B 345 -28.03 -32.76 0.04
CA SER B 345 -28.72 -31.47 -0.11
C SER B 345 -27.78 -30.29 0.07
N THR B 346 -26.73 -30.40 0.88
CA THR B 346 -25.72 -29.34 0.91
C THR B 346 -24.33 -29.90 1.18
N PHE B 347 -23.33 -29.23 0.61
CA PHE B 347 -21.92 -29.56 0.82
C PHE B 347 -21.15 -28.31 1.23
N LYS B 348 -20.55 -28.35 2.42
CA LYS B 348 -19.76 -27.24 2.94
C LYS B 348 -18.41 -27.78 3.38
N CYS B 349 -17.33 -27.16 2.91
CA CYS B 349 -15.99 -27.58 3.30
C CYS B 349 -15.19 -26.35 3.72
N TYR B 350 -14.40 -26.50 4.78
CA TYR B 350 -13.61 -25.40 5.31
C TYR B 350 -12.14 -25.78 5.36
N GLY B 351 -11.27 -24.77 5.25
CA GLY B 351 -9.84 -24.98 5.26
C GLY B 351 -9.25 -25.65 4.03
N VAL B 352 -9.99 -26.57 3.42
CA VAL B 352 -9.51 -27.32 2.27
C VAL B 352 -10.63 -27.43 1.24
N SER B 353 -10.26 -27.37 -0.04
CA SER B 353 -11.22 -27.50 -1.12
C SER B 353 -11.50 -28.97 -1.41
N ALA B 354 -12.76 -29.29 -1.70
CA ALA B 354 -13.17 -30.69 -1.84
C ALA B 354 -12.57 -31.37 -3.06
N THR B 355 -12.17 -30.61 -4.08
CA THR B 355 -11.57 -31.21 -5.26
C THR B 355 -10.26 -31.92 -4.94
N LYS B 356 -9.53 -31.47 -3.94
CA LYS B 356 -8.16 -31.92 -3.70
C LYS B 356 -8.03 -32.92 -2.55
N LEU B 357 -9.13 -33.34 -1.94
CA LEU B 357 -9.07 -34.30 -0.84
C LEU B 357 -8.38 -35.60 -1.23
N ASN B 358 -8.28 -35.92 -2.52
CA ASN B 358 -7.63 -37.16 -2.94
C ASN B 358 -6.11 -37.07 -2.99
N ASP B 359 -5.53 -35.92 -2.71
CA ASP B 359 -4.08 -35.77 -2.74
C ASP B 359 -3.46 -35.60 -1.36
N LEU B 360 -4.21 -35.85 -0.30
CA LEU B 360 -3.77 -35.52 1.06
C LEU B 360 -3.80 -36.75 1.95
N CYS B 361 -2.94 -36.73 2.97
CA CYS B 361 -2.85 -37.78 3.97
C CYS B 361 -3.19 -37.22 5.33
N PHE B 362 -4.00 -37.95 6.10
CA PHE B 362 -4.47 -37.52 7.40
C PHE B 362 -4.10 -38.56 8.46
N SER B 363 -3.77 -38.08 9.66
CA SER B 363 -3.39 -38.98 10.74
C SER B 363 -4.60 -39.70 11.32
N ASN B 364 -5.74 -39.02 11.43
CA ASN B 364 -6.98 -39.66 11.83
C ASN B 364 -8.15 -38.90 11.20
N VAL B 365 -9.29 -39.59 11.12
CA VAL B 365 -10.58 -38.96 10.84
C VAL B 365 -11.51 -39.25 12.00
N TYR B 366 -12.24 -38.24 12.45
CA TYR B 366 -13.30 -38.40 13.44
C TYR B 366 -14.63 -38.03 12.82
N ALA B 367 -15.60 -38.95 12.88
CA ALA B 367 -16.93 -38.73 12.34
C ALA B 367 -17.92 -38.50 13.47
N ASP B 368 -18.62 -37.36 13.42
CA ASP B 368 -19.65 -37.02 14.39
C ASP B 368 -21.01 -37.06 13.72
N SER B 369 -22.01 -37.61 14.42
CA SER B 369 -23.30 -37.90 13.83
C SER B 369 -24.43 -37.50 14.78
N PHE B 370 -25.47 -36.88 14.22
CA PHE B 370 -26.67 -36.53 14.99
C PHE B 370 -27.79 -36.16 14.02
N VAL B 371 -29.01 -36.14 14.56
CA VAL B 371 -30.21 -35.70 13.84
C VAL B 371 -30.47 -34.23 14.13
N VAL B 372 -30.87 -33.48 13.10
CA VAL B 372 -31.16 -32.06 13.22
C VAL B 372 -32.56 -31.80 12.68
N LYS B 373 -33.21 -30.77 13.22
CA LYS B 373 -34.61 -30.48 12.93
C LYS B 373 -34.69 -29.38 11.87
N GLY B 374 -35.27 -29.71 10.73
CA GLY B 374 -35.65 -28.70 9.75
C GLY B 374 -34.49 -27.90 9.22
N ASP B 375 -34.65 -26.57 9.25
CA ASP B 375 -33.67 -25.62 8.75
C ASP B 375 -32.53 -25.33 9.70
N ASP B 376 -32.50 -25.95 10.88
CA ASP B 376 -31.43 -25.74 11.84
C ASP B 376 -30.08 -26.21 11.31
N VAL B 377 -30.07 -26.81 10.11
CA VAL B 377 -28.81 -27.07 9.42
C VAL B 377 -28.00 -25.78 9.25
N ARG B 378 -28.67 -24.63 9.21
CA ARG B 378 -27.94 -23.37 9.19
C ARG B 378 -27.16 -23.13 10.47
N GLN B 379 -27.58 -23.73 11.59
CA GLN B 379 -26.92 -23.50 12.86
C GLN B 379 -25.63 -24.30 13.01
N ILE B 380 -25.44 -25.36 12.24
CA ILE B 380 -24.23 -26.17 12.33
C ILE B 380 -23.13 -25.53 11.51
N ALA B 381 -22.56 -24.45 12.02
CA ALA B 381 -21.48 -23.74 11.35
C ALA B 381 -20.71 -22.94 12.39
N PRO B 382 -19.47 -22.57 12.11
CA PRO B 382 -18.70 -21.76 13.07
C PRO B 382 -19.32 -20.38 13.24
N GLY B 383 -19.48 -19.97 14.50
CA GLY B 383 -19.96 -18.64 14.82
C GLY B 383 -21.46 -18.47 14.88
N GLN B 384 -22.23 -19.55 14.72
CA GLN B 384 -23.68 -19.45 14.84
C GLN B 384 -24.08 -19.32 16.31
N THR B 385 -25.28 -18.77 16.51
CA THR B 385 -25.85 -18.60 17.84
C THR B 385 -27.32 -19.01 17.80
N GLY B 386 -27.82 -19.48 18.94
CA GLY B 386 -29.13 -20.07 19.00
C GLY B 386 -29.19 -21.25 19.95
N VAL B 387 -30.38 -21.83 20.09
CA VAL B 387 -30.58 -22.90 21.08
C VAL B 387 -29.70 -24.10 20.78
N ILE B 388 -29.57 -24.47 19.50
CA ILE B 388 -28.75 -25.62 19.16
C ILE B 388 -27.27 -25.27 19.20
N ALA B 389 -26.90 -24.16 18.55
CA ALA B 389 -25.49 -23.77 18.45
C ALA B 389 -24.86 -23.48 19.79
N ASP B 390 -25.66 -23.29 20.84
CA ASP B 390 -25.12 -22.96 22.14
C ASP B 390 -25.35 -24.04 23.19
N TYR B 391 -26.47 -24.76 23.12
CA TYR B 391 -26.74 -25.81 24.08
C TYR B 391 -26.52 -27.21 23.55
N ASN B 392 -27.10 -27.55 22.39
CA ASN B 392 -26.97 -28.90 21.87
C ASN B 392 -25.56 -29.23 21.36
N TYR B 393 -24.93 -28.31 20.63
CA TYR B 393 -23.64 -28.62 20.04
C TYR B 393 -22.90 -27.31 19.78
N LYS B 394 -21.57 -27.40 19.60
CA LYS B 394 -20.76 -26.21 19.41
C LYS B 394 -19.47 -26.56 18.68
N LEU B 395 -19.16 -25.81 17.61
CA LEU B 395 -17.99 -25.93 16.75
C LEU B 395 -16.94 -24.86 17.09
N PRO B 396 -15.67 -25.21 17.07
CA PRO B 396 -14.63 -24.25 17.43
C PRO B 396 -14.44 -23.20 16.34
N ASP B 397 -13.68 -22.15 16.72
CA ASP B 397 -13.43 -21.07 15.77
C ASP B 397 -12.58 -21.52 14.60
N ASP B 398 -11.51 -22.27 14.86
CA ASP B 398 -10.64 -22.78 13.79
C ASP B 398 -11.02 -24.21 13.41
N PHE B 399 -12.25 -24.35 12.94
CA PHE B 399 -12.72 -25.65 12.47
C PHE B 399 -12.06 -25.99 11.14
N MET B 400 -11.83 -27.29 10.93
CA MET B 400 -11.26 -27.75 9.66
C MET B 400 -11.85 -29.10 9.32
N GLY B 401 -12.70 -29.13 8.30
CA GLY B 401 -13.38 -30.34 7.90
C GLY B 401 -14.51 -30.00 6.96
N CYS B 402 -15.39 -30.99 6.74
CA CYS B 402 -16.53 -30.82 5.85
C CYS B 402 -17.82 -31.22 6.57
N VAL B 403 -18.91 -30.54 6.20
CA VAL B 403 -20.23 -30.76 6.77
C VAL B 403 -21.15 -31.30 5.68
N LEU B 404 -21.90 -32.37 6.00
CA LEU B 404 -22.79 -33.02 5.06
C LEU B 404 -24.18 -33.14 5.65
N ALA B 405 -25.21 -33.09 4.79
CA ALA B 405 -26.58 -33.33 5.22
C ALA B 405 -27.41 -33.87 4.05
N TRP B 406 -28.43 -34.67 4.39
CA TRP B 406 -29.41 -35.13 3.40
C TRP B 406 -30.77 -35.35 4.05
N ASN B 407 -31.83 -35.22 3.25
CA ASN B 407 -33.21 -35.31 3.71
C ASN B 407 -33.64 -36.77 3.84
N THR B 408 -34.37 -37.08 4.91
CA THR B 408 -34.74 -38.45 5.26
C THR B 408 -36.22 -38.66 5.56
N ARG B 409 -37.14 -37.87 4.98
CA ARG B 409 -38.55 -38.02 5.34
C ARG B 409 -39.08 -39.43 5.14
N ASN B 410 -38.43 -40.23 4.28
CA ASN B 410 -38.94 -41.56 3.99
C ASN B 410 -38.99 -42.47 5.22
N ILE B 411 -37.95 -42.45 6.05
CA ILE B 411 -37.91 -43.33 7.21
C ILE B 411 -37.89 -42.59 8.54
N ASP B 412 -37.62 -41.29 8.56
CA ASP B 412 -37.58 -40.57 9.83
C ASP B 412 -38.90 -39.89 10.21
N ALA B 413 -39.95 -40.02 9.41
CA ALA B 413 -41.19 -39.35 9.75
C ALA B 413 -42.38 -40.20 9.33
N THR B 414 -43.54 -39.90 9.93
CA THR B 414 -44.78 -40.59 9.63
C THR B 414 -45.95 -39.68 9.95
N SER B 415 -47.14 -40.10 9.53
CA SER B 415 -48.32 -39.24 9.68
C SER B 415 -48.72 -39.09 11.14
N THR B 416 -48.70 -40.17 11.91
CA THR B 416 -48.94 -40.07 13.35
C THR B 416 -47.81 -39.36 14.07
N GLY B 417 -46.62 -39.31 13.46
CA GLY B 417 -45.45 -38.71 14.07
C GLY B 417 -44.59 -39.70 14.82
N ASN B 418 -43.30 -39.38 14.88
CA ASN B 418 -42.33 -40.11 15.69
C ASN B 418 -41.78 -39.17 16.73
N TYR B 419 -41.71 -39.64 17.98
CA TYR B 419 -41.48 -38.76 19.13
C TYR B 419 -40.28 -39.22 19.94
N ASN B 420 -39.25 -39.74 19.27
CA ASN B 420 -38.13 -40.37 19.94
C ASN B 420 -36.95 -39.44 20.21
N TYR B 421 -37.03 -38.17 19.83
CA TYR B 421 -35.88 -37.28 19.87
C TYR B 421 -36.12 -36.12 20.82
N LYS B 422 -35.03 -35.61 21.39
CA LYS B 422 -35.09 -34.57 22.41
C LYS B 422 -33.96 -33.57 22.21
N TYR B 423 -34.12 -32.38 22.77
CA TYR B 423 -33.08 -31.37 22.77
C TYR B 423 -33.17 -30.52 24.02
N ARG B 424 -32.01 -30.06 24.49
CA ARG B 424 -31.87 -29.31 25.74
C ARG B 424 -31.86 -27.81 25.44
N TYR B 425 -32.95 -27.12 25.82
CA TYR B 425 -33.04 -25.68 25.63
C TYR B 425 -32.74 -24.85 26.87
N LEU B 426 -32.62 -25.46 28.05
CA LEU B 426 -32.34 -24.73 29.28
C LEU B 426 -31.03 -25.19 29.93
N ARG B 427 -30.15 -24.23 30.21
CA ARG B 427 -28.88 -24.52 30.87
C ARG B 427 -28.30 -23.22 31.40
N HIS B 428 -27.67 -23.30 32.58
CA HIS B 428 -27.04 -22.13 33.20
C HIS B 428 -25.79 -21.64 32.48
N GLY B 429 -25.41 -22.26 31.37
CA GLY B 429 -24.21 -21.82 30.67
C GLY B 429 -23.95 -22.56 29.37
N LYS B 430 -23.45 -21.83 28.37
CA LYS B 430 -23.22 -22.42 27.06
C LYS B 430 -22.03 -23.37 27.09
N LEU B 431 -22.11 -24.41 26.26
CA LEU B 431 -21.03 -25.39 26.15
C LEU B 431 -19.78 -24.79 25.53
N ARG B 432 -18.65 -25.38 25.88
CA ARG B 432 -17.38 -25.11 25.22
C ARG B 432 -17.26 -26.04 24.01
N PRO B 433 -16.28 -25.80 23.13
CA PRO B 433 -16.20 -26.61 21.90
C PRO B 433 -16.17 -28.12 22.16
N PHE B 434 -17.06 -28.83 21.45
CA PHE B 434 -17.23 -30.28 21.51
C PHE B 434 -17.51 -30.81 22.92
N GLU B 435 -18.01 -29.98 23.84
CA GLU B 435 -18.41 -30.52 25.12
C GLU B 435 -19.69 -31.36 24.98
N ARG B 436 -20.02 -32.09 26.04
CA ARG B 436 -21.25 -32.87 26.08
C ARG B 436 -21.77 -32.90 27.50
N ASP B 437 -23.09 -32.91 27.64
CA ASP B 437 -23.74 -33.04 28.95
C ASP B 437 -25.00 -33.88 28.76
N ILE B 438 -25.02 -35.06 29.37
CA ILE B 438 -26.15 -35.98 29.23
C ILE B 438 -26.91 -36.08 30.56
N SER B 439 -26.82 -35.03 31.38
CA SER B 439 -27.50 -35.01 32.67
C SER B 439 -28.97 -34.65 32.52
N ASN B 440 -29.84 -35.41 33.18
CA ASN B 440 -31.28 -35.15 33.22
C ASN B 440 -31.72 -35.02 34.67
N VAL B 441 -32.17 -33.82 35.05
CA VAL B 441 -32.48 -33.48 36.44
C VAL B 441 -33.58 -32.42 36.43
N PRO B 442 -34.31 -32.23 37.54
CA PRO B 442 -35.22 -31.08 37.63
C PRO B 442 -34.44 -29.76 37.62
N PHE B 443 -35.03 -28.76 36.98
CA PHE B 443 -34.40 -27.46 36.81
C PHE B 443 -35.29 -26.37 37.40
N SER B 444 -34.67 -25.43 38.12
CA SER B 444 -35.36 -24.26 38.64
C SER B 444 -34.49 -23.02 38.43
N PRO B 445 -35.06 -21.92 37.92
CA PRO B 445 -34.24 -20.76 37.56
C PRO B 445 -33.45 -20.16 38.72
N ASP B 446 -33.77 -20.51 39.97
CA ASP B 446 -33.05 -19.94 41.11
C ASP B 446 -31.65 -20.53 41.25
N GLY B 447 -31.38 -21.66 40.61
CA GLY B 447 -30.12 -22.35 40.82
C GLY B 447 -30.08 -23.19 42.07
N LYS B 448 -31.24 -23.61 42.58
CA LYS B 448 -31.32 -24.49 43.73
C LYS B 448 -32.20 -25.68 43.40
N PRO B 449 -31.98 -26.82 44.04
CA PRO B 449 -32.74 -28.03 43.69
C PRO B 449 -34.21 -27.89 44.08
N CYS B 450 -35.06 -28.58 43.31
CA CYS B 450 -36.48 -28.64 43.62
C CYS B 450 -37.04 -29.90 42.97
N THR B 451 -38.31 -30.18 43.24
CA THR B 451 -38.98 -31.35 42.69
C THR B 451 -40.37 -30.94 42.20
N PRO B 452 -40.74 -31.27 40.98
CA PRO B 452 -42.06 -30.92 40.48
C PRO B 452 -43.12 -31.76 41.16
N PRO B 453 -44.39 -31.29 41.18
CA PRO B 453 -44.95 -30.14 40.47
C PRO B 453 -44.79 -28.81 41.18
N ALA B 454 -43.85 -28.73 42.13
CA ALA B 454 -43.67 -27.52 42.91
C ALA B 454 -43.29 -26.34 42.02
N LEU B 455 -43.27 -25.16 42.63
CA LEU B 455 -43.12 -23.92 41.88
C LEU B 455 -41.82 -23.88 41.08
N ASN B 456 -41.93 -23.45 39.82
CA ASN B 456 -40.79 -23.21 38.94
C ASN B 456 -39.84 -24.41 38.85
N CYS B 457 -40.42 -25.61 38.76
CA CYS B 457 -39.64 -26.82 38.54
C CYS B 457 -39.91 -27.33 37.14
N TYR B 458 -38.85 -27.66 36.41
CA TYR B 458 -38.96 -27.97 34.99
C TYR B 458 -37.98 -29.08 34.63
N TRP B 459 -38.12 -29.58 33.41
CA TRP B 459 -37.15 -30.47 32.80
C TRP B 459 -36.39 -29.71 31.72
N PRO B 460 -35.06 -29.74 31.73
CA PRO B 460 -34.30 -28.81 30.88
C PRO B 460 -34.26 -29.20 29.41
N LEU B 461 -34.79 -30.36 29.04
CA LEU B 461 -34.78 -30.81 27.66
C LEU B 461 -36.19 -31.10 27.19
N ASN B 462 -36.46 -30.75 25.93
CA ASN B 462 -37.81 -30.80 25.37
C ASN B 462 -37.95 -31.99 24.45
N ASP B 463 -38.99 -32.80 24.68
CA ASP B 463 -39.35 -33.83 23.72
C ASP B 463 -39.94 -33.22 22.47
N TYR B 464 -39.77 -33.91 21.34
CA TYR B 464 -40.16 -33.38 20.05
C TYR B 464 -40.62 -34.52 19.16
N GLY B 465 -41.31 -34.17 18.08
CA GLY B 465 -41.62 -35.13 17.05
C GLY B 465 -41.88 -34.47 15.71
N PHE B 466 -41.58 -35.21 14.64
CA PHE B 466 -41.79 -34.76 13.28
C PHE B 466 -43.11 -35.29 12.73
N TYR B 467 -43.55 -34.70 11.61
CA TYR B 467 -44.73 -35.11 10.89
C TYR B 467 -44.40 -35.27 9.41
N THR B 468 -45.06 -36.23 8.76
CA THR B 468 -44.81 -36.46 7.34
C THR B 468 -45.22 -35.26 6.49
N THR B 469 -46.21 -34.48 6.93
CA THR B 469 -46.68 -33.31 6.20
C THR B 469 -45.97 -32.03 6.63
N THR B 470 -44.80 -32.13 7.26
CA THR B 470 -43.98 -30.96 7.52
C THR B 470 -43.59 -30.27 6.22
N GLY B 471 -43.44 -28.94 6.29
CA GLY B 471 -42.93 -28.19 5.18
C GLY B 471 -41.42 -28.26 5.07
N ILE B 472 -40.89 -27.71 3.96
CA ILE B 472 -39.48 -27.85 3.64
C ILE B 472 -38.60 -27.39 4.80
N GLY B 473 -39.01 -26.33 5.48
CA GLY B 473 -38.32 -25.85 6.66
C GLY B 473 -38.43 -26.71 7.90
N TYR B 474 -39.10 -27.86 7.85
CA TYR B 474 -39.37 -28.62 9.05
C TYR B 474 -38.95 -30.09 9.03
N GLN B 475 -38.76 -30.70 7.87
CA GLN B 475 -38.49 -32.14 7.84
C GLN B 475 -37.21 -32.46 8.60
N PRO B 476 -37.09 -33.68 9.13
CA PRO B 476 -35.83 -34.07 9.78
C PRO B 476 -34.73 -34.29 8.77
N TYR B 477 -33.51 -33.95 9.18
CA TYR B 477 -32.31 -34.19 8.39
C TYR B 477 -31.29 -34.96 9.22
N ARG B 478 -30.52 -35.80 8.55
CA ARG B 478 -29.33 -36.41 9.13
C ARG B 478 -28.10 -35.59 8.76
N VAL B 479 -27.19 -35.44 9.71
CA VAL B 479 -25.98 -34.64 9.53
C VAL B 479 -24.79 -35.48 9.97
N VAL B 480 -23.69 -35.37 9.22
CA VAL B 480 -22.42 -35.99 9.58
C VAL B 480 -21.33 -34.94 9.43
N VAL B 481 -20.46 -34.84 10.42
CA VAL B 481 -19.32 -33.92 10.40
C VAL B 481 -18.04 -34.73 10.42
N LEU B 482 -17.16 -34.45 9.46
CA LEU B 482 -15.86 -35.11 9.35
C LEU B 482 -14.78 -34.10 9.73
N SER B 483 -13.98 -34.43 10.73
CA SER B 483 -12.90 -33.58 11.19
C SER B 483 -11.57 -34.23 10.85
N PHE B 484 -10.71 -33.50 10.15
CA PHE B 484 -9.48 -34.04 9.60
C PHE B 484 -8.31 -33.61 10.48
N GLU B 485 -7.63 -34.59 11.07
CA GLU B 485 -6.53 -34.33 12.00
C GLU B 485 -5.23 -34.32 11.21
N LEU B 486 -4.69 -33.14 10.96
CA LEU B 486 -3.42 -33.02 10.23
C LEU B 486 -2.24 -33.07 11.18
N LEU B 487 -2.26 -34.03 12.10
CA LEU B 487 -1.18 -34.14 13.06
C LEU B 487 0.12 -34.49 12.34
N ASN B 488 1.21 -33.88 12.80
CA ASN B 488 2.54 -34.11 12.23
C ASN B 488 3.15 -35.34 12.90
N ALA B 489 2.63 -36.50 12.50
CA ALA B 489 3.01 -37.80 12.99
C ALA B 489 2.74 -38.78 11.85
N PRO B 490 3.03 -40.08 11.98
CA PRO B 490 2.77 -40.96 10.84
C PRO B 490 1.30 -40.99 10.46
N ALA B 491 1.03 -40.85 9.17
CA ALA B 491 -0.33 -40.81 8.67
C ALA B 491 -0.91 -42.22 8.57
N THR B 492 -2.20 -42.35 8.87
CA THR B 492 -2.90 -43.62 8.77
C THR B 492 -3.81 -43.70 7.55
N VAL B 493 -4.53 -42.63 7.23
CA VAL B 493 -5.47 -42.59 6.12
C VAL B 493 -4.85 -41.79 4.99
N CYS B 494 -4.93 -42.33 3.77
CA CYS B 494 -4.35 -41.66 2.61
C CYS B 494 -5.20 -41.96 1.38
N GLY B 495 -5.09 -41.07 0.39
CA GLY B 495 -5.67 -41.30 -0.91
C GLY B 495 -4.82 -42.19 -1.79
N PRO B 496 -5.44 -42.81 -2.80
CA PRO B 496 -4.72 -43.80 -3.61
C PRO B 496 -3.72 -43.15 -4.56
N LYS B 497 -2.45 -43.53 -4.42
CA LYS B 497 -1.39 -43.08 -5.31
C LYS B 497 -0.38 -44.20 -5.46
N LEU B 498 0.23 -44.26 -6.64
CA LEU B 498 1.40 -45.12 -6.86
C LEU B 498 2.68 -44.42 -6.42
N SER B 499 3.58 -45.17 -5.81
CA SER B 499 4.86 -44.65 -5.36
C SER B 499 5.95 -44.92 -6.38
N THR B 500 7.13 -44.35 -6.13
CA THR B 500 8.32 -44.60 -6.93
C THR B 500 9.49 -44.92 -6.00
N ASP B 501 10.62 -45.26 -6.59
CA ASP B 501 11.88 -45.29 -5.87
C ASP B 501 12.40 -43.87 -5.62
N LEU B 502 13.40 -43.75 -4.76
CA LEU B 502 14.07 -42.48 -4.52
C LEU B 502 15.08 -42.19 -5.63
N ILE B 503 15.36 -40.90 -5.81
CA ILE B 503 16.35 -40.45 -6.79
C ILE B 503 17.27 -39.44 -6.12
N LYS B 504 18.23 -39.93 -5.34
CA LYS B 504 19.09 -39.06 -4.57
C LYS B 504 20.05 -38.27 -5.47
N ASN B 505 20.52 -37.13 -4.94
CA ASN B 505 21.57 -36.32 -5.56
C ASN B 505 21.20 -35.77 -6.92
N GLN B 506 19.92 -35.55 -7.20
CA GLN B 506 19.50 -34.93 -8.44
C GLN B 506 18.34 -33.99 -8.18
N CYS B 507 18.27 -32.91 -8.97
CA CYS B 507 17.18 -31.96 -8.88
C CYS B 507 15.91 -32.63 -9.36
N VAL B 508 14.97 -32.87 -8.44
CA VAL B 508 13.73 -33.57 -8.74
C VAL B 508 12.56 -32.93 -8.01
N ASN B 509 11.36 -33.12 -8.57
CA ASN B 509 10.14 -32.91 -7.82
C ASN B 509 9.99 -34.00 -6.76
N PHE B 510 9.49 -33.62 -5.60
CA PHE B 510 9.28 -34.58 -4.52
C PHE B 510 7.93 -34.35 -3.84
N ASN B 511 7.25 -35.45 -3.51
CA ASN B 511 5.95 -35.44 -2.83
C ASN B 511 5.98 -36.50 -1.72
N PHE B 512 6.75 -36.25 -0.66
CA PHE B 512 6.93 -37.26 0.37
C PHE B 512 5.62 -37.63 1.05
N ASN B 513 4.87 -36.65 1.53
CA ASN B 513 3.60 -36.97 2.19
C ASN B 513 2.71 -35.73 2.25
N GLY B 514 2.23 -35.28 1.11
CA GLY B 514 1.43 -34.08 1.06
C GLY B 514 2.22 -32.80 1.07
N LEU B 515 3.55 -32.90 1.05
CA LEU B 515 4.45 -31.76 1.00
C LEU B 515 5.12 -31.76 -0.36
N THR B 516 5.15 -30.61 -1.02
CA THR B 516 5.62 -30.55 -2.40
C THR B 516 6.67 -29.47 -2.55
N GLY B 517 7.61 -29.73 -3.46
CA GLY B 517 8.63 -28.77 -3.77
C GLY B 517 9.61 -29.36 -4.76
N THR B 518 10.77 -28.74 -4.87
CA THR B 518 11.87 -29.25 -5.67
C THR B 518 13.16 -29.13 -4.88
N GLY B 519 14.04 -30.11 -5.02
CA GLY B 519 15.29 -30.04 -4.29
C GLY B 519 16.20 -31.21 -4.56
N VAL B 520 17.31 -31.22 -3.82
CA VAL B 520 18.34 -32.25 -3.91
C VAL B 520 18.30 -33.07 -2.62
N LEU B 521 17.86 -34.32 -2.74
CA LEU B 521 17.78 -35.21 -1.58
C LEU B 521 19.14 -35.84 -1.29
N THR B 522 19.50 -35.89 -0.01
CA THR B 522 20.76 -36.46 0.44
C THR B 522 20.55 -37.15 1.79
N PRO B 523 21.38 -38.14 2.11
CA PRO B 523 21.33 -38.71 3.47
C PRO B 523 21.80 -37.71 4.51
N SER B 524 21.42 -37.98 5.76
CA SER B 524 21.53 -36.99 6.83
C SER B 524 22.00 -37.67 8.11
N SER B 525 22.38 -36.84 9.09
CA SER B 525 22.78 -37.31 10.42
C SER B 525 21.87 -36.73 11.50
N LYS B 526 20.64 -36.40 11.16
CA LYS B 526 19.65 -36.03 12.16
C LYS B 526 19.31 -37.23 13.05
N ARG B 527 18.73 -36.93 14.22
CA ARG B 527 18.34 -37.97 15.19
C ARG B 527 16.95 -37.58 15.70
N PHE B 528 15.92 -38.05 15.00
CA PHE B 528 14.55 -37.73 15.38
C PHE B 528 14.12 -38.54 16.60
N GLN B 529 13.27 -37.93 17.41
CA GLN B 529 12.57 -38.66 18.45
C GLN B 529 11.41 -39.45 17.83
N PRO B 530 11.00 -40.55 18.45
CA PRO B 530 9.95 -41.39 17.86
C PRO B 530 8.63 -40.68 17.62
N PHE B 531 8.44 -39.48 18.17
CA PHE B 531 7.19 -38.74 17.99
C PHE B 531 7.36 -37.52 17.09
N GLN B 532 8.47 -37.42 16.36
CA GLN B 532 8.73 -36.28 15.49
C GLN B 532 8.92 -36.76 14.06
N GLN B 533 8.18 -36.16 13.13
CA GLN B 533 8.27 -36.54 11.71
C GLN B 533 8.84 -35.45 10.81
N PHE B 534 8.97 -34.21 11.27
CA PHE B 534 9.48 -33.16 10.41
C PHE B 534 10.39 -32.23 11.20
N GLY B 535 11.29 -31.58 10.48
CA GLY B 535 12.16 -30.58 11.06
C GLY B 535 12.03 -29.28 10.30
N ARG B 536 12.18 -28.18 11.02
CA ARG B 536 12.00 -26.87 10.42
C ARG B 536 13.12 -25.91 10.81
N ASP B 537 13.46 -25.04 9.87
CA ASP B 537 14.40 -23.95 10.08
C ASP B 537 13.62 -22.68 10.40
N VAL B 538 14.35 -21.63 10.77
CA VAL B 538 13.75 -20.31 10.83
C VAL B 538 13.23 -19.93 9.45
N SER B 539 12.22 -19.06 9.43
CA SER B 539 11.36 -18.76 8.29
C SER B 539 10.42 -19.90 7.91
N ASP B 540 10.27 -20.90 8.77
CA ASP B 540 9.25 -21.94 8.62
C ASP B 540 9.47 -22.79 7.36
N PHE B 541 10.70 -22.89 6.89
CA PHE B 541 10.99 -23.78 5.76
C PHE B 541 11.26 -25.19 6.26
N THR B 542 10.71 -26.17 5.54
CA THR B 542 11.03 -27.56 5.82
C THR B 542 12.49 -27.84 5.49
N ASP B 543 13.17 -28.56 6.38
CA ASP B 543 14.59 -28.82 6.22
C ASP B 543 14.93 -30.30 6.12
N SER B 544 14.12 -31.19 6.69
CA SER B 544 14.40 -32.62 6.62
C SER B 544 13.11 -33.37 6.89
N VAL B 545 13.09 -34.64 6.48
CA VAL B 545 11.87 -35.45 6.57
C VAL B 545 12.27 -36.90 6.83
N ARG B 546 11.36 -37.63 7.47
CA ARG B 546 11.52 -39.07 7.69
C ARG B 546 10.86 -39.83 6.55
N ASP B 547 11.64 -40.66 5.87
CA ASP B 547 11.11 -41.45 4.77
C ASP B 547 10.06 -42.42 5.29
N PRO B 548 8.82 -42.37 4.79
CA PRO B 548 7.79 -43.26 5.36
C PRO B 548 8.06 -44.74 5.19
N LYS B 549 8.55 -45.16 4.02
CA LYS B 549 8.74 -46.59 3.77
C LYS B 549 9.83 -47.22 4.63
N THR B 550 10.96 -46.55 4.80
CA THR B 550 12.09 -47.12 5.52
C THR B 550 12.53 -46.35 6.76
N SER B 551 11.91 -45.21 7.08
CA SER B 551 12.29 -44.38 8.22
C SER B 551 13.73 -43.88 8.12
N GLU B 552 14.28 -43.83 6.91
CA GLU B 552 15.47 -43.03 6.66
C GLU B 552 15.21 -41.56 6.97
N ILE B 553 16.28 -40.84 7.30
CA ILE B 553 16.22 -39.40 7.50
C ILE B 553 16.93 -38.73 6.32
N LEU B 554 16.21 -37.84 5.62
CA LEU B 554 16.69 -37.23 4.39
C LEU B 554 16.66 -35.71 4.50
N ASP B 555 17.74 -35.06 4.08
CA ASP B 555 17.78 -33.61 3.97
C ASP B 555 17.11 -33.14 2.68
N ILE B 556 16.78 -31.85 2.65
CA ILE B 556 16.33 -31.16 1.45
C ILE B 556 17.18 -29.92 1.25
N SER B 557 17.44 -29.57 -0.01
CA SER B 557 18.23 -28.40 -0.35
C SER B 557 17.83 -27.95 -1.74
N PRO B 558 17.99 -26.66 -2.07
CA PRO B 558 17.47 -26.16 -3.35
C PRO B 558 18.37 -26.48 -4.53
N CYS B 559 17.73 -26.59 -5.70
CA CYS B 559 18.46 -26.63 -6.95
C CYS B 559 19.18 -25.31 -7.20
N SER B 560 20.36 -25.39 -7.82
CA SER B 560 21.26 -24.25 -7.93
C SER B 560 20.59 -23.06 -8.63
N PHE B 561 20.93 -21.86 -8.17
CA PHE B 561 20.41 -20.62 -8.74
C PHE B 561 21.45 -19.52 -8.57
N GLY B 562 21.31 -18.46 -9.35
CA GLY B 562 22.18 -17.31 -9.19
C GLY B 562 21.97 -16.30 -10.30
N GLY B 563 22.90 -15.34 -10.36
CA GLY B 563 22.94 -14.33 -11.39
C GLY B 563 23.94 -14.66 -12.50
N VAL B 564 23.63 -14.21 -13.72
CA VAL B 564 24.56 -14.26 -14.83
C VAL B 564 24.80 -12.84 -15.34
N SER B 565 26.05 -12.54 -15.69
CA SER B 565 26.43 -11.23 -16.20
C SER B 565 27.43 -11.40 -17.33
N VAL B 566 27.46 -10.44 -18.23
CA VAL B 566 28.16 -10.56 -19.51
C VAL B 566 29.30 -9.56 -19.57
N ILE B 567 30.50 -10.05 -19.88
CA ILE B 567 31.68 -9.20 -20.06
C ILE B 567 31.93 -9.03 -21.56
N THR B 568 32.06 -7.77 -22.01
CA THR B 568 32.34 -7.49 -23.41
C THR B 568 33.35 -6.36 -23.52
N PRO B 569 34.24 -6.41 -24.51
CA PRO B 569 34.88 -5.18 -24.98
C PRO B 569 33.91 -4.35 -25.80
N GLY B 570 34.35 -3.19 -26.29
CA GLY B 570 33.52 -2.34 -27.11
C GLY B 570 32.92 -3.04 -28.31
N THR B 571 31.64 -2.78 -28.60
CA THR B 571 30.98 -3.44 -29.72
C THR B 571 31.67 -3.10 -31.03
N ASN B 572 32.11 -1.85 -31.19
CA ASN B 572 32.79 -1.44 -32.40
C ASN B 572 34.10 -2.21 -32.58
N ALA B 573 34.84 -2.45 -31.50
CA ALA B 573 36.11 -3.16 -31.59
C ALA B 573 35.92 -4.62 -31.98
N SER B 574 34.96 -5.30 -31.35
CA SER B 574 34.73 -6.71 -31.66
C SER B 574 33.41 -7.14 -31.04
N SER B 575 32.98 -8.35 -31.42
CA SER B 575 31.75 -8.95 -30.91
C SER B 575 32.02 -10.11 -29.95
N GLU B 576 33.19 -10.13 -29.32
CA GLU B 576 33.54 -11.16 -28.36
C GLU B 576 32.82 -10.93 -27.04
N VAL B 577 32.50 -12.02 -26.35
CA VAL B 577 31.86 -11.96 -25.03
C VAL B 577 32.44 -13.04 -24.14
N ALA B 578 32.38 -12.81 -22.83
CA ALA B 578 32.62 -13.83 -21.83
C ALA B 578 31.50 -13.78 -20.80
N VAL B 579 31.09 -14.94 -20.31
CA VAL B 579 29.94 -15.08 -19.41
C VAL B 579 30.44 -15.50 -18.03
N LEU B 580 29.96 -14.82 -16.99
CA LEU B 580 30.27 -15.14 -15.60
C LEU B 580 29.03 -15.70 -14.91
N TYR B 581 29.14 -16.95 -14.44
CA TYR B 581 28.10 -17.56 -13.61
C TYR B 581 28.53 -17.45 -12.16
N GLN B 582 27.79 -16.69 -11.36
CA GLN B 582 28.23 -16.29 -10.03
C GLN B 582 27.98 -17.40 -9.00
N ASP B 583 29.03 -17.70 -8.21
CA ASP B 583 28.91 -18.53 -7.00
C ASP B 583 28.35 -19.92 -7.30
N VAL B 584 28.94 -20.59 -8.29
CA VAL B 584 28.57 -21.96 -8.65
C VAL B 584 29.82 -22.71 -9.05
N ASN B 585 29.87 -24.00 -8.71
CA ASN B 585 30.88 -24.91 -9.22
C ASN B 585 30.58 -25.33 -10.66
N CYS B 586 31.58 -25.20 -11.54
CA CYS B 586 31.36 -25.39 -12.96
C CYS B 586 30.77 -26.76 -13.30
N THR B 587 31.04 -27.78 -12.47
CA THR B 587 30.55 -29.12 -12.78
C THR B 587 29.04 -29.14 -12.95
N ASP B 588 28.31 -28.37 -12.13
CA ASP B 588 26.86 -28.39 -12.22
C ASP B 588 26.34 -27.64 -13.44
N VAL B 589 27.01 -26.55 -13.83
CA VAL B 589 26.52 -25.81 -14.98
C VAL B 589 26.94 -26.49 -16.28
N SER B 590 28.11 -27.10 -16.32
CA SER B 590 28.48 -27.84 -17.53
C SER B 590 27.57 -29.05 -17.72
N THR B 591 27.31 -29.79 -16.64
CA THR B 591 26.40 -30.92 -16.69
C THR B 591 24.94 -30.50 -16.86
N ALA B 592 24.64 -29.20 -16.83
CA ALA B 592 23.30 -28.74 -17.11
C ALA B 592 23.18 -27.98 -18.43
N ILE B 593 24.28 -27.41 -18.92
CA ILE B 593 24.29 -26.93 -20.30
C ILE B 593 24.12 -28.09 -21.26
N HIS B 594 24.94 -29.13 -21.08
CA HIS B 594 24.74 -30.35 -21.85
C HIS B 594 23.39 -30.96 -21.49
N ALA B 595 22.73 -31.50 -22.50
CA ALA B 595 21.36 -32.04 -22.38
C ALA B 595 20.35 -30.97 -22.00
N ASP B 596 20.66 -29.70 -22.34
CA ASP B 596 19.73 -28.57 -22.27
C ASP B 596 18.94 -28.48 -20.97
N GLN B 597 19.65 -28.62 -19.85
CA GLN B 597 18.99 -28.54 -18.56
C GLN B 597 18.98 -27.13 -17.98
N LEU B 598 19.83 -26.24 -18.46
CA LEU B 598 19.88 -24.88 -17.95
C LEU B 598 18.78 -24.03 -18.60
N THR B 599 18.49 -22.90 -17.97
CA THR B 599 17.73 -21.82 -18.59
C THR B 599 18.28 -20.51 -18.06
N PRO B 600 18.47 -19.49 -18.92
CA PRO B 600 18.04 -19.34 -20.33
C PRO B 600 18.81 -20.23 -21.29
N ALA B 601 18.16 -20.60 -22.40
CA ALA B 601 18.72 -21.48 -23.40
C ALA B 601 18.96 -20.70 -24.68
N TRP B 602 20.23 -20.38 -24.96
CA TRP B 602 20.58 -19.82 -26.25
C TRP B 602 20.28 -20.82 -27.37
N ARG B 603 19.97 -20.29 -28.55
CA ARG B 603 19.87 -21.16 -29.72
C ARG B 603 21.25 -21.65 -30.16
N ILE B 604 22.23 -20.74 -30.21
CA ILE B 604 23.59 -21.11 -30.58
C ILE B 604 24.54 -20.59 -29.52
N TYR B 605 25.42 -21.46 -29.03
CA TYR B 605 26.51 -21.14 -28.12
C TYR B 605 27.32 -22.41 -27.97
N SER B 606 28.49 -22.29 -27.36
CA SER B 606 29.22 -23.49 -26.95
C SER B 606 30.17 -23.15 -25.81
N THR B 607 30.25 -24.06 -24.85
CA THR B 607 31.37 -24.12 -23.90
C THR B 607 32.53 -24.80 -24.61
N GLY B 608 33.52 -24.01 -25.01
CA GLY B 608 34.74 -24.59 -25.55
C GLY B 608 35.60 -25.25 -24.49
N ASN B 609 36.87 -25.47 -24.81
CA ASN B 609 37.82 -25.95 -23.81
C ASN B 609 38.14 -24.91 -22.74
N ASN B 610 37.80 -23.65 -22.96
CA ASN B 610 38.09 -22.57 -22.03
C ASN B 610 37.04 -22.55 -20.93
N VAL B 611 37.35 -23.18 -19.80
CA VAL B 611 36.57 -23.05 -18.57
C VAL B 611 37.54 -22.79 -17.43
N PHE B 612 37.18 -21.87 -16.54
CA PHE B 612 38.06 -21.43 -15.47
C PHE B 612 37.23 -21.23 -14.22
N GLN B 613 37.82 -21.51 -13.06
CA GLN B 613 37.13 -21.43 -11.78
C GLN B 613 37.67 -20.28 -10.93
N THR B 614 36.77 -19.50 -10.34
CA THR B 614 37.11 -18.39 -9.45
C THR B 614 36.23 -18.50 -8.21
N GLN B 615 36.61 -17.74 -7.17
CA GLN B 615 35.83 -17.74 -5.94
C GLN B 615 34.45 -17.12 -6.11
N ALA B 616 34.32 -16.11 -6.97
CA ALA B 616 33.04 -15.46 -7.22
C ALA B 616 32.12 -16.28 -8.12
N GLY B 617 32.64 -17.32 -8.74
CA GLY B 617 31.94 -18.16 -9.68
C GLY B 617 32.91 -18.57 -10.75
N CYS B 618 32.42 -19.11 -11.86
CA CYS B 618 33.33 -19.51 -12.91
C CYS B 618 32.99 -18.87 -14.26
N LEU B 619 34.03 -18.50 -14.99
CA LEU B 619 33.93 -17.87 -16.30
C LEU B 619 33.95 -18.91 -17.41
N ILE B 620 33.10 -18.69 -18.42
CA ILE B 620 33.05 -19.51 -19.62
C ILE B 620 33.51 -18.64 -20.79
N GLY B 621 34.42 -19.17 -21.60
CA GLY B 621 34.89 -18.47 -22.77
C GLY B 621 36.06 -17.54 -22.56
N ALA B 622 36.65 -17.51 -21.37
CA ALA B 622 37.85 -16.73 -21.12
C ALA B 622 39.04 -17.65 -20.91
N GLU B 623 40.20 -17.26 -21.45
CA GLU B 623 41.42 -18.04 -21.36
C GLU B 623 42.27 -17.53 -20.20
N HIS B 624 42.70 -18.43 -19.33
CA HIS B 624 43.59 -18.06 -18.23
C HIS B 624 44.99 -17.75 -18.74
N VAL B 625 45.67 -16.85 -18.04
CA VAL B 625 47.03 -16.44 -18.37
C VAL B 625 47.86 -16.38 -17.10
N ASP B 626 49.08 -16.90 -17.17
CA ASP B 626 50.03 -16.83 -16.06
C ASP B 626 50.92 -15.59 -16.15
N THR B 627 50.28 -14.43 -16.12
CA THR B 627 50.99 -13.16 -16.08
C THR B 627 50.08 -12.13 -15.45
N SER B 628 50.66 -11.06 -14.92
CA SER B 628 49.91 -10.01 -14.25
C SER B 628 49.99 -8.68 -15.00
N TYR B 629 48.89 -7.95 -15.00
CA TYR B 629 48.80 -6.61 -15.58
C TYR B 629 47.92 -5.74 -14.68
N GLU B 630 47.81 -4.47 -15.06
CA GLU B 630 46.88 -3.56 -14.41
C GLU B 630 45.44 -3.84 -14.84
N CYS B 631 44.50 -3.68 -13.91
CA CYS B 631 43.11 -4.03 -14.17
C CYS B 631 42.40 -3.09 -15.13
N ASP B 632 41.63 -3.70 -16.03
CA ASP B 632 40.70 -3.03 -16.92
C ASP B 632 39.26 -3.24 -16.46
N ILE B 633 38.88 -4.51 -16.23
CA ILE B 633 37.57 -4.85 -15.70
C ILE B 633 37.77 -5.75 -14.49
N PRO B 634 37.41 -5.32 -13.28
CA PRO B 634 37.54 -6.20 -12.11
C PRO B 634 36.40 -7.19 -12.03
N ILE B 635 36.74 -8.44 -11.70
CA ILE B 635 35.78 -9.53 -11.61
C ILE B 635 35.47 -9.89 -10.16
N GLY B 636 36.49 -10.13 -9.36
CA GLY B 636 36.29 -10.43 -7.96
C GLY B 636 37.39 -11.32 -7.42
N ALA B 637 37.58 -11.24 -6.09
CA ALA B 637 38.50 -12.07 -5.33
C ALA B 637 39.93 -12.00 -5.84
N GLY B 638 40.29 -10.97 -6.59
CA GLY B 638 41.61 -10.85 -7.16
C GLY B 638 41.70 -11.18 -8.65
N ILE B 639 40.64 -11.75 -9.23
CA ILE B 639 40.66 -12.09 -10.64
C ILE B 639 40.35 -10.84 -11.45
N CYS B 640 41.14 -10.59 -12.48
CA CYS B 640 40.98 -9.40 -13.32
C CYS B 640 40.88 -9.82 -14.78
N ALA B 641 40.18 -9.03 -15.58
CA ALA B 641 40.03 -9.32 -17.00
C ALA B 641 40.46 -8.15 -17.87
N SER B 642 40.77 -8.46 -19.13
CA SER B 642 41.06 -7.45 -20.15
C SER B 642 40.91 -8.10 -21.51
N TYR B 643 40.89 -7.27 -22.55
CA TYR B 643 40.88 -7.71 -23.94
C TYR B 643 42.26 -7.46 -24.53
N HIS B 644 42.93 -8.53 -24.95
CA HIS B 644 44.36 -8.44 -25.20
C HIS B 644 44.75 -9.46 -26.27
N THR B 645 45.93 -9.23 -26.86
CA THR B 645 46.48 -10.17 -27.84
C THR B 645 46.73 -11.53 -27.21
N VAL B 646 46.63 -12.57 -28.03
CA VAL B 646 46.91 -13.93 -27.57
C VAL B 646 48.38 -14.06 -27.17
N GLN B 654 46.06 -11.54 -33.67
CA GLN B 654 44.78 -11.96 -33.12
C GLN B 654 44.66 -11.58 -31.64
N LYS B 655 43.46 -11.16 -31.25
CA LYS B 655 43.17 -10.79 -29.87
C LYS B 655 42.03 -11.64 -29.33
N SER B 656 42.02 -11.83 -28.02
CA SER B 656 40.99 -12.62 -27.36
C SER B 656 40.86 -12.16 -25.91
N ILE B 657 39.77 -12.58 -25.28
CA ILE B 657 39.48 -12.19 -23.90
C ILE B 657 40.30 -13.06 -22.95
N VAL B 658 41.08 -12.41 -22.09
CA VAL B 658 41.91 -13.11 -21.11
C VAL B 658 41.40 -12.81 -19.70
N ALA B 659 41.79 -13.67 -18.76
CA ALA B 659 41.60 -13.43 -17.33
C ALA B 659 42.91 -13.68 -16.60
N TYR B 660 43.21 -12.86 -15.60
CA TYR B 660 44.52 -12.90 -14.95
C TYR B 660 44.41 -12.29 -13.57
N THR B 661 45.53 -12.35 -12.82
CA THR B 661 45.63 -11.78 -11.48
C THR B 661 46.33 -10.43 -11.55
N MET B 662 45.72 -9.41 -10.94
CA MET B 662 46.21 -8.05 -11.10
C MET B 662 47.57 -7.83 -10.43
N SER B 663 48.38 -6.98 -11.05
CA SER B 663 49.68 -6.58 -10.53
C SER B 663 49.52 -5.24 -9.82
N LEU B 664 49.61 -5.25 -8.48
CA LEU B 664 49.35 -4.04 -7.72
C LEU B 664 50.30 -2.90 -8.03
N GLY B 665 51.49 -3.17 -8.53
CA GLY B 665 52.37 -2.08 -8.89
C GLY B 665 53.72 -2.57 -9.37
N ALA B 666 54.58 -1.61 -9.68
CA ALA B 666 55.94 -1.87 -10.13
C ALA B 666 56.84 -2.04 -8.91
N ASP B 667 57.07 -3.29 -8.53
CA ASP B 667 57.81 -3.57 -7.30
C ASP B 667 59.22 -3.02 -7.41
N SER B 668 59.57 -2.13 -6.48
CA SER B 668 60.89 -1.51 -6.47
C SER B 668 61.54 -1.66 -5.10
N SER B 669 62.86 -1.79 -5.11
CA SER B 669 63.66 -1.93 -3.92
C SER B 669 64.66 -0.79 -3.84
N ILE B 670 64.73 -0.12 -2.69
CA ILE B 670 65.67 0.98 -2.48
C ILE B 670 66.60 0.61 -1.33
N ALA B 671 67.90 0.60 -1.62
CA ALA B 671 68.89 0.28 -0.61
C ALA B 671 68.88 1.32 0.51
N TYR B 672 69.11 0.86 1.74
CA TYR B 672 69.15 1.72 2.91
C TYR B 672 70.60 1.82 3.37
N SER B 673 71.06 3.04 3.58
CA SER B 673 72.42 3.29 4.02
C SER B 673 72.36 4.14 5.27
N ASN B 674 73.37 3.97 6.13
CA ASN B 674 73.40 4.69 7.40
C ASN B 674 73.66 6.19 7.21
N ASN B 675 74.58 6.57 6.33
CA ASN B 675 74.93 7.98 6.16
C ASN B 675 74.97 8.42 4.68
N THR B 676 73.82 8.43 4.02
CA THR B 676 73.74 8.91 2.64
C THR B 676 72.40 9.59 2.42
N ILE B 677 72.38 10.61 1.57
CA ILE B 677 71.15 11.32 1.23
C ILE B 677 71.13 11.57 -0.26
N ALA B 678 69.92 11.68 -0.80
CA ALA B 678 69.69 11.96 -2.21
C ALA B 678 69.09 13.35 -2.31
N ILE B 679 69.68 14.21 -3.13
CA ILE B 679 69.19 15.58 -3.26
C ILE B 679 68.88 15.92 -4.72
N PRO B 680 67.61 16.10 -5.08
CA PRO B 680 67.26 16.44 -6.46
C PRO B 680 68.03 17.65 -6.98
N THR B 681 68.50 17.54 -8.22
CA THR B 681 69.25 18.61 -8.87
C THR B 681 68.48 19.29 -10.00
N ASN B 682 67.28 18.84 -10.32
CA ASN B 682 66.46 19.44 -11.36
C ASN B 682 65.00 19.34 -10.98
N PHE B 683 64.16 20.03 -11.74
CA PHE B 683 62.72 20.04 -11.46
C PHE B 683 61.94 20.21 -12.75
N SER B 684 60.62 20.07 -12.61
CA SER B 684 59.70 20.20 -13.74
C SER B 684 58.41 20.82 -13.23
N ILE B 685 57.60 21.31 -14.16
CA ILE B 685 56.26 21.81 -13.87
C ILE B 685 55.25 20.99 -14.67
N SER B 686 54.09 20.75 -14.08
CA SER B 686 53.01 20.05 -14.76
C SER B 686 51.67 20.68 -14.38
N ILE B 687 50.67 20.44 -15.22
CA ILE B 687 49.30 20.85 -14.95
C ILE B 687 48.42 19.61 -14.83
N THR B 688 47.70 19.49 -13.73
CA THR B 688 46.69 18.48 -13.49
C THR B 688 45.30 19.04 -13.82
N THR B 689 44.32 18.16 -13.97
CA THR B 689 42.94 18.57 -14.23
C THR B 689 42.00 17.82 -13.29
N GLU B 690 41.11 18.56 -12.63
CA GLU B 690 40.17 18.03 -11.66
C GLU B 690 38.76 18.54 -11.95
N VAL B 691 37.75 17.68 -11.75
CA VAL B 691 36.37 18.00 -12.10
C VAL B 691 35.43 17.62 -10.96
N MET B 692 34.44 18.49 -10.70
CA MET B 692 33.42 18.30 -9.65
C MET B 692 32.07 18.85 -10.10
N PRO B 693 30.97 18.12 -9.82
CA PRO B 693 29.63 18.59 -10.22
C PRO B 693 28.90 19.35 -9.12
N VAL B 694 28.52 20.61 -9.37
CA VAL B 694 27.88 21.43 -8.35
C VAL B 694 26.39 21.70 -8.62
N SER B 695 25.79 21.12 -9.64
CA SER B 695 24.40 21.45 -9.96
C SER B 695 23.59 20.21 -10.30
N MET B 696 22.26 20.35 -10.25
CA MET B 696 21.34 19.26 -10.53
C MET B 696 20.24 19.73 -11.49
N ALA B 697 19.37 18.78 -11.90
CA ALA B 697 18.35 19.04 -12.92
C ALA B 697 17.33 20.10 -12.53
N LYS B 698 16.91 20.14 -11.26
CA LYS B 698 15.91 21.11 -10.78
C LYS B 698 14.54 20.92 -11.47
N THR B 699 14.13 19.66 -11.66
CA THR B 699 12.85 19.32 -12.27
C THR B 699 11.67 19.56 -11.32
N SER B 700 10.47 19.71 -11.91
CA SER B 700 9.22 19.90 -11.17
C SER B 700 8.12 19.01 -11.73
N VAL B 701 7.13 18.68 -10.89
CA VAL B 701 6.01 17.81 -11.28
C VAL B 701 4.68 18.44 -10.87
N ASP B 702 3.64 18.16 -11.68
CA ASP B 702 2.25 18.54 -11.41
C ASP B 702 1.43 17.32 -11.00
N CYS B 703 0.80 17.38 -9.82
CA CYS B 703 0.18 16.17 -9.26
C CYS B 703 -1.03 15.71 -10.04
N ASN B 704 -1.90 16.64 -10.45
CA ASN B 704 -3.20 16.27 -10.96
C ASN B 704 -3.17 15.77 -12.40
N MET B 705 -2.30 16.32 -13.23
CA MET B 705 -2.21 15.80 -14.59
C MET B 705 -1.64 14.39 -14.60
N TYR B 706 -0.58 14.14 -13.83
CA TYR B 706 0.04 12.83 -13.82
C TYR B 706 -0.91 11.78 -13.25
N ILE B 707 -1.34 11.96 -12.00
CA ILE B 707 -2.19 10.97 -11.34
C ILE B 707 -3.58 10.90 -11.97
N CYS B 708 -4.22 12.04 -12.21
CA CYS B 708 -5.61 12.07 -12.65
C CYS B 708 -5.83 12.64 -14.04
N GLY B 709 -4.92 13.47 -14.55
CA GLY B 709 -5.05 14.02 -15.90
C GLY B 709 -6.30 14.83 -16.15
N ASP B 710 -6.96 14.53 -17.28
CA ASP B 710 -8.14 15.27 -17.71
C ASP B 710 -9.34 15.04 -16.81
N SER B 711 -9.48 13.84 -16.24
CA SER B 711 -10.76 13.43 -15.70
C SER B 711 -11.04 14.15 -14.38
N THR B 712 -12.33 14.36 -14.12
CA THR B 712 -12.79 14.85 -12.82
C THR B 712 -13.23 13.75 -11.88
N GLU B 713 -13.78 12.66 -12.41
CA GLU B 713 -14.18 11.54 -11.57
C GLU B 713 -13.03 11.00 -10.74
N CYS B 714 -11.82 10.97 -11.30
CA CYS B 714 -10.69 10.50 -10.50
C CYS B 714 -10.25 11.52 -9.46
N ALA B 715 -10.39 12.82 -9.76
CA ALA B 715 -9.97 13.83 -8.79
C ALA B 715 -10.81 13.79 -7.53
N ASN B 716 -12.10 13.43 -7.66
CA ASN B 716 -12.95 13.31 -6.48
C ASN B 716 -12.58 12.12 -5.62
N LEU B 717 -11.79 11.18 -6.14
CA LEU B 717 -11.25 10.10 -5.34
C LEU B 717 -9.91 10.47 -4.72
N LEU B 718 -9.02 11.09 -5.49
CA LEU B 718 -7.76 11.57 -4.96
C LEU B 718 -7.96 12.56 -3.82
N LEU B 719 -9.13 13.22 -3.77
CA LEU B 719 -9.41 14.13 -2.67
C LEU B 719 -9.37 13.43 -1.31
N GLN B 720 -9.66 12.13 -1.28
CA GLN B 720 -9.73 11.41 0.00
C GLN B 720 -8.37 11.22 0.66
N TYR B 721 -7.27 11.63 0.02
CA TYR B 721 -5.95 11.43 0.61
C TYR B 721 -5.37 12.72 1.17
N GLY B 722 -6.02 13.86 0.91
CA GLY B 722 -5.63 15.12 1.50
C GLY B 722 -4.34 15.70 0.94
N SER B 723 -3.55 16.27 1.84
CA SER B 723 -2.48 17.22 1.53
C SER B 723 -1.26 16.60 0.87
N PHE B 724 -1.21 15.27 0.72
CA PHE B 724 0.07 14.59 0.54
C PHE B 724 0.90 15.15 -0.60
N CYS B 725 0.36 15.24 -1.81
CA CYS B 725 1.26 15.70 -2.87
C CYS B 725 1.61 17.16 -2.70
N THR B 726 0.85 17.91 -1.89
CA THR B 726 1.18 19.32 -1.73
C THR B 726 2.44 19.49 -0.89
N GLN B 727 2.60 18.67 0.15
CA GLN B 727 3.89 18.67 0.84
C GLN B 727 4.97 18.10 -0.07
N LEU B 728 4.58 17.22 -1.00
CA LEU B 728 5.51 16.77 -2.03
C LEU B 728 6.04 17.94 -2.86
N ASN B 729 5.13 18.79 -3.35
CA ASN B 729 5.56 19.96 -4.11
C ASN B 729 6.42 20.87 -3.25
N ARG B 730 6.07 21.01 -1.97
CA ARG B 730 6.87 21.77 -1.03
C ARG B 730 8.29 21.24 -0.95
N ALA B 731 8.44 19.92 -0.98
CA ALA B 731 9.77 19.32 -0.91
C ALA B 731 10.55 19.57 -2.20
N LEU B 732 9.93 19.28 -3.33
CA LEU B 732 10.63 19.38 -4.60
C LEU B 732 10.98 20.83 -4.91
N SER B 733 10.19 21.77 -4.38
CA SER B 733 10.54 23.18 -4.52
C SER B 733 11.72 23.55 -3.63
N GLY B 734 11.87 22.87 -2.49
CA GLY B 734 13.02 23.14 -1.64
C GLY B 734 14.29 22.67 -2.32
N ILE B 735 14.23 21.53 -3.00
CA ILE B 735 15.40 21.04 -3.74
C ILE B 735 15.76 22.01 -4.85
N ALA B 736 14.75 22.58 -5.51
CA ALA B 736 15.03 23.52 -6.59
C ALA B 736 15.74 24.76 -6.06
N ALA B 737 15.27 25.32 -4.95
CA ALA B 737 15.92 26.50 -4.38
C ALA B 737 17.35 26.18 -3.95
N GLU B 738 17.57 24.97 -3.44
CA GLU B 738 18.90 24.58 -2.98
C GLU B 738 19.92 24.61 -4.10
N GLN B 739 19.52 24.18 -5.32
CA GLN B 739 20.48 24.17 -6.42
C GLN B 739 21.00 25.57 -6.72
N ASP B 740 20.10 26.56 -6.70
CA ASP B 740 20.50 27.93 -6.95
C ASP B 740 21.47 28.41 -5.88
N ARG B 741 21.21 28.04 -4.62
CA ARG B 741 22.10 28.44 -3.54
C ARG B 741 23.48 27.83 -3.74
N ASN B 742 23.54 26.57 -4.17
CA ASN B 742 24.83 25.90 -4.39
C ASN B 742 25.67 26.65 -5.40
N THR B 743 25.06 27.08 -6.51
CA THR B 743 25.84 27.76 -7.54
C THR B 743 26.29 29.15 -7.09
N ARG B 744 25.41 29.85 -6.36
CA ARG B 744 25.79 31.18 -5.88
C ARG B 744 26.86 31.08 -4.80
N GLU B 745 26.90 29.97 -4.06
CA GLU B 745 27.93 29.80 -3.05
C GLU B 745 29.28 29.53 -3.69
N VAL B 746 29.31 28.76 -4.78
CA VAL B 746 30.58 28.38 -5.37
C VAL B 746 31.20 29.55 -6.13
N PHE B 747 30.46 30.15 -7.06
CA PHE B 747 31.04 31.17 -7.92
C PHE B 747 31.02 32.58 -7.32
N ALA B 748 29.92 32.99 -6.71
CA ALA B 748 29.68 34.39 -6.38
C ALA B 748 30.36 34.83 -5.08
N GLN B 749 31.69 34.77 -5.08
CA GLN B 749 32.45 35.20 -3.91
C GLN B 749 33.45 36.31 -4.24
N VAL B 750 33.43 36.84 -5.45
CA VAL B 750 34.31 37.95 -5.84
C VAL B 750 33.62 39.26 -5.48
N LYS B 751 34.39 40.19 -4.90
CA LYS B 751 33.80 41.44 -4.44
C LYS B 751 33.60 42.45 -5.55
N GLN B 752 34.44 42.44 -6.58
CA GLN B 752 34.24 43.30 -7.74
C GLN B 752 34.90 42.69 -8.96
N MET B 753 34.20 42.73 -10.08
CA MET B 753 34.62 42.09 -11.34
C MET B 753 35.59 42.99 -12.11
N TYR B 754 36.88 42.68 -12.06
CA TYR B 754 37.87 43.43 -12.81
C TYR B 754 37.75 43.16 -14.30
N LYS B 755 37.92 44.21 -15.10
CA LYS B 755 37.84 44.06 -16.56
C LYS B 755 39.09 43.38 -17.10
N THR B 756 38.89 42.58 -18.14
CA THR B 756 39.98 41.86 -18.78
C THR B 756 41.05 42.82 -19.31
N PRO B 757 42.33 42.55 -19.07
CA PRO B 757 43.38 43.44 -19.57
C PRO B 757 43.54 43.34 -21.08
N THR B 758 44.24 44.33 -21.64
CA THR B 758 44.46 44.40 -23.08
C THR B 758 45.44 43.36 -23.60
N LEU B 759 46.71 43.47 -23.20
CA LEU B 759 47.68 42.44 -23.57
C LEU B 759 47.41 41.14 -22.81
N LYS B 760 47.81 40.03 -23.43
CA LYS B 760 47.67 38.70 -22.85
C LYS B 760 49.01 38.00 -22.61
N TYR B 761 50.08 38.76 -22.40
CA TYR B 761 51.43 38.19 -22.43
C TYR B 761 52.24 38.93 -21.36
N PHE B 762 52.39 38.30 -20.20
CA PHE B 762 53.12 38.89 -19.08
C PHE B 762 54.36 38.07 -18.77
N GLY B 763 55.54 38.62 -19.05
CA GLY B 763 56.78 37.96 -18.73
C GLY B 763 57.11 36.73 -19.56
N GLY B 764 56.27 36.37 -20.53
CA GLY B 764 56.40 35.13 -21.27
C GLY B 764 55.20 34.21 -21.10
N PHE B 765 54.50 34.32 -19.98
CA PHE B 765 53.35 33.48 -19.72
C PHE B 765 52.21 33.84 -20.66
N ASN B 766 51.81 32.89 -21.50
CA ASN B 766 50.74 33.06 -22.47
C ASN B 766 49.39 32.71 -21.86
N PHE B 767 48.54 33.72 -21.69
CA PHE B 767 47.20 33.55 -21.12
C PHE B 767 46.10 33.62 -22.17
N SER B 768 46.45 33.82 -23.44
CA SER B 768 45.43 33.96 -24.49
C SER B 768 44.54 32.74 -24.62
N GLN B 769 44.95 31.59 -24.08
CA GLN B 769 44.08 30.42 -24.13
C GLN B 769 43.04 30.39 -23.02
N ILE B 770 43.21 31.19 -21.97
CA ILE B 770 42.26 31.17 -20.86
C ILE B 770 41.57 32.52 -20.70
N LEU B 771 42.22 33.59 -21.14
CA LEU B 771 41.39 34.79 -21.18
C LEU B 771 40.67 34.91 -22.54
N PRO B 772 39.45 35.41 -22.54
CA PRO B 772 38.74 35.61 -23.81
C PRO B 772 39.35 36.73 -24.64
N ASP B 773 38.88 36.83 -25.88
CA ASP B 773 39.35 37.81 -26.84
C ASP B 773 38.14 38.41 -27.54
N PRO B 774 38.16 39.72 -27.81
CA PRO B 774 36.96 40.38 -28.37
C PRO B 774 36.54 39.88 -29.75
N LEU B 775 37.49 39.52 -30.62
CA LEU B 775 37.15 39.24 -32.01
C LEU B 775 36.12 38.12 -32.15
N LYS B 776 36.24 37.05 -31.37
CA LYS B 776 35.29 35.96 -31.49
C LYS B 776 33.91 36.41 -31.02
N PRO B 777 32.84 35.91 -31.65
CA PRO B 777 31.48 36.30 -31.22
C PRO B 777 31.14 35.96 -29.78
N THR B 778 31.75 34.94 -29.19
CA THR B 778 31.36 34.47 -27.87
C THR B 778 32.38 34.92 -26.83
N LYS B 779 31.89 35.42 -25.70
CA LYS B 779 32.77 35.88 -24.64
C LYS B 779 33.42 34.72 -23.87
N ARG B 780 32.96 33.49 -24.09
CA ARG B 780 33.61 32.33 -23.49
C ARG B 780 35.05 32.22 -23.95
N SER B 781 35.88 31.64 -23.10
CA SER B 781 37.28 31.40 -23.42
C SER B 781 37.44 30.17 -24.31
N PHE B 782 38.67 29.96 -24.76
CA PHE B 782 38.96 28.90 -25.72
C PHE B 782 38.71 27.52 -25.11
N ILE B 783 39.38 27.23 -23.99
CA ILE B 783 39.24 25.93 -23.36
C ILE B 783 37.83 25.77 -22.81
N GLU B 784 37.21 26.85 -22.36
CA GLU B 784 35.82 26.79 -21.93
C GLU B 784 34.93 26.32 -23.08
N ASP B 785 35.12 26.90 -24.26
CA ASP B 785 34.30 26.54 -25.41
C ASP B 785 34.67 25.16 -25.97
N LEU B 786 35.80 24.60 -25.57
CA LEU B 786 36.11 23.22 -25.92
C LEU B 786 35.45 22.26 -24.94
N LEU B 787 35.56 22.53 -23.64
CA LEU B 787 34.88 21.72 -22.64
C LEU B 787 33.38 21.69 -22.88
N PHE B 788 32.78 22.85 -23.18
CA PHE B 788 31.35 22.92 -23.43
C PHE B 788 30.93 22.07 -24.62
N ASN B 789 31.88 21.66 -25.47
CA ASN B 789 31.56 20.88 -26.65
C ASN B 789 31.46 19.39 -26.38
N LYS B 790 32.12 18.90 -25.34
CA LYS B 790 32.40 17.47 -25.26
C LYS B 790 31.25 16.67 -24.67
N VAL B 791 30.48 17.25 -23.76
CA VAL B 791 29.51 16.48 -23.00
C VAL B 791 28.30 16.11 -23.86
N GLN B 801 10.60 12.19 -22.30
CA GLN B 801 10.43 13.54 -22.82
C GLN B 801 9.40 14.32 -22.02
N TYR B 802 9.53 15.64 -22.06
CA TYR B 802 8.85 16.53 -21.12
C TYR B 802 8.76 17.91 -21.75
N GLY B 803 7.86 18.73 -21.19
CA GLY B 803 7.68 20.07 -21.72
C GLY B 803 8.81 21.01 -21.30
N GLU B 804 9.25 21.83 -22.26
CA GLU B 804 10.27 22.85 -22.04
C GLU B 804 10.28 23.76 -23.26
N CYS B 805 10.71 25.00 -23.04
CA CYS B 805 10.92 25.95 -24.14
C CYS B 805 12.27 26.62 -24.03
N LEU B 806 13.10 26.46 -25.06
CA LEU B 806 14.45 26.99 -25.14
C LEU B 806 14.52 28.00 -26.27
N GLY B 807 15.09 29.17 -25.99
CA GLY B 807 15.24 30.20 -27.00
C GLY B 807 16.33 31.20 -26.68
N LEU B 814 10.87 31.69 -28.31
CA LEU B 814 10.54 30.88 -27.14
C LEU B 814 9.22 30.14 -27.32
N ILE B 815 9.22 29.10 -28.16
CA ILE B 815 8.02 28.31 -28.35
C ILE B 815 7.93 27.32 -27.19
N CYS B 816 6.90 27.46 -26.37
CA CYS B 816 6.74 26.63 -25.18
C CYS B 816 5.73 25.53 -25.50
N ALA B 817 6.16 24.27 -25.32
CA ALA B 817 5.32 23.12 -25.57
C ALA B 817 5.20 22.30 -24.29
N GLN B 818 4.10 21.55 -24.19
CA GLN B 818 3.78 20.81 -22.99
C GLN B 818 3.18 19.46 -23.36
N LYS B 819 3.63 18.41 -22.70
CA LYS B 819 3.21 17.04 -22.99
C LYS B 819 2.34 16.50 -21.88
N PHE B 820 1.49 15.53 -22.22
CA PHE B 820 0.43 15.09 -21.33
C PHE B 820 0.94 14.55 -20.00
N ASN B 821 2.20 14.14 -19.92
CA ASN B 821 2.73 13.58 -18.68
C ASN B 821 2.91 14.61 -17.58
N GLY B 822 2.84 15.90 -17.89
CA GLY B 822 2.90 16.92 -16.87
C GLY B 822 4.27 17.20 -16.29
N LEU B 823 5.32 16.59 -16.82
CA LEU B 823 6.67 16.84 -16.34
C LEU B 823 7.21 18.13 -16.94
N THR B 824 8.05 18.82 -16.18
CA THR B 824 8.58 20.10 -16.61
C THR B 824 9.99 20.27 -16.05
N VAL B 825 10.77 21.15 -16.70
CA VAL B 825 12.13 21.46 -16.28
C VAL B 825 12.26 22.98 -16.19
N LEU B 826 12.65 23.47 -15.03
CA LEU B 826 12.83 24.89 -14.79
C LEU B 826 14.23 25.34 -15.20
N PRO B 827 14.42 26.61 -15.53
CA PRO B 827 15.73 27.09 -15.93
C PRO B 827 16.55 27.52 -14.72
N PRO B 828 17.88 27.56 -14.85
CA PRO B 828 18.71 28.11 -13.78
C PRO B 828 18.61 29.63 -13.72
N LEU B 829 18.90 30.16 -12.54
CA LEU B 829 18.89 31.61 -12.35
C LEU B 829 20.07 32.25 -13.07
N LEU B 830 21.29 31.88 -12.71
CA LEU B 830 22.48 32.44 -13.35
C LEU B 830 22.64 31.86 -14.75
N THR B 831 22.62 32.73 -15.76
CA THR B 831 22.82 32.31 -17.13
C THR B 831 24.31 32.13 -17.42
N ASP B 832 24.60 31.36 -18.46
CA ASP B 832 25.97 30.90 -18.72
C ASP B 832 26.95 32.03 -19.00
N ASP B 833 26.47 33.18 -19.46
CA ASP B 833 27.39 34.28 -19.73
C ASP B 833 27.72 35.06 -18.47
N MET B 834 26.84 35.01 -17.47
CA MET B 834 27.12 35.61 -16.18
C MET B 834 28.13 34.76 -15.42
N ILE B 835 27.98 33.44 -15.50
CA ILE B 835 28.97 32.53 -14.92
C ILE B 835 30.32 32.70 -15.60
N ALA B 836 30.34 32.81 -16.93
CA ALA B 836 31.60 33.03 -17.62
C ALA B 836 32.19 34.40 -17.31
N ALA B 837 31.37 35.36 -16.87
CA ALA B 837 31.95 36.64 -16.46
C ALA B 837 32.56 36.56 -15.07
N TYR B 838 32.01 35.70 -14.20
CA TYR B 838 32.65 35.46 -12.92
C TYR B 838 34.02 34.79 -13.11
N THR B 839 34.07 33.75 -13.95
CA THR B 839 35.33 33.05 -14.15
C THR B 839 36.38 33.94 -14.79
N ALA B 840 35.97 34.78 -15.74
CA ALA B 840 36.95 35.69 -16.34
C ALA B 840 37.35 36.81 -15.38
N ALA B 841 36.50 37.14 -14.43
CA ALA B 841 36.89 38.12 -13.42
C ALA B 841 37.89 37.53 -12.44
N LEU B 842 37.73 36.25 -12.11
CA LEU B 842 38.67 35.61 -11.21
C LEU B 842 40.04 35.47 -11.84
N VAL B 843 40.11 34.97 -13.08
CA VAL B 843 41.40 34.83 -13.75
C VAL B 843 42.05 36.19 -13.96
N SER B 844 41.25 37.21 -14.25
CA SER B 844 41.79 38.55 -14.45
C SER B 844 42.40 39.09 -13.17
N GLY B 845 41.66 39.05 -12.07
CA GLY B 845 42.18 39.56 -10.81
C GLY B 845 43.38 38.78 -10.32
N THR B 846 43.34 37.45 -10.42
CA THR B 846 44.45 36.64 -9.93
C THR B 846 45.73 36.89 -10.73
N ALA B 847 45.61 37.32 -11.98
CA ALA B 847 46.82 37.56 -12.77
C ALA B 847 47.69 38.65 -12.15
N THR B 848 47.07 39.75 -11.70
CA THR B 848 47.82 40.87 -11.14
C THR B 848 47.78 40.97 -9.62
N ALA B 849 46.61 40.82 -9.00
CA ALA B 849 46.52 40.95 -7.55
C ALA B 849 47.16 39.78 -6.82
N GLY B 850 46.91 38.56 -7.28
CA GLY B 850 47.46 37.39 -6.62
C GLY B 850 46.66 36.99 -5.39
N TRP B 851 47.34 36.73 -4.28
CA TRP B 851 46.68 36.39 -3.03
C TRP B 851 46.12 37.59 -2.30
N THR B 852 46.40 38.81 -2.76
CA THR B 852 46.14 40.00 -1.97
C THR B 852 44.70 40.47 -2.03
N PHE B 853 43.95 40.13 -3.08
CA PHE B 853 42.56 40.56 -3.15
C PHE B 853 41.63 39.68 -2.34
N GLY B 854 42.17 38.73 -1.56
CA GLY B 854 41.37 38.02 -0.58
C GLY B 854 41.04 38.83 0.65
N ALA B 855 41.82 39.89 0.92
CA ALA B 855 41.60 40.79 2.04
C ALA B 855 41.94 42.20 1.58
N GLY B 856 41.07 43.16 1.87
CA GLY B 856 41.07 44.41 1.14
C GLY B 856 40.48 44.24 -0.24
N ALA B 857 40.59 45.30 -1.04
CA ALA B 857 40.04 45.27 -2.39
C ALA B 857 40.96 44.51 -3.35
N ALA B 858 42.17 45.00 -3.54
CA ALA B 858 43.21 44.31 -4.30
C ALA B 858 44.50 45.06 -4.13
N LEU B 859 45.58 44.46 -4.61
CA LEU B 859 46.90 45.07 -4.58
C LEU B 859 47.55 44.83 -5.95
N GLN B 860 48.43 45.74 -6.35
CA GLN B 860 49.08 45.63 -7.65
C GLN B 860 50.52 45.16 -7.50
N ILE B 861 50.88 44.11 -8.26
CA ILE B 861 52.22 43.55 -8.23
C ILE B 861 52.49 42.80 -9.54
N PRO B 862 53.58 43.10 -10.25
CA PRO B 862 53.89 42.38 -11.49
C PRO B 862 54.01 40.87 -11.27
N PHE B 863 53.53 40.12 -12.26
CA PHE B 863 53.51 38.66 -12.23
C PHE B 863 54.87 38.04 -11.85
N ALA B 864 55.94 38.52 -12.49
CA ALA B 864 57.25 37.94 -12.23
C ALA B 864 57.75 38.20 -10.82
N MET B 865 57.17 39.17 -10.11
CA MET B 865 57.45 39.32 -8.69
C MET B 865 56.54 38.46 -7.82
N GLN B 866 55.38 38.07 -8.34
CA GLN B 866 54.56 37.10 -7.63
C GLN B 866 55.27 35.75 -7.53
N MET B 867 55.96 35.34 -8.59
CA MET B 867 56.62 34.04 -8.58
C MET B 867 57.69 33.94 -7.49
N ALA B 868 58.41 35.02 -7.21
CA ALA B 868 59.42 34.94 -6.16
C ALA B 868 58.77 34.68 -4.80
N TYR B 869 57.54 35.16 -4.61
CA TYR B 869 56.82 34.88 -3.37
C TYR B 869 56.30 33.46 -3.30
N ARG B 870 55.68 32.98 -4.38
CA ARG B 870 55.16 31.61 -4.35
C ARG B 870 56.25 30.55 -4.36
N PHE B 871 57.47 30.87 -4.81
CA PHE B 871 58.58 29.97 -4.53
C PHE B 871 59.03 30.07 -3.07
N ASN B 872 59.17 31.29 -2.55
CA ASN B 872 59.59 31.43 -1.16
C ASN B 872 58.60 30.77 -0.20
N GLY B 873 57.38 30.52 -0.64
CA GLY B 873 56.41 29.78 0.15
C GLY B 873 56.64 28.28 0.25
N ILE B 874 57.50 27.72 -0.61
CA ILE B 874 57.73 26.29 -0.65
C ILE B 874 59.15 25.95 -0.19
N GLY B 875 59.86 26.92 0.37
CA GLY B 875 61.20 26.68 0.85
C GLY B 875 62.25 26.62 -0.24
N VAL B 876 61.90 26.99 -1.47
CA VAL B 876 62.88 27.18 -2.54
C VAL B 876 63.25 28.65 -2.57
N THR B 877 64.54 28.94 -2.43
CA THR B 877 64.98 30.33 -2.33
C THR B 877 64.67 31.08 -3.62
N GLN B 878 64.19 32.32 -3.47
CA GLN B 878 63.58 33.05 -4.57
C GLN B 878 64.56 33.31 -5.71
N ASN B 879 65.86 33.23 -5.46
CA ASN B 879 66.84 33.43 -6.52
C ASN B 879 66.79 32.34 -7.59
N VAL B 880 66.10 31.23 -7.35
CA VAL B 880 65.97 30.19 -8.37
C VAL B 880 65.24 30.69 -9.61
N LEU B 881 64.28 31.61 -9.44
CA LEU B 881 63.44 32.01 -10.57
C LEU B 881 64.20 32.88 -11.55
N TYR B 882 64.69 34.03 -11.10
CA TYR B 882 65.26 35.02 -12.01
C TYR B 882 66.50 34.51 -12.73
N GLU B 883 67.15 33.48 -12.19
CA GLU B 883 68.33 32.93 -12.86
C GLU B 883 67.95 32.33 -14.21
N ASN B 884 66.87 31.55 -14.25
CA ASN B 884 66.41 30.92 -15.49
C ASN B 884 64.90 31.07 -15.65
N GLN B 885 64.43 32.30 -15.74
CA GLN B 885 63.00 32.57 -15.90
C GLN B 885 62.46 32.00 -17.21
N LYS B 886 63.25 32.09 -18.28
CA LYS B 886 62.81 31.64 -19.59
C LYS B 886 62.38 30.18 -19.60
N GLN B 887 63.16 29.31 -18.96
CA GLN B 887 62.84 27.88 -18.95
C GLN B 887 61.45 27.64 -18.36
N ILE B 888 61.19 28.20 -17.18
CA ILE B 888 59.88 28.02 -16.56
C ILE B 888 58.78 28.51 -17.48
N ALA B 889 58.97 29.68 -18.11
CA ALA B 889 57.93 30.21 -18.97
C ALA B 889 57.63 29.27 -20.13
N ASN B 890 58.67 28.73 -20.76
CA ASN B 890 58.47 27.83 -21.89
C ASN B 890 57.77 26.55 -21.44
N GLN B 891 58.16 26.01 -20.28
CA GLN B 891 57.52 24.79 -19.78
C GLN B 891 56.04 25.04 -19.51
N PHE B 892 55.72 26.20 -18.97
CA PHE B 892 54.33 26.55 -18.68
C PHE B 892 53.51 26.55 -19.96
N ASN B 893 54.02 27.19 -21.01
CA ASN B 893 53.29 27.25 -22.27
C ASN B 893 53.13 25.88 -22.91
N LYS B 894 54.17 25.04 -22.84
CA LYS B 894 54.07 23.69 -23.37
C LYS B 894 53.02 22.88 -22.62
N ALA B 895 52.92 23.08 -21.31
CA ALA B 895 51.91 22.39 -20.53
C ALA B 895 50.51 22.76 -20.99
N ILE B 896 50.28 24.05 -21.25
CA ILE B 896 48.96 24.45 -21.73
C ILE B 896 48.69 23.85 -23.11
N SER B 897 49.73 23.62 -23.90
CA SER B 897 49.53 22.99 -25.21
C SER B 897 49.11 21.54 -25.05
N GLN B 898 49.81 20.80 -24.19
CA GLN B 898 49.54 19.37 -24.05
C GLN B 898 48.15 19.15 -23.45
N ILE B 899 47.75 19.96 -22.47
CA ILE B 899 46.41 19.82 -21.93
C ILE B 899 45.37 20.12 -23.00
N GLN B 900 45.67 21.05 -23.92
CA GLN B 900 44.69 21.36 -24.95
C GLN B 900 44.52 20.20 -25.92
N GLU B 901 45.62 19.57 -26.32
CA GLU B 901 45.51 18.41 -27.20
C GLU B 901 44.78 17.26 -26.51
N SER B 902 45.07 17.05 -25.22
CA SER B 902 44.38 16.00 -24.47
C SER B 902 42.88 16.22 -24.51
N LEU B 903 42.43 17.43 -24.16
CA LEU B 903 41.00 17.72 -24.23
C LEU B 903 40.47 17.55 -25.64
N THR B 904 41.29 17.83 -26.66
CA THR B 904 40.82 17.70 -28.04
C THR B 904 40.56 16.25 -28.42
N THR B 905 41.26 15.30 -27.82
CA THR B 905 41.13 13.90 -28.21
C THR B 905 40.46 13.02 -27.16
N THR B 906 40.54 13.35 -25.88
CA THR B 906 39.95 12.50 -24.85
C THR B 906 38.43 12.53 -24.89
N SER B 907 37.82 11.45 -24.42
CA SER B 907 36.38 11.41 -24.16
C SER B 907 36.03 11.08 -22.72
N THR B 908 36.87 10.32 -22.01
CA THR B 908 36.51 9.80 -20.69
C THR B 908 36.65 10.82 -19.57
N ALA B 909 37.47 11.86 -19.77
CA ALA B 909 37.88 12.72 -18.65
C ALA B 909 36.69 13.35 -17.92
N LEU B 910 35.55 13.50 -18.57
CA LEU B 910 34.38 14.16 -17.98
C LEU B 910 33.30 13.15 -17.57
N GLY B 911 33.71 11.93 -17.27
CA GLY B 911 32.74 10.89 -16.93
C GLY B 911 31.88 11.22 -15.74
N LYS B 912 32.39 12.00 -14.78
CA LYS B 912 31.60 12.37 -13.62
C LYS B 912 30.38 13.19 -14.02
N LEU B 913 30.61 14.28 -14.77
CA LEU B 913 29.50 15.11 -15.21
C LEU B 913 28.56 14.31 -16.12
N GLN B 914 29.13 13.44 -16.95
CA GLN B 914 28.30 12.62 -17.81
C GLN B 914 27.41 11.68 -16.98
N ASP B 915 27.97 11.12 -15.90
CA ASP B 915 27.17 10.25 -15.05
C ASP B 915 26.04 11.01 -14.38
N VAL B 916 26.28 12.27 -14.01
CA VAL B 916 25.20 13.08 -13.43
C VAL B 916 24.06 13.22 -14.43
N VAL B 917 24.39 13.57 -15.67
CA VAL B 917 23.35 13.77 -16.68
C VAL B 917 22.61 12.47 -16.95
N ASN B 918 23.34 11.36 -17.04
CA ASN B 918 22.70 10.08 -17.34
C ASN B 918 21.83 9.61 -16.19
N GLN B 919 22.26 9.84 -14.95
CA GLN B 919 21.46 9.44 -13.81
C GLN B 919 20.12 10.18 -13.79
N ASN B 920 20.16 11.49 -14.01
CA ASN B 920 18.91 12.26 -13.99
C ASN B 920 17.99 11.85 -15.14
N ALA B 921 18.56 11.66 -16.33
CA ALA B 921 17.73 11.30 -17.47
C ALA B 921 17.12 9.92 -17.31
N GLN B 922 17.91 8.96 -16.84
CA GLN B 922 17.39 7.61 -16.64
C GLN B 922 16.25 7.62 -15.62
N ALA B 923 16.40 8.40 -14.54
CA ALA B 923 15.37 8.46 -13.52
C ALA B 923 14.04 8.94 -14.11
N LEU B 924 14.10 10.02 -14.90
CA LEU B 924 12.87 10.52 -15.50
C LEU B 924 12.28 9.51 -16.47
N ASN B 925 13.13 8.85 -17.25
CA ASN B 925 12.64 7.83 -18.19
C ASN B 925 11.86 6.75 -17.46
N THR B 926 12.34 6.32 -16.29
CA THR B 926 11.63 5.30 -15.54
C THR B 926 10.29 5.81 -15.05
N LEU B 927 10.26 7.03 -14.51
CA LEU B 927 9.00 7.59 -14.03
C LEU B 927 7.98 7.71 -15.15
N VAL B 928 8.43 7.97 -16.37
CA VAL B 928 7.52 8.03 -17.50
C VAL B 928 7.01 6.63 -17.86
N LYS B 929 7.93 5.67 -17.96
CA LYS B 929 7.55 4.33 -18.39
C LYS B 929 6.54 3.67 -17.46
N GLN B 930 6.57 4.02 -16.17
CA GLN B 930 5.62 3.45 -15.22
C GLN B 930 4.16 3.70 -15.58
N LEU B 931 3.86 4.70 -16.41
CA LEU B 931 2.47 4.96 -16.79
C LEU B 931 1.86 3.80 -17.58
N SER B 932 2.69 3.04 -18.31
CA SER B 932 2.16 1.95 -19.12
C SER B 932 1.79 0.72 -18.30
N SER B 933 2.18 0.65 -17.04
CA SER B 933 1.86 -0.51 -16.21
C SER B 933 0.35 -0.60 -15.98
N ASN B 934 -0.08 -1.78 -15.55
CA ASN B 934 -1.50 -2.11 -15.44
C ASN B 934 -2.00 -2.19 -14.01
N PHE B 935 -1.14 -2.55 -13.06
CA PHE B 935 -1.51 -2.68 -11.64
C PHE B 935 -2.79 -3.48 -11.45
N GLY B 936 -3.06 -4.41 -12.35
CA GLY B 936 -4.25 -5.24 -12.25
C GLY B 936 -5.53 -4.60 -12.69
N ALA B 937 -5.48 -3.42 -13.31
CA ALA B 937 -6.66 -2.84 -13.92
C ALA B 937 -7.00 -3.57 -15.21
N ILE B 938 -8.25 -3.42 -15.64
CA ILE B 938 -8.69 -4.04 -16.89
C ILE B 938 -7.98 -3.46 -18.10
N SER B 939 -7.44 -2.24 -17.97
CA SER B 939 -6.69 -1.61 -19.06
C SER B 939 -5.82 -0.52 -18.48
N SER B 940 -4.72 -0.22 -19.18
CA SER B 940 -3.85 0.88 -18.78
C SER B 940 -4.35 2.25 -19.22
N VAL B 941 -5.35 2.29 -20.10
CA VAL B 941 -5.80 3.56 -20.69
C VAL B 941 -6.96 4.09 -19.87
N LEU B 942 -6.80 5.31 -19.35
CA LEU B 942 -7.81 5.86 -18.45
C LEU B 942 -9.09 6.23 -19.20
N ASN B 943 -8.95 6.98 -20.29
CA ASN B 943 -10.12 7.39 -21.05
C ASN B 943 -10.87 6.21 -21.65
N ASP B 944 -10.17 5.11 -21.94
CA ASP B 944 -10.82 3.89 -22.38
C ASP B 944 -11.80 3.38 -21.33
N ILE B 945 -11.30 3.17 -20.10
CA ILE B 945 -12.15 2.73 -19.01
C ILE B 945 -13.35 3.66 -18.85
N LEU B 946 -13.08 4.97 -18.85
CA LEU B 946 -14.15 5.94 -18.66
C LEU B 946 -15.15 5.92 -19.81
N SER B 947 -14.71 5.54 -21.01
CA SER B 947 -15.61 5.58 -22.17
C SER B 947 -16.47 4.34 -22.28
N ARG B 948 -15.92 3.16 -22.01
CA ARG B 948 -16.65 1.91 -22.22
C ARG B 948 -17.06 1.21 -20.94
N LEU B 949 -16.91 1.84 -19.78
CA LEU B 949 -17.40 1.29 -18.52
C LEU B 949 -18.20 2.33 -17.76
N ASP B 950 -19.26 1.87 -17.09
CA ASP B 950 -20.14 2.69 -16.28
C ASP B 950 -19.43 3.04 -14.96
N PRO B 951 -19.73 4.19 -14.36
CA PRO B 951 -18.93 4.67 -13.20
C PRO B 951 -18.84 3.68 -12.04
N PRO B 952 -19.94 3.04 -11.62
CA PRO B 952 -19.79 2.03 -10.55
C PRO B 952 -18.79 0.93 -10.89
N GLU B 953 -18.62 0.60 -12.16
CA GLU B 953 -17.61 -0.37 -12.54
C GLU B 953 -16.24 0.26 -12.66
N ALA B 954 -16.18 1.49 -13.18
CA ALA B 954 -14.91 2.16 -13.42
C ALA B 954 -14.15 2.41 -12.12
N GLU B 955 -14.85 2.84 -11.07
CA GLU B 955 -14.17 3.30 -9.86
C GLU B 955 -13.31 2.22 -9.23
N VAL B 956 -13.67 0.95 -9.42
CA VAL B 956 -12.88 -0.14 -8.84
C VAL B 956 -11.47 -0.18 -9.43
N GLN B 957 -11.35 -0.04 -10.75
CA GLN B 957 -10.03 0.05 -11.36
C GLN B 957 -9.36 1.38 -11.05
N ILE B 958 -10.14 2.46 -11.00
CA ILE B 958 -9.54 3.77 -10.77
C ILE B 958 -8.81 3.80 -9.43
N ASP B 959 -9.36 3.11 -8.43
CA ASP B 959 -8.68 3.02 -7.14
C ASP B 959 -7.31 2.37 -7.27
N ARG B 960 -7.21 1.35 -8.12
CA ARG B 960 -5.94 0.64 -8.28
C ARG B 960 -4.91 1.52 -8.99
N LEU B 961 -5.33 2.20 -10.06
CA LEU B 961 -4.40 3.05 -10.79
C LEU B 961 -3.90 4.19 -9.92
N ILE B 962 -4.79 4.75 -9.08
CA ILE B 962 -4.38 5.83 -8.20
C ILE B 962 -3.36 5.35 -7.18
N THR B 963 -3.55 4.13 -6.67
CA THR B 963 -2.60 3.59 -5.70
C THR B 963 -1.22 3.41 -6.31
N GLY B 964 -1.16 2.76 -7.48
CA GLY B 964 0.12 2.54 -8.12
C GLY B 964 0.87 3.83 -8.44
N ARG B 965 0.16 4.83 -8.96
CA ARG B 965 0.85 6.04 -9.37
C ARG B 965 1.30 6.87 -8.17
N LEU B 966 0.52 6.86 -7.08
CA LEU B 966 0.99 7.48 -5.85
C LEU B 966 2.29 6.84 -5.37
N GLN B 967 2.34 5.51 -5.36
CA GLN B 967 3.53 4.82 -4.90
C GLN B 967 4.75 5.18 -5.74
N SER B 968 4.56 5.32 -7.07
CA SER B 968 5.72 5.59 -7.92
C SER B 968 6.23 7.01 -7.77
N LEU B 969 5.33 7.96 -7.50
CA LEU B 969 5.79 9.31 -7.19
C LEU B 969 6.56 9.35 -5.86
N GLN B 970 6.06 8.64 -4.85
CA GLN B 970 6.76 8.56 -3.58
C GLN B 970 8.18 8.05 -3.75
N THR B 971 8.35 7.00 -4.55
CA THR B 971 9.68 6.44 -4.74
C THR B 971 10.60 7.44 -5.44
N TYR B 972 10.09 8.13 -6.44
CA TYR B 972 10.93 9.09 -7.17
C TYR B 972 11.40 10.21 -6.26
N VAL B 973 10.47 10.82 -5.52
CA VAL B 973 10.85 11.96 -4.69
C VAL B 973 11.81 11.55 -3.58
N THR B 974 11.62 10.35 -3.02
CA THR B 974 12.53 9.89 -1.97
C THR B 974 13.96 9.78 -2.48
N GLN B 975 14.14 9.10 -3.61
CA GLN B 975 15.50 8.97 -4.15
C GLN B 975 16.07 10.30 -4.59
N GLN B 976 15.21 11.25 -4.95
CA GLN B 976 15.68 12.57 -5.34
C GLN B 976 16.25 13.32 -4.14
N LEU B 977 15.64 13.16 -2.97
CA LEU B 977 16.22 13.73 -1.75
C LEU B 977 17.52 13.04 -1.35
N ILE B 978 17.65 11.74 -1.64
CA ILE B 978 18.92 11.07 -1.37
C ILE B 978 20.04 11.69 -2.21
N ARG B 979 19.80 11.84 -3.52
CA ARG B 979 20.82 12.37 -4.41
C ARG B 979 21.24 13.79 -4.02
N ALA B 980 20.27 14.63 -3.66
CA ALA B 980 20.57 16.04 -3.39
C ALA B 980 21.67 16.21 -2.35
N ALA B 981 21.72 15.33 -1.34
CA ALA B 981 22.71 15.47 -0.27
C ALA B 981 24.12 15.17 -0.77
N GLU B 982 24.30 14.12 -1.57
CA GLU B 982 25.63 13.81 -2.05
C GLU B 982 26.13 14.81 -3.08
N ILE B 983 25.23 15.56 -3.72
CA ILE B 983 25.68 16.65 -4.57
C ILE B 983 26.04 17.87 -3.73
N ARG B 984 25.27 18.12 -2.66
CA ARG B 984 25.55 19.23 -1.77
C ARG B 984 26.93 19.13 -1.15
N ALA B 985 27.33 17.93 -0.73
CA ALA B 985 28.66 17.77 -0.14
C ALA B 985 29.76 18.09 -1.14
N SER B 986 29.55 17.76 -2.41
CA SER B 986 30.55 18.08 -3.42
C SER B 986 30.59 19.57 -3.68
N ALA B 987 29.43 20.23 -3.71
CA ALA B 987 29.40 21.67 -3.85
C ALA B 987 30.15 22.36 -2.72
N ASN B 988 30.05 21.81 -1.51
CA ASN B 988 30.76 22.40 -0.37
C ASN B 988 32.26 22.21 -0.50
N LEU B 989 32.69 21.04 -0.97
CA LEU B 989 34.12 20.82 -1.19
C LEU B 989 34.63 21.70 -2.33
N ALA B 990 33.81 21.91 -3.36
CA ALA B 990 34.20 22.80 -4.45
C ALA B 990 34.41 24.22 -3.96
N ALA B 991 33.47 24.73 -3.14
CA ALA B 991 33.63 26.06 -2.58
C ALA B 991 34.87 26.16 -1.71
N THR B 992 35.19 25.09 -0.99
CA THR B 992 36.42 25.09 -0.18
C THR B 992 37.65 25.18 -1.06
N LYS B 993 37.70 24.40 -2.14
CA LYS B 993 38.87 24.45 -3.02
C LYS B 993 38.97 25.80 -3.71
N MET B 994 37.85 26.40 -4.09
CA MET B 994 37.88 27.73 -4.69
C MET B 994 38.44 28.75 -3.71
N SER B 995 37.96 28.71 -2.46
CA SER B 995 38.41 29.65 -1.46
C SER B 995 39.89 29.48 -1.11
N GLU B 996 40.39 28.24 -1.14
CA GLU B 996 41.69 27.95 -0.57
C GLU B 996 42.80 27.71 -1.58
N CYS B 997 42.48 27.34 -2.82
CA CYS B 997 43.48 27.11 -3.85
C CYS B 997 43.67 28.35 -4.72
N VAL B 998 42.56 28.93 -5.18
CA VAL B 998 42.60 30.03 -6.14
C VAL B 998 43.05 31.33 -5.47
N LEU B 999 42.60 31.58 -4.25
CA LEU B 999 42.85 32.83 -3.56
C LEU B 999 44.11 32.83 -2.70
N GLY B 1000 44.79 31.69 -2.58
CA GLY B 1000 45.99 31.64 -1.78
C GLY B 1000 46.68 30.30 -1.93
N GLN B 1001 47.94 30.28 -1.53
CA GLN B 1001 48.78 29.10 -1.68
C GLN B 1001 48.47 28.11 -0.56
N SER B 1002 48.00 26.93 -0.92
CA SER B 1002 47.70 25.90 0.06
C SER B 1002 48.98 25.25 0.56
N LYS B 1003 48.91 24.69 1.77
CA LYS B 1003 50.07 24.12 2.44
C LYS B 1003 49.77 22.73 3.02
N ARG B 1004 48.66 22.13 2.58
CA ARG B 1004 48.24 20.81 3.06
C ARG B 1004 48.36 19.82 1.90
N VAL B 1005 49.18 18.78 2.12
CA VAL B 1005 49.62 17.89 1.04
C VAL B 1005 48.45 17.27 0.30
N ASP B 1006 48.54 17.29 -1.03
CA ASP B 1006 47.60 16.72 -1.99
C ASP B 1006 46.22 17.37 -2.01
N PHE B 1007 46.00 18.46 -1.27
CA PHE B 1007 44.70 19.10 -1.34
C PHE B 1007 44.53 19.87 -2.65
N CYS B 1008 45.59 20.53 -3.12
CA CYS B 1008 45.52 21.42 -4.28
C CYS B 1008 46.63 20.97 -5.23
N GLY B 1009 46.41 19.87 -5.93
CA GLY B 1009 47.38 19.35 -6.87
C GLY B 1009 48.26 18.26 -6.25
N LYS B 1010 48.78 17.39 -7.12
CA LYS B 1010 49.64 16.29 -6.67
C LYS B 1010 51.11 16.72 -6.72
N GLY B 1011 51.44 17.64 -5.82
CA GLY B 1011 52.79 18.14 -5.72
C GLY B 1011 52.83 19.31 -4.77
N TYR B 1012 53.96 20.03 -4.80
CA TYR B 1012 53.98 21.35 -4.19
C TYR B 1012 53.17 22.30 -5.07
N HIS B 1013 52.27 23.06 -4.45
CA HIS B 1013 51.22 23.78 -5.17
C HIS B 1013 51.55 25.25 -5.36
N LEU B 1014 51.35 25.77 -6.58
CA LEU B 1014 51.58 27.18 -6.85
C LEU B 1014 50.28 27.95 -7.06
N MET B 1015 49.39 27.47 -7.93
CA MET B 1015 48.19 28.22 -8.34
C MET B 1015 47.11 27.26 -8.77
N SER B 1016 45.92 27.82 -8.98
CA SER B 1016 44.84 27.14 -9.67
C SER B 1016 44.05 28.20 -10.44
N PHE B 1017 43.47 27.78 -11.57
CA PHE B 1017 42.59 28.62 -12.37
C PHE B 1017 41.28 27.87 -12.59
N PRO B 1018 40.15 28.51 -12.35
CA PRO B 1018 38.86 27.87 -12.63
C PRO B 1018 38.42 28.07 -14.07
N GLN B 1019 37.75 27.04 -14.60
CA GLN B 1019 37.06 27.12 -15.87
C GLN B 1019 35.65 26.59 -15.70
N ALA B 1020 34.69 27.27 -16.31
CA ALA B 1020 33.31 26.84 -16.22
C ALA B 1020 33.09 25.54 -16.97
N ALA B 1021 32.00 24.86 -16.64
CA ALA B 1021 31.57 23.65 -17.32
C ALA B 1021 30.11 23.43 -17.01
N PRO B 1022 29.40 22.63 -17.81
CA PRO B 1022 27.98 22.41 -17.54
C PRO B 1022 27.77 21.60 -16.27
N HIS B 1023 26.91 22.09 -15.39
CA HIS B 1023 26.61 21.47 -14.11
C HIS B 1023 27.83 21.23 -13.24
N GLY B 1024 28.91 21.97 -13.45
CA GLY B 1024 30.10 21.72 -12.66
C GLY B 1024 31.14 22.80 -12.83
N VAL B 1025 32.36 22.46 -12.41
CA VAL B 1025 33.51 23.36 -12.56
C VAL B 1025 34.75 22.49 -12.74
N VAL B 1026 35.73 23.02 -13.46
CA VAL B 1026 37.00 22.33 -13.69
C VAL B 1026 38.13 23.19 -13.15
N PHE B 1027 39.03 22.56 -12.40
CA PHE B 1027 40.21 23.21 -11.85
C PHE B 1027 41.45 22.66 -12.56
N LEU B 1028 42.44 23.50 -12.77
CA LEU B 1028 43.73 23.06 -13.30
C LEU B 1028 44.84 23.61 -12.42
N HIS B 1029 45.60 22.72 -11.82
CA HIS B 1029 46.55 23.05 -10.76
C HIS B 1029 47.98 23.05 -11.30
N VAL B 1030 48.73 24.11 -11.02
CA VAL B 1030 50.14 24.18 -11.38
C VAL B 1030 50.97 23.70 -10.20
N THR B 1031 51.82 22.70 -10.43
CA THR B 1031 52.55 22.03 -9.37
C THR B 1031 54.03 21.88 -9.73
N TYR B 1032 54.88 21.91 -8.71
CA TYR B 1032 56.32 21.77 -8.85
C TYR B 1032 56.74 20.34 -8.52
N VAL B 1033 57.59 19.75 -9.36
CA VAL B 1033 58.06 18.39 -9.18
C VAL B 1033 59.56 18.28 -9.40
N PRO B 1034 60.35 17.90 -8.39
CA PRO B 1034 61.80 17.73 -8.57
C PRO B 1034 62.17 16.36 -9.12
N SER B 1035 63.42 16.27 -9.62
CA SER B 1035 63.92 15.03 -10.23
C SER B 1035 65.45 15.06 -10.28
N GLN B 1036 66.02 13.95 -10.79
CA GLN B 1036 67.47 13.77 -10.97
C GLN B 1036 68.28 13.92 -9.67
N GLU B 1037 68.00 13.04 -8.71
CA GLU B 1037 68.68 13.04 -7.42
C GLU B 1037 70.07 12.41 -7.50
N ARG B 1038 70.95 12.83 -6.58
CA ARG B 1038 72.32 12.34 -6.46
C ARG B 1038 72.64 11.90 -5.03
N ASN B 1039 73.34 10.77 -4.89
CA ASN B 1039 73.72 10.24 -3.58
C ASN B 1039 74.97 10.93 -3.04
N PHE B 1040 74.90 11.39 -1.78
CA PHE B 1040 75.97 12.13 -1.15
C PHE B 1040 76.29 11.53 0.23
N THR B 1041 77.30 12.09 0.88
CA THR B 1041 77.75 11.67 2.21
C THR B 1041 77.39 12.74 3.24
N THR B 1042 76.99 12.30 4.45
CA THR B 1042 76.49 13.22 5.47
C THR B 1042 77.20 12.99 6.81
N ALA B 1043 76.95 13.93 7.72
CA ALA B 1043 77.36 13.88 9.11
C ALA B 1043 76.41 14.75 9.91
N PRO B 1044 75.79 14.25 10.97
CA PRO B 1044 74.77 15.04 11.69
C PRO B 1044 75.28 16.37 12.21
N ALA B 1045 76.55 16.48 12.55
CA ALA B 1045 77.10 17.69 13.14
C ALA B 1045 78.60 17.69 12.94
N ILE B 1046 79.22 18.85 13.11
CA ILE B 1046 80.66 18.96 12.98
C ILE B 1046 81.24 19.61 14.23
N CYS B 1047 82.45 19.18 14.59
CA CYS B 1047 83.16 19.68 15.76
C CYS B 1047 84.27 20.63 15.31
N HIS B 1048 84.30 21.83 15.90
CA HIS B 1048 85.43 22.72 15.77
C HIS B 1048 85.76 23.30 17.13
N GLU B 1049 87.05 23.50 17.39
CA GLU B 1049 87.55 24.01 18.67
C GLU B 1049 87.02 23.19 19.85
N GLY B 1050 86.65 21.94 19.62
CA GLY B 1050 86.04 21.14 20.67
C GLY B 1050 84.60 21.47 20.96
N LYS B 1051 83.92 22.20 20.08
CA LYS B 1051 82.54 22.59 20.25
C LYS B 1051 81.71 22.14 19.06
N ALA B 1052 80.43 21.90 19.29
CA ALA B 1052 79.53 21.36 18.28
C ALA B 1052 78.77 22.48 17.60
N TYR B 1053 78.72 22.44 16.27
CA TYR B 1053 77.94 23.39 15.47
C TYR B 1053 76.86 22.62 14.72
N PHE B 1054 75.65 22.96 14.94
CA PHE B 1054 74.53 22.44 14.18
C PHE B 1054 74.17 23.38 13.04
N PRO B 1055 73.64 22.87 11.94
CA PRO B 1055 73.18 23.75 10.86
C PRO B 1055 71.75 24.22 11.06
N ARG B 1056 71.49 25.45 10.63
CA ARG B 1056 70.13 25.95 10.50
C ARG B 1056 69.81 26.25 9.05
N GLU B 1057 68.61 25.89 8.61
CA GLU B 1057 68.17 26.10 7.23
C GLU B 1057 69.08 25.39 6.23
N GLY B 1058 69.40 24.13 6.53
CA GLY B 1058 70.15 23.34 5.59
C GLY B 1058 70.64 22.05 6.22
N VAL B 1059 71.37 21.27 5.42
CA VAL B 1059 71.97 20.01 5.84
C VAL B 1059 73.37 19.92 5.27
N PHE B 1060 74.28 19.31 6.02
CA PHE B 1060 75.65 19.10 5.55
C PHE B 1060 75.70 18.04 4.47
N VAL B 1061 76.58 18.24 3.48
CA VAL B 1061 76.87 17.23 2.47
C VAL B 1061 78.35 17.27 2.12
N PHE B 1062 78.86 16.13 1.69
CA PHE B 1062 80.23 15.94 1.21
C PHE B 1062 80.22 15.64 -0.28
N ASN B 1063 81.01 16.38 -1.08
CA ASN B 1063 81.01 16.10 -2.52
C ASN B 1063 82.30 15.42 -2.96
N GLY B 1064 83.09 14.91 -2.03
CA GLY B 1064 84.36 14.29 -2.34
C GLY B 1064 85.54 15.23 -2.27
N THR B 1065 85.32 16.53 -2.17
CA THR B 1065 86.38 17.51 -2.04
C THR B 1065 86.32 18.25 -0.71
N SER B 1066 85.17 18.80 -0.35
CA SER B 1066 85.03 19.51 0.91
C SER B 1066 83.55 19.50 1.31
N TRP B 1067 83.31 19.68 2.60
CA TRP B 1067 81.95 19.71 3.13
C TRP B 1067 81.23 21.00 2.74
N PHE B 1068 79.92 20.88 2.54
CA PHE B 1068 79.07 22.01 2.16
C PHE B 1068 77.67 21.79 2.71
N ILE B 1069 76.92 22.89 2.80
CA ILE B 1069 75.53 22.88 3.24
C ILE B 1069 74.64 23.21 2.05
N THR B 1070 73.50 22.53 1.95
CA THR B 1070 72.61 22.71 0.81
C THR B 1070 71.16 22.68 1.27
N GLN B 1071 70.29 23.23 0.43
CA GLN B 1071 68.86 23.08 0.63
C GLN B 1071 68.46 21.63 0.40
N ARG B 1072 67.38 21.21 1.04
CA ARG B 1072 66.91 19.85 0.88
C ARG B 1072 66.19 19.59 -0.45
N ASN B 1073 65.72 20.62 -1.13
CA ASN B 1073 64.99 20.45 -2.38
C ASN B 1073 65.84 20.67 -3.63
N PHE B 1074 66.66 21.73 -3.66
CA PHE B 1074 67.49 22.03 -4.81
C PHE B 1074 68.95 22.07 -4.38
N PHE B 1075 69.84 21.56 -5.22
CA PHE B 1075 71.25 21.45 -4.88
C PHE B 1075 71.91 22.81 -5.05
N SER B 1076 72.23 23.47 -3.94
CA SER B 1076 72.86 24.79 -3.95
C SER B 1076 73.95 24.86 -2.89
N PRO B 1077 75.13 24.29 -3.17
CA PRO B 1077 76.20 24.31 -2.17
C PRO B 1077 76.73 25.71 -1.86
N GLN B 1078 77.03 25.94 -0.58
CA GLN B 1078 77.62 27.19 -0.12
C GLN B 1078 78.69 26.89 0.92
N ILE B 1079 79.74 27.71 0.93
CA ILE B 1079 80.86 27.51 1.84
C ILE B 1079 80.41 27.73 3.27
N ILE B 1080 80.61 26.72 4.12
CA ILE B 1080 80.14 26.75 5.50
C ILE B 1080 80.89 27.83 6.28
N THR B 1081 80.15 28.75 6.88
CA THR B 1081 80.70 29.90 7.57
C THR B 1081 79.88 30.14 8.83
N THR B 1082 80.47 30.84 9.79
CA THR B 1082 79.93 30.99 11.14
C THR B 1082 78.44 31.28 11.20
N ASP B 1083 77.94 32.18 10.36
CA ASP B 1083 76.53 32.56 10.45
C ASP B 1083 75.59 31.51 9.86
N ASN B 1084 76.11 30.47 9.23
CA ASN B 1084 75.28 29.36 8.79
C ASN B 1084 74.87 28.44 9.93
N THR B 1085 75.49 28.58 11.10
CA THR B 1085 75.41 27.58 12.15
C THR B 1085 75.23 28.26 13.50
N PHE B 1086 74.79 27.48 14.48
CA PHE B 1086 74.73 27.93 15.87
C PHE B 1086 75.33 26.86 16.77
N VAL B 1087 76.13 27.31 17.73
CA VAL B 1087 76.82 26.43 18.66
C VAL B 1087 75.87 25.93 19.72
N SER B 1088 75.94 24.63 20.03
CA SER B 1088 75.14 24.02 21.08
C SER B 1088 75.85 22.79 21.61
N GLY B 1089 75.53 22.44 22.85
CA GLY B 1089 76.00 21.23 23.51
C GLY B 1089 77.51 21.07 23.50
N ASN B 1090 77.96 19.82 23.40
CA ASN B 1090 79.37 19.52 23.30
C ASN B 1090 79.56 18.26 22.46
N CYS B 1091 80.76 18.16 21.88
CA CYS B 1091 81.04 17.11 20.88
C CYS B 1091 80.96 15.72 21.48
N ASP B 1092 81.39 15.55 22.73
CA ASP B 1092 81.37 14.25 23.37
C ASP B 1092 79.97 13.62 23.46
N VAL B 1093 78.91 14.43 23.41
CA VAL B 1093 77.57 13.91 23.67
C VAL B 1093 76.93 13.27 22.44
N VAL B 1094 77.45 13.51 21.24
CA VAL B 1094 76.72 13.25 20.02
C VAL B 1094 77.47 12.21 19.20
N ILE B 1095 76.71 11.53 18.32
CA ILE B 1095 77.20 10.40 17.54
C ILE B 1095 77.58 10.87 16.15
N GLY B 1096 78.76 10.47 15.69
CA GLY B 1096 79.14 10.71 14.31
C GLY B 1096 79.57 12.12 13.99
N ILE B 1097 79.90 12.94 14.99
CA ILE B 1097 80.41 14.27 14.73
C ILE B 1097 81.78 14.17 14.07
N ILE B 1098 82.05 15.05 13.12
CA ILE B 1098 83.25 14.99 12.28
C ILE B 1098 84.07 16.25 12.50
N ASN B 1099 85.39 16.07 12.65
CA ASN B 1099 86.28 17.22 12.79
C ASN B 1099 86.24 18.07 11.52
N ASN B 1100 86.03 19.37 11.68
CA ASN B 1100 85.94 20.26 10.53
C ASN B 1100 86.32 21.67 10.96
N THR B 1101 86.65 22.50 9.98
CA THR B 1101 87.00 23.90 10.19
C THR B 1101 85.94 24.80 9.58
N VAL B 1102 85.47 25.77 10.36
CA VAL B 1102 84.47 26.74 9.91
C VAL B 1102 85.14 28.09 9.74
N TYR B 1103 84.84 28.77 8.64
CA TYR B 1103 85.48 30.03 8.30
C TYR B 1103 84.87 31.15 9.14
N ASP B 1104 85.73 32.06 9.59
CA ASP B 1104 85.30 33.29 10.25
C ASP B 1104 85.60 34.47 9.35
N PRO B 1105 84.61 35.21 8.87
CA PRO B 1105 84.87 36.30 7.93
C PRO B 1105 85.41 37.57 8.59
N LEU B 1106 85.58 37.59 9.91
CA LEU B 1106 86.33 38.64 10.58
C LEU B 1106 87.82 38.33 10.65
N GLN B 1107 88.23 37.10 10.34
CA GLN B 1107 89.65 36.75 10.35
C GLN B 1107 90.48 37.54 9.35
N PRO B 1108 90.06 37.78 8.09
CA PRO B 1108 90.90 38.55 7.17
C PRO B 1108 90.90 40.04 7.47
N GLU B 1109 89.79 40.53 8.04
CA GLU B 1109 89.68 41.96 8.29
C GLU B 1109 90.66 42.43 9.35
N LEU B 1110 90.97 41.59 10.32
CA LEU B 1110 92.02 41.89 11.29
C LEU B 1110 93.39 41.62 10.70
N GLN C 1 -45.25 17.82 33.43
CA GLN C 1 -46.19 17.19 34.34
C GLN C 1 -47.61 17.64 34.04
N VAL C 2 -48.58 16.79 34.37
CA VAL C 2 -49.99 17.12 34.27
C VAL C 2 -50.68 16.66 35.54
N GLN C 3 -51.84 17.26 35.82
CA GLN C 3 -52.66 16.87 36.95
C GLN C 3 -54.07 16.60 36.46
N LEU C 4 -54.63 15.45 36.83
CA LEU C 4 -56.02 15.13 36.58
C LEU C 4 -56.81 15.32 37.87
N GLN C 5 -57.89 16.09 37.81
CA GLN C 5 -58.78 16.26 38.93
C GLN C 5 -60.22 16.16 38.46
N GLU C 6 -61.05 15.50 39.25
CA GLU C 6 -62.39 15.13 38.84
C GLU C 6 -63.39 15.53 39.91
N SER C 7 -64.64 15.75 39.49
CA SER C 7 -65.69 16.17 40.40
C SER C 7 -67.01 15.58 39.93
N GLY C 8 -67.97 15.51 40.85
CA GLY C 8 -69.27 14.98 40.54
C GLY C 8 -70.14 14.75 41.76
N PRO C 9 -71.37 14.28 41.55
CA PRO C 9 -72.27 14.05 42.67
C PRO C 9 -71.97 12.74 43.38
N GLY C 10 -72.28 12.71 44.68
CA GLY C 10 -71.95 11.57 45.50
C GLY C 10 -72.99 10.46 45.56
N LEU C 11 -74.26 10.80 45.32
CA LEU C 11 -75.34 9.84 45.48
C LEU C 11 -76.32 9.95 44.32
N VAL C 12 -76.75 8.78 43.82
CA VAL C 12 -77.69 8.72 42.71
C VAL C 12 -78.82 7.77 43.09
N LYS C 13 -80.06 8.19 42.85
CA LYS C 13 -81.22 7.38 43.12
C LYS C 13 -81.31 6.25 42.09
N PRO C 14 -82.02 5.17 42.40
CA PRO C 14 -82.15 4.07 41.43
C PRO C 14 -82.85 4.53 40.16
N SER C 15 -82.46 3.93 39.04
CA SER C 15 -82.99 4.23 37.72
C SER C 15 -82.86 5.72 37.38
N GLU C 16 -81.73 6.29 37.72
CA GLU C 16 -81.41 7.69 37.43
C GLU C 16 -80.09 7.70 36.65
N THR C 17 -79.57 8.89 36.36
CA THR C 17 -78.32 9.04 35.63
C THR C 17 -77.22 9.52 36.56
N LEU C 18 -76.03 8.99 36.37
CA LEU C 18 -74.82 9.49 37.01
C LEU C 18 -73.93 10.12 35.95
N SER C 19 -73.25 11.20 36.32
CA SER C 19 -72.32 11.84 35.40
C SER C 19 -71.13 12.37 36.18
N LEU C 20 -69.97 12.36 35.51
CA LEU C 20 -68.72 12.81 36.12
C LEU C 20 -67.97 13.68 35.12
N THR C 21 -67.11 14.54 35.64
CA THR C 21 -66.19 15.31 34.82
C THR C 21 -64.77 15.21 35.39
N CYS C 22 -63.79 15.15 34.48
CA CYS C 22 -62.39 15.13 34.82
C CYS C 22 -61.69 16.19 33.97
N SER C 23 -60.68 16.85 34.53
CA SER C 23 -60.15 18.07 33.94
C SER C 23 -58.65 18.13 34.13
N VAL C 24 -57.99 18.85 33.22
CA VAL C 24 -56.55 18.79 33.05
C VAL C 24 -55.94 20.10 33.53
N SER C 25 -54.72 20.01 34.06
CA SER C 25 -53.88 21.19 34.28
C SER C 25 -52.45 20.85 33.91
N GLY C 26 -51.64 21.89 33.72
CA GLY C 26 -50.26 21.72 33.33
C GLY C 26 -50.05 21.44 31.86
N GLY C 27 -51.05 20.86 31.21
CA GLY C 27 -51.04 20.70 29.76
C GLY C 27 -52.41 20.92 29.16
N SER C 28 -52.64 20.42 27.94
CA SER C 28 -53.94 20.56 27.32
C SER C 28 -54.17 19.41 26.36
N ILE C 29 -55.46 19.05 26.21
CA ILE C 29 -55.84 17.87 25.45
C ILE C 29 -55.34 18.01 24.02
N SER C 30 -54.48 17.10 23.60
CA SER C 30 -53.94 17.20 22.25
C SER C 30 -53.79 15.87 21.52
N SER C 31 -52.83 15.04 21.95
CA SER C 31 -52.49 13.83 21.19
C SER C 31 -52.52 12.55 22.02
N HIS C 32 -53.28 12.46 23.11
CA HIS C 32 -53.28 11.23 23.87
C HIS C 32 -54.69 10.74 24.17
N TYR C 33 -54.79 9.45 24.48
CA TYR C 33 -56.05 8.81 24.81
C TYR C 33 -56.44 9.05 26.26
N TRP C 34 -57.75 9.13 26.51
CA TRP C 34 -58.27 9.43 27.83
C TRP C 34 -59.33 8.40 28.20
N SER C 35 -59.26 7.89 29.43
CA SER C 35 -59.91 6.63 29.79
C SER C 35 -60.63 6.78 31.12
N TRP C 36 -61.75 6.08 31.23
CA TRP C 36 -62.50 5.96 32.49
C TRP C 36 -62.44 4.53 33.01
N ILE C 37 -62.07 4.39 34.28
CA ILE C 37 -61.91 3.10 34.94
C ILE C 37 -62.71 3.14 36.24
N ARG C 38 -63.24 1.98 36.66
CA ARG C 38 -63.90 1.86 37.94
C ARG C 38 -63.40 0.62 38.68
N GLN C 39 -63.40 0.72 40.01
CA GLN C 39 -63.04 -0.38 40.90
C GLN C 39 -64.18 -0.65 41.88
N PRO C 40 -64.99 -1.69 41.66
CA PRO C 40 -65.94 -2.10 42.69
C PRO C 40 -65.23 -2.39 43.99
N PRO C 41 -65.91 -2.24 45.13
CA PRO C 41 -65.25 -2.44 46.43
C PRO C 41 -64.65 -3.84 46.53
N GLY C 42 -63.41 -3.88 47.03
CA GLY C 42 -62.75 -5.14 47.32
C GLY C 42 -62.59 -6.08 46.15
N LYS C 43 -62.63 -5.57 44.92
CA LYS C 43 -62.70 -6.40 43.74
C LYS C 43 -61.79 -5.82 42.66
N GLY C 44 -61.50 -6.65 41.65
CA GLY C 44 -60.59 -6.24 40.60
C GLY C 44 -61.13 -5.15 39.71
N LEU C 45 -60.23 -4.52 38.96
CA LEU C 45 -60.55 -3.34 38.19
C LEU C 45 -61.50 -3.65 37.04
N GLU C 46 -62.11 -2.60 36.50
CA GLU C 46 -62.96 -2.69 35.32
C GLU C 46 -62.66 -1.52 34.39
N TRP C 47 -62.68 -1.78 33.08
CA TRP C 47 -62.49 -0.75 32.05
C TRP C 47 -63.82 -0.44 31.41
N ILE C 48 -64.25 0.82 31.50
CA ILE C 48 -65.53 1.23 30.94
C ILE C 48 -65.38 1.73 29.50
N GLY C 49 -64.41 2.59 29.24
CA GLY C 49 -64.17 3.03 27.87
C GLY C 49 -63.03 4.02 27.84
N TYR C 50 -62.62 4.36 26.62
CA TYR C 50 -61.70 5.48 26.43
C TYR C 50 -62.04 6.24 25.15
N ILE C 51 -61.83 7.56 25.22
CA ILE C 51 -62.01 8.49 24.10
C ILE C 51 -60.70 9.25 23.93
N TYR C 52 -60.41 9.66 22.68
CA TYR C 52 -59.23 10.47 22.45
C TYR C 52 -59.61 11.70 21.64
N TYR C 53 -58.60 12.50 21.31
CA TYR C 53 -58.77 13.67 20.47
C TYR C 53 -59.59 13.37 19.21
N SER C 54 -60.23 14.42 18.68
CA SER C 54 -61.15 14.30 17.55
C SER C 54 -62.26 13.28 17.80
N GLY C 55 -62.72 13.19 19.05
CA GLY C 55 -64.01 12.62 19.35
C GLY C 55 -64.18 11.11 19.23
N SER C 56 -63.25 10.43 18.57
CA SER C 56 -63.39 8.98 18.40
C SER C 56 -63.34 8.29 19.77
N THR C 57 -64.21 7.30 19.94
CA THR C 57 -64.49 6.76 21.27
C THR C 57 -64.65 5.25 21.21
N ASN C 58 -64.29 4.60 22.31
CA ASN C 58 -64.35 3.15 22.47
C ASN C 58 -65.00 2.82 23.80
N HIS C 59 -65.76 1.73 23.83
CA HIS C 59 -66.44 1.32 25.05
C HIS C 59 -66.33 -0.18 25.23
N ASN C 60 -66.68 -0.64 26.43
CA ASN C 60 -66.75 -2.05 26.78
C ASN C 60 -67.63 -2.80 25.78
N PRO C 61 -67.32 -4.05 25.46
CA PRO C 61 -68.18 -4.80 24.53
C PRO C 61 -69.53 -5.15 25.12
N SER C 62 -69.66 -5.16 26.44
CA SER C 62 -70.94 -5.17 27.12
C SER C 62 -71.21 -3.79 27.70
N LEU C 63 -72.40 -3.62 28.25
CA LEU C 63 -72.85 -2.34 28.82
C LEU C 63 -72.78 -1.20 27.81
N LYS C 64 -72.78 -1.55 26.52
CA LYS C 64 -72.69 -0.54 25.46
C LYS C 64 -73.70 0.58 25.62
N SER C 65 -74.92 0.25 26.05
CA SER C 65 -75.97 1.23 26.25
C SER C 65 -75.88 1.92 27.60
N ARG C 66 -75.09 1.38 28.53
CA ARG C 66 -75.05 1.92 29.88
C ARG C 66 -74.28 3.24 30.00
N VAL C 67 -73.63 3.70 28.93
CA VAL C 67 -72.80 4.90 29.05
C VAL C 67 -72.54 5.48 27.67
N THR C 68 -72.45 6.81 27.61
CA THR C 68 -71.86 7.54 26.49
C THR C 68 -70.83 8.52 27.04
N ILE C 69 -69.82 8.81 26.25
CA ILE C 69 -68.66 9.59 26.69
C ILE C 69 -68.43 10.72 25.70
N SER C 70 -68.04 11.88 26.23
CA SER C 70 -67.84 13.07 25.42
C SER C 70 -66.56 13.77 25.84
N VAL C 71 -65.93 14.46 24.90
CA VAL C 71 -64.71 15.22 25.15
C VAL C 71 -64.85 16.60 24.53
N ASP C 72 -64.45 17.62 25.29
CA ASP C 72 -64.43 19.00 24.81
C ASP C 72 -63.00 19.50 24.89
N THR C 73 -62.42 19.85 23.74
CA THR C 73 -61.11 20.50 23.76
C THR C 73 -61.18 21.81 24.53
N SER C 74 -62.27 22.53 24.37
CA SER C 74 -62.46 23.76 25.13
C SER C 74 -62.60 23.46 26.61
N LYS C 75 -61.92 24.25 27.43
CA LYS C 75 -61.89 24.14 28.89
C LYS C 75 -61.26 22.84 29.38
N ASN C 76 -60.56 22.12 28.50
CA ASN C 76 -59.76 20.94 28.87
C ASN C 76 -60.55 19.94 29.73
N GLN C 77 -61.75 19.57 29.28
CA GLN C 77 -62.58 18.68 30.08
C GLN C 77 -63.23 17.61 29.21
N PHE C 78 -63.55 16.48 29.85
CA PHE C 78 -64.31 15.40 29.25
C PHE C 78 -65.21 14.79 30.31
N SER C 79 -66.26 14.11 29.87
CA SER C 79 -67.31 13.66 30.79
C SER C 79 -67.99 12.42 30.25
N LEU C 80 -68.67 11.71 31.15
CA LEU C 80 -69.53 10.59 30.80
C LEU C 80 -70.85 10.72 31.54
N LYS C 81 -71.87 10.05 31.00
CA LYS C 81 -73.16 9.88 31.67
C LYS C 81 -73.61 8.43 31.54
N LEU C 82 -74.20 7.89 32.60
CA LEU C 82 -74.70 6.53 32.61
C LEU C 82 -76.21 6.52 32.40
N SER C 83 -76.67 5.66 31.50
CA SER C 83 -78.10 5.57 31.22
C SER C 83 -78.88 5.14 32.46
N SER C 84 -78.35 4.17 33.20
CA SER C 84 -78.99 3.68 34.41
C SER C 84 -77.92 3.44 35.47
N VAL C 85 -78.30 3.56 36.73
CA VAL C 85 -77.40 3.39 37.85
C VAL C 85 -78.11 2.60 38.95
N THR C 86 -77.48 1.53 39.41
CA THR C 86 -78.02 0.68 40.47
C THR C 86 -77.01 0.59 41.62
N ALA C 87 -77.46 -0.03 42.72
CA ALA C 87 -76.59 -0.20 43.88
C ALA C 87 -75.28 -0.91 43.52
N ALA C 88 -75.35 -1.94 42.69
CA ALA C 88 -74.16 -2.71 42.34
C ALA C 88 -73.17 -1.92 41.49
N ASP C 89 -73.56 -0.74 41.01
CA ASP C 89 -72.65 0.11 40.25
C ASP C 89 -71.73 0.95 41.13
N THR C 90 -71.90 0.90 42.46
CA THR C 90 -71.02 1.65 43.34
C THR C 90 -69.58 1.20 43.19
N ALA C 91 -68.67 2.17 43.13
CA ALA C 91 -67.25 1.91 42.91
C ALA C 91 -66.50 3.23 43.09
N VAL C 92 -65.18 3.13 43.11
CA VAL C 92 -64.32 4.28 42.89
C VAL C 92 -64.07 4.41 41.39
N TYR C 93 -64.28 5.61 40.85
CA TYR C 93 -64.10 5.87 39.43
C TYR C 93 -62.87 6.73 39.17
N TYR C 94 -62.15 6.39 38.11
CA TYR C 94 -60.86 7.00 37.81
C TYR C 94 -60.84 7.49 36.37
N CYS C 95 -60.20 8.64 36.16
CA CYS C 95 -59.81 9.08 34.82
C CYS C 95 -58.31 8.92 34.66
N ALA C 96 -57.87 8.50 33.47
CA ALA C 96 -56.46 8.22 33.24
C ALA C 96 -56.10 8.41 31.77
N ARG C 97 -54.85 8.84 31.54
CA ARG C 97 -54.30 9.03 30.21
C ARG C 97 -53.70 7.74 29.67
N GLY C 98 -54.11 7.34 28.46
CA GLY C 98 -53.56 6.17 27.81
C GLY C 98 -52.58 6.53 26.70
N VAL C 99 -51.42 5.88 26.72
CA VAL C 99 -50.39 6.04 25.70
C VAL C 99 -50.27 4.73 24.92
N LEU C 100 -50.20 4.82 23.60
CA LEU C 100 -50.07 3.66 22.73
C LEU C 100 -48.63 3.55 22.22
N LEU C 101 -47.98 2.42 22.51
CA LEU C 101 -46.58 2.22 22.10
C LEU C 101 -46.46 1.91 20.61
N TRP C 102 -46.89 0.72 20.19
CA TRP C 102 -46.75 0.28 18.81
C TRP C 102 -48.07 -0.18 18.23
N PHE C 103 -48.60 -1.28 18.75
CA PHE C 103 -49.85 -1.84 18.30
C PHE C 103 -50.67 -2.28 19.51
N GLY C 104 -51.93 -2.63 19.27
CA GLY C 104 -52.81 -3.05 20.34
C GLY C 104 -53.52 -1.93 21.05
N GLU C 105 -53.55 -1.97 22.37
CA GLU C 105 -54.22 -0.99 23.19
C GLU C 105 -53.22 -0.16 24.00
N PRO C 106 -53.65 0.96 24.56
CA PRO C 106 -52.72 1.82 25.31
C PRO C 106 -52.52 1.38 26.76
N ILE C 107 -51.35 1.73 27.27
CA ILE C 107 -51.00 1.54 28.68
C ILE C 107 -51.39 2.79 29.46
N PHE C 108 -52.04 2.59 30.60
CA PHE C 108 -52.52 3.71 31.41
C PHE C 108 -51.41 4.13 32.36
N GLU C 109 -50.78 5.27 32.07
CA GLU C 109 -49.55 5.68 32.74
C GLU C 109 -49.75 6.75 33.84
N ILE C 110 -50.74 7.62 33.69
CA ILE C 110 -51.01 8.67 34.67
C ILE C 110 -52.46 8.55 35.11
N TRP C 111 -52.69 8.55 36.42
CA TRP C 111 -53.97 8.22 37.01
C TRP C 111 -54.53 9.40 37.81
N GLY C 112 -55.84 9.61 37.69
CA GLY C 112 -56.52 10.57 38.54
C GLY C 112 -56.80 10.03 39.93
N GLN C 113 -56.96 10.96 40.87
CA GLN C 113 -57.08 10.59 42.28
C GLN C 113 -58.34 9.78 42.57
N GLY C 114 -59.35 9.84 41.72
CA GLY C 114 -60.54 9.02 41.87
C GLY C 114 -61.46 9.51 42.97
N THR C 115 -62.68 8.97 42.97
CA THR C 115 -63.73 9.38 43.89
C THR C 115 -64.67 8.20 44.11
N MET C 116 -65.30 8.18 45.28
CA MET C 116 -66.20 7.10 45.67
C MET C 116 -67.64 7.56 45.52
N VAL C 117 -68.45 6.76 44.82
CA VAL C 117 -69.84 7.08 44.56
C VAL C 117 -70.67 5.85 44.84
N THR C 118 -71.90 6.07 45.30
CA THR C 118 -72.74 4.98 45.77
C THR C 118 -74.21 5.28 45.47
N VAL C 119 -75.06 4.30 45.76
CA VAL C 119 -76.50 4.42 45.58
C VAL C 119 -77.17 4.11 46.91
N SER C 120 -78.30 4.78 47.16
CA SER C 120 -79.09 4.53 48.37
C SER C 120 -80.56 4.85 48.13
N GLU D 1 -61.71 -14.27 22.71
CA GLU D 1 -61.34 -13.18 23.60
C GLU D 1 -60.52 -13.68 24.77
N ILE D 2 -59.34 -13.06 24.96
CA ILE D 2 -58.46 -13.45 26.06
C ILE D 2 -59.20 -13.34 27.37
N VAL D 3 -59.10 -14.39 28.18
CA VAL D 3 -59.51 -14.34 29.58
C VAL D 3 -58.30 -14.68 30.44
N MET D 4 -58.30 -14.16 31.66
CA MET D 4 -57.08 -14.08 32.46
C MET D 4 -57.36 -14.60 33.86
N THR D 5 -56.35 -15.26 34.42
CA THR D 5 -56.39 -15.72 35.81
C THR D 5 -54.99 -15.63 36.40
N GLN D 6 -54.94 -15.50 37.72
CA GLN D 6 -53.71 -15.21 38.44
C GLN D 6 -53.69 -16.05 39.71
N SER D 7 -52.51 -16.56 40.06
CA SER D 7 -52.38 -17.55 41.11
C SER D 7 -51.08 -17.33 41.86
N PRO D 8 -51.04 -17.60 43.17
CA PRO D 8 -52.21 -17.96 43.98
C PRO D 8 -53.02 -16.75 44.41
N ALA D 9 -54.14 -17.00 45.09
CA ALA D 9 -54.98 -15.90 45.57
C ALA D 9 -54.34 -15.13 46.73
N THR D 10 -53.43 -15.75 47.48
CA THR D 10 -52.82 -15.05 48.60
C THR D 10 -51.39 -15.56 48.81
N LEU D 11 -50.51 -14.68 49.26
CA LEU D 11 -49.18 -15.04 49.72
C LEU D 11 -48.83 -14.27 50.98
N SER D 12 -47.82 -14.76 51.69
CA SER D 12 -47.20 -14.05 52.80
C SER D 12 -45.72 -14.38 52.81
N VAL D 13 -44.90 -13.40 53.21
CA VAL D 13 -43.45 -13.56 53.26
C VAL D 13 -42.92 -12.65 54.36
N SER D 14 -41.71 -12.97 54.85
CA SER D 14 -40.96 -12.21 55.84
C SER D 14 -39.87 -11.39 55.14
N PRO D 15 -39.34 -10.37 55.83
CA PRO D 15 -38.28 -9.55 55.22
C PRO D 15 -37.01 -10.30 54.81
N GLY D 16 -36.47 -9.89 53.67
CA GLY D 16 -35.23 -10.38 53.08
C GLY D 16 -35.23 -11.67 52.28
N GLU D 17 -36.38 -12.29 52.00
CA GLU D 17 -36.42 -13.45 51.12
C GLU D 17 -37.38 -13.23 49.96
N ARG D 18 -36.92 -13.58 48.77
CA ARG D 18 -37.65 -13.34 47.53
C ARG D 18 -38.90 -14.22 47.38
N ALA D 19 -39.86 -13.71 46.62
CA ALA D 19 -41.11 -14.41 46.31
C ALA D 19 -41.49 -14.10 44.86
N THR D 20 -42.36 -14.93 44.29
CA THR D 20 -42.79 -14.76 42.90
C THR D 20 -44.29 -15.00 42.75
N LEU D 21 -44.93 -14.16 41.94
CA LEU D 21 -46.35 -14.31 41.60
C LEU D 21 -46.48 -14.65 40.11
N SER D 22 -47.52 -15.41 39.77
CA SER D 22 -47.76 -15.83 38.39
C SER D 22 -49.20 -15.60 37.98
N CYS D 23 -49.39 -15.12 36.75
CA CYS D 23 -50.72 -15.01 36.14
C CYS D 23 -50.69 -15.69 34.78
N ARG D 24 -51.78 -16.38 34.45
CA ARG D 24 -51.90 -17.21 33.26
C ARG D 24 -53.06 -16.75 32.38
N ALA D 25 -52.93 -17.02 31.07
CA ALA D 25 -53.91 -16.58 30.09
C ALA D 25 -54.27 -17.73 29.16
N SER D 26 -55.44 -17.60 28.53
CA SER D 26 -56.04 -18.69 27.77
C SER D 26 -55.43 -18.90 26.39
N GLN D 27 -54.75 -17.90 25.83
CA GLN D 27 -54.16 -18.06 24.50
C GLN D 27 -52.88 -17.25 24.41
N SER D 28 -52.11 -17.54 23.37
CA SER D 28 -50.77 -16.98 23.23
C SER D 28 -50.80 -15.46 23.09
N VAL D 29 -49.84 -14.81 23.74
CA VAL D 29 -49.56 -13.39 23.59
C VAL D 29 -48.04 -13.21 23.61
N SER D 30 -47.59 -12.03 23.20
CA SER D 30 -46.15 -11.73 23.22
C SER D 30 -45.91 -10.34 23.78
N SER D 31 -45.13 -10.27 24.86
CA SER D 31 -44.64 -9.01 25.43
C SER D 31 -45.75 -7.96 25.59
N SER D 32 -46.94 -8.42 25.95
CA SER D 32 -48.12 -7.56 26.05
C SER D 32 -48.68 -7.47 27.46
N LEU D 33 -47.86 -7.66 28.48
CA LEU D 33 -48.34 -7.66 29.86
C LEU D 33 -47.65 -6.58 30.67
N ALA D 34 -48.45 -5.80 31.40
CA ALA D 34 -47.98 -4.76 32.30
C ALA D 34 -48.28 -5.14 33.74
N TRP D 35 -47.40 -4.73 34.65
CA TRP D 35 -47.55 -5.01 36.07
C TRP D 35 -47.89 -3.72 36.81
N TYR D 36 -48.93 -3.77 37.64
CA TYR D 36 -49.41 -2.62 38.39
C TYR D 36 -49.33 -2.89 39.88
N GLN D 37 -49.00 -1.85 40.64
CA GLN D 37 -48.95 -1.89 42.09
C GLN D 37 -50.00 -0.95 42.67
N GLN D 38 -50.70 -1.39 43.70
CA GLN D 38 -51.69 -0.56 44.36
C GLN D 38 -51.49 -0.61 45.87
N LYS D 39 -51.63 0.54 46.52
CA LYS D 39 -51.46 0.67 47.96
C LYS D 39 -52.76 1.19 48.56
N PRO D 40 -53.05 0.86 49.84
CA PRO D 40 -54.35 1.19 50.42
C PRO D 40 -54.77 2.64 50.24
N GLY D 41 -55.87 2.84 49.51
CA GLY D 41 -56.40 4.18 49.30
C GLY D 41 -55.61 5.05 48.35
N GLN D 42 -54.88 4.46 47.41
CA GLN D 42 -54.08 5.22 46.46
C GLN D 42 -54.27 4.67 45.06
N ALA D 43 -53.93 5.50 44.07
CA ALA D 43 -54.02 5.10 42.68
C ALA D 43 -52.91 4.11 42.34
N PRO D 44 -53.15 3.25 41.35
CA PRO D 44 -52.10 2.32 40.90
C PRO D 44 -50.85 3.03 40.42
N ARG D 45 -49.83 2.23 40.11
CA ARG D 45 -48.60 2.70 39.48
C ARG D 45 -48.12 1.65 38.49
N LEU D 46 -47.36 2.11 37.48
CA LEU D 46 -46.84 1.24 36.43
C LEU D 46 -45.40 0.86 36.75
N LEU D 47 -45.15 -0.45 36.89
CA LEU D 47 -43.80 -0.96 37.18
C LEU D 47 -43.10 -1.57 35.98
N ILE D 48 -43.75 -2.49 35.28
CA ILE D 48 -43.19 -3.14 34.10
C ILE D 48 -44.18 -3.01 32.95
N TYR D 49 -43.74 -2.42 31.84
CA TYR D 49 -44.61 -2.29 30.68
C TYR D 49 -44.25 -3.30 29.59
N GLY D 50 -42.97 -3.44 29.28
CA GLY D 50 -42.55 -4.42 28.32
C GLY D 50 -42.60 -5.80 28.95
N ALA D 51 -42.19 -6.81 28.19
CA ALA D 51 -42.19 -8.16 28.74
C ALA D 51 -41.27 -8.24 29.95
N SER D 52 -40.06 -7.69 29.82
CA SER D 52 -39.12 -7.55 30.93
C SER D 52 -38.46 -6.18 30.86
N THR D 53 -39.22 -5.11 31.06
CA THR D 53 -38.66 -3.76 31.00
C THR D 53 -39.17 -2.93 32.17
N ARG D 54 -38.24 -2.40 32.95
CA ARG D 54 -38.59 -1.53 34.08
C ARG D 54 -39.10 -0.19 33.58
N ALA D 55 -40.26 0.23 34.09
CA ALA D 55 -40.74 1.58 33.85
C ALA D 55 -39.78 2.59 34.49
N PRO D 56 -39.68 3.79 33.94
CA PRO D 56 -38.65 4.74 34.41
C PRO D 56 -38.90 5.18 35.85
N GLY D 57 -37.88 5.05 36.67
CA GLY D 57 -37.96 5.37 38.08
C GLY D 57 -38.38 4.24 38.99
N ILE D 58 -38.59 3.05 38.45
CA ILE D 58 -38.91 1.89 39.28
C ILE D 58 -37.60 1.34 39.87
N PRO D 59 -37.57 1.02 41.16
CA PRO D 59 -36.33 0.52 41.77
C PRO D 59 -35.73 -0.65 41.00
N ALA D 60 -34.40 -0.70 40.97
CA ALA D 60 -33.67 -1.67 40.16
C ALA D 60 -33.90 -3.12 40.59
N ARG D 61 -34.45 -3.36 41.77
CA ARG D 61 -34.62 -4.74 42.24
C ARG D 61 -35.82 -5.44 41.62
N PHE D 62 -36.74 -4.70 41.01
CA PHE D 62 -37.90 -5.33 40.39
C PHE D 62 -37.54 -5.90 39.03
N SER D 63 -38.05 -7.09 38.73
CA SER D 63 -37.84 -7.71 37.43
C SER D 63 -38.93 -8.75 37.21
N GLY D 64 -39.11 -9.11 35.94
CA GLY D 64 -40.07 -10.14 35.58
C GLY D 64 -39.65 -10.84 34.32
N SER D 65 -40.39 -11.89 33.99
CA SER D 65 -40.09 -12.70 32.80
C SER D 65 -41.34 -13.44 32.37
N GLY D 66 -41.31 -13.92 31.15
CA GLY D 66 -42.35 -14.80 30.66
C GLY D 66 -42.52 -14.66 29.17
N SER D 67 -43.24 -15.63 28.60
CA SER D 67 -43.70 -15.57 27.22
C SER D 67 -44.83 -16.58 27.06
N GLY D 68 -45.52 -16.49 25.93
CA GLY D 68 -46.65 -17.38 25.70
C GLY D 68 -47.72 -17.16 26.73
N THR D 69 -48.19 -18.26 27.34
CA THR D 69 -49.24 -18.20 28.35
C THR D 69 -48.74 -18.06 29.78
N GLU D 70 -47.43 -18.08 30.02
CA GLU D 70 -46.90 -18.03 31.37
C GLU D 70 -46.01 -16.81 31.57
N PHE D 71 -46.24 -16.10 32.67
CA PHE D 71 -45.45 -14.94 33.05
C PHE D 71 -45.34 -14.93 34.56
N THR D 72 -44.23 -14.40 35.07
CA THR D 72 -44.00 -14.32 36.50
C THR D 72 -43.31 -13.01 36.85
N LEU D 73 -43.65 -12.49 38.03
CA LEU D 73 -43.02 -11.30 38.60
C LEU D 73 -42.16 -11.72 39.78
N THR D 74 -40.88 -11.32 39.75
CA THR D 74 -39.94 -11.64 40.81
C THR D 74 -39.71 -10.40 41.66
N ILE D 75 -39.93 -10.52 42.97
CA ILE D 75 -39.60 -9.48 43.93
C ILE D 75 -38.46 -9.99 44.80
N SER D 76 -37.38 -9.23 44.88
CA SER D 76 -36.19 -9.62 45.62
C SER D 76 -35.91 -8.61 46.72
N SER D 77 -35.30 -9.10 47.81
CA SER D 77 -34.82 -8.26 48.91
C SER D 77 -35.95 -7.42 49.51
N LEU D 78 -37.12 -8.04 49.67
CA LEU D 78 -38.34 -7.33 50.02
C LEU D 78 -38.17 -6.47 51.27
N GLN D 79 -38.73 -5.26 51.22
CA GLN D 79 -38.81 -4.37 52.36
C GLN D 79 -40.28 -4.11 52.69
N SER D 80 -40.54 -3.65 53.91
CA SER D 80 -41.91 -3.42 54.36
C SER D 80 -42.67 -2.48 53.43
N GLU D 81 -41.97 -1.52 52.82
CA GLU D 81 -42.61 -0.61 51.86
C GLU D 81 -43.21 -1.35 50.66
N ASP D 82 -42.77 -2.57 50.38
CA ASP D 82 -43.25 -3.32 49.23
C ASP D 82 -44.61 -3.96 49.45
N PHE D 83 -45.21 -3.77 50.63
CA PHE D 83 -46.55 -4.25 50.89
C PHE D 83 -47.56 -3.58 49.95
N ALA D 84 -48.23 -4.40 49.13
CA ALA D 84 -49.17 -3.88 48.14
C ALA D 84 -49.93 -5.05 47.50
N VAL D 85 -50.94 -4.69 46.71
CA VAL D 85 -51.64 -5.60 45.82
C VAL D 85 -51.08 -5.42 44.41
N TYR D 86 -51.03 -6.52 43.65
CA TYR D 86 -50.40 -6.51 42.33
C TYR D 86 -51.36 -7.05 41.28
N TYR D 87 -51.36 -6.41 40.09
CA TYR D 87 -52.21 -6.78 38.98
C TYR D 87 -51.41 -6.84 37.69
N CYS D 88 -51.85 -7.70 36.77
CA CYS D 88 -51.26 -7.81 35.44
C CYS D 88 -52.35 -7.62 34.40
N GLN D 89 -52.07 -6.82 33.37
CA GLN D 89 -53.03 -6.48 32.33
C GLN D 89 -52.40 -6.68 30.96
N GLN D 90 -53.22 -7.09 29.99
CA GLN D 90 -52.77 -7.36 28.63
C GLN D 90 -53.46 -6.44 27.65
N TYR D 91 -52.66 -5.81 26.77
CA TYR D 91 -53.18 -4.89 25.77
C TYR D 91 -53.04 -5.41 24.33
N ASN D 92 -52.65 -6.67 24.13
CA ASN D 92 -52.44 -7.18 22.78
C ASN D 92 -53.73 -7.19 21.95
N ASN D 93 -54.84 -7.60 22.55
CA ASN D 93 -56.11 -7.66 21.85
C ASN D 93 -56.97 -6.43 22.14
N TRP D 94 -57.98 -6.22 21.29
CA TRP D 94 -58.86 -5.08 21.46
C TRP D 94 -59.52 -5.01 22.83
N PRO D 95 -60.18 -6.06 23.34
CA PRO D 95 -60.77 -5.95 24.67
C PRO D 95 -59.68 -5.82 25.72
N LEU D 96 -59.92 -4.96 26.71
CA LEU D 96 -58.97 -4.72 27.78
C LEU D 96 -59.41 -5.47 29.03
N THR D 97 -58.49 -6.23 29.62
CA THR D 97 -58.77 -7.03 30.80
C THR D 97 -57.64 -6.90 31.79
N PHE D 98 -57.99 -6.78 33.06
CA PHE D 98 -57.05 -6.83 34.17
C PHE D 98 -57.24 -8.12 34.94
N GLY D 99 -56.15 -8.62 35.52
CA GLY D 99 -56.23 -9.83 36.32
C GLY D 99 -56.99 -9.60 37.62
N GLY D 100 -57.37 -10.71 38.25
CA GLY D 100 -58.04 -10.64 39.53
C GLY D 100 -57.17 -10.11 40.65
N GLY D 101 -55.86 -10.10 40.45
CA GLY D 101 -54.93 -9.60 41.44
C GLY D 101 -54.58 -10.64 42.48
N THR D 102 -53.60 -10.28 43.31
CA THR D 102 -53.19 -11.12 44.43
C THR D 102 -52.87 -10.24 45.62
N LYS D 103 -53.43 -10.58 46.78
CA LYS D 103 -53.10 -9.87 48.01
C LYS D 103 -51.85 -10.47 48.63
N VAL D 104 -50.87 -9.63 48.92
CA VAL D 104 -49.67 -10.05 49.61
C VAL D 104 -49.82 -9.63 51.07
N GLU D 105 -49.72 -10.58 51.99
CA GLU D 105 -50.08 -10.37 53.38
C GLU D 105 -48.80 -10.25 54.20
N ILE D 106 -48.74 -9.23 55.05
CA ILE D 106 -47.57 -8.99 55.89
C ILE D 106 -47.38 -10.11 56.90
N GLN E 1 -2.28 -58.24 9.11
CA GLN E 1 -2.67 -59.42 8.34
C GLN E 1 -3.59 -60.32 9.17
N VAL E 2 -4.45 -61.07 8.49
CA VAL E 2 -5.28 -62.09 9.13
C VAL E 2 -5.23 -63.34 8.28
N GLN E 3 -5.55 -64.47 8.91
CA GLN E 3 -5.64 -65.74 8.21
C GLN E 3 -6.99 -66.37 8.53
N LEU E 4 -7.70 -66.80 7.48
CA LEU E 4 -8.91 -67.57 7.62
C LEU E 4 -8.61 -69.03 7.34
N GLN E 5 -9.00 -69.91 8.27
CA GLN E 5 -8.85 -71.35 8.07
C GLN E 5 -10.12 -72.03 8.52
N GLU E 6 -10.54 -73.04 7.76
CA GLU E 6 -11.85 -73.65 7.91
C GLU E 6 -11.70 -75.17 7.97
N SER E 7 -12.67 -75.82 8.61
CA SER E 7 -12.64 -77.27 8.78
C SER E 7 -14.08 -77.79 8.77
N GLY E 8 -14.22 -79.08 8.47
CA GLY E 8 -15.52 -79.70 8.45
C GLY E 8 -15.50 -81.10 7.87
N PRO E 9 -16.65 -81.76 7.83
CA PRO E 9 -16.73 -83.11 7.29
C PRO E 9 -16.75 -83.11 5.77
N GLY E 10 -16.23 -84.19 5.20
CA GLY E 10 -16.09 -84.29 3.76
C GLY E 10 -17.28 -84.87 3.02
N LEU E 11 -18.09 -85.68 3.69
CA LEU E 11 -19.18 -86.39 3.02
C LEU E 11 -20.44 -86.33 3.86
N VAL E 12 -21.57 -86.08 3.22
CA VAL E 12 -22.87 -86.00 3.88
C VAL E 12 -23.86 -86.88 3.12
N LYS E 13 -24.62 -87.68 3.87
CA LYS E 13 -25.62 -88.56 3.28
C LYS E 13 -26.81 -87.72 2.84
N PRO E 14 -27.63 -88.21 1.90
CA PRO E 14 -28.79 -87.45 1.46
C PRO E 14 -29.77 -87.19 2.60
N SER E 15 -30.43 -86.04 2.52
CA SER E 15 -31.41 -85.60 3.53
C SER E 15 -30.80 -85.57 4.93
N GLU E 16 -29.57 -85.09 5.01
CA GLU E 16 -28.86 -84.93 6.28
C GLU E 16 -28.43 -83.46 6.37
N THR E 17 -27.67 -83.13 7.41
CA THR E 17 -27.19 -81.77 7.63
C THR E 17 -25.69 -81.70 7.36
N LEU E 18 -25.26 -80.61 6.74
CA LEU E 18 -23.85 -80.27 6.61
C LEU E 18 -23.57 -79.04 7.46
N SER E 19 -22.39 -79.00 8.06
CA SER E 19 -21.99 -77.84 8.85
C SER E 19 -20.49 -77.61 8.68
N LEU E 20 -20.11 -76.34 8.73
CA LEU E 20 -18.72 -75.94 8.57
C LEU E 20 -18.38 -74.89 9.62
N THR E 21 -17.10 -74.78 9.93
CA THR E 21 -16.57 -73.72 10.78
C THR E 21 -15.37 -73.06 10.12
N CYS E 22 -15.27 -71.75 10.29
CA CYS E 22 -14.14 -70.95 9.81
C CYS E 22 -13.66 -70.09 10.97
N SER E 23 -12.35 -69.87 11.05
CA SER E 23 -11.75 -69.33 12.26
C SER E 23 -10.61 -68.39 11.90
N VAL E 24 -10.36 -67.43 12.80
CA VAL E 24 -9.52 -66.28 12.53
C VAL E 24 -8.21 -66.42 13.30
N SER E 25 -7.14 -65.87 12.71
CA SER E 25 -5.90 -65.65 13.43
C SER E 25 -5.32 -64.30 13.01
N GLY E 26 -4.39 -63.81 13.82
CA GLY E 26 -3.78 -62.51 13.56
C GLY E 26 -4.62 -61.33 13.98
N GLY E 27 -5.94 -61.50 14.01
CA GLY E 27 -6.84 -60.49 14.54
C GLY E 27 -7.98 -61.12 15.30
N SER E 28 -9.06 -60.36 15.50
CA SER E 28 -10.22 -60.91 16.20
C SER E 28 -11.49 -60.22 15.71
N ILE E 29 -12.60 -60.96 15.75
CA ILE E 29 -13.85 -60.51 15.18
C ILE E 29 -14.27 -59.22 15.86
N SER E 30 -14.38 -58.13 15.10
CA SER E 30 -14.76 -56.87 15.71
C SER E 30 -15.71 -56.02 14.88
N SER E 31 -15.22 -55.45 13.78
CA SER E 31 -16.01 -54.49 13.02
C SER E 31 -16.19 -54.81 11.54
N HIS E 32 -16.10 -56.06 11.12
CA HIS E 32 -16.26 -56.34 9.70
C HIS E 32 -17.26 -57.46 9.45
N TYR E 33 -17.76 -57.50 8.22
CA TYR E 33 -18.73 -58.50 7.77
C TYR E 33 -18.03 -59.80 7.39
N TRP E 34 -18.72 -60.92 7.61
CA TRP E 34 -18.16 -62.24 7.36
C TRP E 34 -19.15 -63.05 6.52
N SER E 35 -18.65 -63.73 5.50
CA SER E 35 -19.48 -64.19 4.39
C SER E 35 -19.13 -65.62 4.03
N TRP E 36 -20.14 -66.38 3.63
CA TRP E 36 -19.97 -67.73 3.10
C TRP E 36 -20.33 -67.77 1.62
N ILE E 37 -19.41 -68.31 0.81
CA ILE E 37 -19.56 -68.40 -0.64
C ILE E 37 -19.32 -69.85 -1.05
N ARG E 38 -19.99 -70.29 -2.12
CA ARG E 38 -19.75 -71.60 -2.69
C ARG E 38 -19.60 -71.51 -4.20
N GLN E 39 -18.79 -72.42 -4.75
CA GLN E 39 -18.56 -72.55 -6.19
C GLN E 39 -18.89 -73.96 -6.64
N PRO E 40 -20.06 -74.20 -7.25
CA PRO E 40 -20.29 -75.49 -7.88
C PRO E 40 -19.22 -75.80 -8.90
N PRO E 41 -18.95 -77.08 -9.16
CA PRO E 41 -17.87 -77.44 -10.09
C PRO E 41 -18.07 -76.82 -11.46
N GLY E 42 -16.99 -76.25 -12.00
CA GLY E 42 -16.99 -75.73 -13.35
C GLY E 42 -18.01 -74.65 -13.63
N LYS E 43 -18.50 -73.96 -12.60
CA LYS E 43 -19.62 -73.04 -12.74
C LYS E 43 -19.35 -71.78 -11.94
N GLY E 44 -20.14 -70.74 -12.22
CA GLY E 44 -19.94 -69.46 -11.59
C GLY E 44 -20.28 -69.47 -10.11
N LEU E 45 -19.81 -68.43 -9.42
CA LEU E 45 -19.90 -68.37 -7.96
C LEU E 45 -21.34 -68.23 -7.49
N GLU E 46 -21.54 -68.50 -6.20
CA GLU E 46 -22.83 -68.30 -5.55
C GLU E 46 -22.60 -67.69 -4.17
N TRP E 47 -23.48 -66.78 -3.77
CA TRP E 47 -23.45 -66.15 -2.45
C TRP E 47 -24.55 -66.74 -1.59
N ILE E 48 -24.18 -67.34 -0.47
CA ILE E 48 -25.15 -67.96 0.43
C ILE E 48 -25.64 -66.99 1.49
N GLY E 49 -24.73 -66.28 2.15
CA GLY E 49 -25.14 -65.27 3.12
C GLY E 49 -23.92 -64.62 3.74
N TYR E 50 -24.19 -63.57 4.53
CA TYR E 50 -23.15 -63.00 5.37
C TYR E 50 -23.74 -62.54 6.70
N ILE E 51 -22.93 -62.69 7.75
CA ILE E 51 -23.23 -62.25 9.11
C ILE E 51 -22.11 -61.32 9.57
N TYR E 52 -22.43 -60.36 10.43
CA TYR E 52 -21.38 -59.52 10.98
C TYR E 52 -21.51 -59.48 12.50
N TYR E 53 -20.64 -58.69 13.13
CA TYR E 53 -20.67 -58.46 14.57
C TYR E 53 -22.08 -58.16 15.08
N SER E 54 -22.30 -58.45 16.36
CA SER E 54 -23.62 -58.34 16.99
C SER E 54 -24.70 -59.11 16.24
N GLY E 55 -24.33 -60.25 15.66
CA GLY E 55 -25.29 -61.28 15.31
C GLY E 55 -26.20 -61.03 14.12
N SER E 56 -26.30 -59.79 13.65
CA SER E 56 -27.17 -59.50 12.52
C SER E 56 -26.70 -60.25 11.28
N THR E 57 -27.65 -60.80 10.52
CA THR E 57 -27.34 -61.79 9.50
C THR E 57 -28.21 -61.57 8.27
N ASN E 58 -27.65 -61.93 7.11
CA ASN E 58 -28.29 -61.80 5.82
C ASN E 58 -28.12 -63.11 5.05
N HIS E 59 -29.12 -63.46 4.26
CA HIS E 59 -29.08 -64.69 3.49
C HIS E 59 -29.62 -64.43 2.09
N ASN E 60 -29.39 -65.40 1.20
CA ASN E 60 -29.92 -65.43 -0.15
C ASN E 60 -31.44 -65.24 -0.14
N PRO E 61 -32.02 -64.57 -1.12
CA PRO E 61 -33.48 -64.41 -1.14
C PRO E 61 -34.21 -65.72 -1.42
N SER E 62 -33.54 -66.68 -2.03
CA SER E 62 -34.01 -68.06 -2.10
C SER E 62 -33.19 -68.90 -1.13
N LEU E 63 -33.58 -70.17 -0.99
CA LEU E 63 -32.94 -71.11 -0.07
C LEU E 63 -32.92 -70.59 1.36
N LYS E 64 -33.83 -69.67 1.69
CA LYS E 64 -33.89 -69.08 3.03
C LYS E 64 -33.93 -70.14 4.13
N SER E 65 -34.66 -71.23 3.90
CA SER E 65 -34.76 -72.31 4.86
C SER E 65 -33.59 -73.28 4.80
N ARG E 66 -32.79 -73.24 3.73
CA ARG E 66 -31.74 -74.21 3.55
C ARG E 66 -30.53 -73.98 4.46
N VAL E 67 -30.48 -72.89 5.22
CA VAL E 67 -29.29 -72.61 6.00
C VAL E 67 -29.63 -71.61 7.11
N THR E 68 -28.96 -71.75 8.25
CA THR E 68 -28.86 -70.72 9.27
C THR E 68 -27.39 -70.55 9.63
N ILE E 69 -27.03 -69.34 10.04
CA ILE E 69 -25.63 -68.96 10.26
C ILE E 69 -25.51 -68.35 11.64
N SER E 70 -24.38 -68.63 12.30
CA SER E 70 -24.13 -68.18 13.66
C SER E 70 -22.70 -67.68 13.78
N VAL E 71 -22.49 -66.73 14.69
CA VAL E 71 -21.18 -66.16 14.95
C VAL E 71 -20.96 -66.11 16.45
N ASP E 72 -19.77 -66.53 16.88
CA ASP E 72 -19.36 -66.46 18.28
C ASP E 72 -18.13 -65.58 18.37
N THR E 73 -18.24 -64.46 19.08
CA THR E 73 -17.05 -63.66 19.34
C THR E 73 -16.02 -64.47 20.12
N SER E 74 -16.48 -65.29 21.06
CA SER E 74 -15.59 -66.17 21.80
C SER E 74 -14.98 -67.21 20.85
N LYS E 75 -13.68 -67.41 21.01
CA LYS E 75 -12.88 -68.35 20.21
C LYS E 75 -12.80 -67.97 18.73
N ASN E 76 -13.18 -66.75 18.38
CA ASN E 76 -13.01 -66.20 17.03
C ASN E 76 -13.53 -67.15 15.94
N GLN E 77 -14.75 -67.63 16.09
CA GLN E 77 -15.28 -68.59 15.13
C GLN E 77 -16.72 -68.28 14.76
N PHE E 78 -17.11 -68.72 13.56
CA PHE E 78 -18.49 -68.65 13.08
C PHE E 78 -18.76 -69.90 12.25
N SER E 79 -20.05 -70.22 12.10
CA SER E 79 -20.42 -71.50 11.52
C SER E 79 -21.79 -71.40 10.85
N LEU E 80 -22.06 -72.36 9.95
CA LEU E 80 -23.37 -72.52 9.34
C LEU E 80 -23.77 -73.99 9.39
N LYS E 81 -25.08 -74.23 9.30
CA LYS E 81 -25.62 -75.57 9.10
C LYS E 81 -26.70 -75.52 8.02
N LEU E 82 -26.73 -76.55 7.20
CA LEU E 82 -27.73 -76.66 6.13
C LEU E 82 -28.84 -77.61 6.54
N SER E 83 -30.08 -77.17 6.32
CA SER E 83 -31.24 -78.00 6.69
C SER E 83 -31.25 -79.30 5.91
N SER E 84 -30.94 -79.23 4.61
CA SER E 84 -30.91 -80.41 3.76
C SER E 84 -29.71 -80.30 2.82
N VAL E 85 -29.18 -81.45 2.42
CA VAL E 85 -28.03 -81.51 1.54
C VAL E 85 -28.24 -82.61 0.50
N THR E 86 -28.08 -82.27 -0.78
CA THR E 86 -28.23 -83.19 -1.88
C THR E 86 -26.96 -83.23 -2.72
N ALA E 87 -26.92 -84.17 -3.66
CA ALA E 87 -25.77 -84.29 -4.56
C ALA E 87 -25.43 -82.98 -5.27
N ALA E 88 -26.46 -82.27 -5.75
CA ALA E 88 -26.25 -81.04 -6.48
C ALA E 88 -25.69 -79.91 -5.62
N ASP E 89 -25.66 -80.09 -4.30
CA ASP E 89 -25.08 -79.09 -3.40
C ASP E 89 -23.56 -79.18 -3.30
N THR E 90 -22.94 -80.18 -3.93
CA THR E 90 -21.48 -80.29 -3.89
C THR E 90 -20.83 -79.07 -4.52
N ALA E 91 -19.80 -78.56 -3.86
CA ALA E 91 -19.10 -77.35 -4.28
C ALA E 91 -17.87 -77.18 -3.39
N VAL E 92 -17.03 -76.22 -3.77
CA VAL E 92 -16.03 -75.68 -2.86
C VAL E 92 -16.67 -74.52 -2.10
N TYR E 93 -16.54 -74.54 -0.77
CA TYR E 93 -17.11 -73.51 0.09
C TYR E 93 -16.02 -72.62 0.67
N TYR E 94 -16.31 -71.33 0.73
CA TYR E 94 -15.34 -70.31 1.11
C TYR E 94 -15.91 -69.44 2.21
N CYS E 95 -15.06 -69.05 3.17
CA CYS E 95 -15.34 -67.96 4.09
C CYS E 95 -14.52 -66.74 3.71
N ALA E 96 -15.12 -65.55 3.81
CA ALA E 96 -14.45 -64.33 3.39
C ALA E 96 -14.96 -63.12 4.16
N ARG E 97 -14.06 -62.16 4.37
CA ARG E 97 -14.37 -60.90 5.05
C ARG E 97 -14.89 -59.85 4.07
N GLY E 98 -16.05 -59.27 4.38
CA GLY E 98 -16.63 -58.21 3.57
C GLY E 98 -16.44 -56.84 4.19
N VAL E 99 -15.96 -55.90 3.38
CA VAL E 99 -15.80 -54.50 3.77
C VAL E 99 -16.79 -53.65 3.00
N LEU E 100 -17.46 -52.73 3.69
CA LEU E 100 -18.43 -51.82 3.07
C LEU E 100 -17.82 -50.43 2.92
N LEU E 101 -17.77 -49.94 1.67
CA LEU E 101 -17.18 -48.63 1.40
C LEU E 101 -18.09 -47.49 1.81
N TRP E 102 -19.19 -47.30 1.09
CA TRP E 102 -20.09 -46.17 1.34
C TRP E 102 -21.53 -46.65 1.50
N PHE E 103 -22.10 -47.17 0.41
CA PHE E 103 -23.48 -47.66 0.42
C PHE E 103 -23.53 -48.97 -0.36
N GLY E 104 -24.68 -49.64 -0.26
CA GLY E 104 -24.85 -50.91 -0.95
C GLY E 104 -24.36 -52.11 -0.17
N GLU E 105 -23.65 -53.01 -0.82
CA GLU E 105 -23.15 -54.24 -0.24
C GLU E 105 -21.63 -54.21 -0.12
N PRO E 106 -21.06 -55.12 0.67
CA PRO E 106 -19.60 -55.12 0.85
C PRO E 106 -18.84 -55.86 -0.24
N ILE E 107 -17.59 -55.43 -0.44
CA ILE E 107 -16.66 -56.07 -1.35
C ILE E 107 -15.87 -57.12 -0.56
N PHE E 108 -15.74 -58.31 -1.13
CA PHE E 108 -15.05 -59.42 -0.46
C PHE E 108 -13.56 -59.33 -0.77
N GLU E 109 -12.78 -58.90 0.21
CA GLU E 109 -11.39 -58.54 0.01
C GLU E 109 -10.38 -59.62 0.42
N ILE E 110 -10.69 -60.41 1.45
CA ILE E 110 -9.81 -61.46 1.93
C ILE E 110 -10.57 -62.77 1.93
N TRP E 111 -9.97 -63.81 1.36
CA TRP E 111 -10.64 -65.07 1.07
C TRP E 111 -9.98 -66.22 1.82
N GLY E 112 -10.82 -67.13 2.35
CA GLY E 112 -10.32 -68.37 2.90
C GLY E 112 -9.97 -69.40 1.84
N GLN E 113 -9.09 -70.32 2.23
CA GLN E 113 -8.54 -71.29 1.28
C GLN E 113 -9.60 -72.22 0.70
N GLY E 114 -10.73 -72.39 1.38
CA GLY E 114 -11.82 -73.19 0.87
C GLY E 114 -11.57 -74.69 0.95
N THR E 115 -12.65 -75.45 0.76
CA THR E 115 -12.61 -76.90 0.90
C THR E 115 -13.68 -77.50 -0.01
N MET E 116 -13.43 -78.73 -0.45
CA MET E 116 -14.33 -79.43 -1.36
C MET E 116 -15.15 -80.45 -0.60
N VAL E 117 -16.47 -80.41 -0.78
CA VAL E 117 -17.38 -81.30 -0.08
C VAL E 117 -18.38 -81.84 -1.09
N THR E 118 -18.82 -83.07 -0.86
CA THR E 118 -19.63 -83.79 -1.83
C THR E 118 -20.63 -84.69 -1.11
N VAL E 119 -21.51 -85.31 -1.91
CA VAL E 119 -22.51 -86.25 -1.42
C VAL E 119 -22.34 -87.56 -2.17
N SER E 120 -22.62 -88.67 -1.48
CA SER E 120 -22.58 -89.99 -2.09
C SER E 120 -23.53 -90.96 -1.38
N GLU F 1 -34.80 -56.75 -9.75
CA GLU F 1 -33.52 -57.29 -9.32
C GLU F 1 -32.54 -57.39 -10.49
N ILE F 2 -31.35 -56.79 -10.30
CA ILE F 2 -30.33 -56.81 -11.33
C ILE F 2 -30.01 -58.25 -11.71
N VAL F 3 -29.99 -58.52 -13.01
CA VAL F 3 -29.44 -59.76 -13.54
C VAL F 3 -28.30 -59.40 -14.49
N MET F 4 -27.36 -60.32 -14.63
CA MET F 4 -26.05 -60.00 -15.18
C MET F 4 -25.68 -61.03 -16.24
N THR F 5 -25.01 -60.56 -17.28
CA THR F 5 -24.46 -61.43 -18.32
C THR F 5 -23.15 -60.83 -18.82
N GLN F 6 -22.30 -61.71 -19.34
CA GLN F 6 -20.93 -61.37 -19.71
C GLN F 6 -20.59 -62.05 -21.02
N SER F 7 -19.86 -61.35 -21.88
CA SER F 7 -19.65 -61.76 -23.25
C SER F 7 -18.25 -61.37 -23.69
N PRO F 8 -17.60 -62.17 -24.55
CA PRO F 8 -18.08 -63.48 -24.99
C PRO F 8 -17.79 -64.59 -23.99
N ALA F 9 -18.28 -65.79 -24.27
CA ALA F 9 -18.02 -66.92 -23.39
C ALA F 9 -16.58 -67.38 -23.41
N THR F 10 -15.83 -67.12 -24.49
CA THR F 10 -14.44 -67.57 -24.55
C THR F 10 -13.63 -66.59 -25.40
N LEU F 11 -12.36 -66.44 -25.04
CA LEU F 11 -11.38 -65.71 -25.84
C LEU F 11 -10.07 -66.46 -25.86
N SER F 12 -9.23 -66.10 -26.83
CA SER F 12 -7.83 -66.54 -26.87
C SER F 12 -7.00 -65.42 -27.48
N VAL F 13 -5.76 -65.30 -27.00
CA VAL F 13 -4.84 -64.26 -27.47
C VAL F 13 -3.42 -64.78 -27.34
N SER F 14 -2.50 -64.18 -28.09
CA SER F 14 -1.07 -64.45 -28.06
C SER F 14 -0.35 -63.37 -27.27
N PRO F 15 0.89 -63.63 -26.84
CA PRO F 15 1.64 -62.63 -26.06
C PRO F 15 1.88 -61.31 -26.79
N GLY F 16 1.79 -60.22 -26.02
CA GLY F 16 2.03 -58.85 -26.43
C GLY F 16 0.95 -58.07 -27.15
N GLU F 17 -0.26 -58.59 -27.30
CA GLU F 17 -1.35 -57.80 -27.88
C GLU F 17 -2.54 -57.76 -26.92
N ARG F 18 -3.09 -56.56 -26.76
CA ARG F 18 -4.18 -56.29 -25.82
C ARG F 18 -5.51 -56.93 -26.24
N ALA F 19 -6.35 -57.20 -25.24
CA ALA F 19 -7.68 -57.75 -25.42
C ALA F 19 -8.61 -57.12 -24.39
N THR F 20 -9.92 -57.19 -24.65
CA THR F 20 -10.91 -56.61 -23.75
C THR F 20 -12.11 -57.54 -23.57
N LEU F 21 -12.61 -57.63 -22.34
CA LEU F 21 -13.81 -58.37 -21.99
C LEU F 21 -14.91 -57.42 -21.55
N SER F 22 -16.17 -57.80 -21.81
CA SER F 22 -17.31 -56.95 -21.48
C SER F 22 -18.40 -57.76 -20.77
N CYS F 23 -19.00 -57.15 -19.74
CA CYS F 23 -20.17 -57.72 -19.08
C CYS F 23 -21.26 -56.66 -19.02
N ARG F 24 -22.50 -57.09 -19.23
CA ARG F 24 -23.66 -56.22 -19.35
C ARG F 24 -24.71 -56.54 -18.30
N ALA F 25 -25.51 -55.53 -17.94
CA ALA F 25 -26.51 -55.66 -16.89
C ALA F 25 -27.84 -55.07 -17.36
N SER F 26 -28.91 -55.51 -16.69
CA SER F 26 -30.27 -55.23 -17.14
C SER F 26 -30.75 -53.82 -16.80
N GLN F 27 -30.14 -53.14 -15.83
CA GLN F 27 -30.59 -51.81 -15.46
C GLN F 27 -29.40 -50.99 -14.99
N SER F 28 -29.63 -49.68 -14.92
CA SER F 28 -28.55 -48.72 -14.66
C SER F 28 -27.92 -48.95 -13.29
N VAL F 29 -26.59 -48.82 -13.25
CA VAL F 29 -25.81 -48.79 -12.02
C VAL F 29 -24.71 -47.75 -12.20
N SER F 30 -24.07 -47.37 -11.09
CA SER F 30 -22.96 -46.42 -11.16
C SER F 30 -21.81 -46.89 -10.28
N SER F 31 -20.64 -47.06 -10.90
CA SER F 31 -19.38 -47.33 -10.19
C SER F 31 -19.52 -48.43 -9.14
N SER F 32 -20.33 -49.44 -9.45
CA SER F 32 -20.63 -50.51 -8.49
C SER F 32 -20.16 -51.88 -8.96
N LEU F 33 -19.12 -51.94 -9.80
CA LEU F 33 -18.65 -53.21 -10.33
C LEU F 33 -17.20 -53.46 -9.94
N ALA F 34 -16.95 -54.68 -9.45
CA ALA F 34 -15.62 -55.14 -9.08
C ALA F 34 -15.17 -56.25 -10.03
N TRP F 35 -13.87 -56.30 -10.30
CA TRP F 35 -13.29 -57.31 -11.17
C TRP F 35 -12.47 -58.29 -10.35
N TYR F 36 -12.72 -59.59 -10.55
CA TYR F 36 -12.05 -60.65 -9.82
C TYR F 36 -11.27 -61.55 -10.77
N GLN F 37 -10.12 -62.01 -10.32
CA GLN F 37 -9.27 -62.94 -11.05
C GLN F 37 -9.18 -64.25 -10.29
N GLN F 38 -9.27 -65.37 -11.00
CA GLN F 38 -9.15 -66.68 -10.40
C GLN F 38 -8.18 -67.54 -11.20
N LYS F 39 -7.34 -68.29 -10.49
CA LYS F 39 -6.35 -69.16 -11.09
C LYS F 39 -6.60 -70.60 -10.65
N PRO F 40 -6.22 -71.60 -11.48
CA PRO F 40 -6.60 -72.99 -11.19
C PRO F 40 -6.28 -73.45 -9.78
N GLY F 41 -7.33 -73.78 -9.02
CA GLY F 41 -7.16 -74.27 -7.66
C GLY F 41 -6.76 -73.24 -6.64
N GLN F 42 -7.09 -71.97 -6.87
CA GLN F 42 -6.74 -70.91 -5.94
C GLN F 42 -7.94 -70.00 -5.70
N ALA F 43 -7.88 -69.26 -4.60
CA ALA F 43 -8.93 -68.31 -4.26
C ALA F 43 -8.87 -67.10 -5.19
N PRO F 44 -10.00 -66.44 -5.41
CA PRO F 44 -10.01 -65.21 -6.21
C PRO F 44 -9.11 -64.12 -5.64
N ARG F 45 -9.00 -63.04 -6.41
CA ARG F 45 -8.32 -61.83 -5.97
C ARG F 45 -9.07 -60.61 -6.49
N LEU F 46 -8.93 -59.48 -5.79
CA LEU F 46 -9.61 -58.24 -6.15
C LEU F 46 -8.65 -57.34 -6.94
N LEU F 47 -9.03 -57.00 -8.16
CA LEU F 47 -8.22 -56.14 -9.03
C LEU F 47 -8.73 -54.71 -9.13
N ILE F 48 -10.01 -54.54 -9.45
CA ILE F 48 -10.63 -53.22 -9.57
C ILE F 48 -11.88 -53.19 -8.70
N TYR F 49 -11.94 -52.23 -7.77
CA TYR F 49 -13.12 -52.10 -6.92
C TYR F 49 -13.99 -50.93 -7.35
N GLY F 50 -13.39 -49.77 -7.59
CA GLY F 50 -14.13 -48.64 -8.09
C GLY F 50 -14.47 -48.84 -9.55
N ALA F 51 -15.12 -47.84 -10.14
CA ALA F 51 -15.46 -47.95 -11.55
C ALA F 51 -14.19 -48.09 -12.39
N SER F 52 -13.19 -47.24 -12.12
CA SER F 52 -11.87 -47.33 -12.72
C SER F 52 -10.81 -47.07 -11.65
N THR F 53 -10.68 -47.96 -10.67
CA THR F 53 -9.70 -47.77 -9.61
C THR F 53 -8.97 -49.07 -9.34
N ARG F 54 -7.64 -49.04 -9.45
CA ARG F 54 -6.82 -50.20 -9.17
C ARG F 54 -6.79 -50.50 -7.68
N ALA F 55 -7.07 -51.75 -7.31
CA ALA F 55 -6.87 -52.19 -5.94
C ALA F 55 -5.38 -52.13 -5.58
N PRO F 56 -5.05 -51.91 -4.32
CA PRO F 56 -3.64 -51.67 -3.94
C PRO F 56 -2.78 -52.90 -4.20
N GLY F 57 -1.68 -52.69 -4.92
CA GLY F 57 -0.78 -53.76 -5.28
C GLY F 57 -1.08 -54.46 -6.60
N ILE F 58 -2.11 -54.02 -7.31
CA ILE F 58 -2.40 -54.58 -8.64
C ILE F 58 -1.46 -53.93 -9.65
N PRO F 59 -0.85 -54.71 -10.56
CA PRO F 59 0.08 -54.14 -11.53
C PRO F 59 -0.53 -52.96 -12.29
N ALA F 60 0.32 -51.98 -12.60
CA ALA F 60 -0.14 -50.73 -13.21
C ALA F 60 -0.73 -50.91 -14.60
N ARG F 61 -0.54 -52.05 -15.26
CA ARG F 61 -1.05 -52.22 -16.61
C ARG F 61 -2.54 -52.53 -16.67
N PHE F 62 -3.15 -52.93 -15.55
CA PHE F 62 -4.57 -53.22 -15.54
C PHE F 62 -5.38 -51.94 -15.47
N SER F 63 -6.47 -51.89 -16.23
CA SER F 63 -7.37 -50.74 -16.19
C SER F 63 -8.72 -51.18 -16.75
N GLY F 64 -9.75 -50.39 -16.42
CA GLY F 64 -11.08 -50.64 -16.92
C GLY F 64 -11.86 -49.36 -17.02
N SER F 65 -13.05 -49.46 -17.61
CA SER F 65 -13.91 -48.31 -17.79
C SER F 65 -15.35 -48.77 -17.96
N GLY F 66 -16.26 -47.84 -17.80
CA GLY F 66 -17.66 -48.08 -18.10
C GLY F 66 -18.56 -47.23 -17.24
N SER F 67 -19.83 -47.18 -17.65
CA SER F 67 -20.90 -46.61 -16.85
C SER F 67 -22.22 -47.10 -17.39
N GLY F 68 -23.28 -46.87 -16.63
CA GLY F 68 -24.59 -47.35 -17.04
C GLY F 68 -24.61 -48.86 -17.12
N THR F 69 -25.09 -49.39 -18.25
CA THR F 69 -25.20 -50.83 -18.44
C THR F 69 -23.97 -51.46 -19.11
N GLU F 70 -22.97 -50.68 -19.52
CA GLU F 70 -21.83 -51.21 -20.23
C GLU F 70 -20.54 -50.94 -19.47
N PHE F 71 -19.72 -51.98 -19.33
CA PHE F 71 -18.41 -51.89 -18.69
C PHE F 71 -17.47 -52.82 -19.42
N THR F 72 -16.19 -52.46 -19.43
CA THR F 72 -15.17 -53.28 -20.09
C THR F 72 -13.88 -53.27 -19.29
N LEU F 73 -13.18 -54.40 -19.33
CA LEU F 73 -11.87 -54.55 -18.71
C LEU F 73 -10.82 -54.65 -19.81
N THR F 74 -9.81 -53.79 -19.73
CA THR F 74 -8.72 -53.76 -20.70
C THR F 74 -7.48 -54.40 -20.09
N ILE F 75 -6.95 -55.42 -20.77
CA ILE F 75 -5.67 -56.02 -20.40
C ILE F 75 -4.66 -55.70 -21.50
N SER F 76 -3.53 -55.11 -21.10
CA SER F 76 -2.51 -54.68 -22.04
C SER F 76 -1.20 -55.41 -21.77
N SER F 77 -0.42 -55.62 -22.83
CA SER F 77 0.94 -56.16 -22.72
C SER F 77 0.94 -57.54 -22.06
N LEU F 78 -0.04 -58.37 -22.41
CA LEU F 78 -0.32 -59.61 -21.70
C LEU F 78 0.93 -60.48 -21.60
N GLN F 79 1.11 -61.09 -20.43
CA GLN F 79 2.14 -62.08 -20.19
C GLN F 79 1.48 -63.40 -19.80
N SER F 80 2.23 -64.49 -19.93
CA SER F 80 1.69 -65.82 -19.65
C SER F 80 1.11 -65.92 -18.24
N GLU F 81 1.69 -65.20 -17.28
CA GLU F 81 1.14 -65.19 -15.92
C GLU F 81 -0.29 -64.68 -15.86
N ASP F 82 -0.75 -63.93 -16.86
CA ASP F 82 -2.09 -63.36 -16.86
C ASP F 82 -3.17 -64.37 -17.23
N PHE F 83 -2.80 -65.62 -17.49
CA PHE F 83 -3.78 -66.67 -17.73
C PHE F 83 -4.66 -66.89 -16.50
N ALA F 84 -5.97 -66.66 -16.67
CA ALA F 84 -6.91 -66.77 -15.56
C ALA F 84 -8.33 -66.67 -16.09
N VAL F 85 -9.29 -66.93 -15.20
CA VAL F 85 -10.71 -66.67 -15.41
C VAL F 85 -11.06 -65.36 -14.71
N TYR F 86 -11.99 -64.60 -15.29
CA TYR F 86 -12.32 -63.27 -14.79
C TYR F 86 -13.82 -63.14 -14.55
N TYR F 87 -14.18 -62.47 -13.46
CA TYR F 87 -15.57 -62.27 -13.07
C TYR F 87 -15.81 -60.81 -12.68
N CYS F 88 -17.04 -60.35 -12.89
CA CYS F 88 -17.46 -59.01 -12.48
C CYS F 88 -18.69 -59.14 -11.60
N GLN F 89 -18.71 -58.40 -10.48
CA GLN F 89 -19.78 -58.46 -9.49
C GLN F 89 -20.23 -57.05 -9.15
N GLN F 90 -21.53 -56.91 -8.87
CA GLN F 90 -22.14 -55.62 -8.56
C GLN F 90 -22.72 -55.63 -7.16
N TYR F 91 -22.39 -54.60 -6.37
CA TYR F 91 -22.87 -54.46 -5.00
C TYR F 91 -23.84 -53.30 -4.80
N ASN F 92 -24.31 -52.66 -5.87
CA ASN F 92 -25.19 -51.50 -5.71
C ASN F 92 -26.52 -51.88 -5.06
N ASN F 93 -27.12 -52.99 -5.44
CA ASN F 93 -28.39 -53.41 -4.89
C ASN F 93 -28.20 -54.46 -3.80
N TRP F 94 -29.26 -54.66 -3.01
CA TRP F 94 -29.20 -55.62 -1.91
C TRP F 94 -28.82 -57.02 -2.37
N PRO F 95 -29.46 -57.62 -3.37
CA PRO F 95 -29.04 -58.97 -3.78
C PRO F 95 -27.65 -58.91 -4.39
N LEU F 96 -26.84 -59.92 -4.07
CA LEU F 96 -25.48 -59.99 -4.58
C LEU F 96 -25.41 -61.01 -5.71
N THR F 97 -24.83 -60.60 -6.83
CA THR F 97 -24.73 -61.43 -8.01
C THR F 97 -23.34 -61.32 -8.61
N PHE F 98 -22.79 -62.45 -9.04
CA PHE F 98 -21.56 -62.50 -9.80
C PHE F 98 -21.87 -62.91 -11.23
N GLY F 99 -21.06 -62.42 -12.16
CA GLY F 99 -21.23 -62.79 -13.56
C GLY F 99 -20.88 -64.24 -13.81
N GLY F 100 -21.31 -64.72 -14.98
CA GLY F 100 -20.98 -66.08 -15.38
C GLY F 100 -19.51 -66.29 -15.64
N GLY F 101 -18.75 -65.22 -15.82
CA GLY F 101 -17.32 -65.33 -16.05
C GLY F 101 -16.99 -65.57 -17.52
N THR F 102 -15.69 -65.49 -17.82
CA THR F 102 -15.19 -65.80 -19.14
C THR F 102 -13.87 -66.53 -19.02
N LYS F 103 -13.74 -67.64 -19.73
CA LYS F 103 -12.49 -68.36 -19.78
C LYS F 103 -11.58 -67.77 -20.86
N VAL F 104 -10.36 -67.42 -20.48
CA VAL F 104 -9.37 -66.94 -21.43
C VAL F 104 -8.43 -68.10 -21.72
N GLU F 105 -8.30 -68.46 -22.99
CA GLU F 105 -7.63 -69.70 -23.39
C GLU F 105 -6.26 -69.36 -23.94
N ILE F 106 -5.24 -70.08 -23.49
CA ILE F 106 -3.87 -69.85 -23.93
C ILE F 106 -3.71 -70.18 -25.41
N ARG G 1 -61.89 42.99 1.05
CA ARG G 1 -61.55 43.50 -0.28
C ARG G 1 -60.25 44.29 -0.26
N CYS G 2 -59.34 43.95 -1.17
CA CYS G 2 -58.05 44.61 -1.24
C CYS G 2 -58.18 46.07 -1.65
N THR G 3 -57.31 46.90 -1.10
CA THR G 3 -57.25 48.32 -1.41
C THR G 3 -55.97 48.60 -2.18
N THR G 4 -56.09 49.24 -3.34
CA THR G 4 -54.96 49.51 -4.20
C THR G 4 -54.57 50.99 -4.11
N PHE G 5 -53.33 51.24 -3.68
CA PHE G 5 -52.82 52.60 -3.60
C PHE G 5 -52.52 53.11 -5.01
N ASP G 6 -53.37 54.02 -5.50
CA ASP G 6 -53.15 54.69 -6.77
C ASP G 6 -52.08 55.78 -6.63
N ASP G 7 -51.52 56.16 -7.78
CA ASP G 7 -50.56 57.26 -7.93
C ASP G 7 -49.19 56.95 -7.32
N VAL G 8 -48.93 55.70 -6.95
CA VAL G 8 -47.61 55.35 -6.43
C VAL G 8 -46.57 55.43 -7.55
N GLN G 9 -45.41 56.00 -7.22
CA GLN G 9 -44.31 56.09 -8.17
C GLN G 9 -43.63 54.74 -8.38
N ALA G 10 -42.99 54.59 -9.53
CA ALA G 10 -42.10 53.47 -9.74
C ALA G 10 -40.81 53.64 -8.94
N PRO G 11 -40.19 52.55 -8.51
CA PRO G 11 -38.99 52.65 -7.68
C PRO G 11 -37.77 53.10 -8.48
N ASN G 12 -36.80 53.65 -7.76
CA ASN G 12 -35.47 53.96 -8.28
C ASN G 12 -34.44 53.11 -7.54
N TYR G 13 -34.18 51.92 -8.05
CA TYR G 13 -33.23 51.02 -7.39
C TYR G 13 -31.86 51.69 -7.26
N THR G 14 -31.22 51.46 -6.12
CA THR G 14 -29.97 52.13 -5.79
C THR G 14 -28.93 51.08 -5.40
N GLN G 15 -27.67 51.34 -5.75
CA GLN G 15 -26.59 50.39 -5.50
C GLN G 15 -25.73 50.84 -4.32
N HIS G 16 -25.40 49.91 -3.44
CA HIS G 16 -24.46 50.13 -2.35
C HIS G 16 -23.55 48.93 -2.19
N THR G 17 -22.32 49.18 -1.77
CA THR G 17 -21.41 48.11 -1.37
C THR G 17 -21.82 47.54 -0.01
N SER G 18 -21.94 46.22 0.08
CA SER G 18 -22.31 45.57 1.33
C SER G 18 -21.16 45.52 2.34
N SER G 19 -19.94 45.80 1.92
CA SER G 19 -18.73 45.69 2.75
C SER G 19 -18.63 44.27 3.30
N MET G 20 -18.32 44.08 4.59
CA MET G 20 -17.92 42.78 5.11
C MET G 20 -19.02 42.05 5.86
N ARG G 21 -20.24 42.60 5.90
CA ARG G 21 -21.30 42.05 6.73
C ARG G 21 -21.71 40.65 6.25
N GLY G 22 -22.48 39.96 7.10
CA GLY G 22 -23.13 38.72 6.74
C GLY G 22 -22.50 37.43 7.21
N VAL G 23 -21.45 37.48 8.02
CA VAL G 23 -20.86 36.26 8.56
C VAL G 23 -21.73 35.70 9.68
N TYR G 24 -21.78 34.36 9.79
CA TYR G 24 -22.60 33.70 10.79
C TYR G 24 -21.91 32.42 11.24
N TYR G 25 -22.36 31.90 12.38
CA TYR G 25 -21.74 30.70 12.95
C TYR G 25 -21.99 29.48 12.06
N PRO G 26 -20.94 28.84 11.55
CA PRO G 26 -21.16 27.72 10.62
C PRO G 26 -21.69 26.48 11.30
N ASP G 27 -21.22 26.17 12.51
CA ASP G 27 -21.64 24.96 13.20
C ASP G 27 -21.78 25.19 14.70
N GLU G 28 -22.64 24.37 15.29
CA GLU G 28 -22.94 24.40 16.72
C GLU G 28 -21.74 24.04 17.60
N ILE G 29 -20.88 23.13 17.16
CA ILE G 29 -19.79 22.66 18.00
C ILE G 29 -18.88 23.80 18.48
N PHE G 30 -18.50 23.72 19.76
CA PHE G 30 -17.62 24.70 20.39
C PHE G 30 -16.18 24.55 19.90
N ARG G 31 -15.52 25.70 19.73
CA ARG G 31 -14.10 25.75 19.39
C ARG G 31 -13.53 27.03 19.95
N SER G 32 -12.21 27.05 20.17
CA SER G 32 -11.60 28.22 20.76
C SER G 32 -10.15 28.36 20.32
N ASP G 33 -9.68 29.61 20.31
CA ASP G 33 -8.28 29.96 20.09
C ASP G 33 -7.68 29.27 18.88
N THR G 34 -8.45 29.20 17.79
CA THR G 34 -8.03 28.45 16.61
C THR G 34 -8.56 29.13 15.36
N LEU G 35 -7.89 28.87 14.24
CA LEU G 35 -8.34 29.30 12.93
C LEU G 35 -8.93 28.10 12.20
N TYR G 36 -10.15 28.25 11.70
CA TYR G 36 -10.88 27.15 11.09
C TYR G 36 -11.23 27.51 9.65
N LEU G 37 -11.08 26.53 8.76
CA LEU G 37 -11.25 26.76 7.32
C LEU G 37 -12.39 25.87 6.83
N THR G 38 -13.39 26.48 6.21
CA THR G 38 -14.63 25.78 5.89
C THR G 38 -15.24 26.35 4.62
N GLN G 39 -16.00 25.51 3.93
CA GLN G 39 -16.73 25.90 2.74
C GLN G 39 -18.22 25.87 3.01
N ASP G 40 -18.91 26.96 2.71
CA ASP G 40 -20.37 26.99 2.77
C ASP G 40 -20.86 28.20 1.97
N LEU G 41 -22.19 28.30 1.85
CA LEU G 41 -22.80 29.48 1.26
C LEU G 41 -22.57 30.72 2.12
N PHE G 42 -21.91 31.72 1.57
CA PHE G 42 -21.67 32.98 2.28
C PHE G 42 -21.88 34.16 1.33
N LEU G 43 -22.04 35.34 1.93
CA LEU G 43 -22.10 36.60 1.20
C LEU G 43 -20.70 37.13 0.92
N PRO G 44 -20.25 37.13 -0.34
CA PRO G 44 -18.88 37.55 -0.63
C PRO G 44 -18.68 39.03 -0.33
N PHE G 45 -17.47 39.35 0.15
CA PHE G 45 -17.17 40.70 0.61
C PHE G 45 -17.22 41.71 -0.53
N TYR G 46 -17.69 42.91 -0.20
CA TYR G 46 -17.80 44.03 -1.15
C TYR G 46 -18.71 43.72 -2.34
N SER G 47 -19.59 42.73 -2.21
CA SER G 47 -20.66 42.58 -3.18
C SER G 47 -21.68 43.72 -3.08
N ASN G 48 -22.27 44.06 -4.21
CA ASN G 48 -23.24 45.14 -4.33
C ASN G 48 -24.66 44.68 -3.94
N VAL G 49 -25.44 45.64 -3.44
CA VAL G 49 -26.79 45.36 -2.93
C VAL G 49 -27.79 46.36 -3.48
N THR G 50 -29.01 45.88 -3.69
CA THR G 50 -30.11 46.67 -4.26
C THR G 50 -30.90 47.34 -3.15
N GLY G 51 -30.72 48.66 -3.00
CA GLY G 51 -31.44 49.37 -1.97
C GLY G 51 -32.86 49.73 -2.36
N PHE G 52 -33.74 49.75 -1.36
CA PHE G 52 -35.14 50.13 -1.52
C PHE G 52 -35.50 51.20 -0.49
N HIS G 53 -36.61 51.89 -0.72
CA HIS G 53 -36.96 53.03 0.11
C HIS G 53 -38.45 53.33 -0.06
N THR G 54 -39.16 53.51 1.06
CA THR G 54 -40.52 54.05 1.06
C THR G 54 -40.50 55.46 1.64
N ILE G 55 -40.86 56.44 0.82
CA ILE G 55 -40.97 57.83 1.25
C ILE G 55 -42.15 58.48 0.55
N ASN G 56 -42.98 59.19 1.32
CA ASN G 56 -44.13 59.95 0.84
C ASN G 56 -44.99 59.07 -0.08
N HIS G 57 -45.31 59.51 -1.29
CA HIS G 57 -46.15 58.71 -2.18
C HIS G 57 -45.49 57.39 -2.56
N THR G 58 -44.17 57.36 -2.67
CA THR G 58 -43.49 56.14 -3.11
C THR G 58 -43.80 54.97 -2.20
N PHE G 59 -44.01 53.80 -2.82
CA PHE G 59 -44.35 52.57 -2.11
C PHE G 59 -43.91 51.44 -3.01
N ASP G 60 -42.89 50.69 -2.61
CA ASP G 60 -42.34 49.62 -3.44
C ASP G 60 -42.61 48.24 -2.83
N ASN G 61 -43.30 47.41 -3.59
CA ASN G 61 -43.58 46.02 -3.22
C ASN G 61 -43.31 45.16 -4.44
N PRO G 62 -42.05 45.05 -4.88
CA PRO G 62 -41.75 44.29 -6.09
C PRO G 62 -41.30 42.86 -5.82
N VAL G 63 -41.86 41.91 -6.55
CA VAL G 63 -41.45 40.52 -6.37
C VAL G 63 -39.97 40.41 -6.71
N ILE G 64 -39.20 39.80 -5.83
CA ILE G 64 -37.75 39.67 -5.97
C ILE G 64 -37.39 38.20 -6.08
N PRO G 65 -36.59 37.78 -7.04
CA PRO G 65 -36.21 36.37 -7.13
C PRO G 65 -35.27 35.98 -5.99
N PHE G 66 -35.37 34.70 -5.59
CA PHE G 66 -34.70 34.25 -4.37
C PHE G 66 -33.30 33.72 -4.63
N LYS G 67 -33.04 33.15 -5.80
CA LYS G 67 -31.71 32.63 -6.16
C LYS G 67 -31.15 31.67 -5.11
N ASP G 68 -32.04 30.88 -4.49
CA ASP G 68 -31.71 29.89 -3.46
C ASP G 68 -30.98 30.46 -2.24
N GLY G 69 -31.16 31.75 -1.96
CA GLY G 69 -30.73 32.28 -0.67
C GLY G 69 -30.38 33.74 -0.69
N ILE G 70 -30.83 34.49 0.33
CA ILE G 70 -30.69 35.94 0.34
C ILE G 70 -30.18 36.38 1.70
N TYR G 71 -29.37 37.44 1.68
CA TYR G 71 -29.14 38.29 2.83
C TYR G 71 -30.25 39.33 2.93
N PHE G 72 -30.44 39.87 4.13
CA PHE G 72 -31.46 40.90 4.32
C PHE G 72 -31.04 41.78 5.49
N ALA G 73 -31.30 43.08 5.36
CA ALA G 73 -31.04 44.03 6.43
C ALA G 73 -32.06 45.16 6.33
N ALA G 74 -32.52 45.64 7.49
CA ALA G 74 -33.47 46.74 7.53
C ALA G 74 -33.07 47.77 8.56
N THR G 75 -33.30 49.03 8.24
CA THR G 75 -33.11 50.16 9.14
C THR G 75 -34.49 50.77 9.35
N GLU G 76 -35.02 50.69 10.57
CA GLU G 76 -36.37 51.14 10.85
C GLU G 76 -36.42 51.95 12.14
N LYS G 77 -37.23 53.01 12.13
CA LYS G 77 -37.38 53.83 13.33
C LYS G 77 -38.53 53.33 14.19
N SER G 78 -39.68 52.98 13.58
CA SER G 78 -40.83 52.53 14.34
C SER G 78 -41.57 51.34 13.70
N ASN G 79 -40.90 50.18 13.66
CA ASN G 79 -41.47 48.93 13.16
C ASN G 79 -42.23 49.08 11.86
N VAL G 80 -41.58 49.67 10.84
CA VAL G 80 -42.26 49.85 9.56
C VAL G 80 -42.46 48.51 8.85
N VAL G 81 -41.47 47.62 8.90
CA VAL G 81 -41.53 46.34 8.21
C VAL G 81 -41.94 45.26 9.20
N ARG G 82 -43.00 44.53 8.88
CA ARG G 82 -43.53 43.51 9.76
C ARG G 82 -43.19 42.08 9.37
N GLY G 83 -42.43 41.83 8.30
CA GLY G 83 -42.14 40.45 7.95
C GLY G 83 -42.06 40.25 6.45
N TRP G 84 -42.11 38.98 6.05
CA TRP G 84 -41.94 38.59 4.66
C TRP G 84 -42.99 37.57 4.24
N VAL G 85 -42.92 37.16 2.98
CA VAL G 85 -43.76 36.12 2.39
C VAL G 85 -42.95 35.36 1.35
N PHE G 86 -42.85 34.05 1.49
CA PHE G 86 -42.09 33.22 0.56
C PHE G 86 -43.01 32.26 -0.19
N GLY G 87 -42.85 32.21 -1.51
CA GLY G 87 -43.68 31.37 -2.36
C GLY G 87 -43.07 31.28 -3.74
N SER G 88 -43.66 30.43 -4.58
CA SER G 88 -43.19 30.28 -5.94
C SER G 88 -44.11 30.89 -6.99
N THR G 89 -45.42 30.62 -6.91
CA THR G 89 -46.37 31.15 -7.88
C THR G 89 -47.30 32.21 -7.31
N MET G 90 -47.57 32.16 -6.01
CA MET G 90 -48.42 33.14 -5.31
C MET G 90 -49.77 33.36 -6.00
N ASN G 91 -50.27 32.38 -6.76
CA ASN G 91 -51.57 32.52 -7.42
C ASN G 91 -52.42 31.23 -7.30
N ASN G 92 -52.82 30.89 -6.07
CA ASN G 92 -53.63 29.69 -5.80
C ASN G 92 -52.97 28.41 -6.29
N LYS G 93 -51.66 28.37 -6.51
CA LYS G 93 -51.07 27.17 -7.08
C LYS G 93 -49.91 26.58 -6.32
N SER G 94 -49.35 27.27 -5.34
CA SER G 94 -48.21 26.72 -4.64
C SER G 94 -48.19 27.18 -3.19
N GLN G 95 -47.76 26.29 -2.31
CA GLN G 95 -47.67 26.57 -0.88
C GLN G 95 -46.86 27.83 -0.65
N SER G 96 -47.32 28.66 0.27
CA SER G 96 -46.64 29.90 0.63
C SER G 96 -46.59 30.00 2.14
N VAL G 97 -45.62 30.78 2.63
CA VAL G 97 -45.42 30.95 4.06
C VAL G 97 -45.40 32.44 4.40
N ILE G 98 -45.95 32.78 5.56
CA ILE G 98 -45.98 34.14 6.06
C ILE G 98 -45.31 34.20 7.42
N ILE G 99 -44.42 35.16 7.59
CA ILE G 99 -43.78 35.46 8.85
C ILE G 99 -44.06 36.93 9.11
N ILE G 100 -44.70 37.23 10.23
CA ILE G 100 -45.06 38.61 10.56
C ILE G 100 -44.94 38.85 12.05
N ASN G 101 -44.42 40.03 12.42
CA ASN G 101 -44.32 40.42 13.82
C ASN G 101 -45.59 41.13 14.26
N ASN G 102 -46.64 40.32 14.35
CA ASN G 102 -47.93 40.79 14.85
C ASN G 102 -47.76 41.19 16.31
N SER G 103 -48.29 42.37 16.66
CA SER G 103 -48.06 42.88 18.01
C SER G 103 -48.54 41.91 19.09
N THR G 104 -49.72 41.31 18.92
CA THR G 104 -50.18 40.36 19.93
C THR G 104 -49.36 39.07 19.94
N ASN G 105 -49.02 38.50 18.76
CA ASN G 105 -48.31 37.23 18.71
C ASN G 105 -47.68 36.95 17.35
N VAL G 106 -46.43 36.48 17.37
CA VAL G 106 -45.73 36.12 16.14
C VAL G 106 -46.43 34.92 15.53
N VAL G 107 -46.71 34.98 14.23
CA VAL G 107 -47.43 33.90 13.54
C VAL G 107 -46.67 33.41 12.32
N ILE G 108 -46.43 32.10 12.26
CA ILE G 108 -45.76 31.45 11.14
C ILE G 108 -46.70 30.38 10.60
N ARG G 109 -46.99 30.41 9.30
CA ARG G 109 -47.88 29.44 8.69
C ARG G 109 -47.37 29.03 7.31
N ALA G 110 -47.64 27.78 6.93
CA ALA G 110 -47.23 27.22 5.63
C ALA G 110 -48.43 26.56 4.95
N CYS G 111 -49.36 27.37 4.45
CA CYS G 111 -50.57 26.85 3.83
C CYS G 111 -50.89 27.67 2.58
N ASN G 112 -51.78 27.16 1.73
CA ASN G 112 -52.17 27.93 0.55
C ASN G 112 -52.80 29.23 1.04
N PHE G 113 -52.29 30.35 0.55
CA PHE G 113 -52.70 31.66 1.05
C PHE G 113 -53.48 32.55 0.09
N GLU G 114 -53.20 32.55 -1.21
CA GLU G 114 -53.88 33.45 -2.14
C GLU G 114 -53.74 34.89 -1.63
N LEU G 115 -52.48 35.26 -1.36
CA LEU G 115 -52.19 36.55 -0.76
C LEU G 115 -52.67 37.72 -1.61
N CYS G 116 -53.13 38.76 -0.91
CA CYS G 116 -53.61 39.96 -1.58
C CYS G 116 -52.48 40.61 -2.38
N ASP G 117 -52.82 41.20 -3.52
CA ASP G 117 -51.83 41.83 -4.38
C ASP G 117 -50.99 42.86 -3.62
N ASN G 118 -51.60 43.64 -2.73
CA ASN G 118 -50.90 44.67 -1.96
C ASN G 118 -51.18 44.48 -0.46
N PRO G 119 -50.57 43.46 0.15
CA PRO G 119 -50.84 43.21 1.57
C PRO G 119 -50.23 44.28 2.47
N PHE G 120 -50.97 44.66 3.51
CA PHE G 120 -50.52 45.72 4.40
C PHE G 120 -51.27 45.65 5.73
N PHE G 121 -50.70 46.32 6.74
CA PHE G 121 -51.35 46.56 8.02
C PHE G 121 -51.83 48.01 8.10
N ALA G 122 -53.06 48.20 8.57
CA ALA G 122 -53.67 49.52 8.64
C ALA G 122 -53.49 50.09 10.04
N VAL G 123 -53.18 51.39 10.11
CA VAL G 123 -52.88 52.07 11.36
C VAL G 123 -53.57 53.43 11.32
N SER G 124 -53.83 53.99 12.50
CA SER G 124 -54.41 55.32 12.63
C SER G 124 -53.42 56.26 13.28
N LYS G 125 -53.30 57.47 12.73
CA LYS G 125 -52.29 58.42 13.18
C LYS G 125 -52.44 58.80 14.65
N PRO G 126 -53.53 59.44 15.09
CA PRO G 126 -53.55 59.92 16.48
C PRO G 126 -53.73 58.83 17.51
N MET G 127 -54.42 57.73 17.19
CA MET G 127 -54.61 56.66 18.16
C MET G 127 -53.38 55.78 18.28
N GLY G 128 -52.68 55.53 17.19
CA GLY G 128 -51.59 54.57 17.20
C GLY G 128 -52.05 53.15 17.37
N THR G 129 -53.16 52.78 16.74
CA THR G 129 -53.77 51.47 16.88
C THR G 129 -53.93 50.83 15.51
N GLN G 130 -53.82 49.50 15.48
CA GLN G 130 -53.98 48.76 14.25
C GLN G 130 -55.46 48.45 14.04
N THR G 131 -55.90 48.47 12.79
CA THR G 131 -57.31 48.27 12.47
C THR G 131 -57.59 47.14 11.49
N HIS G 132 -56.70 46.85 10.54
CA HIS G 132 -56.93 45.76 9.60
C HIS G 132 -55.63 45.05 9.28
N THR G 133 -55.77 43.82 8.74
CA THR G 133 -54.64 43.00 8.29
C THR G 133 -55.01 42.34 6.97
N MET G 134 -54.95 43.11 5.89
CA MET G 134 -55.35 42.64 4.56
C MET G 134 -54.20 41.87 3.90
N ILE G 135 -53.97 40.65 4.38
CA ILE G 135 -52.89 39.81 3.85
C ILE G 135 -53.40 38.69 2.96
N PHE G 136 -54.48 38.01 3.36
CA PHE G 136 -54.93 36.86 2.57
C PHE G 136 -56.45 36.74 2.59
N ASP G 137 -57.02 36.55 1.41
CA ASP G 137 -58.46 36.39 1.28
C ASP G 137 -58.95 35.09 1.91
N ASN G 138 -58.25 33.98 1.69
CA ASN G 138 -58.69 32.67 2.18
C ASN G 138 -57.49 31.75 2.34
N ALA G 139 -57.78 30.51 2.74
CA ALA G 139 -56.74 29.51 2.97
C ALA G 139 -57.37 28.12 2.97
N PHE G 140 -56.87 27.23 2.11
CA PHE G 140 -57.38 25.86 2.03
C PHE G 140 -56.19 24.92 1.95
N ASN G 141 -56.44 23.64 2.23
CA ASN G 141 -55.36 22.64 2.25
C ASN G 141 -54.23 23.07 3.17
N CYS G 142 -54.58 23.63 4.33
CA CYS G 142 -53.60 24.13 5.28
C CYS G 142 -52.99 22.98 6.07
N THR G 143 -51.68 22.81 5.98
CA THR G 143 -50.97 21.74 6.66
C THR G 143 -49.97 22.16 7.74
N PHE G 144 -49.82 23.44 8.04
CA PHE G 144 -48.83 23.82 9.05
C PHE G 144 -49.22 25.15 9.71
N GLU G 145 -49.00 25.24 11.02
CA GLU G 145 -49.33 26.46 11.74
C GLU G 145 -48.46 26.51 13.00
N TYR G 146 -48.04 27.72 13.40
CA TYR G 146 -47.31 27.93 14.64
C TYR G 146 -47.66 29.28 15.27
N ILE G 147 -47.71 29.33 16.61
CA ILE G 147 -47.91 30.58 17.35
C ILE G 147 -46.87 30.70 18.46
N SER G 148 -46.15 31.83 18.48
CA SER G 148 -45.22 32.16 19.55
C SER G 148 -45.96 32.62 20.80
N ASP G 149 -45.20 32.78 21.88
CA ASP G 149 -45.76 33.23 23.16
C ASP G 149 -46.19 34.70 23.11
N ALA G 150 -47.14 35.04 23.97
CA ALA G 150 -47.71 36.38 24.05
C ALA G 150 -46.73 37.42 24.58
N PHE G 151 -46.86 38.64 24.07
CA PHE G 151 -46.03 39.77 24.48
C PHE G 151 -46.82 41.05 24.23
N SER G 152 -46.12 42.17 24.06
CA SER G 152 -46.77 43.45 23.80
C SER G 152 -45.88 44.28 22.89
N LEU G 153 -46.41 44.69 21.75
CA LEU G 153 -45.69 45.50 20.77
C LEU G 153 -46.45 46.79 20.52
N ASP G 154 -45.75 47.92 20.66
CA ASP G 154 -46.36 49.22 20.45
C ASP G 154 -46.35 49.61 18.97
N VAL G 155 -47.18 50.60 18.65
CA VAL G 155 -47.11 51.30 17.37
C VAL G 155 -47.07 52.79 17.64
N SER G 156 -46.11 53.48 17.04
CA SER G 156 -45.90 54.91 17.25
C SER G 156 -45.05 55.43 16.10
N GLU G 157 -45.11 56.75 15.89
CA GLU G 157 -44.31 57.40 14.87
C GLU G 157 -43.28 58.31 15.55
N LYS G 158 -42.07 58.35 14.99
CA LYS G 158 -40.99 59.15 15.56
C LYS G 158 -40.40 60.05 14.49
N SER G 159 -40.25 61.34 14.83
CA SER G 159 -39.68 62.33 13.92
C SER G 159 -38.22 62.03 13.58
N GLY G 160 -37.46 61.55 14.56
CA GLY G 160 -36.04 61.32 14.35
C GLY G 160 -35.69 60.20 13.39
N ASN G 161 -34.42 60.19 13.02
CA ASN G 161 -33.82 59.23 12.09
C ASN G 161 -33.77 57.83 12.68
N PHE G 162 -33.60 56.85 11.80
CA PHE G 162 -33.62 55.43 12.19
C PHE G 162 -32.62 55.14 13.30
N LYS G 163 -33.09 54.47 14.35
CA LYS G 163 -32.24 54.11 15.47
C LYS G 163 -31.96 52.61 15.58
N HIS G 164 -32.43 51.79 14.64
CA HIS G 164 -32.24 50.35 14.75
C HIS G 164 -31.82 49.73 13.43
N LEU G 165 -30.90 48.77 13.50
CA LEU G 165 -30.44 48.01 12.34
C LEU G 165 -30.65 46.52 12.62
N ARG G 166 -31.45 45.86 11.81
CA ARG G 166 -31.78 44.46 12.00
C ARG G 166 -31.34 43.63 10.79
N GLU G 167 -30.72 42.48 11.06
CA GLU G 167 -30.11 41.65 10.04
C GLU G 167 -30.65 40.23 10.08
N PHE G 168 -30.76 39.60 8.91
CA PHE G 168 -31.26 38.24 8.80
C PHE G 168 -30.50 37.50 7.71
N VAL G 169 -30.61 36.18 7.72
CA VAL G 169 -30.17 35.32 6.63
C VAL G 169 -31.20 34.21 6.45
N PHE G 170 -31.47 33.83 5.20
CA PHE G 170 -32.38 32.73 4.91
C PHE G 170 -31.73 31.76 3.94
N LYS G 171 -31.81 30.47 4.24
CA LYS G 171 -31.28 29.42 3.39
C LYS G 171 -32.29 28.27 3.32
N ASN G 172 -32.19 27.49 2.26
CA ASN G 172 -33.03 26.31 2.11
C ASN G 172 -32.15 25.13 1.72
N LYS G 173 -32.25 24.04 2.48
CA LYS G 173 -31.62 22.77 2.11
C LYS G 173 -32.47 21.62 2.65
N ASP G 174 -32.51 20.54 1.89
CA ASP G 174 -33.11 19.26 2.31
C ASP G 174 -34.51 19.45 2.89
N GLY G 175 -35.24 20.45 2.40
CA GLY G 175 -36.57 20.72 2.92
C GLY G 175 -36.60 21.52 4.21
N PHE G 176 -35.45 21.82 4.79
CA PHE G 176 -35.35 22.65 5.98
C PHE G 176 -35.01 24.08 5.59
N LEU G 177 -35.70 25.04 6.19
CA LEU G 177 -35.38 26.45 6.01
C LEU G 177 -34.69 26.97 7.26
N TYR G 178 -33.54 27.62 7.07
CA TYR G 178 -32.70 28.08 8.19
C TYR G 178 -32.83 29.59 8.32
N VAL G 179 -33.07 30.05 9.54
CA VAL G 179 -33.23 31.48 9.82
C VAL G 179 -32.16 31.89 10.81
N TYR G 180 -31.60 33.08 10.61
CA TYR G 180 -30.61 33.65 11.51
C TYR G 180 -31.05 35.07 11.85
N LYS G 181 -30.50 35.61 12.94
CA LYS G 181 -30.86 36.95 13.35
C LYS G 181 -29.69 37.62 14.05
N GLY G 182 -29.63 38.94 13.95
CA GLY G 182 -28.74 39.75 14.77
C GLY G 182 -29.41 41.06 15.14
N TYR G 183 -28.64 41.98 15.73
CA TYR G 183 -29.16 43.31 16.03
C TYR G 183 -27.99 44.25 16.26
N GLN G 184 -28.15 45.50 15.83
CA GLN G 184 -27.14 46.52 16.10
C GLN G 184 -27.78 47.90 16.16
N PRO G 185 -27.54 48.66 17.22
CA PRO G 185 -28.05 50.04 17.28
C PRO G 185 -27.19 50.99 16.46
N ILE G 186 -27.85 51.85 15.66
CA ILE G 186 -27.14 52.79 14.80
C ILE G 186 -28.03 54.03 14.63
N ASP G 187 -27.38 55.16 14.32
CA ASP G 187 -28.07 56.44 14.09
C ASP G 187 -27.55 57.09 12.79
N VAL G 188 -28.00 56.56 11.66
CA VAL G 188 -27.55 57.03 10.36
C VAL G 188 -28.77 57.28 9.47
N VAL G 189 -28.60 58.16 8.49
CA VAL G 189 -29.65 58.52 7.54
C VAL G 189 -29.29 57.95 6.18
N ARG G 190 -30.12 57.03 5.69
CA ARG G 190 -30.06 56.55 4.30
C ARG G 190 -28.66 56.08 3.92
N ASP G 191 -28.09 55.23 4.77
CA ASP G 191 -26.85 54.55 4.42
C ASP G 191 -26.79 53.21 5.10
N LEU G 192 -26.10 52.26 4.47
CA LEU G 192 -25.83 50.97 5.08
C LEU G 192 -24.44 51.02 5.70
N PRO G 193 -24.31 51.14 7.01
CA PRO G 193 -23.00 51.48 7.60
C PRO G 193 -22.06 50.28 7.63
N SER G 194 -20.80 50.56 7.34
CA SER G 194 -19.77 49.52 7.35
C SER G 194 -19.58 48.96 8.75
N GLY G 195 -19.40 47.64 8.83
CA GLY G 195 -19.14 47.00 10.09
C GLY G 195 -19.16 45.49 9.95
N PHE G 196 -18.86 44.83 11.08
CA PHE G 196 -18.86 43.38 11.17
C PHE G 196 -19.83 42.93 12.26
N ASN G 197 -20.66 41.94 11.96
CA ASN G 197 -21.60 41.41 12.93
C ASN G 197 -21.89 39.94 12.62
N THR G 198 -22.06 39.14 13.68
CA THR G 198 -22.12 37.68 13.57
C THR G 198 -23.49 37.20 14.02
N LEU G 199 -24.23 36.58 13.11
CA LEU G 199 -25.59 36.13 13.36
C LEU G 199 -25.61 34.78 14.08
N LYS G 200 -26.65 34.56 14.89
CA LYS G 200 -27.00 33.35 15.62
C LYS G 200 -28.12 32.58 14.91
N PRO G 201 -28.26 31.26 15.17
CA PRO G 201 -29.29 30.48 14.50
C PRO G 201 -30.59 30.39 15.28
N ILE G 202 -31.58 31.20 14.90
CA ILE G 202 -32.86 31.25 15.62
C ILE G 202 -33.70 29.99 15.37
N PHE G 203 -33.84 29.56 14.11
CA PHE G 203 -34.78 28.51 13.75
C PHE G 203 -34.22 27.58 12.70
N LYS G 204 -34.79 26.36 12.67
CA LYS G 204 -34.53 25.37 11.63
C LYS G 204 -35.87 24.73 11.30
N LEU G 205 -36.50 25.19 10.22
CA LEU G 205 -37.92 24.97 10.01
C LEU G 205 -38.19 23.98 8.90
N PRO G 206 -39.02 22.94 9.15
CA PRO G 206 -39.15 21.79 8.22
C PRO G 206 -40.23 21.97 7.14
N LEU G 207 -40.23 23.14 6.48
CA LEU G 207 -41.34 23.52 5.62
C LEU G 207 -41.50 22.55 4.44
N GLY G 208 -40.40 22.24 3.76
CA GLY G 208 -40.42 21.29 2.66
C GLY G 208 -40.99 21.75 1.33
N ILE G 209 -40.87 23.03 0.99
CA ILE G 209 -41.31 23.57 -0.29
C ILE G 209 -40.14 24.30 -0.93
N ASN G 210 -40.22 24.54 -2.24
CA ASN G 210 -39.20 25.33 -2.91
C ASN G 210 -39.68 26.77 -3.09
N ILE G 211 -38.85 27.72 -2.72
CA ILE G 211 -39.17 29.14 -2.77
C ILE G 211 -38.29 29.81 -3.82
N THR G 212 -38.92 30.43 -4.81
CA THR G 212 -38.23 31.17 -5.86
C THR G 212 -38.35 32.68 -5.70
N ASN G 213 -39.49 33.18 -5.23
CA ASN G 213 -39.72 34.61 -5.12
C ASN G 213 -40.28 34.95 -3.74
N PHE G 214 -40.15 36.21 -3.35
CA PHE G 214 -40.65 36.64 -2.04
C PHE G 214 -41.14 38.08 -2.12
N ARG G 215 -42.02 38.43 -1.18
CA ARG G 215 -42.56 39.78 -1.04
C ARG G 215 -42.41 40.26 0.39
N ALA G 216 -41.89 41.47 0.56
CA ALA G 216 -41.88 42.11 1.87
C ALA G 216 -43.25 42.70 2.19
N ILE G 217 -43.63 42.62 3.46
CA ILE G 217 -44.91 43.15 3.94
C ILE G 217 -44.65 44.43 4.71
N LEU G 218 -45.36 45.50 4.36
CA LEU G 218 -45.25 46.78 5.01
C LEU G 218 -46.55 47.14 5.70
N THR G 219 -46.49 48.16 6.55
CA THR G 219 -47.65 48.73 7.18
C THR G 219 -47.84 50.18 6.73
N ALA G 220 -49.09 50.64 6.72
CA ALA G 220 -49.40 51.98 6.26
C ALA G 220 -50.58 52.50 7.06
N PHE G 221 -50.74 53.83 7.06
CA PHE G 221 -51.64 54.48 7.99
C PHE G 221 -52.27 55.70 7.33
N SER G 222 -53.33 56.20 7.97
CA SER G 222 -54.05 57.37 7.49
C SER G 222 -53.14 58.58 7.38
N THR G 227 -56.12 59.62 1.80
CA THR G 227 -56.11 59.50 3.25
C THR G 227 -54.89 58.70 3.69
N TRP G 228 -54.56 57.67 2.92
CA TRP G 228 -53.41 56.84 3.20
C TRP G 228 -52.11 57.61 3.00
N GLY G 229 -51.12 57.29 3.84
CA GLY G 229 -49.82 57.91 3.74
C GLY G 229 -48.76 56.93 4.17
N THR G 230 -47.51 57.38 4.12
CA THR G 230 -46.35 56.52 4.34
C THR G 230 -45.35 57.20 5.26
N SER G 231 -44.39 56.41 5.73
CA SER G 231 -43.35 56.89 6.62
C SER G 231 -41.99 56.39 6.14
N ALA G 232 -40.96 57.17 6.45
CA ALA G 232 -39.60 56.90 6.00
C ALA G 232 -39.12 55.52 6.43
N ALA G 233 -38.77 54.68 5.45
CA ALA G 233 -38.24 53.36 5.75
C ALA G 233 -37.41 52.84 4.58
N ALA G 234 -36.37 52.09 4.91
CA ALA G 234 -35.42 51.59 3.92
C ALA G 234 -34.97 50.19 4.28
N TYR G 235 -34.70 49.38 3.26
CA TYR G 235 -34.25 48.01 3.46
C TYR G 235 -33.46 47.58 2.23
N PHE G 236 -32.75 46.46 2.35
CA PHE G 236 -31.79 46.05 1.32
C PHE G 236 -31.86 44.54 1.11
N VAL G 237 -31.24 44.09 0.02
CA VAL G 237 -31.18 42.67 -0.33
C VAL G 237 -29.81 42.35 -0.92
N GLY G 238 -29.38 41.09 -0.78
CA GLY G 238 -28.19 40.60 -1.43
C GLY G 238 -28.26 39.10 -1.59
N TYR G 239 -27.38 38.56 -2.44
CA TYR G 239 -27.37 37.13 -2.74
C TYR G 239 -26.09 36.47 -2.26
N LEU G 240 -26.17 35.16 -2.00
CA LEU G 240 -25.06 34.36 -1.49
C LEU G 240 -24.42 33.51 -2.59
N LYS G 241 -23.12 33.30 -2.45
CA LYS G 241 -22.34 32.48 -3.39
C LYS G 241 -21.53 31.42 -2.62
N PRO G 242 -21.48 30.19 -3.13
CA PRO G 242 -20.70 29.14 -2.47
C PRO G 242 -19.19 29.36 -2.52
N THR G 243 -18.59 29.64 -1.36
CA THR G 243 -17.21 30.12 -1.30
C THR G 243 -16.54 29.56 -0.06
N THR G 244 -15.21 29.56 -0.07
CA THR G 244 -14.40 29.09 1.04
C THR G 244 -14.05 30.25 1.96
N PHE G 245 -14.42 30.14 3.24
CA PHE G 245 -14.17 31.16 4.24
C PHE G 245 -13.24 30.63 5.33
N MET G 246 -12.44 31.54 5.90
CA MET G 246 -11.66 31.26 7.10
C MET G 246 -12.24 32.04 8.28
N LEU G 247 -12.31 31.38 9.44
CA LEU G 247 -12.92 31.95 10.64
C LEU G 247 -11.93 31.95 11.79
N LYS G 248 -11.94 33.03 12.57
CA LYS G 248 -11.08 33.18 13.74
C LYS G 248 -11.93 33.22 15.00
N TYR G 249 -11.65 32.32 15.94
CA TYR G 249 -12.37 32.24 17.21
C TYR G 249 -11.57 32.91 18.33
N ASP G 250 -12.25 33.75 19.11
CA ASP G 250 -11.68 34.39 20.28
C ASP G 250 -11.71 33.43 21.47
N GLU G 251 -10.92 33.76 22.50
CA GLU G 251 -10.80 32.88 23.65
C GLU G 251 -12.13 32.61 24.35
N ASN G 252 -13.09 33.53 24.22
CA ASN G 252 -14.42 33.26 24.78
C ASN G 252 -15.27 32.39 23.88
N GLY G 253 -14.74 31.94 22.75
CA GLY G 253 -15.53 31.17 21.80
C GLY G 253 -16.32 31.98 20.81
N THR G 254 -15.96 33.24 20.60
CA THR G 254 -16.69 34.16 19.72
C THR G 254 -15.87 34.50 18.50
N ILE G 255 -16.52 34.51 17.33
CA ILE G 255 -15.86 34.90 16.09
C ILE G 255 -15.58 36.39 16.11
N THR G 256 -14.41 36.79 15.61
CA THR G 256 -14.07 38.21 15.50
C THR G 256 -13.62 38.67 14.13
N ASP G 257 -13.23 37.77 13.23
CA ASP G 257 -12.73 38.16 11.91
C ASP G 257 -12.98 37.03 10.93
N ALA G 258 -12.91 37.37 9.63
CA ALA G 258 -12.89 36.37 8.58
C ALA G 258 -12.09 36.93 7.41
N VAL G 259 -11.65 36.01 6.54
CA VAL G 259 -11.17 36.37 5.21
C VAL G 259 -11.88 35.50 4.18
N ASP G 260 -11.94 36.02 2.96
CA ASP G 260 -12.64 35.36 1.85
C ASP G 260 -11.59 35.06 0.79
N CYS G 261 -11.32 33.77 0.56
CA CYS G 261 -10.13 33.36 -0.16
C CYS G 261 -10.16 33.75 -1.63
N SER G 262 -11.33 33.98 -2.22
CA SER G 262 -11.43 34.25 -3.64
C SER G 262 -11.43 35.73 -3.99
N GLN G 263 -11.35 36.61 -3.00
CA GLN G 263 -11.40 38.06 -3.22
C GLN G 263 -9.98 38.61 -3.26
N ASN G 264 -9.38 38.53 -4.46
CA ASN G 264 -8.04 38.92 -4.94
C ASN G 264 -6.98 37.92 -4.47
N PRO G 265 -5.83 37.84 -5.16
CA PRO G 265 -4.85 36.79 -4.84
C PRO G 265 -4.32 36.82 -3.41
N LEU G 266 -4.15 38.00 -2.81
CA LEU G 266 -3.58 38.06 -1.47
C LEU G 266 -4.43 37.29 -0.47
N ALA G 267 -5.73 37.21 -0.71
CA ALA G 267 -6.59 36.35 0.11
C ALA G 267 -6.20 34.89 -0.02
N GLU G 268 -5.80 34.47 -1.22
CA GLU G 268 -5.36 33.09 -1.40
C GLU G 268 -4.05 32.84 -0.67
N LEU G 269 -3.15 33.83 -0.66
CA LEU G 269 -1.90 33.65 0.06
C LEU G 269 -2.14 33.50 1.57
N LYS G 270 -3.02 34.35 2.12
CA LYS G 270 -3.33 34.24 3.55
C LYS G 270 -4.04 32.94 3.86
N CYS G 271 -4.97 32.52 3.02
CA CYS G 271 -5.68 31.27 3.26
C CYS G 271 -4.73 30.08 3.20
N SER G 272 -3.80 30.09 2.24
CA SER G 272 -2.88 28.96 2.08
C SER G 272 -1.93 28.82 3.27
N VAL G 273 -1.39 29.93 3.79
CA VAL G 273 -0.40 29.82 4.85
C VAL G 273 -1.01 29.80 6.25
N LYS G 274 -2.34 29.90 6.38
CA LYS G 274 -3.01 29.93 7.66
C LYS G 274 -2.45 31.02 8.57
N SER G 275 -2.50 32.25 8.08
CA SER G 275 -1.97 33.38 8.82
C SER G 275 -2.80 34.62 8.49
N PHE G 276 -2.60 35.65 9.31
CA PHE G 276 -3.08 36.99 9.01
C PHE G 276 -1.95 37.95 8.69
N GLU G 277 -0.72 37.45 8.58
CA GLU G 277 0.42 38.29 8.26
C GLU G 277 1.46 37.47 7.53
N ILE G 278 2.01 38.06 6.45
CA ILE G 278 3.05 37.43 5.64
C ILE G 278 4.15 38.46 5.46
N ASP G 279 5.40 38.00 5.42
CA ASP G 279 6.54 38.88 5.64
C ASP G 279 7.34 39.22 4.39
N LYS G 280 7.66 38.24 3.55
CA LYS G 280 8.29 38.53 2.26
C LYS G 280 8.37 37.25 1.44
N GLY G 281 8.64 37.42 0.15
CA GLY G 281 9.10 36.34 -0.69
C GLY G 281 8.08 35.95 -1.75
N ILE G 282 8.39 34.87 -2.45
CA ILE G 282 7.55 34.31 -3.50
C ILE G 282 6.97 32.99 -3.00
N TYR G 283 5.65 32.83 -3.13
CA TYR G 283 4.92 31.70 -2.58
C TYR G 283 4.08 31.06 -3.68
N GLN G 284 4.14 29.74 -3.78
CA GLN G 284 3.40 29.00 -4.80
C GLN G 284 2.13 28.45 -4.17
N THR G 285 0.97 28.84 -4.72
CA THR G 285 -0.30 28.45 -4.15
C THR G 285 -1.03 27.33 -4.90
N SER G 286 -1.21 27.46 -6.22
CA SER G 286 -2.00 26.46 -6.93
C SER G 286 -1.69 26.49 -8.42
N ASN G 287 -2.13 25.44 -9.10
CA ASN G 287 -2.04 25.34 -10.56
C ASN G 287 -2.96 26.37 -11.23
N PHE G 288 -2.86 26.45 -12.56
CA PHE G 288 -3.85 27.15 -13.38
C PHE G 288 -4.06 26.36 -14.67
N ARG G 289 -5.21 26.58 -15.31
CA ARG G 289 -5.46 25.96 -16.61
C ARG G 289 -6.60 26.67 -17.32
N VAL G 290 -6.77 26.32 -18.60
CA VAL G 290 -7.77 26.91 -19.49
C VAL G 290 -8.92 25.94 -19.70
N VAL G 291 -10.14 26.45 -19.61
CA VAL G 291 -11.36 25.66 -19.83
C VAL G 291 -11.65 25.54 -21.32
N PRO G 292 -12.09 24.38 -21.81
CA PRO G 292 -12.37 24.24 -23.23
C PRO G 292 -13.62 25.00 -23.66
N SER G 293 -13.66 25.36 -24.94
CA SER G 293 -14.64 26.31 -25.46
C SER G 293 -15.64 25.72 -26.45
N GLY G 294 -15.59 24.42 -26.74
CA GLY G 294 -16.46 23.88 -27.77
C GLY G 294 -16.28 22.39 -27.95
N ASP G 295 -17.05 21.85 -28.90
CA ASP G 295 -17.16 20.41 -29.12
C ASP G 295 -17.03 20.08 -30.60
N VAL G 296 -16.28 19.01 -30.90
CA VAL G 296 -16.12 18.49 -32.25
C VAL G 296 -16.53 17.02 -32.27
N VAL G 297 -17.40 16.67 -33.22
CA VAL G 297 -17.84 15.29 -33.43
C VAL G 297 -17.69 14.98 -34.92
N ARG G 298 -17.12 13.82 -35.24
CA ARG G 298 -16.53 13.61 -36.56
C ARG G 298 -16.65 12.16 -37.00
N PHE G 299 -17.80 11.53 -36.73
CA PHE G 299 -18.02 10.18 -37.21
C PHE G 299 -17.99 10.13 -38.74
N PRO G 300 -17.65 8.99 -39.34
CA PRO G 300 -17.79 8.84 -40.79
C PRO G 300 -19.26 8.84 -41.21
N ASN G 301 -19.48 9.06 -42.51
CA ASN G 301 -20.82 9.10 -43.10
C ASN G 301 -21.23 7.78 -43.73
N ILE G 302 -22.32 7.21 -43.23
CA ILE G 302 -22.83 5.89 -43.58
C ILE G 302 -24.34 6.00 -43.69
N THR G 303 -24.94 5.30 -44.66
CA THR G 303 -26.32 5.55 -45.03
C THR G 303 -27.22 4.32 -45.08
N ASN G 304 -26.72 3.14 -44.76
CA ASN G 304 -27.53 1.93 -44.74
C ASN G 304 -27.88 1.51 -43.32
N LEU G 305 -28.91 0.68 -43.21
CA LEU G 305 -29.39 0.20 -41.91
C LEU G 305 -29.04 -1.27 -41.74
N CYS G 306 -28.41 -1.59 -40.62
CA CYS G 306 -27.98 -2.94 -40.30
C CYS G 306 -29.13 -3.94 -40.42
N PRO G 307 -28.98 -5.00 -41.21
CA PRO G 307 -30.05 -5.99 -41.34
C PRO G 307 -29.98 -7.12 -40.32
N PHE G 308 -29.71 -6.81 -39.05
CA PHE G 308 -29.57 -7.83 -38.01
C PHE G 308 -30.74 -8.81 -38.00
N GLY G 309 -31.94 -8.34 -38.35
CA GLY G 309 -33.09 -9.21 -38.41
C GLY G 309 -32.91 -10.41 -39.33
N GLU G 310 -31.99 -10.32 -40.29
CA GLU G 310 -31.73 -11.46 -41.16
C GLU G 310 -31.06 -12.61 -40.41
N VAL G 311 -30.38 -12.32 -39.30
CA VAL G 311 -29.88 -13.35 -38.41
C VAL G 311 -30.90 -13.71 -37.35
N PHE G 312 -31.40 -12.70 -36.63
CA PHE G 312 -32.23 -12.96 -35.45
C PHE G 312 -33.58 -13.54 -35.84
N ASN G 313 -34.17 -13.08 -36.93
CA ASN G 313 -35.52 -13.48 -37.31
C ASN G 313 -35.51 -14.67 -38.28
N ALA G 314 -34.37 -15.35 -38.42
CA ALA G 314 -34.26 -16.51 -39.28
C ALA G 314 -35.20 -17.64 -38.83
N THR G 315 -35.76 -18.34 -39.82
CA THR G 315 -36.73 -19.39 -39.53
C THR G 315 -36.11 -20.60 -38.84
N LYS G 316 -34.86 -20.94 -39.13
CA LYS G 316 -34.25 -22.15 -38.59
C LYS G 316 -32.81 -21.87 -38.19
N PHE G 317 -32.40 -22.49 -37.09
CA PHE G 317 -31.04 -22.36 -36.60
C PHE G 317 -30.24 -23.61 -36.92
N PRO G 318 -28.91 -23.52 -36.92
CA PRO G 318 -28.09 -24.71 -37.18
C PRO G 318 -27.92 -25.58 -35.95
N SER G 319 -27.50 -26.82 -36.21
CA SER G 319 -27.10 -27.72 -35.14
C SER G 319 -25.79 -27.25 -34.51
N VAL G 320 -25.75 -27.32 -33.17
CA VAL G 320 -24.67 -26.71 -32.40
C VAL G 320 -23.28 -27.17 -32.84
N TYR G 321 -23.15 -28.42 -33.29
CA TYR G 321 -21.82 -28.91 -33.67
C TYR G 321 -21.25 -28.12 -34.83
N ALA G 322 -22.08 -27.66 -35.75
CA ALA G 322 -21.64 -26.89 -36.93
C ALA G 322 -22.36 -25.54 -36.94
N TRP G 323 -21.95 -24.66 -36.03
CA TRP G 323 -22.51 -23.31 -35.97
C TRP G 323 -22.03 -22.47 -37.15
N GLU G 324 -22.88 -21.52 -37.55
CA GLU G 324 -22.63 -20.65 -38.69
C GLU G 324 -22.22 -19.25 -38.24
N ARG G 325 -21.40 -18.59 -39.06
CA ARG G 325 -20.90 -17.25 -38.79
C ARG G 325 -21.28 -16.33 -39.94
N LYS G 326 -21.86 -15.17 -39.62
CA LYS G 326 -22.23 -14.16 -40.61
C LYS G 326 -21.61 -12.81 -40.26
N LYS G 327 -21.22 -12.06 -41.28
CA LYS G 327 -20.59 -10.75 -41.10
C LYS G 327 -21.57 -9.62 -41.41
N ILE G 328 -21.51 -8.56 -40.61
CA ILE G 328 -22.32 -7.36 -40.79
C ILE G 328 -21.37 -6.17 -40.86
N SER G 329 -21.56 -5.31 -41.86
CA SER G 329 -20.67 -4.17 -42.03
C SER G 329 -21.36 -3.06 -42.82
N ASN G 330 -20.79 -1.86 -42.74
CA ASN G 330 -21.24 -0.68 -43.48
C ASN G 330 -22.71 -0.37 -43.25
N CYS G 331 -23.09 -0.28 -41.99
CA CYS G 331 -24.47 0.04 -41.63
C CYS G 331 -24.49 0.71 -40.26
N VAL G 332 -25.60 1.39 -39.97
CA VAL G 332 -25.81 2.04 -38.68
C VAL G 332 -27.13 1.59 -38.11
N ALA G 333 -27.14 1.28 -36.80
CA ALA G 333 -28.35 0.85 -36.12
C ALA G 333 -28.20 1.11 -34.63
N ASP G 334 -29.31 1.11 -33.93
CA ASP G 334 -29.34 1.35 -32.49
C ASP G 334 -29.49 0.05 -31.72
N TYR G 335 -28.74 -0.08 -30.64
CA TYR G 335 -28.84 -1.22 -29.73
C TYR G 335 -29.88 -1.01 -28.63
N SER G 336 -30.37 0.21 -28.44
CA SER G 336 -31.22 0.54 -27.31
C SER G 336 -32.53 -0.24 -27.28
N VAL G 337 -32.91 -0.90 -28.38
CA VAL G 337 -34.12 -1.72 -28.37
C VAL G 337 -33.95 -2.93 -27.46
N LEU G 338 -33.01 -3.81 -27.80
CA LEU G 338 -32.78 -5.03 -27.05
C LEU G 338 -32.27 -4.81 -25.62
N TYR G 339 -31.92 -3.59 -25.25
CA TYR G 339 -31.44 -3.35 -23.89
C TYR G 339 -32.58 -3.26 -22.88
N ASN G 340 -33.59 -2.45 -23.17
CA ASN G 340 -34.71 -2.21 -22.28
C ASN G 340 -35.95 -3.02 -22.62
N SER G 341 -35.78 -4.13 -23.34
CA SER G 341 -36.86 -5.01 -23.73
C SER G 341 -36.79 -6.25 -22.84
N THR G 342 -37.95 -6.84 -22.56
CA THR G 342 -38.03 -8.03 -21.72
C THR G 342 -38.00 -9.36 -22.48
N PHE G 343 -37.88 -9.35 -23.81
CA PHE G 343 -38.06 -10.58 -24.58
C PHE G 343 -36.99 -11.62 -24.23
N PHE G 344 -35.83 -11.20 -23.75
CA PHE G 344 -34.66 -12.06 -23.62
C PHE G 344 -34.54 -12.58 -22.18
N SER G 345 -34.34 -13.90 -22.06
CA SER G 345 -34.25 -14.52 -20.75
C SER G 345 -32.95 -14.20 -20.02
N THR G 346 -31.85 -13.97 -20.72
CA THR G 346 -30.67 -13.47 -20.04
C THR G 346 -29.86 -12.55 -20.95
N PHE G 347 -29.19 -11.57 -20.31
CA PHE G 347 -28.30 -10.63 -21.00
C PHE G 347 -26.94 -10.60 -20.29
N LYS G 348 -25.89 -10.95 -21.01
CA LYS G 348 -24.54 -10.95 -20.47
C LYS G 348 -23.64 -10.16 -21.43
N CYS G 349 -22.89 -9.21 -20.90
CA CYS G 349 -21.99 -8.43 -21.74
C CYS G 349 -20.63 -8.36 -21.06
N TYR G 350 -19.56 -8.48 -21.85
CA TYR G 350 -18.21 -8.48 -21.33
C TYR G 350 -17.39 -7.38 -22.00
N GLY G 351 -16.39 -6.89 -21.27
CA GLY G 351 -15.54 -5.83 -21.75
C GLY G 351 -16.17 -4.46 -21.86
N VAL G 352 -17.45 -4.40 -22.21
CA VAL G 352 -18.16 -3.14 -22.41
C VAL G 352 -19.55 -3.23 -21.79
N SER G 353 -20.01 -2.12 -21.20
CA SER G 353 -21.32 -2.06 -20.60
C SER G 353 -22.37 -1.78 -21.67
N ALA G 354 -23.53 -2.43 -21.53
CA ALA G 354 -24.56 -2.36 -22.57
C ALA G 354 -25.20 -0.99 -22.70
N THR G 355 -25.15 -0.17 -21.65
CA THR G 355 -25.71 1.18 -21.74
C THR G 355 -25.01 2.03 -22.78
N LYS G 356 -23.72 1.80 -23.02
CA LYS G 356 -22.91 2.72 -23.81
C LYS G 356 -22.64 2.23 -25.24
N LEU G 357 -23.22 1.10 -25.65
CA LEU G 357 -23.01 0.60 -27.01
C LEU G 357 -23.41 1.60 -28.09
N ASN G 358 -24.23 2.60 -27.77
CA ASN G 358 -24.64 3.58 -28.76
C ASN G 358 -23.62 4.68 -29.00
N ASP G 359 -22.51 4.70 -28.27
CA ASP G 359 -21.50 5.74 -28.43
C ASP G 359 -20.21 5.21 -29.07
N LEU G 360 -20.22 4.02 -29.63
CA LEU G 360 -19.00 3.36 -30.07
C LEU G 360 -19.10 2.98 -31.55
N CYS G 361 -17.94 2.91 -32.19
CA CYS G 361 -17.81 2.50 -33.59
C CYS G 361 -16.98 1.23 -33.66
N PHE G 362 -17.43 0.28 -34.49
CA PHE G 362 -16.79 -1.01 -34.64
C PHE G 362 -16.44 -1.25 -36.10
N SER G 363 -15.30 -1.91 -36.32
CA SER G 363 -14.87 -2.19 -37.69
C SER G 363 -15.68 -3.32 -38.33
N ASN G 364 -16.05 -4.33 -37.54
CA ASN G 364 -16.95 -5.37 -38.01
C ASN G 364 -17.72 -5.94 -36.82
N VAL G 365 -18.86 -6.56 -37.13
CA VAL G 365 -19.56 -7.42 -36.18
C VAL G 365 -19.66 -8.82 -36.79
N TYR G 366 -19.39 -9.83 -35.98
CA TYR G 366 -19.61 -11.22 -36.35
C TYR G 366 -20.67 -11.83 -35.46
N ALA G 367 -21.72 -12.39 -36.07
CA ALA G 367 -22.81 -13.02 -35.34
C ALA G 367 -22.70 -14.54 -35.46
N ASP G 368 -22.65 -15.23 -34.33
CA ASP G 368 -22.61 -16.68 -34.27
C ASP G 368 -23.92 -17.20 -33.70
N SER G 369 -24.43 -18.28 -34.28
CA SER G 369 -25.78 -18.76 -33.96
C SER G 369 -25.79 -20.27 -33.83
N PHE G 370 -26.51 -20.77 -32.83
CA PHE G 370 -26.69 -22.21 -32.64
C PHE G 370 -27.80 -22.43 -31.62
N VAL G 371 -28.29 -23.68 -31.59
CA VAL G 371 -29.29 -24.13 -30.63
C VAL G 371 -28.59 -24.80 -29.45
N VAL G 372 -29.08 -24.54 -28.24
CA VAL G 372 -28.52 -25.10 -27.02
C VAL G 372 -29.64 -25.79 -26.25
N LYS G 373 -29.26 -26.81 -25.48
CA LYS G 373 -30.22 -27.67 -24.79
C LYS G 373 -30.35 -27.24 -23.34
N GLY G 374 -31.56 -26.82 -22.95
CA GLY G 374 -31.88 -26.64 -21.55
C GLY G 374 -31.02 -25.60 -20.85
N ASP G 375 -30.47 -25.99 -19.71
CA ASP G 375 -29.66 -25.13 -18.86
C ASP G 375 -28.20 -25.02 -19.31
N ASP G 376 -27.81 -25.67 -20.40
CA ASP G 376 -26.45 -25.57 -20.91
C ASP G 376 -26.08 -24.16 -21.34
N VAL G 377 -27.05 -23.24 -21.29
CA VAL G 377 -26.74 -21.82 -21.45
C VAL G 377 -25.68 -21.37 -20.46
N ARG G 378 -25.59 -22.05 -19.31
CA ARG G 378 -24.52 -21.75 -18.37
C ARG G 378 -23.14 -22.10 -18.94
N GLN G 379 -23.08 -23.03 -19.87
CA GLN G 379 -21.80 -23.45 -20.43
C GLN G 379 -21.24 -22.48 -21.46
N ILE G 380 -22.07 -21.62 -22.04
CA ILE G 380 -21.60 -20.66 -23.05
C ILE G 380 -21.03 -19.44 -22.34
N ALA G 381 -19.85 -19.58 -21.77
CA ALA G 381 -19.17 -18.48 -21.09
C ALA G 381 -17.68 -18.79 -21.06
N PRO G 382 -16.84 -17.77 -20.87
CA PRO G 382 -15.39 -18.03 -20.80
C PRO G 382 -15.03 -18.84 -19.56
N GLY G 383 -14.23 -19.89 -19.77
CA GLY G 383 -13.72 -20.70 -18.68
C GLY G 383 -14.60 -21.85 -18.26
N GLN G 384 -15.72 -22.08 -18.92
CA GLN G 384 -16.55 -23.22 -18.60
C GLN G 384 -15.93 -24.52 -19.09
N THR G 385 -16.35 -25.63 -18.46
CA THR G 385 -15.88 -26.95 -18.82
C THR G 385 -17.07 -27.90 -18.83
N GLY G 386 -16.97 -28.93 -19.66
CA GLY G 386 -18.10 -29.80 -19.92
C GLY G 386 -18.16 -30.25 -21.37
N VAL G 387 -19.15 -31.10 -21.69
CA VAL G 387 -19.21 -31.69 -23.02
C VAL G 387 -19.39 -30.64 -24.10
N ILE G 388 -20.21 -29.62 -23.83
CA ILE G 388 -20.42 -28.58 -24.83
C ILE G 388 -19.24 -27.61 -24.86
N ALA G 389 -18.83 -27.12 -23.69
CA ALA G 389 -17.79 -26.12 -23.60
C ALA G 389 -16.44 -26.62 -24.13
N ASP G 390 -16.29 -27.93 -24.28
CA ASP G 390 -15.02 -28.49 -24.74
C ASP G 390 -15.10 -29.15 -26.09
N TYR G 391 -16.23 -29.76 -26.45
CA TYR G 391 -16.35 -30.40 -27.74
C TYR G 391 -17.20 -29.62 -28.74
N ASN G 392 -18.40 -29.20 -28.36
CA ASN G 392 -19.27 -28.49 -29.30
C ASN G 392 -18.79 -27.08 -29.63
N TYR G 393 -18.34 -26.31 -28.63
CA TYR G 393 -17.97 -24.92 -28.88
C TYR G 393 -17.00 -24.47 -27.81
N LYS G 394 -16.27 -23.39 -28.10
CA LYS G 394 -15.26 -22.90 -27.15
C LYS G 394 -15.00 -21.42 -27.39
N LEU G 395 -15.04 -20.63 -26.31
CA LEU G 395 -14.81 -19.18 -26.24
C LEU G 395 -13.42 -18.87 -25.72
N PRO G 396 -12.76 -17.86 -26.28
CA PRO G 396 -11.39 -17.55 -25.85
C PRO G 396 -11.37 -16.89 -24.48
N ASP G 397 -10.17 -16.79 -23.92
CA ASP G 397 -10.00 -16.18 -22.61
C ASP G 397 -10.34 -14.70 -22.62
N ASP G 398 -9.83 -13.96 -23.61
CA ASP G 398 -10.12 -12.54 -23.72
C ASP G 398 -11.27 -12.28 -24.69
N PHE G 399 -12.44 -12.81 -24.33
CA PHE G 399 -13.63 -12.59 -25.11
C PHE G 399 -14.13 -11.16 -24.92
N MET G 400 -14.73 -10.61 -25.97
CA MET G 400 -15.29 -9.26 -25.89
C MET G 400 -16.53 -9.21 -26.77
N GLY G 401 -17.68 -9.12 -26.13
CA GLY G 401 -18.96 -9.11 -26.82
C GLY G 401 -20.08 -9.35 -25.85
N CYS G 402 -21.26 -9.65 -26.41
CA CYS G 402 -22.45 -9.90 -25.61
C CYS G 402 -23.08 -11.23 -26.00
N VAL G 403 -23.68 -11.90 -25.01
CA VAL G 403 -24.35 -13.19 -25.19
C VAL G 403 -25.84 -13.01 -24.94
N LEU G 404 -26.66 -13.56 -25.84
CA LEU G 404 -28.12 -13.45 -25.76
C LEU G 404 -28.75 -14.82 -25.85
N ALA G 405 -29.90 -14.98 -25.19
CA ALA G 405 -30.69 -16.22 -25.31
C ALA G 405 -32.16 -15.92 -25.04
N TRP G 406 -33.03 -16.73 -25.66
CA TRP G 406 -34.47 -16.68 -25.39
C TRP G 406 -35.10 -18.05 -25.59
N ASN G 407 -36.20 -18.29 -24.87
CA ASN G 407 -36.89 -19.58 -24.87
C ASN G 407 -37.81 -19.69 -26.08
N THR G 408 -37.83 -20.88 -26.70
CA THR G 408 -38.54 -21.12 -27.96
C THR G 408 -39.45 -22.34 -27.96
N ARG G 409 -40.01 -22.75 -26.82
CA ARG G 409 -40.81 -23.99 -26.82
C ARG G 409 -41.96 -23.96 -27.82
N ASN G 410 -42.40 -22.77 -28.23
CA ASN G 410 -43.55 -22.68 -29.13
C ASN G 410 -43.32 -23.37 -30.47
N ILE G 411 -42.14 -23.18 -31.07
CA ILE G 411 -41.87 -23.76 -32.38
C ILE G 411 -40.75 -24.78 -32.38
N ASP G 412 -39.93 -24.86 -31.33
CA ASP G 412 -38.82 -25.81 -31.32
C ASP G 412 -39.15 -27.13 -30.64
N ALA G 413 -40.36 -27.34 -30.15
CA ALA G 413 -40.68 -28.58 -29.47
C ALA G 413 -42.12 -28.99 -29.75
N THR G 414 -42.40 -30.28 -29.53
CA THR G 414 -43.73 -30.84 -29.72
C THR G 414 -43.87 -32.06 -28.84
N SER G 415 -45.11 -32.56 -28.74
CA SER G 415 -45.40 -33.67 -27.83
C SER G 415 -44.75 -34.97 -28.29
N THR G 416 -44.81 -35.27 -29.59
CA THR G 416 -44.10 -36.42 -30.13
C THR G 416 -42.59 -36.22 -30.11
N GLY G 417 -42.14 -34.97 -30.04
CA GLY G 417 -40.72 -34.65 -30.05
C GLY G 417 -40.19 -34.34 -31.43
N ASN G 418 -39.14 -33.53 -31.47
CA ASN G 418 -38.40 -33.22 -32.68
C ASN G 418 -36.97 -33.71 -32.50
N TYR G 419 -36.44 -34.41 -33.50
CA TYR G 419 -35.22 -35.19 -33.33
C TYR G 419 -34.16 -34.78 -34.37
N ASN G 420 -34.13 -33.49 -34.71
CA ASN G 420 -33.30 -33.01 -35.81
C ASN G 420 -31.91 -32.54 -35.39
N TYR G 421 -31.57 -32.57 -34.11
CA TYR G 421 -30.36 -31.94 -33.61
C TYR G 421 -29.41 -32.98 -33.02
N LYS G 422 -28.11 -32.67 -33.07
CA LYS G 422 -27.07 -33.60 -32.67
C LYS G 422 -25.95 -32.83 -31.95
N TYR G 423 -25.16 -33.57 -31.17
CA TYR G 423 -23.99 -33.00 -30.52
C TYR G 423 -22.93 -34.07 -30.36
N ARG G 424 -21.66 -33.64 -30.45
CA ARG G 424 -20.50 -34.53 -30.42
C ARG G 424 -19.95 -34.60 -29.00
N TYR G 425 -20.11 -35.76 -28.35
CA TYR G 425 -19.59 -35.97 -27.01
C TYR G 425 -18.28 -36.76 -26.96
N LEU G 426 -17.81 -37.34 -28.06
CA LEU G 426 -16.57 -38.10 -28.08
C LEU G 426 -15.56 -37.52 -29.05
N ARG G 427 -14.35 -37.26 -28.56
CA ARG G 427 -13.27 -36.72 -29.38
C ARG G 427 -11.95 -36.92 -28.64
N HIS G 428 -10.89 -37.24 -29.40
CA HIS G 428 -9.57 -37.43 -28.83
C HIS G 428 -8.92 -36.14 -28.34
N GLY G 429 -9.59 -34.99 -28.42
CA GLY G 429 -8.99 -33.75 -27.98
C GLY G 429 -9.92 -32.56 -28.05
N LYS G 430 -9.80 -31.67 -27.07
CA LYS G 430 -10.68 -30.51 -26.99
C LYS G 430 -10.34 -29.50 -28.08
N LEU G 431 -11.37 -28.80 -28.56
CA LEU G 431 -11.19 -27.77 -29.58
C LEU G 431 -10.42 -26.57 -29.04
N ARG G 432 -9.75 -25.88 -29.95
CA ARG G 432 -9.16 -24.59 -29.68
C ARG G 432 -10.22 -23.51 -29.92
N PRO G 433 -9.96 -22.26 -29.52
CA PRO G 433 -10.99 -21.22 -29.66
C PRO G 433 -11.56 -21.08 -31.06
N PHE G 434 -12.90 -21.12 -31.14
CA PHE G 434 -13.67 -21.00 -32.38
C PHE G 434 -13.32 -22.05 -33.44
N GLU G 435 -12.71 -23.16 -33.06
CA GLU G 435 -12.51 -24.22 -34.03
C GLU G 435 -13.84 -24.87 -34.41
N ARG G 436 -13.81 -25.69 -35.46
CA ARG G 436 -14.98 -26.45 -35.89
C ARG G 436 -14.51 -27.77 -36.48
N ASP G 437 -15.32 -28.81 -36.28
CA ASP G 437 -15.07 -30.13 -36.86
C ASP G 437 -16.40 -30.75 -37.22
N ILE G 438 -16.65 -30.94 -38.51
CA ILE G 438 -17.92 -31.49 -38.99
C ILE G 438 -17.70 -32.90 -39.55
N SER G 439 -16.67 -33.59 -39.05
CA SER G 439 -16.38 -34.94 -39.51
C SER G 439 -17.27 -35.96 -38.82
N ASN G 440 -17.83 -36.89 -39.59
CA ASN G 440 -18.64 -38.00 -39.08
C ASN G 440 -18.04 -39.31 -39.55
N VAL G 441 -17.54 -40.11 -38.62
CA VAL G 441 -16.79 -41.33 -38.91
C VAL G 441 -17.01 -42.33 -37.76
N PRO G 442 -16.75 -43.61 -37.97
CA PRO G 442 -16.76 -44.55 -36.83
C PRO G 442 -15.62 -44.24 -35.87
N PHE G 443 -15.89 -44.43 -34.59
CA PHE G 443 -14.95 -44.11 -33.52
C PHE G 443 -14.67 -45.35 -32.68
N SER G 444 -13.39 -45.57 -32.36
CA SER G 444 -12.98 -46.63 -31.45
C SER G 444 -11.93 -46.10 -30.48
N PRO G 445 -12.07 -46.38 -29.18
CA PRO G 445 -11.17 -45.77 -28.18
C PRO G 445 -9.70 -46.10 -28.39
N ASP G 446 -9.36 -47.10 -29.21
CA ASP G 446 -7.97 -47.45 -29.42
C ASP G 446 -7.24 -46.44 -30.29
N GLY G 447 -7.97 -45.59 -31.01
CA GLY G 447 -7.35 -44.70 -31.96
C GLY G 447 -7.01 -45.34 -33.29
N LYS G 448 -7.68 -46.43 -33.64
CA LYS G 448 -7.51 -47.11 -34.92
C LYS G 448 -8.86 -47.29 -35.58
N PRO G 449 -8.89 -47.33 -36.91
CA PRO G 449 -10.18 -47.42 -37.61
C PRO G 449 -10.86 -48.75 -37.36
N CYS G 450 -12.20 -48.72 -37.41
CA CYS G 450 -13.00 -49.93 -37.31
C CYS G 450 -14.34 -49.66 -37.97
N THR G 451 -15.16 -50.71 -38.06
CA THR G 451 -16.49 -50.59 -38.65
C THR G 451 -17.48 -51.33 -37.78
N PRO G 452 -18.60 -50.71 -37.40
CA PRO G 452 -19.60 -51.40 -36.59
C PRO G 452 -20.31 -52.46 -37.40
N PRO G 453 -20.92 -53.47 -36.74
CA PRO G 453 -21.14 -53.61 -35.30
C PRO G 453 -19.98 -54.23 -34.54
N ALA G 454 -18.78 -54.21 -35.11
CA ALA G 454 -17.63 -54.84 -34.48
C ALA G 454 -17.32 -54.19 -33.13
N LEU G 455 -16.38 -54.80 -32.41
CA LEU G 455 -16.12 -54.43 -31.03
C LEU G 455 -15.69 -52.98 -30.90
N ASN G 456 -16.28 -52.30 -29.92
CA ASN G 456 -15.91 -50.93 -29.54
C ASN G 456 -15.92 -49.97 -30.72
N CYS G 457 -16.92 -50.08 -31.58
CA CYS G 457 -17.12 -49.15 -32.69
C CYS G 457 -18.35 -48.30 -32.40
N TYR G 458 -18.21 -46.99 -32.56
CA TYR G 458 -19.25 -46.06 -32.14
C TYR G 458 -19.35 -44.90 -33.13
N TRP G 459 -20.38 -44.10 -32.95
CA TRP G 459 -20.52 -42.82 -33.62
C TRP G 459 -20.27 -41.70 -32.63
N PRO G 460 -19.39 -40.74 -32.94
CA PRO G 460 -18.92 -39.81 -31.90
C PRO G 460 -19.92 -38.72 -31.55
N LEU G 461 -21.04 -38.62 -32.26
CA LEU G 461 -22.04 -37.61 -32.00
C LEU G 461 -23.40 -38.25 -31.72
N ASN G 462 -24.13 -37.68 -30.77
CA ASN G 462 -25.36 -38.25 -30.25
C ASN G 462 -26.56 -37.51 -30.81
N ASP G 463 -27.50 -38.24 -31.39
CA ASP G 463 -28.79 -37.68 -31.75
C ASP G 463 -29.61 -37.37 -30.50
N TYR G 464 -30.47 -36.36 -30.60
CA TYR G 464 -31.21 -35.88 -29.44
C TYR G 464 -32.58 -35.39 -29.90
N GLY G 465 -33.48 -35.24 -28.95
CA GLY G 465 -34.75 -34.59 -29.22
C GLY G 465 -35.36 -34.00 -27.97
N PHE G 466 -36.13 -32.93 -28.16
CA PHE G 466 -36.84 -32.25 -27.09
C PHE G 466 -38.29 -32.74 -26.99
N TYR G 467 -38.92 -32.41 -25.87
CA TYR G 467 -40.33 -32.69 -25.64
C TYR G 467 -41.03 -31.44 -25.14
N THR G 468 -42.31 -31.28 -25.52
CA THR G 468 -43.07 -30.12 -25.09
C THR G 468 -43.23 -30.07 -23.57
N THR G 469 -43.27 -31.23 -22.91
CA THR G 469 -43.43 -31.29 -21.46
C THR G 469 -42.10 -31.31 -20.72
N THR G 470 -41.02 -30.89 -21.36
CA THR G 470 -39.75 -30.69 -20.65
C THR G 470 -39.91 -29.67 -19.53
N GLY G 471 -39.13 -29.87 -18.47
CA GLY G 471 -39.07 -28.90 -17.40
C GLY G 471 -38.15 -27.73 -17.73
N ILE G 472 -38.19 -26.72 -16.85
CA ILE G 472 -37.50 -25.45 -17.12
C ILE G 472 -36.04 -25.69 -17.46
N GLY G 473 -35.41 -26.65 -16.79
CA GLY G 473 -34.04 -27.02 -17.08
C GLY G 473 -33.81 -27.76 -18.38
N TYR G 474 -34.85 -28.00 -19.19
CA TYR G 474 -34.70 -28.86 -20.36
C TYR G 474 -35.14 -28.26 -21.69
N GLN G 475 -35.98 -27.23 -21.71
CA GLN G 475 -36.51 -26.74 -22.98
C GLN G 475 -35.38 -26.27 -23.89
N PRO G 476 -35.58 -26.30 -25.21
CA PRO G 476 -34.56 -25.77 -26.12
C PRO G 476 -34.51 -24.25 -26.06
N TYR G 477 -33.30 -23.72 -26.22
CA TYR G 477 -33.08 -22.29 -26.32
C TYR G 477 -32.30 -21.97 -27.58
N ARG G 478 -32.57 -20.79 -28.14
CA ARG G 478 -31.75 -20.21 -29.19
C ARG G 478 -30.75 -19.25 -28.58
N VAL G 479 -29.53 -19.26 -29.09
CA VAL G 479 -28.45 -18.42 -28.59
C VAL G 479 -27.82 -17.70 -29.77
N VAL G 480 -27.46 -16.43 -29.55
CA VAL G 480 -26.70 -15.64 -30.52
C VAL G 480 -25.57 -14.96 -29.79
N VAL G 481 -24.37 -15.01 -30.36
CA VAL G 481 -23.19 -14.37 -29.80
C VAL G 481 -22.71 -13.29 -30.77
N LEU G 482 -22.55 -12.08 -30.27
CA LEU G 482 -22.06 -10.95 -31.06
C LEU G 482 -20.65 -10.62 -30.60
N SER G 483 -19.70 -10.66 -31.54
CA SER G 483 -18.30 -10.35 -31.25
C SER G 483 -17.94 -9.04 -31.94
N PHE G 484 -17.43 -8.09 -31.15
CA PHE G 484 -17.17 -6.73 -31.63
C PHE G 484 -15.69 -6.58 -31.93
N GLU G 485 -15.37 -6.30 -33.18
CA GLU G 485 -13.98 -6.18 -33.63
C GLU G 485 -13.57 -4.72 -33.54
N LEU G 486 -12.78 -4.39 -32.52
CA LEU G 486 -12.31 -3.01 -32.35
C LEU G 486 -10.99 -2.78 -33.08
N LEU G 487 -10.94 -3.24 -34.34
CA LEU G 487 -9.73 -3.08 -35.12
C LEU G 487 -9.44 -1.61 -35.35
N ASN G 488 -8.17 -1.24 -35.28
CA ASN G 488 -7.73 0.14 -35.49
C ASN G 488 -7.53 0.35 -37.00
N ALA G 489 -8.67 0.47 -37.67
CA ALA G 489 -8.76 0.67 -39.11
C ALA G 489 -10.07 1.42 -39.35
N PRO G 490 -10.43 1.79 -40.58
CA PRO G 490 -11.68 2.54 -40.75
C PRO G 490 -12.88 1.73 -40.27
N ALA G 491 -13.74 2.39 -39.49
CA ALA G 491 -14.91 1.74 -38.94
C ALA G 491 -16.03 1.66 -39.97
N THR G 492 -16.77 0.56 -39.94
CA THR G 492 -17.90 0.37 -40.82
C THR G 492 -19.24 0.55 -40.12
N VAL G 493 -19.39 0.04 -38.91
CA VAL G 493 -20.63 0.09 -38.15
C VAL G 493 -20.48 1.15 -37.06
N CYS G 494 -21.49 2.01 -36.93
CA CYS G 494 -21.45 3.07 -35.94
C CYS G 494 -22.86 3.35 -35.43
N GLY G 495 -22.92 3.92 -34.24
CA GLY G 495 -24.16 4.42 -33.68
C GLY G 495 -24.54 5.79 -34.21
N PRO G 496 -25.82 6.14 -34.14
CA PRO G 496 -26.29 7.39 -34.76
C PRO G 496 -25.85 8.61 -33.96
N LYS G 497 -25.12 9.50 -34.62
CA LYS G 497 -24.70 10.77 -34.05
C LYS G 497 -24.66 11.82 -35.15
N LEU G 498 -24.96 13.06 -34.78
CA LEU G 498 -24.73 14.21 -35.65
C LEU G 498 -23.29 14.69 -35.53
N SER G 499 -22.70 15.08 -36.66
CA SER G 499 -21.35 15.59 -36.69
C SER G 499 -21.34 17.12 -36.68
N THR G 500 -20.14 17.68 -36.55
CA THR G 500 -19.93 19.12 -36.65
C THR G 500 -18.77 19.39 -37.61
N ASP G 501 -18.53 20.67 -37.87
CA ASP G 501 -17.29 21.10 -38.51
C ASP G 501 -16.12 21.03 -37.52
N LEU G 502 -14.91 21.14 -38.04
CA LEU G 502 -13.72 21.22 -37.21
C LEU G 502 -13.54 22.63 -36.65
N ILE G 503 -12.84 22.72 -35.52
CA ILE G 503 -12.52 23.99 -34.88
C ILE G 503 -11.05 24.01 -34.52
N LYS G 504 -10.20 24.27 -35.52
CA LYS G 504 -8.76 24.20 -35.32
C LYS G 504 -8.27 25.34 -34.43
N ASN G 505 -7.11 25.11 -33.81
CA ASN G 505 -6.37 26.12 -33.05
C ASN G 505 -7.13 26.67 -31.84
N GLN G 506 -8.03 25.89 -31.27
CA GLN G 506 -8.72 26.31 -30.05
C GLN G 506 -8.89 25.12 -29.12
N CYS G 507 -8.87 25.40 -27.81
CA CYS G 507 -9.08 24.36 -26.81
C CYS G 507 -10.52 23.90 -26.89
N VAL G 508 -10.73 22.65 -27.32
CA VAL G 508 -12.07 22.11 -27.51
C VAL G 508 -12.12 20.65 -27.06
N ASN G 509 -13.33 20.21 -26.71
CA ASN G 509 -13.61 18.79 -26.62
C ASN G 509 -13.62 18.18 -28.03
N PHE G 510 -13.10 16.96 -28.14
CA PHE G 510 -13.08 16.28 -29.43
C PHE G 510 -13.48 14.81 -29.26
N ASN G 511 -14.27 14.31 -30.21
CA ASN G 511 -14.74 12.93 -30.25
C ASN G 511 -14.60 12.40 -31.68
N PHE G 512 -13.35 12.19 -32.13
CA PHE G 512 -13.13 11.82 -33.53
C PHE G 512 -13.79 10.51 -33.89
N ASN G 513 -13.54 9.46 -33.11
CA ASN G 513 -14.15 8.18 -33.42
C ASN G 513 -14.12 7.24 -32.22
N GLY G 514 -14.87 7.59 -31.17
CA GLY G 514 -14.85 6.81 -29.96
C GLY G 514 -13.71 7.13 -29.03
N LEU G 515 -12.89 8.11 -29.39
CA LEU G 515 -11.77 8.58 -28.59
C LEU G 515 -12.11 9.97 -28.09
N THR G 516 -11.91 10.21 -26.80
CA THR G 516 -12.36 11.46 -26.20
C THR G 516 -11.23 12.12 -25.43
N GLY G 517 -11.25 13.44 -25.42
CA GLY G 517 -10.28 14.20 -24.67
C GLY G 517 -10.49 15.68 -24.92
N THR G 518 -9.48 16.47 -24.57
CA THR G 518 -9.46 17.89 -24.87
C THR G 518 -8.09 18.26 -25.43
N GLY G 519 -8.06 19.18 -26.39
CA GLY G 519 -6.78 19.57 -26.93
C GLY G 519 -6.89 20.63 -28.01
N VAL G 520 -5.75 20.94 -28.59
CA VAL G 520 -5.60 21.93 -29.65
C VAL G 520 -5.29 21.18 -30.95
N LEU G 521 -6.24 21.19 -31.88
CA LEU G 521 -6.07 20.53 -33.16
C LEU G 521 -5.30 21.43 -34.13
N THR G 522 -4.35 20.84 -34.85
CA THR G 522 -3.54 21.56 -35.83
C THR G 522 -3.23 20.64 -37.00
N PRO G 523 -2.97 21.19 -38.19
CA PRO G 523 -2.51 20.36 -39.31
C PRO G 523 -1.12 19.81 -39.04
N SER G 524 -0.78 18.75 -39.77
CA SER G 524 0.38 17.93 -39.46
C SER G 524 1.10 17.53 -40.75
N SER G 525 2.31 16.99 -40.58
CA SER G 525 3.11 16.48 -41.69
C SER G 525 3.41 14.99 -41.52
N LYS G 526 2.55 14.27 -40.81
CA LYS G 526 2.65 12.82 -40.75
C LYS G 526 2.36 12.20 -42.12
N ARG G 527 2.79 10.96 -42.30
CA ARG G 527 2.58 10.22 -43.55
C ARG G 527 2.14 8.80 -43.18
N PHE G 528 0.83 8.63 -43.03
CA PHE G 528 0.29 7.33 -42.64
C PHE G 528 0.32 6.36 -43.81
N GLN G 529 0.51 5.09 -43.50
CA GLN G 529 0.29 4.03 -44.46
C GLN G 529 -1.21 3.76 -44.59
N PRO G 530 -1.66 3.27 -45.75
CA PRO G 530 -3.10 3.07 -45.96
C PRO G 530 -3.77 2.14 -44.96
N PHE G 531 -3.01 1.41 -44.15
CA PHE G 531 -3.57 0.49 -43.16
C PHE G 531 -3.39 0.99 -41.74
N GLN G 532 -3.02 2.24 -41.54
CA GLN G 532 -2.80 2.80 -40.21
C GLN G 532 -3.73 3.99 -39.99
N GLN G 533 -4.46 3.97 -38.87
CA GLN G 533 -5.40 5.05 -38.55
C GLN G 533 -5.02 5.86 -37.31
N PHE G 534 -4.07 5.41 -36.51
CA PHE G 534 -3.70 6.14 -35.29
C PHE G 534 -2.20 6.10 -35.08
N GLY G 535 -1.72 7.10 -34.37
CA GLY G 535 -0.33 7.15 -33.98
C GLY G 535 -0.23 7.32 -32.48
N ARG G 536 0.83 6.73 -31.90
CA ARG G 536 0.99 6.75 -30.46
C ARG G 536 2.42 7.11 -30.07
N ASP G 537 2.53 7.81 -28.96
CA ASP G 537 3.80 8.13 -28.32
C ASP G 537 4.07 7.12 -27.21
N VAL G 538 5.27 7.20 -26.65
CA VAL G 538 5.56 6.48 -25.42
C VAL G 538 4.59 6.96 -24.33
N SER G 539 4.33 6.08 -23.36
CA SER G 539 3.25 6.18 -22.37
C SER G 539 1.87 5.97 -22.98
N ASP G 540 1.77 5.48 -24.21
CA ASP G 540 0.52 5.03 -24.81
C ASP G 540 -0.47 6.20 -24.99
N PHE G 541 0.02 7.43 -25.11
CA PHE G 541 -0.85 8.55 -25.40
C PHE G 541 -1.07 8.68 -26.90
N THR G 542 -2.32 8.96 -27.29
CA THR G 542 -2.61 9.27 -28.68
C THR G 542 -1.97 10.59 -29.07
N ASP G 543 -1.36 10.62 -30.25
CA ASP G 543 -0.64 11.79 -30.71
C ASP G 543 -1.18 12.39 -32.00
N SER G 544 -1.82 11.60 -32.85
CA SER G 544 -2.36 12.11 -34.10
C SER G 544 -3.43 11.15 -34.60
N VAL G 545 -4.29 11.65 -35.49
CA VAL G 545 -5.43 10.88 -35.95
C VAL G 545 -5.71 11.26 -37.40
N ARG G 546 -6.30 10.32 -38.14
CA ARG G 546 -6.76 10.56 -39.50
C ARG G 546 -8.22 11.00 -39.47
N ASP G 547 -8.50 12.17 -40.03
CA ASP G 547 -9.86 12.69 -40.08
C ASP G 547 -10.73 11.76 -40.93
N PRO G 548 -11.80 11.20 -40.39
CA PRO G 548 -12.60 10.25 -41.19
C PRO G 548 -13.22 10.84 -42.44
N LYS G 549 -13.77 12.05 -42.35
CA LYS G 549 -14.48 12.63 -43.49
C LYS G 549 -13.57 12.95 -44.67
N THR G 550 -12.39 13.53 -44.41
CA THR G 550 -11.50 13.96 -45.49
C THR G 550 -10.13 13.31 -45.52
N SER G 551 -9.81 12.42 -44.56
CA SER G 551 -8.50 11.77 -44.47
C SER G 551 -7.37 12.78 -44.30
N GLU G 552 -7.67 13.97 -43.80
CA GLU G 552 -6.64 14.85 -43.25
C GLU G 552 -5.93 14.17 -42.08
N ILE G 553 -4.69 14.58 -41.85
CA ILE G 553 -3.92 14.13 -40.69
C ILE G 553 -3.80 15.30 -39.72
N LEU G 554 -4.25 15.08 -38.48
CA LEU G 554 -4.35 16.13 -37.48
C LEU G 554 -3.57 15.74 -36.23
N ASP G 555 -2.78 16.68 -35.70
CA ASP G 555 -2.12 16.51 -34.41
C ASP G 555 -3.07 16.80 -33.26
N ILE G 556 -2.69 16.33 -32.07
CA ILE G 556 -3.34 16.68 -30.83
C ILE G 556 -2.29 17.19 -29.85
N SER G 557 -2.68 18.15 -29.01
CA SER G 557 -1.78 18.72 -28.01
C SER G 557 -2.63 19.29 -26.89
N PRO G 558 -2.09 19.38 -25.67
CA PRO G 558 -2.93 19.76 -24.53
C PRO G 558 -3.16 21.26 -24.44
N CYS G 559 -4.30 21.61 -23.84
CA CYS G 559 -4.57 22.98 -23.43
C CYS G 559 -3.59 23.41 -22.35
N SER G 560 -3.20 24.69 -22.37
CA SER G 560 -2.12 25.18 -21.54
C SER G 560 -2.39 24.96 -20.05
N PHE G 561 -1.32 24.66 -19.31
CA PHE G 561 -1.39 24.43 -17.87
C PHE G 561 -0.08 24.84 -17.23
N GLY G 562 -0.11 25.07 -15.92
CA GLY G 562 1.11 25.36 -15.20
C GLY G 562 0.83 25.77 -13.77
N GLY G 563 1.87 26.29 -13.12
CA GLY G 563 1.78 26.82 -11.78
C GLY G 563 1.66 28.34 -11.75
N VAL G 564 0.97 28.85 -10.73
CA VAL G 564 0.93 30.28 -10.43
C VAL G 564 1.48 30.51 -9.03
N SER G 565 2.25 31.58 -8.87
CA SER G 565 2.84 31.95 -7.60
C SER G 565 2.78 33.46 -7.43
N VAL G 566 2.74 33.91 -6.18
CA VAL G 566 2.42 35.29 -5.83
C VAL G 566 3.63 35.95 -5.19
N ILE G 567 4.00 37.12 -5.71
CA ILE G 567 5.09 37.92 -5.16
C ILE G 567 4.49 39.07 -4.37
N THR G 568 4.92 39.23 -3.10
CA THR G 568 4.43 40.31 -2.26
C THR G 568 5.59 40.89 -1.46
N PRO G 569 5.58 42.20 -1.22
CA PRO G 569 6.33 42.74 -0.08
C PRO G 569 5.62 42.43 1.22
N GLY G 570 6.19 42.85 2.35
CA GLY G 570 5.58 42.64 3.65
C GLY G 570 4.15 43.15 3.74
N THR G 571 3.26 42.38 4.37
CA THR G 571 1.87 42.79 4.47
C THR G 571 1.74 44.11 5.24
N ASN G 572 2.55 44.27 6.29
CA ASN G 572 2.50 45.51 7.07
C ASN G 572 2.89 46.71 6.21
N ALA G 573 3.89 46.55 5.35
CA ALA G 573 4.33 47.67 4.51
C ALA G 573 3.29 48.06 3.48
N SER G 574 2.68 47.09 2.81
CA SER G 574 1.68 47.40 1.79
C SER G 574 0.94 46.12 1.42
N SER G 575 -0.15 46.29 0.65
CA SER G 575 -0.95 45.19 0.16
C SER G 575 -0.79 44.96 -1.33
N GLU G 576 0.34 45.39 -1.91
CA GLU G 576 0.63 45.19 -3.32
C GLU G 576 1.02 43.74 -3.58
N VAL G 577 0.67 43.25 -4.77
CA VAL G 577 1.03 41.91 -5.20
C VAL G 577 1.40 41.94 -6.69
N ALA G 578 2.23 40.96 -7.08
CA ALA G 578 2.47 40.66 -8.48
C ALA G 578 2.34 39.16 -8.68
N VAL G 579 1.80 38.75 -9.83
CA VAL G 579 1.48 37.36 -10.13
C VAL G 579 2.39 36.87 -11.24
N LEU G 580 3.00 35.69 -11.04
CA LEU G 580 3.85 35.05 -12.04
C LEU G 580 3.16 33.81 -12.59
N TYR G 581 2.90 33.80 -13.89
CA TYR G 581 2.39 32.62 -14.59
C TYR G 581 3.56 31.93 -15.28
N GLN G 582 3.89 30.72 -14.83
CA GLN G 582 5.14 30.08 -15.23
C GLN G 582 5.03 29.43 -16.60
N ASP G 583 6.03 29.70 -17.45
CA ASP G 583 6.24 28.96 -18.71
C ASP G 583 5.03 29.03 -19.64
N VAL G 584 4.53 30.24 -19.87
CA VAL G 584 3.42 30.47 -20.79
C VAL G 584 3.66 31.79 -21.52
N ASN G 585 3.27 31.83 -22.79
CA ASN G 585 3.20 33.08 -23.54
C ASN G 585 1.98 33.91 -23.16
N CYS G 586 2.20 35.19 -22.85
CA CYS G 586 1.13 36.02 -22.29
C CYS G 586 -0.10 36.09 -23.18
N THR G 587 0.07 35.92 -24.50
CA THR G 587 -1.08 36.02 -25.39
C THR G 587 -2.19 35.07 -25.01
N ASP G 588 -1.84 33.85 -24.57
CA ASP G 588 -2.86 32.87 -24.25
C ASP G 588 -3.54 33.17 -22.92
N VAL G 589 -2.79 33.71 -21.95
CA VAL G 589 -3.42 33.99 -20.66
C VAL G 589 -4.21 35.28 -20.72
N SER G 590 -3.76 36.27 -21.47
CA SER G 590 -4.55 37.49 -21.61
C SER G 590 -5.85 37.19 -22.36
N THR G 591 -5.76 36.42 -23.46
CA THR G 591 -6.95 36.02 -24.20
C THR G 591 -7.80 35.00 -23.46
N ALA G 592 -7.36 34.53 -22.29
CA ALA G 592 -8.19 33.66 -21.48
C ALA G 592 -8.65 34.31 -20.18
N ILE G 593 -7.94 35.33 -19.70
CA ILE G 593 -8.49 36.15 -18.63
C ILE G 593 -9.70 36.90 -19.14
N HIS G 594 -9.56 37.57 -20.28
CA HIS G 594 -10.72 38.18 -20.93
C HIS G 594 -11.70 37.08 -21.33
N ALA G 595 -12.99 37.38 -21.17
CA ALA G 595 -14.08 36.43 -21.40
C ALA G 595 -14.01 35.24 -20.44
N ASP G 596 -13.39 35.45 -19.28
CA ASP G 596 -13.42 34.53 -18.13
C ASP G 596 -13.16 33.07 -18.50
N GLN G 597 -12.12 32.85 -19.31
CA GLN G 597 -11.78 31.49 -19.70
C GLN G 597 -10.77 30.83 -18.78
N LEU G 598 -10.06 31.60 -17.96
CA LEU G 598 -9.08 31.03 -17.04
C LEU G 598 -9.77 30.51 -15.78
N THR G 599 -9.05 29.66 -15.04
CA THR G 599 -9.39 29.34 -13.68
C THR G 599 -8.10 29.12 -12.91
N PRO G 600 -7.97 29.64 -11.68
CA PRO G 600 -8.99 30.24 -10.80
C PRO G 600 -9.47 31.61 -11.26
N ALA G 601 -10.70 31.95 -10.92
CA ALA G 601 -11.33 33.21 -11.32
C ALA G 601 -11.53 34.08 -10.10
N TRP G 602 -10.70 35.12 -9.96
CA TRP G 602 -10.92 36.13 -8.95
C TRP G 602 -12.25 36.84 -9.21
N ARG G 603 -12.87 37.32 -8.14
CA ARG G 603 -14.03 38.20 -8.31
C ARG G 603 -13.61 39.57 -8.81
N ILE G 604 -12.55 40.14 -8.22
CA ILE G 604 -12.03 41.43 -8.65
C ILE G 604 -10.54 41.30 -8.91
N TYR G 605 -10.10 41.78 -10.08
CA TYR G 605 -8.70 41.88 -10.46
C TYR G 605 -8.69 42.61 -11.80
N SER G 606 -7.51 43.02 -12.23
CA SER G 606 -7.37 43.49 -13.60
C SER G 606 -5.92 43.34 -14.06
N THR G 607 -5.76 42.93 -15.31
CA THR G 607 -4.50 43.12 -16.04
C THR G 607 -4.46 44.55 -16.53
N GLY G 608 -3.65 45.39 -15.88
CA GLY G 608 -3.44 46.73 -16.38
C GLY G 608 -2.59 46.76 -17.63
N ASN G 609 -2.02 47.93 -17.94
CA ASN G 609 -1.05 48.03 -19.02
C ASN G 609 0.27 47.34 -18.71
N ASN G 610 0.52 47.01 -17.45
CA ASN G 610 1.77 46.39 -17.04
C ASN G 610 1.72 44.89 -17.31
N VAL G 611 2.27 44.48 -18.45
CA VAL G 611 2.51 43.07 -18.75
C VAL G 611 3.94 42.96 -19.28
N PHE G 612 4.65 41.93 -18.83
CA PHE G 612 6.06 41.75 -19.14
C PHE G 612 6.33 40.27 -19.38
N GLN G 613 7.25 39.98 -20.30
CA GLN G 613 7.57 38.60 -20.69
C GLN G 613 8.96 38.22 -20.23
N THR G 614 9.08 37.02 -19.65
CA THR G 614 10.34 36.46 -19.19
C THR G 614 10.42 35.01 -19.68
N GLN G 615 11.64 34.45 -19.61
CA GLN G 615 11.82 33.06 -20.02
C GLN G 615 11.10 32.07 -19.11
N ALA G 616 11.02 32.35 -17.81
CA ALA G 616 10.33 31.48 -16.87
C ALA G 616 8.82 31.58 -16.95
N GLY G 617 8.30 32.57 -17.65
CA GLY G 617 6.89 32.86 -17.78
C GLY G 617 6.73 34.36 -17.83
N CYS G 618 5.51 34.84 -17.66
CA CYS G 618 5.32 36.29 -17.70
C CYS G 618 4.63 36.81 -16.45
N LEU G 619 5.07 37.99 -16.02
CA LEU G 619 4.56 38.68 -14.83
C LEU G 619 3.43 39.63 -15.19
N ILE G 620 2.41 39.65 -14.35
CA ILE G 620 1.29 40.58 -14.47
C ILE G 620 1.34 41.52 -13.28
N GLY G 621 1.23 42.82 -13.54
CA GLY G 621 1.20 43.80 -12.49
C GLY G 621 2.55 44.33 -12.05
N ALA G 622 3.64 43.95 -12.70
CA ALA G 622 4.95 44.50 -12.42
C ALA G 622 5.42 45.38 -13.56
N GLU G 623 6.06 46.50 -13.21
CA GLU G 623 6.55 47.47 -14.18
C GLU G 623 8.02 47.21 -14.48
N HIS G 624 8.37 47.10 -15.75
CA HIS G 624 9.77 46.92 -16.14
C HIS G 624 10.55 48.21 -15.94
N VAL G 625 11.84 48.06 -15.64
CA VAL G 625 12.75 49.18 -15.41
C VAL G 625 14.06 48.92 -16.15
N ASP G 626 14.57 49.94 -16.82
CA ASP G 626 15.88 49.86 -17.49
C ASP G 626 17.01 50.32 -16.57
N THR G 627 17.17 49.62 -15.46
CA THR G 627 18.27 49.87 -14.55
C THR G 627 18.53 48.58 -13.77
N SER G 628 19.73 48.44 -13.23
CA SER G 628 20.13 47.25 -12.48
C SER G 628 20.38 47.57 -11.01
N TYR G 629 20.01 46.63 -10.15
CA TYR G 629 20.26 46.70 -8.71
C TYR G 629 20.60 45.31 -8.20
N GLU G 630 20.93 45.24 -6.91
CA GLU G 630 21.13 43.95 -6.24
C GLU G 630 19.79 43.26 -5.98
N CYS G 631 19.77 41.94 -6.08
CA CYS G 631 18.53 41.18 -5.97
C CYS G 631 17.97 41.13 -4.56
N ASP G 632 16.65 41.31 -4.48
CA ASP G 632 15.85 41.10 -3.29
C ASP G 632 15.05 39.81 -3.39
N ILE G 633 14.33 39.62 -4.49
CA ILE G 633 13.60 38.39 -4.75
C ILE G 633 13.99 37.90 -6.14
N PRO G 634 14.64 36.75 -6.26
CA PRO G 634 14.97 36.23 -7.59
C PRO G 634 13.79 35.54 -8.25
N ILE G 635 13.61 35.79 -9.53
CA ILE G 635 12.49 35.26 -10.31
C ILE G 635 12.94 34.14 -11.24
N GLY G 636 13.96 34.38 -12.04
CA GLY G 636 14.49 33.36 -12.91
C GLY G 636 15.11 33.95 -14.16
N ALA G 637 16.03 33.17 -14.75
CA ALA G 637 16.67 33.49 -16.03
C ALA G 637 17.36 34.85 -16.04
N GLY G 638 17.66 35.41 -14.87
CA GLY G 638 18.27 36.72 -14.78
C GLY G 638 17.33 37.83 -14.38
N ILE G 639 16.02 37.58 -14.37
CA ILE G 639 15.05 38.61 -13.99
C ILE G 639 14.98 38.68 -12.47
N CYS G 640 15.04 39.89 -11.94
CA CYS G 640 15.02 40.11 -10.51
C CYS G 640 13.92 41.10 -10.15
N ALA G 641 13.37 40.99 -8.94
CA ALA G 641 12.32 41.88 -8.48
C ALA G 641 12.68 42.55 -7.17
N SER G 642 12.01 43.67 -6.90
CA SER G 642 12.11 44.37 -5.63
C SER G 642 10.91 45.31 -5.51
N TYR G 643 10.71 45.83 -4.30
CA TYR G 643 9.69 46.83 -4.02
C TYR G 643 10.39 48.17 -3.82
N HIS G 644 10.08 49.14 -4.68
CA HIS G 644 10.92 50.32 -4.79
C HIS G 644 10.08 51.50 -5.25
N THR G 645 10.63 52.70 -5.02
CA THR G 645 9.98 53.93 -5.47
C THR G 645 9.86 53.94 -6.99
N VAL G 646 8.82 54.62 -7.47
CA VAL G 646 8.61 54.77 -8.90
C VAL G 646 9.75 55.59 -9.51
N GLN G 654 5.71 57.79 -3.81
CA GLN G 654 4.97 56.60 -4.16
C GLN G 654 5.91 55.45 -4.50
N LYS G 655 5.55 54.24 -4.07
CA LYS G 655 6.32 53.04 -4.33
C LYS G 655 5.46 52.02 -5.08
N SER G 656 6.13 51.16 -5.85
CA SER G 656 5.44 50.13 -6.61
C SER G 656 6.40 48.99 -6.89
N ILE G 657 5.84 47.86 -7.31
CA ILE G 657 6.63 46.65 -7.57
C ILE G 657 7.30 46.77 -8.93
N VAL G 658 8.62 46.62 -8.96
CA VAL G 658 9.39 46.71 -10.19
C VAL G 658 10.01 45.35 -10.49
N ALA G 659 10.39 45.15 -11.75
CA ALA G 659 11.20 44.02 -12.18
C ALA G 659 12.36 44.52 -13.02
N TYR G 660 13.53 43.90 -12.85
CA TYR G 660 14.75 44.41 -13.48
C TYR G 660 15.77 43.29 -13.58
N THR G 661 16.91 43.60 -14.22
CA THR G 661 18.01 42.68 -14.39
C THR G 661 19.09 42.96 -13.36
N MET G 662 19.52 41.93 -12.64
CA MET G 662 20.42 42.13 -11.51
C MET G 662 21.80 42.60 -11.93
N SER G 663 22.40 43.43 -11.08
CA SER G 663 23.76 43.95 -11.26
C SER G 663 24.70 43.10 -10.41
N LEU G 664 25.52 42.27 -11.07
CA LEU G 664 26.37 41.34 -10.34
C LEU G 664 27.37 42.01 -9.42
N GLY G 665 27.74 43.25 -9.68
CA GLY G 665 28.64 43.93 -8.76
C GLY G 665 29.03 45.30 -9.24
N ALA G 666 29.88 45.94 -8.45
CA ALA G 666 30.40 47.27 -8.75
C ALA G 666 31.61 47.14 -9.67
N ASP G 667 31.38 47.28 -10.97
CA ASP G 667 32.44 47.04 -11.95
C ASP G 667 33.58 48.02 -11.71
N SER G 668 34.78 47.48 -11.49
CA SER G 668 35.96 48.29 -11.23
C SER G 668 37.09 47.88 -12.14
N SER G 669 37.91 48.86 -12.53
CA SER G 669 39.06 48.65 -13.40
C SER G 669 40.31 49.11 -12.66
N ILE G 670 41.33 48.26 -12.65
CA ILE G 670 42.60 48.58 -12.01
C ILE G 670 43.71 48.54 -13.06
N ALA G 671 44.39 49.67 -13.21
CA ALA G 671 45.48 49.77 -14.18
C ALA G 671 46.61 48.81 -13.82
N TYR G 672 47.24 48.25 -14.84
CA TYR G 672 48.36 47.34 -14.67
C TYR G 672 49.63 48.03 -15.10
N SER G 673 50.65 47.99 -14.25
CA SER G 673 51.92 48.63 -14.54
C SER G 673 53.01 47.58 -14.39
N ASN G 674 54.08 47.77 -15.16
CA ASN G 674 55.18 46.80 -15.14
C ASN G 674 55.96 46.83 -13.84
N ASN G 675 56.26 48.02 -13.29
CA ASN G 675 57.07 48.10 -12.07
C ASN G 675 56.46 49.04 -11.01
N THR G 676 55.32 48.66 -10.44
CA THR G 676 54.72 49.43 -9.36
C THR G 676 54.02 48.48 -8.40
N ILE G 677 54.02 48.85 -7.11
CA ILE G 677 53.36 48.05 -6.09
C ILE G 677 52.60 48.99 -5.16
N ALA G 678 51.54 48.46 -4.56
CA ALA G 678 50.72 49.19 -3.61
C ALA G 678 50.93 48.55 -2.24
N ILE G 679 51.26 49.37 -1.24
CA ILE G 679 51.52 48.84 0.09
C ILE G 679 50.65 49.53 1.14
N PRO G 680 49.69 48.84 1.73
CA PRO G 680 48.83 49.43 2.76
C PRO G 680 49.63 50.11 3.87
N THR G 681 49.17 51.30 4.28
CA THR G 681 49.81 52.06 5.33
C THR G 681 48.99 52.14 6.61
N ASN G 682 47.79 51.57 6.63
CA ASN G 682 46.94 51.58 7.81
C ASN G 682 46.14 50.28 7.86
N PHE G 683 45.47 50.06 8.99
CA PHE G 683 44.70 48.84 9.17
C PHE G 683 43.51 49.11 10.08
N SER G 684 42.64 48.10 10.18
CA SER G 684 41.46 48.17 11.02
C SER G 684 41.18 46.79 11.59
N ILE G 685 40.35 46.74 12.62
CA ILE G 685 39.87 45.48 13.20
C ILE G 685 38.36 45.45 13.10
N SER G 686 37.80 44.27 12.85
CA SER G 686 36.36 44.09 12.80
C SER G 686 36.00 42.76 13.45
N ILE G 687 34.74 42.64 13.85
CA ILE G 687 34.18 41.40 14.36
C ILE G 687 33.07 40.92 13.44
N THR G 688 33.17 39.69 12.97
CA THR G 688 32.14 39.00 12.21
C THR G 688 31.31 38.12 13.15
N THR G 689 30.14 37.69 12.67
CA THR G 689 29.27 36.79 13.43
C THR G 689 28.83 35.62 12.55
N GLU G 690 28.99 34.41 13.07
CA GLU G 690 28.66 33.17 12.35
C GLU G 690 27.79 32.27 13.22
N VAL G 691 26.84 31.57 12.62
CA VAL G 691 25.86 30.76 13.35
C VAL G 691 25.71 29.39 12.68
N MET G 692 25.62 28.33 13.51
CA MET G 692 25.45 26.94 13.08
C MET G 692 24.57 26.16 14.05
N PRO G 693 23.66 25.34 13.53
CA PRO G 693 22.76 24.55 14.40
C PRO G 693 23.27 23.14 14.69
N VAL G 694 23.48 22.79 15.96
CA VAL G 694 24.03 21.49 16.32
C VAL G 694 23.04 20.56 17.01
N SER G 695 21.75 20.93 17.10
CA SER G 695 20.82 20.08 17.83
C SER G 695 19.48 19.96 17.11
N MET G 696 18.71 18.94 17.49
CA MET G 696 17.40 18.68 16.89
C MET G 696 16.34 18.45 17.97
N ALA G 697 15.09 18.28 17.55
CA ALA G 697 13.95 18.18 18.47
C ALA G 697 14.01 16.98 19.41
N LYS G 698 14.47 15.83 18.93
CA LYS G 698 14.54 14.60 19.75
C LYS G 698 13.15 14.12 20.20
N THR G 699 12.17 14.20 19.31
CA THR G 699 10.81 13.75 19.57
C THR G 699 10.68 12.22 19.58
N SER G 700 9.62 11.72 20.24
CA SER G 700 9.32 10.29 20.32
C SER G 700 7.82 10.05 20.07
N VAL G 701 7.50 8.84 19.59
CA VAL G 701 6.12 8.46 19.28
C VAL G 701 5.76 7.12 19.90
N ASP G 702 4.49 6.96 20.26
CA ASP G 702 3.90 5.71 20.77
C ASP G 702 3.00 5.08 19.70
N CYS G 703 3.28 3.82 19.32
CA CYS G 703 2.61 3.24 18.16
C CYS G 703 1.13 2.98 18.39
N ASN G 704 0.79 2.46 19.57
CA ASN G 704 -0.56 1.93 19.77
C ASN G 704 -1.60 3.01 20.01
N MET G 705 -1.24 4.10 20.69
CA MET G 705 -2.21 5.17 20.87
C MET G 705 -2.51 5.85 19.54
N TYR G 706 -1.49 6.13 18.75
CA TYR G 706 -1.71 6.83 17.49
C TYR G 706 -2.52 5.97 16.52
N ILE G 707 -2.00 4.78 16.19
CA ILE G 707 -2.66 3.93 15.21
C ILE G 707 -3.98 3.36 15.73
N CYS G 708 -3.99 2.85 16.97
CA CYS G 708 -5.15 2.14 17.49
C CYS G 708 -5.81 2.81 18.69
N GLY G 709 -5.10 3.64 19.44
CA GLY G 709 -5.70 4.34 20.57
C GLY G 709 -6.29 3.46 21.65
N ASP G 710 -7.51 3.81 22.06
CA ASP G 710 -8.18 3.11 23.16
C ASP G 710 -8.58 1.68 22.79
N SER G 711 -8.91 1.43 21.53
CA SER G 711 -9.65 0.23 21.19
C SER G 711 -8.74 -1.00 21.24
N THR G 712 -9.34 -2.14 21.57
CA THR G 712 -8.66 -3.42 21.49
C THR G 712 -8.94 -4.17 20.18
N GLU G 713 -10.14 -4.00 19.62
CA GLU G 713 -10.47 -4.64 18.35
C GLU G 713 -9.49 -4.26 17.25
N CYS G 714 -9.02 -3.01 17.23
CA CYS G 714 -8.04 -2.64 16.22
C CYS G 714 -6.66 -3.21 16.51
N ALA G 715 -6.30 -3.36 17.79
CA ALA G 715 -4.97 -3.90 18.10
C ALA G 715 -4.84 -5.36 17.66
N ASN G 716 -5.93 -6.13 17.69
CA ASN G 716 -5.88 -7.50 17.21
C ASN G 716 -5.71 -7.58 15.70
N LEU G 717 -5.93 -6.49 14.98
CA LEU G 717 -5.64 -6.42 13.56
C LEU G 717 -4.22 -5.95 13.29
N LEU G 718 -3.78 -4.92 14.00
CA LEU G 718 -2.40 -4.46 13.88
C LEU G 718 -1.41 -5.55 14.25
N LEU G 719 -1.83 -6.54 15.03
CA LEU G 719 -0.95 -7.67 15.35
C LEU G 719 -0.50 -8.42 14.10
N GLN G 720 -1.29 -8.41 13.04
CA GLN G 720 -0.95 -9.16 11.84
C GLN G 720 0.24 -8.58 11.06
N TYR G 721 0.80 -7.45 11.48
CA TYR G 721 1.92 -6.86 10.76
C TYR G 721 3.24 -7.07 11.48
N GLY G 722 3.21 -7.58 12.70
CA GLY G 722 4.43 -7.94 13.42
C GLY G 722 5.22 -6.74 13.91
N SER G 723 6.55 -6.89 13.80
CA SER G 723 7.53 -6.11 14.53
C SER G 723 7.67 -4.66 14.05
N PHE G 724 6.98 -4.28 12.98
CA PHE G 724 7.38 -3.11 12.20
C PHE G 724 7.57 -1.85 13.04
N CYS G 725 6.55 -1.44 13.81
CA CYS G 725 6.76 -0.18 14.50
C CYS G 725 7.80 -0.32 15.61
N THR G 726 8.11 -1.54 16.03
CA THR G 726 9.10 -1.69 17.09
C THR G 726 10.50 -1.38 16.57
N GLN G 727 10.81 -1.80 15.34
CA GLN G 727 12.07 -1.34 14.75
C GLN G 727 11.98 0.15 14.45
N LEU G 728 10.77 0.67 14.22
CA LEU G 728 10.59 2.11 14.11
C LEU G 728 11.01 2.81 15.39
N ASN G 729 10.54 2.34 16.55
CA ASN G 729 10.96 2.92 17.82
C ASN G 729 12.46 2.79 18.02
N ARG G 730 13.02 1.66 17.61
CA ARG G 730 14.47 1.46 17.64
C ARG G 730 15.20 2.52 16.84
N ALA G 731 14.64 2.91 15.70
CA ALA G 731 15.27 3.93 14.87
C ALA G 731 15.18 5.30 15.53
N LEU G 732 13.97 5.67 15.94
CA LEU G 732 13.76 7.01 16.48
C LEU G 732 14.51 7.18 17.79
N SER G 733 14.75 6.09 18.52
CA SER G 733 15.58 6.17 19.71
C SER G 733 17.05 6.34 19.35
N GLY G 734 17.47 5.80 18.20
CA GLY G 734 18.84 6.02 17.78
C GLY G 734 19.08 7.48 17.43
N ILE G 735 18.10 8.11 16.80
CA ILE G 735 18.21 9.53 16.47
C ILE G 735 18.29 10.35 17.75
N ALA G 736 17.51 9.95 18.77
CA ALA G 736 17.54 10.70 20.02
C ALA G 736 18.90 10.62 20.68
N ALA G 737 19.50 9.42 20.73
CA ALA G 737 20.82 9.29 21.33
C ALA G 737 21.85 10.09 20.55
N GLU G 738 21.71 10.13 19.22
CA GLU G 738 22.67 10.86 18.39
C GLU G 738 22.71 12.34 18.74
N GLN G 739 21.56 12.94 19.02
CA GLN G 739 21.55 14.37 19.33
C GLN G 739 22.40 14.67 20.56
N ASP G 740 22.29 13.83 21.58
CA ASP G 740 23.08 14.02 22.80
C ASP G 740 24.56 13.91 22.49
N ARG G 741 24.92 12.95 21.64
CA ARG G 741 26.33 12.80 21.28
C ARG G 741 26.84 14.03 20.55
N ASN G 742 26.02 14.61 19.66
CA ASN G 742 26.44 15.80 18.93
C ASN G 742 26.77 16.95 19.86
N THR G 743 25.95 17.16 20.89
CA THR G 743 26.20 18.29 21.79
C THR G 743 27.42 18.03 22.66
N ARG G 744 27.60 16.79 23.12
CA ARG G 744 28.76 16.48 23.94
C ARG G 744 30.04 16.55 23.12
N GLU G 745 29.96 16.29 21.81
CA GLU G 745 31.14 16.39 20.97
C GLU G 745 31.54 17.84 20.75
N VAL G 746 30.56 18.73 20.60
CA VAL G 746 30.89 20.12 20.28
C VAL G 746 31.42 20.86 21.50
N PHE G 747 30.68 20.81 22.61
CA PHE G 747 31.08 21.61 23.77
C PHE G 747 32.08 20.93 24.70
N ALA G 748 31.90 19.65 24.99
CA ALA G 748 32.60 19.00 26.09
C ALA G 748 34.01 18.53 25.71
N GLN G 749 34.86 19.49 25.36
CA GLN G 749 36.25 19.18 25.03
C GLN G 749 37.26 19.91 25.92
N VAL G 750 36.80 20.60 26.95
CA VAL G 750 37.69 21.27 27.89
C VAL G 750 38.08 20.30 29.00
N LYS G 751 39.36 20.28 29.35
CA LYS G 751 39.84 19.30 30.32
C LYS G 751 39.56 19.71 31.76
N GLN G 752 39.51 21.01 32.06
CA GLN G 752 39.14 21.47 33.39
C GLN G 752 38.59 22.89 33.28
N MET G 753 37.49 23.13 34.00
CA MET G 753 36.76 24.39 33.96
C MET G 753 37.37 25.43 34.90
N TYR G 754 38.10 26.38 34.32
CA TYR G 754 38.71 27.44 35.11
C TYR G 754 37.64 28.42 35.61
N LYS G 755 37.79 28.87 36.85
CA LYS G 755 36.84 29.81 37.42
C LYS G 755 37.03 31.22 36.84
N THR G 756 35.92 31.92 36.68
CA THR G 756 35.92 33.27 36.14
C THR G 756 36.78 34.21 36.98
N PRO G 757 37.64 35.02 36.37
CA PRO G 757 38.49 35.94 37.13
C PRO G 757 37.68 37.08 37.74
N THR G 758 38.31 37.77 38.69
CA THR G 758 37.65 38.87 39.39
C THR G 758 37.51 40.12 38.53
N LEU G 759 38.62 40.75 38.16
CA LEU G 759 38.57 41.90 37.25
C LEU G 759 38.19 41.44 35.85
N LYS G 760 37.58 42.35 35.10
CA LYS G 760 37.17 42.10 33.70
C LYS G 760 37.85 43.05 32.72
N TYR G 761 39.05 43.53 33.03
CA TYR G 761 39.66 44.62 32.27
C TYR G 761 41.16 44.35 32.24
N PHE G 762 41.64 43.80 31.11
CA PHE G 762 43.04 43.46 30.93
C PHE G 762 43.64 44.31 29.82
N GLY G 763 44.53 45.23 30.18
CA GLY G 763 45.22 46.03 29.19
C GLY G 763 44.37 47.06 28.47
N GLY G 764 43.08 47.18 28.80
CA GLY G 764 42.14 48.00 28.06
C GLY G 764 41.01 47.20 27.45
N PHE G 765 41.24 45.93 27.15
CA PHE G 765 40.21 45.09 26.55
C PHE G 765 39.10 44.84 27.56
N ASN G 766 37.89 45.29 27.23
CA ASN G 766 36.71 45.13 28.06
C ASN G 766 36.00 43.83 27.76
N PHE G 767 36.01 42.91 28.71
CA PHE G 767 35.37 41.61 28.59
C PHE G 767 34.08 41.50 29.38
N SER G 768 33.68 42.56 30.09
CA SER G 768 32.47 42.52 30.91
C SER G 768 31.22 42.20 30.12
N GLN G 769 31.23 42.34 28.79
CA GLN G 769 30.07 41.98 28.00
C GLN G 769 30.00 40.49 27.68
N ILE G 770 31.09 39.75 27.82
CA ILE G 770 31.09 38.34 27.48
C ILE G 770 31.38 37.48 28.71
N LEU G 771 32.07 38.04 29.70
CA LEU G 771 32.07 37.24 30.92
C LEU G 771 30.89 37.61 31.81
N PRO G 772 30.31 36.64 32.51
CA PRO G 772 29.20 36.94 33.43
C PRO G 772 29.68 37.72 34.65
N ASP G 773 28.70 38.19 35.42
CA ASP G 773 28.93 38.99 36.61
C ASP G 773 28.02 38.47 37.72
N PRO G 774 28.52 38.42 38.96
CA PRO G 774 27.72 37.82 40.05
C PRO G 774 26.41 38.53 40.36
N LEU G 775 26.36 39.86 40.26
CA LEU G 775 25.21 40.60 40.75
C LEU G 775 23.90 40.16 40.07
N LYS G 776 23.92 39.94 38.77
CA LYS G 776 22.70 39.55 38.09
C LYS G 776 22.27 38.15 38.55
N PRO G 777 20.96 37.90 38.64
CA PRO G 777 20.49 36.57 39.07
C PRO G 777 20.92 35.42 38.18
N THR G 778 21.16 35.66 36.89
CA THR G 778 21.45 34.58 35.95
C THR G 778 22.93 34.54 35.62
N LYS G 779 23.50 33.32 35.63
CA LYS G 779 24.92 33.16 35.32
C LYS G 779 25.22 33.33 33.84
N ARG G 780 24.20 33.39 32.98
CA ARG G 780 24.41 33.67 31.57
C ARG G 780 25.05 35.04 31.38
N SER G 781 25.81 35.17 30.30
CA SER G 781 26.45 36.43 29.95
C SER G 781 25.45 37.38 29.29
N PHE G 782 25.90 38.62 29.06
CA PHE G 782 25.03 39.65 28.55
C PHE G 782 24.55 39.34 27.14
N ILE G 783 25.50 39.13 26.22
CA ILE G 783 25.13 38.84 24.83
C ILE G 783 24.44 37.49 24.73
N GLU G 784 24.81 36.54 25.59
CA GLU G 784 24.09 35.27 25.63
C GLU G 784 22.62 35.49 25.96
N ASP G 785 22.35 36.31 26.96
CA ASP G 785 20.98 36.56 27.37
C ASP G 785 20.24 37.45 26.39
N LEU G 786 20.96 38.11 25.48
CA LEU G 786 20.29 38.83 24.39
C LEU G 786 19.94 37.89 23.24
N LEU G 787 20.90 37.05 22.85
CA LEU G 787 20.64 36.04 21.82
C LEU G 787 19.48 35.13 22.22
N PHE G 788 19.48 34.68 23.48
CA PHE G 788 18.42 33.81 23.97
C PHE G 788 17.05 34.47 23.90
N ASN G 789 16.99 35.79 23.75
CA ASN G 789 15.73 36.51 23.72
C ASN G 789 15.09 36.54 22.33
N LYS G 790 15.89 36.41 21.27
CA LYS G 790 15.44 36.84 19.95
C LYS G 790 14.62 35.76 19.24
N VAL G 791 14.91 34.49 19.47
CA VAL G 791 14.34 33.42 18.66
C VAL G 791 12.87 33.21 19.00
N GLN G 801 0.14 20.21 18.69
CA GLN G 801 0.38 20.18 20.12
C GLN G 801 0.52 18.75 20.64
N TYR G 802 1.23 18.62 21.76
CA TYR G 802 1.74 17.33 22.21
C TYR G 802 1.98 17.43 23.72
N GLY G 803 2.11 16.26 24.35
CA GLY G 803 2.34 16.23 25.78
C GLY G 803 3.77 16.57 26.16
N GLU G 804 3.90 17.37 27.21
CA GLU G 804 5.19 17.76 27.76
C GLU G 804 4.95 18.42 29.11
N CYS G 805 5.96 18.34 29.98
CA CYS G 805 5.92 19.04 31.26
C CYS G 805 7.21 19.81 31.50
N LEU G 806 7.08 21.13 31.66
CA LEU G 806 8.20 22.04 31.88
C LEU G 806 8.08 22.67 33.26
N GLY G 807 9.18 22.67 34.00
CA GLY G 807 9.20 23.26 35.33
C GLY G 807 10.59 23.63 35.79
N LEU G 814 6.27 20.71 38.15
CA LEU G 814 6.33 19.84 36.98
C LEU G 814 4.99 19.16 36.70
N ILE G 815 4.01 19.92 36.22
CA ILE G 815 2.72 19.33 35.88
C ILE G 815 2.84 18.69 34.51
N CYS G 816 2.72 17.36 34.46
CA CYS G 816 2.87 16.61 33.22
C CYS G 816 1.51 16.31 32.65
N ALA G 817 1.28 16.74 31.41
CA ALA G 817 0.02 16.53 30.71
C ALA G 817 0.29 15.74 29.43
N GLN G 818 -0.74 15.03 28.99
CA GLN G 818 -0.63 14.13 27.84
C GLN G 818 -1.90 14.21 27.00
N LYS G 819 -1.73 14.29 25.69
CA LYS G 819 -2.82 14.45 24.75
C LYS G 819 -3.02 13.18 23.94
N PHE G 820 -4.25 12.98 23.46
CA PHE G 820 -4.66 11.70 22.88
C PHE G 820 -3.82 11.29 21.68
N ASN G 821 -3.14 12.22 21.03
CA ASN G 821 -2.34 11.88 19.85
C ASN G 821 -1.09 11.06 20.18
N GLY G 822 -0.70 10.97 21.44
CA GLY G 822 0.43 10.15 21.82
C GLY G 822 1.80 10.69 21.49
N LEU G 823 1.89 11.92 20.99
CA LEU G 823 3.18 12.52 20.69
C LEU G 823 3.82 13.06 21.96
N THR G 824 5.15 13.02 22.02
CA THR G 824 5.87 13.45 23.20
C THR G 824 7.20 14.05 22.79
N VAL G 825 7.77 14.87 23.67
CA VAL G 825 9.07 15.50 23.46
C VAL G 825 9.93 15.25 24.67
N LEU G 826 11.10 14.65 24.47
CA LEU G 826 12.04 14.35 25.54
C LEU G 826 12.95 15.55 25.81
N PRO G 827 13.49 15.66 27.02
CA PRO G 827 14.37 16.78 27.34
C PRO G 827 15.81 16.49 26.95
N PRO G 828 16.63 17.51 26.77
CA PRO G 828 18.06 17.30 26.56
C PRO G 828 18.76 16.89 27.84
N LEU G 829 19.88 16.18 27.68
CA LEU G 829 20.69 15.79 28.84
C LEU G 829 21.37 16.99 29.48
N LEU G 830 22.20 17.69 28.72
CA LEU G 830 22.89 18.87 29.24
C LEU G 830 21.92 20.03 29.38
N THR G 831 21.76 20.53 30.60
CA THR G 831 20.89 21.67 30.85
C THR G 831 21.62 22.97 30.51
N ASP G 832 20.84 24.02 30.29
CA ASP G 832 21.38 25.26 29.73
C ASP G 832 22.42 25.93 30.61
N ASP G 833 22.40 25.69 31.92
CA ASP G 833 23.38 26.31 32.79
C ASP G 833 24.70 25.56 32.79
N MET G 834 24.66 24.28 32.47
CA MET G 834 25.88 23.50 32.31
C MET G 834 26.57 23.87 31.00
N ILE G 835 25.79 24.07 29.94
CA ILE G 835 26.33 24.57 28.68
C ILE G 835 26.94 25.96 28.86
N ALA G 836 26.22 26.84 29.58
CA ALA G 836 26.78 28.16 29.83
C ALA G 836 28.01 28.12 30.73
N ALA G 837 28.18 27.06 31.52
CA ALA G 837 29.41 26.95 32.29
C ALA G 837 30.57 26.47 31.43
N TYR G 838 30.29 25.66 30.40
CA TYR G 838 31.35 25.31 29.46
C TYR G 838 31.81 26.54 28.68
N THR G 839 30.87 27.34 28.19
CA THR G 839 31.25 28.50 27.40
C THR G 839 32.01 29.52 28.25
N ALA G 840 31.61 29.71 29.51
CA ALA G 840 32.34 30.64 30.36
C ALA G 840 33.69 30.08 30.77
N ALA G 841 33.83 28.75 30.79
CA ALA G 841 35.14 28.17 31.07
C ALA G 841 36.09 28.34 29.90
N LEU G 842 35.55 28.25 28.67
CA LEU G 842 36.38 28.45 27.49
C LEU G 842 36.87 29.89 27.39
N VAL G 843 35.95 30.85 27.53
CA VAL G 843 36.36 32.26 27.45
C VAL G 843 37.33 32.61 28.57
N SER G 844 37.12 32.02 29.76
CA SER G 844 38.01 32.30 30.87
C SER G 844 39.42 31.78 30.61
N GLY G 845 39.53 30.52 30.21
CA GLY G 845 40.84 29.96 29.94
C GLY G 845 41.55 30.63 28.79
N THR G 846 40.82 30.93 27.71
CA THR G 846 41.44 31.55 26.54
C THR G 846 41.96 32.94 26.85
N ALA G 847 41.37 33.62 27.84
CA ALA G 847 41.83 34.97 28.17
C ALA G 847 43.29 34.96 28.62
N THR G 848 43.67 34.02 29.48
CA THR G 848 45.03 33.96 30.02
C THR G 848 45.92 32.90 29.38
N ALA G 849 45.43 31.67 29.21
CA ALA G 849 46.25 30.61 28.66
C ALA G 849 46.53 30.80 27.18
N GLY G 850 45.51 31.17 26.41
CA GLY G 850 45.70 31.33 24.97
C GLY G 850 45.67 30.02 24.23
N TRP G 851 46.64 29.81 23.33
CA TRP G 851 46.76 28.56 22.59
C TRP G 851 47.39 27.44 23.40
N THR G 852 47.89 27.73 24.59
CA THR G 852 48.74 26.78 25.29
C THR G 852 47.98 25.69 26.03
N PHE G 853 46.72 25.93 26.39
CA PHE G 853 45.97 24.90 27.10
C PHE G 853 45.39 23.85 26.15
N GLY G 854 45.74 23.90 24.87
CA GLY G 854 45.42 22.81 23.97
C GLY G 854 46.30 21.59 24.16
N ALA G 855 47.47 21.77 24.76
CA ALA G 855 48.41 20.68 25.05
C ALA G 855 49.06 20.97 26.39
N GLY G 856 49.10 19.96 27.26
CA GLY G 856 49.30 20.22 28.68
C GLY G 856 48.03 20.76 29.31
N ALA G 857 48.15 21.16 30.58
CA ALA G 857 46.99 21.68 31.30
C ALA G 857 46.69 23.12 30.90
N ALA G 858 47.62 24.03 31.16
CA ALA G 858 47.53 25.41 30.70
C ALA G 858 48.87 26.08 31.00
N LEU G 859 49.02 27.30 30.48
CA LEU G 859 50.20 28.11 30.70
C LEU G 859 49.73 29.53 31.00
N GLN G 860 50.51 30.26 31.78
CA GLN G 860 50.15 31.61 32.17
C GLN G 860 50.96 32.64 31.38
N ILE G 861 50.27 33.60 30.77
CA ILE G 861 50.90 34.67 29.99
C ILE G 861 49.96 35.88 29.90
N PRO G 862 50.43 37.07 30.27
CA PRO G 862 49.58 38.26 30.17
C PRO G 862 49.05 38.49 28.75
N PHE G 863 47.81 38.95 28.68
CA PHE G 863 47.11 39.19 27.41
C PHE G 863 47.93 40.03 26.43
N ALA G 864 48.51 41.13 26.91
CA ALA G 864 49.25 42.02 26.01
C ALA G 864 50.51 41.38 25.46
N MET G 865 51.00 40.31 26.08
CA MET G 865 52.07 39.53 25.47
C MET G 865 51.55 38.46 24.53
N GLN G 866 50.29 38.05 24.68
CA GLN G 866 49.68 37.17 23.69
C GLN G 866 49.56 37.87 22.34
N MET G 867 49.22 39.15 22.34
CA MET G 867 49.05 39.86 21.08
C MET G 867 50.33 39.92 20.25
N ALA G 868 51.48 40.06 20.90
CA ALA G 868 52.71 40.08 20.11
C ALA G 868 52.94 38.76 19.38
N TYR G 869 52.46 37.65 19.96
CA TYR G 869 52.57 36.36 19.30
C TYR G 869 51.57 36.21 18.16
N ARG G 870 50.31 36.56 18.39
CA ARG G 870 49.33 36.44 17.32
C ARG G 870 49.53 37.44 16.19
N PHE G 871 50.24 38.55 16.41
CA PHE G 871 50.70 39.34 15.27
C PHE G 871 51.87 38.66 14.57
N ASN G 872 52.86 38.18 15.34
CA ASN G 872 53.99 37.53 14.70
C ASN G 872 53.58 36.30 13.90
N GLY G 873 52.39 35.76 14.16
CA GLY G 873 51.85 34.67 13.37
C GLY G 873 51.33 35.07 11.99
N ILE G 874 51.14 36.36 11.73
CA ILE G 874 50.58 36.83 10.47
C ILE G 874 51.62 37.60 9.66
N GLY G 875 52.88 37.55 10.07
CA GLY G 875 53.94 38.25 9.36
C GLY G 875 53.99 39.73 9.60
N VAL G 876 53.22 40.25 10.56
CA VAL G 876 53.34 41.61 11.03
C VAL G 876 54.28 41.62 12.22
N THR G 877 55.36 42.40 12.13
CA THR G 877 56.37 42.39 13.17
C THR G 877 55.79 42.88 14.50
N GLN G 878 56.16 42.19 15.58
CA GLN G 878 55.48 42.37 16.87
C GLN G 878 55.60 43.78 17.42
N ASN G 879 56.56 44.56 16.95
CA ASN G 879 56.69 45.93 17.40
C ASN G 879 55.52 46.83 17.00
N VAL G 880 54.68 46.38 16.07
CA VAL G 880 53.50 47.16 15.70
C VAL G 880 52.55 47.37 16.86
N LEU G 881 52.45 46.40 17.77
CA LEU G 881 51.44 46.48 18.83
C LEU G 881 51.81 47.53 19.88
N TYR G 882 52.95 47.35 20.55
CA TYR G 882 53.28 48.17 21.69
C TYR G 882 53.44 49.64 21.34
N GLU G 883 53.68 49.95 20.05
CA GLU G 883 53.81 51.34 19.65
C GLU G 883 52.49 52.09 19.86
N ASN G 884 51.38 51.49 19.44
CA ASN G 884 50.07 52.11 19.59
C ASN G 884 49.04 51.11 20.11
N GLN G 885 49.28 50.60 21.32
CA GLN G 885 48.37 49.63 21.92
C GLN G 885 46.98 50.23 22.16
N LYS G 886 46.94 51.49 22.58
CA LYS G 886 45.67 52.14 22.92
C LYS G 886 44.68 52.12 21.76
N GLN G 887 45.14 52.42 20.54
CA GLN G 887 44.26 52.45 19.39
C GLN G 887 43.56 51.11 19.19
N ILE G 888 44.33 50.01 19.17
CA ILE G 888 43.74 48.69 19.00
C ILE G 888 42.70 48.43 20.09
N ALA G 889 43.04 48.77 21.34
CA ALA G 889 42.10 48.49 22.44
C ALA G 889 40.79 49.24 22.23
N ASN G 890 40.86 50.51 21.85
CA ASN G 890 39.65 51.29 21.65
C ASN G 890 38.82 50.73 20.50
N GLN G 891 39.49 50.34 19.41
CA GLN G 891 38.76 49.78 18.27
C GLN G 891 38.05 48.50 18.67
N PHE G 892 38.72 47.67 19.48
CA PHE G 892 38.13 46.42 19.94
C PHE G 892 36.84 46.69 20.71
N ASN G 893 36.89 47.64 21.64
CA ASN G 893 35.71 47.94 22.46
C ASN G 893 34.58 48.51 21.61
N LYS G 894 34.91 49.37 20.64
CA LYS G 894 33.88 49.92 19.76
C LYS G 894 33.22 48.81 18.94
N ALA G 895 34.01 47.83 18.51
CA ALA G 895 33.45 46.72 17.76
C ALA G 895 32.44 45.95 18.60
N ILE G 896 32.76 45.71 19.88
CA ILE G 896 31.80 45.02 20.72
C ILE G 896 30.54 45.86 20.92
N SER G 897 30.67 47.18 20.87
CA SER G 897 29.48 48.03 21.00
C SER G 897 28.61 47.90 19.76
N GLN G 898 29.21 47.97 18.58
CA GLN G 898 28.41 47.94 17.35
C GLN G 898 27.73 46.60 17.17
N ILE G 899 28.41 45.50 17.50
CA ILE G 899 27.77 44.19 17.40
C ILE G 899 26.61 44.10 18.38
N GLN G 900 26.73 44.76 19.55
CA GLN G 900 25.64 44.69 20.52
C GLN G 900 24.41 45.43 20.02
N GLU G 901 24.61 46.62 19.43
CA GLU G 901 23.48 47.36 18.87
C GLU G 901 22.84 46.59 17.72
N SER G 902 23.65 45.97 16.87
CA SER G 902 23.12 45.17 15.77
C SER G 902 22.21 44.08 16.29
N LEU G 903 22.69 43.29 17.25
CA LEU G 903 21.85 42.26 17.85
C LEU G 903 20.60 42.85 18.49
N THR G 904 20.70 44.07 19.02
CA THR G 904 19.54 44.68 19.67
C THR G 904 18.45 45.03 18.66
N THR G 905 18.81 45.31 17.42
CA THR G 905 17.82 45.75 16.43
C THR G 905 17.54 44.74 15.32
N THR G 906 18.49 43.86 14.99
CA THR G 906 18.28 42.92 13.89
C THR G 906 17.27 41.85 14.27
N SER G 907 16.61 41.30 13.25
CA SER G 907 15.79 40.10 13.40
C SER G 907 16.22 38.94 12.51
N THR G 908 16.82 39.21 11.35
CA THR G 908 17.08 38.18 10.36
C THR G 908 18.32 37.34 10.67
N ALA G 909 19.25 37.85 11.48
CA ALA G 909 20.57 37.23 11.61
C ALA G 909 20.51 35.78 12.05
N LEU G 910 19.44 35.36 12.73
CA LEU G 910 19.33 34.01 13.26
C LEU G 910 18.36 33.15 12.44
N GLY G 911 18.22 33.47 11.16
CA GLY G 911 17.27 32.74 10.32
C GLY G 911 17.54 31.26 10.23
N LYS G 912 18.80 30.85 10.33
CA LYS G 912 19.12 29.42 10.27
C LYS G 912 18.48 28.67 11.43
N LEU G 913 18.72 29.12 12.65
CA LEU G 913 18.13 28.46 13.81
C LEU G 913 16.61 28.55 13.76
N GLN G 914 16.09 29.68 13.28
CA GLN G 914 14.65 29.82 13.16
C GLN G 914 14.09 28.81 12.16
N ASP G 915 14.80 28.59 11.05
CA ASP G 915 14.35 27.62 10.07
C ASP G 915 14.34 26.21 10.64
N VAL G 916 15.32 25.89 11.50
CA VAL G 916 15.32 24.57 12.14
C VAL G 916 14.06 24.40 12.98
N VAL G 917 13.75 25.40 13.81
CA VAL G 917 12.57 25.30 14.67
C VAL G 917 11.30 25.19 13.84
N ASN G 918 11.19 25.99 12.78
CA ASN G 918 9.99 25.98 11.96
C ASN G 918 9.84 24.67 11.20
N GLN G 919 10.95 24.11 10.72
CA GLN G 919 10.88 22.83 10.02
C GLN G 919 10.35 21.73 10.92
N ASN G 920 10.89 21.64 12.14
CA ASN G 920 10.44 20.59 13.05
C ASN G 920 8.98 20.78 13.44
N ALA G 921 8.57 22.02 13.72
CA ALA G 921 7.20 22.27 14.13
C ALA G 921 6.22 21.97 13.00
N GLN G 922 6.55 22.41 11.78
CA GLN G 922 5.67 22.15 10.65
C GLN G 922 5.50 20.66 10.42
N ALA G 923 6.60 19.90 10.55
CA ALA G 923 6.53 18.46 10.33
C ALA G 923 5.55 17.82 11.31
N LEU G 924 5.64 18.17 12.59
CA LEU G 924 4.74 17.61 13.57
C LEU G 924 3.30 18.02 13.29
N ASN G 925 3.09 19.29 12.91
CA ASN G 925 1.75 19.76 12.58
C ASN G 925 1.12 18.91 11.48
N THR G 926 1.91 18.56 10.46
CA THR G 926 1.38 17.74 9.38
C THR G 926 1.01 16.35 9.87
N LEU G 927 1.88 15.74 10.67
CA LEU G 927 1.59 14.40 11.18
C LEU G 927 0.33 14.39 12.04
N VAL G 928 0.06 15.49 12.74
CA VAL G 928 -1.16 15.59 13.52
C VAL G 928 -2.37 15.72 12.60
N LYS G 929 -2.29 16.62 11.63
CA LYS G 929 -3.43 16.91 10.76
C LYS G 929 -3.88 15.68 9.99
N GLN G 930 -2.96 14.77 9.68
CA GLN G 930 -3.32 13.56 8.94
C GLN G 930 -4.37 12.70 9.64
N LEU G 931 -4.57 12.87 10.95
CA LEU G 931 -5.59 12.08 11.64
C LEU G 931 -6.99 12.39 11.15
N SER G 932 -7.24 13.61 10.67
CA SER G 932 -8.58 13.98 10.23
C SER G 932 -8.95 13.41 8.87
N SER G 933 -7.99 12.85 8.13
CA SER G 933 -8.29 12.28 6.83
C SER G 933 -9.20 11.07 6.95
N ASN G 934 -9.82 10.70 5.83
CA ASN G 934 -10.84 9.66 5.81
C ASN G 934 -10.40 8.36 5.17
N PHE G 935 -9.46 8.41 4.22
CA PHE G 935 -8.95 7.22 3.53
C PHE G 935 -10.07 6.32 3.02
N GLY G 936 -11.23 6.91 2.72
CA GLY G 936 -12.35 6.16 2.20
C GLY G 936 -13.15 5.40 3.24
N ALA G 937 -12.89 5.63 4.53
CA ALA G 937 -13.75 5.08 5.56
C ALA G 937 -15.08 5.85 5.62
N ILE G 938 -16.08 5.21 6.23
CA ILE G 938 -17.38 5.84 6.37
C ILE G 938 -17.31 7.06 7.29
N SER G 939 -16.30 7.13 8.16
CA SER G 939 -16.13 8.27 9.05
C SER G 939 -14.68 8.30 9.52
N SER G 940 -14.22 9.49 9.88
CA SER G 940 -12.88 9.64 10.43
C SER G 940 -12.81 9.32 11.92
N VAL G 941 -13.95 9.18 12.60
CA VAL G 941 -13.98 9.02 14.05
C VAL G 941 -14.02 7.53 14.36
N LEU G 942 -13.04 7.06 15.12
CA LEU G 942 -12.91 5.63 15.39
C LEU G 942 -14.01 5.15 16.33
N ASN G 943 -14.20 5.84 17.46
CA ASN G 943 -15.21 5.42 18.42
C ASN G 943 -16.61 5.51 17.85
N ASP G 944 -16.83 6.43 16.89
CA ASP G 944 -18.12 6.49 16.20
C ASP G 944 -18.40 5.17 15.48
N ILE G 945 -17.48 4.75 14.61
CA ILE G 945 -17.63 3.49 13.90
C ILE G 945 -17.88 2.36 14.88
N LEU G 946 -17.08 2.29 15.94
CA LEU G 946 -17.21 1.20 16.90
C LEU G 946 -18.54 1.26 17.65
N SER G 947 -19.11 2.45 17.80
CA SER G 947 -20.35 2.59 18.56
C SER G 947 -21.59 2.27 17.74
N ARG G 948 -21.63 2.71 16.48
CA ARG G 948 -22.85 2.57 15.67
C ARG G 948 -22.72 1.54 14.56
N LEU G 949 -21.65 0.77 14.52
CA LEU G 949 -21.52 -0.33 13.55
C LEU G 949 -21.11 -1.61 14.26
N ASP G 950 -21.65 -2.73 13.78
CA ASP G 950 -21.38 -4.07 14.28
C ASP G 950 -19.99 -4.51 13.81
N PRO G 951 -19.29 -5.35 14.57
CA PRO G 951 -17.86 -5.64 14.26
C PRO G 951 -17.61 -6.16 12.86
N PRO G 952 -18.41 -7.11 12.33
CA PRO G 952 -18.18 -7.52 10.93
C PRO G 952 -18.24 -6.37 9.95
N GLU G 953 -19.02 -5.33 10.23
CA GLU G 953 -19.04 -4.17 9.36
C GLU G 953 -17.89 -3.22 9.67
N ALA G 954 -17.56 -3.07 10.95
CA ALA G 954 -16.52 -2.12 11.36
C ALA G 954 -15.15 -2.50 10.80
N GLU G 955 -14.81 -3.79 10.83
CA GLU G 955 -13.45 -4.20 10.50
C GLU G 955 -13.04 -3.80 9.09
N VAL G 956 -14.00 -3.67 8.17
CA VAL G 956 -13.66 -3.30 6.80
C VAL G 956 -13.09 -1.89 6.75
N GLN G 957 -13.70 -0.94 7.46
CA GLN G 957 -13.12 0.40 7.54
C GLN G 957 -11.87 0.42 8.40
N ILE G 958 -11.82 -0.39 9.46
CA ILE G 958 -10.67 -0.36 10.34
C ILE G 958 -9.41 -0.74 9.59
N ASP G 959 -9.53 -1.67 8.63
CA ASP G 959 -8.38 -2.03 7.81
C ASP G 959 -7.86 -0.83 7.02
N ARG G 960 -8.78 0.01 6.52
CA ARG G 960 -8.37 1.15 5.72
C ARG G 960 -7.67 2.20 6.58
N LEU G 961 -8.23 2.49 7.76
CA LEU G 961 -7.61 3.48 8.63
C LEU G 961 -6.24 3.03 9.09
N ILE G 962 -6.08 1.74 9.37
CA ILE G 962 -4.78 1.23 9.79
C ILE G 962 -3.76 1.37 8.68
N THR G 963 -4.18 1.13 7.44
CA THR G 963 -3.25 1.25 6.32
C THR G 963 -2.78 2.70 6.15
N GLY G 964 -3.72 3.64 6.15
CA GLY G 964 -3.35 5.04 5.98
C GLY G 964 -2.41 5.54 7.06
N ARG G 965 -2.70 5.19 8.32
CA ARG G 965 -1.88 5.72 9.41
C ARG G 965 -0.50 5.08 9.45
N LEU G 966 -0.39 3.81 9.09
CA LEU G 966 0.93 3.19 8.95
C LEU G 966 1.74 3.93 7.90
N GLN G 967 1.14 4.21 6.74
CA GLN G 967 1.86 4.89 5.69
C GLN G 967 2.36 6.26 6.13
N SER G 968 1.56 6.98 6.92
CA SER G 968 1.96 8.34 7.29
C SER G 968 3.06 8.33 8.34
N LEU G 969 3.09 7.33 9.21
CA LEU G 969 4.22 7.19 10.12
C LEU G 969 5.50 6.84 9.36
N GLN G 970 5.40 5.94 8.38
CA GLN G 970 6.56 5.60 7.57
C GLN G 970 7.16 6.84 6.91
N THR G 971 6.31 7.69 6.35
CA THR G 971 6.82 8.89 5.67
C THR G 971 7.51 9.82 6.66
N TYR G 972 6.92 10.00 7.85
CA TYR G 972 7.52 10.90 8.82
C TYR G 972 8.89 10.42 9.25
N VAL G 973 9.01 9.14 9.64
CA VAL G 973 10.28 8.64 10.13
C VAL G 973 11.34 8.67 9.04
N THR G 974 10.97 8.37 7.79
CA THR G 974 11.95 8.41 6.71
C THR G 974 12.55 9.80 6.56
N GLN G 975 11.71 10.83 6.47
CA GLN G 975 12.23 12.17 6.31
C GLN G 975 12.99 12.63 7.55
N GLN G 976 12.67 12.07 8.71
CA GLN G 976 13.39 12.42 9.92
C GLN G 976 14.83 11.89 9.87
N LEU G 977 15.03 10.69 9.31
CA LEU G 977 16.38 10.18 9.12
C LEU G 977 17.13 10.97 8.05
N ILE G 978 16.43 11.51 7.05
CA ILE G 978 17.10 12.37 6.08
C ILE G 978 17.66 13.62 6.76
N ARG G 979 16.83 14.29 7.55
CA ARG G 979 17.26 15.53 8.21
C ARG G 979 18.44 15.29 9.16
N ALA G 980 18.41 14.19 9.91
CA ALA G 980 19.44 13.96 10.93
C ALA G 980 20.84 14.03 10.34
N ALA G 981 21.03 13.54 9.11
CA ALA G 981 22.36 13.52 8.51
C ALA G 981 22.88 14.92 8.19
N GLU G 982 22.02 15.78 7.64
CA GLU G 982 22.49 17.12 7.32
C GLU G 982 22.71 17.97 8.55
N ILE G 983 22.10 17.61 9.68
CA ILE G 983 22.45 18.31 10.91
C ILE G 983 23.74 17.76 11.49
N ARG G 984 23.96 16.45 11.36
CA ARG G 984 25.20 15.83 11.83
C ARG G 984 26.42 16.43 11.15
N ALA G 985 26.35 16.67 9.85
CA ALA G 985 27.49 17.25 9.14
C ALA G 985 27.80 18.65 9.66
N SER G 986 26.77 19.41 10.01
CA SER G 986 27.01 20.75 10.56
C SER G 986 27.61 20.67 11.95
N ALA G 987 27.14 19.73 12.76
CA ALA G 987 27.73 19.53 14.08
C ALA G 987 29.21 19.18 13.97
N ASN G 988 29.58 18.39 12.95
CA ASN G 988 30.98 18.03 12.77
C ASN G 988 31.81 19.23 12.35
N LEU G 989 31.27 20.09 11.48
CA LEU G 989 31.98 21.30 11.09
C LEU G 989 32.09 22.26 12.27
N ALA G 990 31.07 22.32 13.11
CA ALA G 990 31.12 23.16 14.30
C ALA G 990 32.23 22.70 15.25
N ALA G 991 32.32 21.40 15.49
CA ALA G 991 33.39 20.88 16.34
C ALA G 991 34.75 21.16 15.74
N THR G 992 34.87 21.12 14.41
CA THR G 992 36.14 21.45 13.77
C THR G 992 36.50 22.92 14.00
N LYS G 993 35.54 23.82 13.83
CA LYS G 993 35.82 25.23 14.05
C LYS G 993 36.16 25.52 15.51
N MET G 994 35.48 24.84 16.44
CA MET G 994 35.80 25.01 17.85
C MET G 994 37.22 24.56 18.14
N SER G 995 37.60 23.39 17.63
CA SER G 995 38.93 22.86 17.86
C SER G 995 40.01 23.73 17.23
N GLU G 996 39.74 24.35 16.08
CA GLU G 996 40.79 24.95 15.27
C GLU G 996 40.83 26.47 15.31
N CYS G 997 39.73 27.14 15.65
CA CYS G 997 39.69 28.59 15.72
C CYS G 997 39.92 29.06 17.15
N VAL G 998 39.19 28.48 18.11
CA VAL G 998 39.21 28.95 19.49
C VAL G 998 40.51 28.57 20.19
N LEU G 999 41.03 27.38 19.91
CA LEU G 999 42.20 26.86 20.62
C LEU G 999 43.52 27.17 19.93
N GLY G 1000 43.49 27.80 18.76
CA GLY G 1000 44.72 28.13 18.08
C GLY G 1000 44.45 29.00 16.86
N GLN G 1001 45.51 29.64 16.39
CA GLN G 1001 45.40 30.56 15.26
C GLN G 1001 45.37 29.78 13.97
N SER G 1002 44.27 29.91 13.22
CA SER G 1002 44.15 29.23 11.94
C SER G 1002 44.97 29.94 10.87
N LYS G 1003 45.34 29.18 9.83
CA LYS G 1003 46.23 29.67 8.79
C LYS G 1003 45.68 29.34 7.40
N ARG G 1004 44.42 28.95 7.31
CA ARG G 1004 43.77 28.59 6.06
C ARG G 1004 42.72 29.64 5.73
N VAL G 1005 42.89 30.28 4.57
CA VAL G 1005 42.13 31.47 4.22
C VAL G 1005 40.62 31.26 4.29
N ASP G 1006 39.94 32.21 4.92
CA ASP G 1006 38.49 32.29 5.09
C ASP G 1006 37.88 31.20 5.94
N PHE G 1007 38.68 30.33 6.57
CA PHE G 1007 38.08 29.31 7.43
C PHE G 1007 37.59 29.91 8.74
N CYS G 1008 38.34 30.87 9.30
CA CYS G 1008 38.05 31.43 10.63
C CYS G 1008 38.05 32.95 10.46
N GLY G 1009 36.96 33.47 9.89
CA GLY G 1009 36.81 34.89 9.68
C GLY G 1009 37.22 35.31 8.27
N LYS G 1010 36.66 36.44 7.82
CA LYS G 1010 36.96 36.96 6.49
C LYS G 1010 38.11 37.97 6.56
N GLY G 1011 39.28 37.42 6.86
CA GLY G 1011 40.48 38.25 6.95
C GLY G 1011 41.62 37.41 7.50
N TYR G 1012 42.68 38.10 7.88
CA TYR G 1012 43.68 37.45 8.72
C TYR G 1012 43.10 37.28 10.12
N HIS G 1013 43.22 36.08 10.67
CA HIS G 1013 42.47 35.67 11.85
C HIS G 1013 43.29 35.75 13.12
N LEU G 1014 42.71 36.32 14.18
CA LEU G 1014 43.39 36.39 15.47
C LEU G 1014 42.77 35.46 16.51
N MET G 1015 41.45 35.50 16.70
CA MET G 1015 40.79 34.77 17.79
C MET G 1015 39.35 34.46 17.40
N SER G 1016 38.72 33.65 18.24
CA SER G 1016 37.27 33.47 18.21
C SER G 1016 36.82 33.21 19.64
N PHE G 1017 35.59 33.62 19.94
CA PHE G 1017 34.96 33.37 21.22
C PHE G 1017 33.60 32.73 20.97
N PRO G 1018 33.29 31.63 21.64
CA PRO G 1018 31.97 31.01 21.51
C PRO G 1018 30.93 31.63 22.45
N GLN G 1019 29.71 31.69 21.95
CA GLN G 1019 28.55 32.03 22.77
C GLN G 1019 27.46 31.00 22.55
N ALA G 1020 26.81 30.61 23.62
CA ALA G 1020 25.74 29.63 23.50
C ALA G 1020 24.53 30.23 22.80
N ALA G 1021 23.67 29.35 22.28
CA ALA G 1021 22.41 29.74 21.67
C ALA G 1021 21.51 28.51 21.65
N PRO G 1022 20.20 28.70 21.49
CA PRO G 1022 19.30 27.54 21.48
C PRO G 1022 19.51 26.70 20.23
N HIS G 1023 19.67 25.40 20.42
CA HIS G 1023 19.91 24.43 19.35
C HIS G 1023 21.11 24.78 18.47
N GLY G 1024 22.06 25.56 18.97
CA GLY G 1024 23.18 25.92 18.13
C GLY G 1024 24.29 26.58 18.91
N VAL G 1025 25.18 27.24 18.17
CA VAL G 1025 26.28 27.99 18.76
C VAL G 1025 26.59 29.16 17.84
N VAL G 1026 27.09 30.25 18.42
CA VAL G 1026 27.46 31.45 17.68
C VAL G 1026 28.93 31.73 17.91
N PHE G 1027 29.66 32.00 16.83
CA PHE G 1027 31.06 32.35 16.87
C PHE G 1027 31.21 33.81 16.46
N LEU G 1028 32.16 34.51 17.08
CA LEU G 1028 32.49 35.87 16.67
C LEU G 1028 34.00 35.98 16.49
N HIS G 1029 34.43 36.29 15.27
CA HIS G 1029 35.82 36.20 14.86
C HIS G 1029 36.45 37.59 14.81
N VAL G 1030 37.62 37.73 15.43
CA VAL G 1030 38.38 38.98 15.36
C VAL G 1030 39.38 38.87 14.21
N THR G 1031 39.33 39.82 13.28
CA THR G 1031 40.10 39.77 12.05
C THR G 1031 40.80 41.10 11.78
N TYR G 1032 41.96 41.01 11.14
CA TYR G 1032 42.78 42.17 10.78
C TYR G 1032 42.55 42.52 9.31
N VAL G 1033 42.35 43.82 9.03
CA VAL G 1033 42.11 44.29 7.67
C VAL G 1033 42.94 45.54 7.36
N PRO G 1034 43.84 45.49 6.38
CA PRO G 1034 44.62 46.69 6.02
C PRO G 1034 43.89 47.60 5.04
N SER G 1035 44.39 48.83 4.92
CA SER G 1035 43.78 49.83 4.04
C SER G 1035 44.78 50.96 3.76
N GLN G 1036 44.34 51.92 2.94
CA GLN G 1036 45.10 53.12 2.55
C GLN G 1036 46.45 52.81 1.90
N GLU G 1037 46.39 52.13 0.76
CA GLU G 1037 47.58 51.75 0.01
C GLU G 1037 48.15 52.91 -0.80
N ARG G 1038 49.46 52.86 -1.07
CA ARG G 1038 50.20 53.85 -1.84
C ARG G 1038 51.03 53.20 -2.94
N ASN G 1039 51.03 53.83 -4.12
CA ASN G 1039 51.78 53.33 -5.28
C ASN G 1039 53.24 53.73 -5.22
N PHE G 1040 54.14 52.75 -5.40
CA PHE G 1040 55.58 52.96 -5.30
C PHE G 1040 56.28 52.37 -6.52
N THR G 1041 57.60 52.55 -6.58
CA THR G 1041 58.45 52.06 -7.65
C THR G 1041 59.32 50.91 -7.16
N THR G 1042 59.54 49.90 -8.00
CA THR G 1042 60.24 48.69 -7.61
C THR G 1042 61.36 48.34 -8.57
N ALA G 1043 62.17 47.37 -8.15
CA ALA G 1043 63.22 46.75 -8.94
C ALA G 1043 63.46 45.36 -8.36
N PRO G 1044 63.42 44.30 -9.18
CA PRO G 1044 63.53 42.94 -8.62
C PRO G 1044 64.81 42.69 -7.83
N ALA G 1045 65.90 43.36 -8.16
CA ALA G 1045 67.19 43.12 -7.52
C ALA G 1045 68.06 44.33 -7.75
N ILE G 1046 69.14 44.44 -6.98
CA ILE G 1046 70.07 45.54 -7.13
C ILE G 1046 71.48 45.01 -7.29
N CYS G 1047 72.28 45.71 -8.07
CA CYS G 1047 73.66 45.35 -8.35
C CYS G 1047 74.60 46.25 -7.57
N HIS G 1048 75.53 45.64 -6.83
CA HIS G 1048 76.64 46.39 -6.25
C HIS G 1048 77.92 45.59 -6.46
N GLU G 1049 79.02 46.31 -6.69
CA GLU G 1049 80.32 45.71 -6.96
C GLU G 1049 80.26 44.70 -8.11
N GLY G 1050 79.28 44.82 -8.99
CA GLY G 1050 79.08 43.84 -10.03
C GLY G 1050 78.46 42.54 -9.59
N LYS G 1051 77.85 42.52 -8.40
CA LYS G 1051 77.22 41.32 -7.85
C LYS G 1051 75.78 41.62 -7.50
N ALA G 1052 74.94 40.59 -7.53
CA ALA G 1052 73.51 40.73 -7.33
C ALA G 1052 73.16 40.43 -5.89
N TYR G 1053 72.34 41.29 -5.28
CA TYR G 1053 71.82 41.08 -3.93
C TYR G 1053 70.31 40.96 -4.00
N PHE G 1054 69.79 39.87 -3.56
CA PHE G 1054 68.36 39.67 -3.42
C PHE G 1054 67.92 40.02 -1.99
N PRO G 1055 66.69 40.47 -1.80
CA PRO G 1055 66.20 40.69 -0.43
C PRO G 1055 65.59 39.44 0.18
N ARG G 1056 65.76 39.30 1.49
CA ARG G 1056 65.03 38.32 2.27
C ARG G 1056 64.13 39.01 3.29
N GLU G 1057 62.91 38.50 3.44
CA GLU G 1057 61.93 39.08 4.37
C GLU G 1057 61.61 40.53 4.03
N GLY G 1058 61.39 40.79 2.75
CA GLY G 1058 60.98 42.12 2.35
C GLY G 1058 61.04 42.29 0.84
N VAL G 1059 60.68 43.51 0.41
CA VAL G 1059 60.71 43.90 -1.00
C VAL G 1059 61.27 45.31 -1.10
N PHE G 1060 62.01 45.56 -2.19
CA PHE G 1060 62.55 46.90 -2.42
C PHE G 1060 61.46 47.87 -2.84
N VAL G 1061 61.57 49.12 -2.39
CA VAL G 1061 60.70 50.20 -2.83
C VAL G 1061 61.51 51.49 -2.95
N PHE G 1062 61.03 52.36 -3.83
CA PHE G 1062 61.59 53.70 -4.06
C PHE G 1062 60.57 54.75 -3.61
N ASN G 1063 60.99 55.71 -2.78
CA ASN G 1063 60.04 56.72 -2.33
C ASN G 1063 60.32 58.08 -2.98
N GLY G 1064 61.13 58.12 -4.03
CA GLY G 1064 61.49 59.35 -4.68
C GLY G 1064 62.77 59.98 -4.16
N THR G 1065 63.30 59.51 -3.04
CA THR G 1065 64.56 59.99 -2.49
C THR G 1065 65.64 58.91 -2.48
N SER G 1066 65.35 57.74 -1.93
CA SER G 1066 66.31 56.65 -1.89
C SER G 1066 65.55 55.34 -1.77
N TRP G 1067 66.23 54.26 -2.18
CA TRP G 1067 65.64 52.93 -2.11
C TRP G 1067 65.56 52.43 -0.67
N PHE G 1068 64.53 51.65 -0.39
CA PHE G 1068 64.28 51.08 0.93
C PHE G 1068 63.56 49.74 0.78
N ILE G 1069 63.64 48.93 1.83
CA ILE G 1069 62.97 47.64 1.91
C ILE G 1069 61.87 47.74 2.96
N THR G 1070 60.72 47.13 2.67
CA THR G 1070 59.56 47.21 3.55
C THR G 1070 58.85 45.88 3.62
N GLN G 1071 58.05 45.71 4.67
CA GLN G 1071 57.15 44.57 4.75
C GLN G 1071 56.05 44.72 3.70
N ARG G 1072 55.51 43.59 3.28
CA ARG G 1072 54.44 43.62 2.29
C ARG G 1072 53.09 44.05 2.85
N ASN G 1073 52.89 43.97 4.15
CA ASN G 1073 51.59 44.32 4.74
C ASN G 1073 51.55 45.71 5.35
N PHE G 1074 52.58 46.12 6.08
CA PHE G 1074 52.62 47.43 6.72
C PHE G 1074 53.86 48.18 6.23
N PHE G 1075 53.71 49.48 6.00
CA PHE G 1075 54.80 50.29 5.44
C PHE G 1075 55.80 50.62 6.55
N SER G 1076 56.95 49.97 6.52
CA SER G 1076 58.01 50.18 7.52
C SER G 1076 59.38 50.24 6.85
N PRO G 1077 59.72 51.37 6.24
CA PRO G 1077 61.00 51.48 5.55
C PRO G 1077 62.20 51.38 6.49
N GLN G 1078 63.25 50.70 6.02
CA GLN G 1078 64.51 50.57 6.75
C GLN G 1078 65.67 50.70 5.77
N ILE G 1079 66.76 51.29 6.25
CA ILE G 1079 67.93 51.52 5.40
C ILE G 1079 68.57 50.19 5.01
N ILE G 1080 68.70 49.97 3.70
CA ILE G 1080 69.19 48.69 3.19
C ILE G 1080 70.65 48.52 3.58
N THR G 1081 70.94 47.40 4.24
CA THR G 1081 72.26 47.12 4.78
C THR G 1081 72.55 45.64 4.56
N THR G 1082 73.84 45.28 4.58
CA THR G 1082 74.32 43.96 4.18
C THR G 1082 73.50 42.80 4.72
N ASP G 1083 73.13 42.82 6.00
CA ASP G 1083 72.43 41.68 6.58
C ASP G 1083 70.96 41.60 6.17
N ASN G 1084 70.45 42.60 5.45
CA ASN G 1084 69.11 42.51 4.89
C ASN G 1084 69.04 41.63 3.66
N THR G 1085 70.19 41.26 3.09
CA THR G 1085 70.26 40.69 1.75
C THR G 1085 71.25 39.54 1.74
N PHE G 1086 71.14 38.71 0.71
CA PHE G 1086 72.10 37.65 0.45
C PHE G 1086 72.51 37.67 -1.02
N VAL G 1087 73.81 37.52 -1.26
CA VAL G 1087 74.38 37.57 -2.60
C VAL G 1087 74.11 36.25 -3.33
N SER G 1088 73.71 36.36 -4.59
CA SER G 1088 73.49 35.20 -5.44
C SER G 1088 73.66 35.58 -6.90
N GLY G 1089 74.01 34.60 -7.72
CA GLY G 1089 74.10 34.72 -9.16
C GLY G 1089 75.02 35.83 -9.60
N ASN G 1090 74.66 36.46 -10.73
CA ASN G 1090 75.40 37.60 -11.25
C ASN G 1090 74.43 38.54 -11.96
N CYS G 1091 74.84 39.81 -12.03
CA CYS G 1091 73.96 40.88 -12.51
C CYS G 1091 73.57 40.69 -13.98
N ASP G 1092 74.49 40.18 -14.79
CA ASP G 1092 74.22 39.99 -16.22
C ASP G 1092 73.04 39.05 -16.50
N VAL G 1093 72.71 38.17 -15.55
CA VAL G 1093 71.70 37.14 -15.84
C VAL G 1093 70.27 37.62 -15.66
N VAL G 1094 70.06 38.76 -15.00
CA VAL G 1094 68.73 39.10 -14.49
C VAL G 1094 68.26 40.38 -15.16
N ILE G 1095 66.93 40.55 -15.16
CA ILE G 1095 66.26 41.64 -15.86
C ILE G 1095 65.94 42.76 -14.88
N GLY G 1096 66.26 43.99 -15.26
CA GLY G 1096 65.85 45.14 -14.48
C GLY G 1096 66.62 45.39 -13.22
N ILE G 1097 67.81 44.80 -13.07
CA ILE G 1097 68.64 45.09 -11.91
C ILE G 1097 69.13 46.53 -11.98
N ILE G 1098 69.18 47.20 -10.83
CA ILE G 1098 69.47 48.62 -10.74
C ILE G 1098 70.75 48.84 -9.95
N ASN G 1099 71.62 49.71 -10.44
CA ASN G 1099 72.84 50.04 -9.73
C ASN G 1099 72.50 50.70 -8.39
N ASN G 1100 73.08 50.20 -7.31
CA ASN G 1100 72.80 50.73 -5.98
C ASN G 1100 73.97 50.45 -5.06
N THR G 1101 74.02 51.18 -3.96
CA THR G 1101 75.06 51.02 -2.94
C THR G 1101 74.43 50.50 -1.65
N VAL G 1102 75.04 49.44 -1.08
CA VAL G 1102 74.58 48.85 0.17
C VAL G 1102 75.58 49.18 1.26
N TYR G 1103 75.07 49.59 2.42
CA TYR G 1103 75.91 50.02 3.52
C TYR G 1103 76.53 48.81 4.22
N ASP G 1104 77.80 48.96 4.60
CA ASP G 1104 78.49 47.97 5.43
C ASP G 1104 78.73 48.57 6.80
N PRO G 1105 78.15 48.03 7.88
CA PRO G 1105 78.33 48.64 9.19
C PRO G 1105 79.66 48.34 9.85
N LEU G 1106 80.54 47.58 9.20
CA LEU G 1106 81.92 47.48 9.62
C LEU G 1106 82.81 48.56 9.01
N GLN G 1107 82.31 49.29 8.03
CA GLN G 1107 83.09 50.36 7.42
C GLN G 1107 83.45 51.48 8.39
N PRO G 1108 82.56 51.97 9.27
CA PRO G 1108 82.96 53.05 10.18
C PRO G 1108 83.85 52.56 11.32
N GLU G 1109 83.68 51.29 11.71
CA GLU G 1109 84.43 50.77 12.84
C GLU G 1109 85.93 50.67 12.53
N LEU G 1110 86.28 50.41 11.28
CA LEU G 1110 87.68 50.44 10.86
C LEU G 1110 88.12 51.88 10.62
N GLN H 1 -24.33 3.37 -53.63
CA GLN H 1 -25.61 3.83 -54.19
C GLN H 1 -26.17 2.78 -55.15
N VAL H 2 -27.49 2.77 -55.29
CA VAL H 2 -28.17 1.94 -56.28
C VAL H 2 -29.23 2.79 -56.97
N GLN H 3 -29.62 2.35 -58.16
CA GLN H 3 -30.69 2.99 -58.90
C GLN H 3 -31.71 1.94 -59.31
N LEU H 4 -32.98 2.20 -59.02
CA LEU H 4 -34.09 1.38 -59.49
C LEU H 4 -34.75 2.08 -60.67
N GLN H 5 -34.90 1.35 -61.78
CA GLN H 5 -35.60 1.86 -62.95
C GLN H 5 -36.53 0.77 -63.48
N GLU H 6 -37.73 1.17 -63.88
CA GLU H 6 -38.79 0.25 -64.21
C GLU H 6 -39.39 0.61 -65.56
N SER H 7 -39.98 -0.39 -66.22
CA SER H 7 -40.57 -0.21 -67.53
C SER H 7 -41.77 -1.13 -67.68
N GLY H 8 -42.65 -0.79 -68.61
CA GLY H 8 -43.83 -1.58 -68.85
C GLY H 8 -44.83 -0.91 -69.78
N PRO H 9 -45.93 -1.60 -70.06
CA PRO H 9 -46.94 -1.03 -70.95
C PRO H 9 -47.84 -0.03 -70.24
N GLY H 10 -48.33 0.93 -71.01
CA GLY H 10 -49.11 2.02 -70.44
C GLY H 10 -50.60 1.78 -70.33
N LEU H 11 -51.15 0.89 -71.16
CA LEU H 11 -52.59 0.70 -71.22
C LEU H 11 -52.92 -0.78 -71.30
N VAL H 12 -53.93 -1.21 -70.53
CA VAL H 12 -54.37 -2.59 -70.51
C VAL H 12 -55.87 -2.63 -70.69
N LYS H 13 -56.34 -3.52 -71.58
CA LYS H 13 -57.76 -3.68 -71.82
C LYS H 13 -58.40 -4.39 -70.64
N PRO H 14 -59.72 -4.26 -70.45
CA PRO H 14 -60.38 -4.96 -69.34
C PRO H 14 -60.25 -6.47 -69.45
N SER H 15 -60.18 -7.11 -68.29
CA SER H 15 -60.03 -8.56 -68.17
C SER H 15 -58.82 -9.08 -68.95
N GLU H 16 -57.71 -8.34 -68.83
CA GLU H 16 -56.44 -8.71 -69.45
C GLU H 16 -55.40 -8.74 -68.33
N THR H 17 -54.13 -8.97 -68.70
CA THR H 17 -53.04 -9.02 -67.74
C THR H 17 -52.17 -7.77 -67.88
N LEU H 18 -51.71 -7.26 -66.73
CA LEU H 18 -50.69 -6.23 -66.68
C LEU H 18 -49.42 -6.83 -66.10
N SER H 19 -48.28 -6.39 -66.61
CA SER H 19 -47.00 -6.85 -66.07
C SER H 19 -46.00 -5.72 -66.10
N LEU H 20 -45.09 -5.71 -65.13
CA LEU H 20 -44.08 -4.69 -65.00
C LEU H 20 -42.74 -5.35 -64.68
N THR H 21 -41.67 -4.65 -65.01
CA THR H 21 -40.32 -5.05 -64.61
C THR H 21 -39.58 -3.86 -63.99
N CYS H 22 -38.78 -4.16 -62.96
CA CYS H 22 -37.92 -3.18 -62.31
C CYS H 22 -36.53 -3.78 -62.21
N SER H 23 -35.51 -2.94 -62.34
CA SER H 23 -34.16 -3.42 -62.58
C SER H 23 -33.15 -2.55 -61.85
N VAL H 24 -32.01 -3.14 -61.52
CA VAL H 24 -31.06 -2.58 -60.58
C VAL H 24 -29.81 -2.13 -61.33
N SER H 25 -29.18 -1.08 -60.83
CA SER H 25 -27.83 -0.71 -61.24
C SER H 25 -27.05 -0.27 -60.02
N GLY H 26 -25.72 -0.24 -60.16
CA GLY H 26 -24.84 0.13 -59.07
C GLY H 26 -24.59 -0.98 -58.07
N GLY H 27 -25.53 -1.91 -57.94
CA GLY H 27 -25.34 -3.10 -57.15
C GLY H 27 -25.96 -4.32 -57.80
N SER H 28 -26.20 -5.37 -57.02
CA SER H 28 -26.83 -6.56 -57.56
C SER H 28 -27.61 -7.29 -56.47
N ILE H 29 -28.69 -7.96 -56.90
CA ILE H 29 -29.63 -8.56 -55.97
C ILE H 29 -28.89 -9.57 -55.10
N SER H 30 -28.88 -9.35 -53.79
CA SER H 30 -28.17 -10.27 -52.92
C SER H 30 -28.87 -10.55 -51.59
N SER H 31 -28.91 -9.57 -50.69
CA SER H 31 -29.39 -9.82 -49.34
C SER H 31 -30.51 -8.89 -48.88
N HIS H 32 -31.31 -8.30 -49.77
CA HIS H 32 -32.36 -7.41 -49.30
C HIS H 32 -33.70 -7.75 -49.92
N TYR H 33 -34.76 -7.27 -49.27
CA TYR H 33 -36.14 -7.49 -49.71
C TYR H 33 -36.52 -6.48 -50.80
N TRP H 34 -37.39 -6.91 -51.70
CA TRP H 34 -37.80 -6.08 -52.84
C TRP H 34 -39.32 -6.08 -52.92
N SER H 35 -39.90 -4.91 -53.13
CA SER H 35 -41.31 -4.67 -52.82
C SER H 35 -41.97 -3.91 -53.95
N TRP H 36 -43.24 -4.22 -54.19
CA TRP H 36 -44.09 -3.48 -55.13
C TRP H 36 -45.19 -2.74 -54.39
N ILE H 37 -45.31 -1.44 -54.67
CA ILE H 37 -46.27 -0.56 -54.03
C ILE H 37 -47.06 0.16 -55.13
N ARG H 38 -48.32 0.49 -54.85
CA ARG H 38 -49.13 1.29 -55.75
C ARG H 38 -49.84 2.40 -54.99
N GLN H 39 -50.05 3.52 -55.69
CA GLN H 39 -50.79 4.67 -55.17
C GLN H 39 -51.95 5.01 -56.10
N PRO H 40 -53.19 4.62 -55.76
CA PRO H 40 -54.33 5.12 -56.52
C PRO H 40 -54.34 6.63 -56.53
N PRO H 41 -54.93 7.25 -57.56
CA PRO H 41 -54.92 8.71 -57.65
C PRO H 41 -55.54 9.36 -56.43
N GLY H 42 -54.86 10.39 -55.93
CA GLY H 42 -55.38 11.21 -54.84
C GLY H 42 -55.70 10.46 -53.57
N LYS H 43 -55.11 9.28 -53.37
CA LYS H 43 -55.49 8.40 -52.27
C LYS H 43 -54.24 7.81 -51.63
N GLY H 44 -54.43 7.24 -50.44
CA GLY H 44 -53.30 6.71 -49.69
C GLY H 44 -52.70 5.47 -50.32
N LEU H 45 -51.50 5.15 -49.86
CA LEU H 45 -50.68 4.11 -50.48
C LEU H 45 -51.30 2.72 -50.27
N GLU H 46 -50.83 1.77 -51.07
CA GLU H 46 -51.21 0.37 -50.93
C GLU H 46 -49.97 -0.51 -51.10
N TRP H 47 -49.89 -1.58 -50.33
CA TRP H 47 -48.81 -2.56 -50.41
C TRP H 47 -49.33 -3.83 -51.09
N ILE H 48 -48.73 -4.19 -52.22
CA ILE H 48 -49.16 -5.37 -52.96
C ILE H 48 -48.40 -6.62 -52.53
N GLY H 49 -47.08 -6.54 -52.44
CA GLY H 49 -46.32 -7.67 -51.93
C GLY H 49 -44.84 -7.34 -51.94
N TYR H 50 -44.07 -8.25 -51.35
CA TYR H 50 -42.61 -8.19 -51.48
C TYR H 50 -42.02 -9.59 -51.60
N ILE H 51 -40.95 -9.69 -52.38
CA ILE H 51 -40.16 -10.89 -52.58
C ILE H 51 -38.71 -10.57 -52.26
N TYR H 52 -37.96 -11.57 -51.78
CA TYR H 52 -36.55 -11.34 -51.54
C TYR H 52 -35.74 -12.47 -52.19
N TYR H 53 -34.43 -12.41 -52.00
CA TYR H 53 -33.51 -13.44 -52.48
C TYR H 53 -34.01 -14.85 -52.15
N SER H 54 -33.56 -15.81 -52.96
CA SER H 54 -34.02 -17.20 -52.88
C SER H 54 -35.54 -17.32 -52.96
N GLY H 55 -36.18 -16.45 -53.74
CA GLY H 55 -37.51 -16.71 -54.24
C GLY H 55 -38.67 -16.61 -53.28
N SER H 56 -38.41 -16.60 -51.97
CA SER H 56 -39.50 -16.53 -51.01
C SER H 56 -40.26 -15.22 -51.16
N THR H 57 -41.59 -15.29 -51.07
CA THR H 57 -42.45 -14.19 -51.50
C THR H 57 -43.62 -14.03 -50.56
N ASN H 58 -44.08 -12.79 -50.43
CA ASN H 58 -45.19 -12.40 -49.57
C ASN H 58 -46.15 -11.52 -50.35
N HIS H 59 -47.43 -11.64 -50.07
CA HIS H 59 -48.44 -10.86 -50.78
C HIS H 59 -49.48 -10.36 -49.78
N ASN H 60 -50.29 -9.41 -50.24
CA ASN H 60 -51.44 -8.88 -49.50
C ASN H 60 -52.35 -10.01 -49.04
N PRO H 61 -52.97 -9.90 -47.86
CA PRO H 61 -53.88 -10.98 -47.41
C PRO H 61 -55.15 -11.05 -48.24
N SER H 62 -55.52 -9.98 -48.92
CA SER H 62 -56.53 -10.02 -49.97
C SER H 62 -55.84 -9.91 -51.32
N LEU H 63 -56.63 -10.05 -52.39
CA LEU H 63 -56.12 -10.02 -53.76
C LEU H 63 -55.04 -11.07 -54.00
N LYS H 64 -55.01 -12.11 -53.17
CA LYS H 64 -54.01 -13.16 -53.29
C LYS H 64 -53.91 -13.72 -54.70
N SER H 65 -55.05 -13.89 -55.37
CA SER H 65 -55.09 -14.40 -56.73
C SER H 65 -54.81 -13.34 -57.78
N ARG H 66 -54.88 -12.05 -57.41
CA ARG H 66 -54.76 -10.98 -58.38
C ARG H 66 -53.33 -10.77 -58.87
N VAL H 67 -52.33 -11.46 -58.31
CA VAL H 67 -50.94 -11.19 -58.69
C VAL H 67 -50.06 -12.36 -58.28
N THR H 68 -49.04 -12.61 -59.09
CA THR H 68 -47.88 -13.42 -58.71
C THR H 68 -46.62 -12.64 -59.05
N ILE H 69 -45.56 -12.90 -58.28
CA ILE H 69 -44.33 -12.11 -58.35
C ILE H 69 -43.16 -13.06 -58.51
N SER H 70 -42.17 -12.64 -59.31
CA SER H 70 -41.01 -13.47 -59.61
C SER H 70 -39.76 -12.61 -59.55
N VAL H 71 -38.64 -13.24 -59.21
CA VAL H 71 -37.34 -12.59 -59.13
C VAL H 71 -36.32 -13.45 -59.84
N ASP H 72 -35.48 -12.80 -60.66
CA ASP H 72 -34.38 -13.47 -61.34
C ASP H 72 -33.09 -12.81 -60.89
N THR H 73 -32.21 -13.58 -60.26
CA THR H 73 -30.88 -13.05 -59.94
C THR H 73 -30.14 -12.68 -61.22
N SER H 74 -30.31 -13.48 -62.27
CA SER H 74 -29.72 -13.16 -63.56
C SER H 74 -30.35 -11.90 -64.13
N LYS H 75 -29.50 -11.02 -64.65
CA LYS H 75 -29.87 -9.74 -65.26
C LYS H 75 -30.49 -8.76 -64.25
N ASN H 76 -30.35 -9.04 -62.95
CA ASN H 76 -30.75 -8.12 -61.89
C ASN H 76 -32.17 -7.58 -62.08
N GLN H 77 -33.13 -8.46 -62.30
CA GLN H 77 -34.50 -8.01 -62.55
C GLN H 77 -35.51 -8.87 -61.80
N PHE H 78 -36.67 -8.26 -61.53
CA PHE H 78 -37.83 -8.93 -60.95
C PHE H 78 -39.08 -8.34 -61.57
N SER H 79 -40.18 -9.09 -61.50
CA SER H 79 -41.39 -8.73 -62.24
C SER H 79 -42.62 -9.27 -61.54
N LEU H 80 -43.77 -8.69 -61.88
CA LEU H 80 -45.07 -9.19 -61.46
C LEU H 80 -46.02 -9.23 -62.65
N LYS H 81 -47.05 -10.06 -62.54
CA LYS H 81 -48.16 -10.06 -63.47
C LYS H 81 -49.48 -10.13 -62.69
N LEU H 82 -50.49 -9.39 -63.17
CA LEU H 82 -51.80 -9.36 -62.55
C LEU H 82 -52.75 -10.28 -63.32
N SER H 83 -53.49 -11.10 -62.58
CA SER H 83 -54.44 -12.01 -63.21
C SER H 83 -55.53 -11.25 -63.95
N SER H 84 -56.04 -10.17 -63.34
CA SER H 84 -57.07 -9.35 -63.96
C SER H 84 -56.76 -7.89 -63.67
N VAL H 85 -57.20 -7.02 -64.58
CA VAL H 85 -56.96 -5.59 -64.47
C VAL H 85 -58.23 -4.83 -64.86
N THR H 86 -58.68 -3.93 -64.00
CA THR H 86 -59.87 -3.13 -64.25
C THR H 86 -59.51 -1.65 -64.16
N ALA H 87 -60.49 -0.80 -64.51
CA ALA H 87 -60.29 0.65 -64.45
C ALA H 87 -59.85 1.10 -63.06
N ALA H 88 -60.46 0.56 -62.02
CA ALA H 88 -60.15 0.98 -60.65
C ALA H 88 -58.74 0.57 -60.22
N ASP H 89 -58.05 -0.24 -61.00
CA ASP H 89 -56.67 -0.62 -60.69
C ASP H 89 -55.65 0.42 -61.14
N THR H 90 -56.08 1.47 -61.83
CA THR H 90 -55.14 2.52 -62.24
C THR H 90 -54.48 3.17 -61.04
N ALA H 91 -53.17 3.36 -61.15
CA ALA H 91 -52.36 3.92 -60.06
C ALA H 91 -50.97 4.17 -60.60
N VAL H 92 -50.16 4.85 -59.79
CA VAL H 92 -48.72 4.86 -59.97
C VAL H 92 -48.15 3.67 -59.20
N TYR H 93 -47.31 2.88 -59.86
CA TYR H 93 -46.71 1.69 -59.28
C TYR H 93 -45.21 1.91 -59.01
N TYR H 94 -44.75 1.42 -57.87
CA TYR H 94 -43.39 1.66 -57.39
C TYR H 94 -42.72 0.34 -57.04
N CYS H 95 -41.42 0.25 -57.33
CA CYS H 95 -40.57 -0.79 -56.78
C CYS H 95 -39.65 -0.17 -55.73
N ALA H 96 -39.41 -0.90 -54.64
CA ALA H 96 -38.63 -0.36 -53.54
C ALA H 96 -37.93 -1.48 -52.76
N ARG H 97 -36.75 -1.16 -52.22
CA ARG H 97 -35.96 -2.07 -51.41
C ARG H 97 -36.37 -1.99 -49.94
N GLY H 98 -36.67 -3.15 -49.34
CA GLY H 98 -37.02 -3.21 -47.93
C GLY H 98 -35.88 -3.76 -47.09
N VAL H 99 -35.57 -3.06 -46.00
CA VAL H 99 -34.56 -3.47 -45.04
C VAL H 99 -35.25 -3.82 -43.72
N LEU H 100 -34.86 -4.94 -43.12
CA LEU H 100 -35.41 -5.40 -41.85
C LEU H 100 -34.43 -5.12 -40.72
N LEU H 101 -34.87 -4.35 -39.72
CA LEU H 101 -34.01 -3.98 -38.60
C LEU H 101 -33.83 -5.14 -37.61
N TRP H 102 -34.88 -5.48 -36.87
CA TRP H 102 -34.79 -6.50 -35.83
C TRP H 102 -35.88 -7.55 -36.01
N PHE H 103 -37.13 -7.14 -35.83
CA PHE H 103 -38.28 -8.03 -35.96
C PHE H 103 -39.39 -7.31 -36.69
N GLY H 104 -40.42 -8.06 -37.08
CA GLY H 104 -41.54 -7.48 -37.79
C GLY H 104 -41.34 -7.43 -39.29
N GLU H 105 -41.68 -6.30 -39.90
CA GLU H 105 -41.61 -6.11 -41.33
C GLU H 105 -40.52 -5.09 -41.70
N PRO H 106 -40.12 -5.04 -42.97
CA PRO H 106 -39.05 -4.12 -43.37
C PRO H 106 -39.53 -2.70 -43.64
N ILE H 107 -38.61 -1.76 -43.44
CA ILE H 107 -38.83 -0.35 -43.77
C ILE H 107 -38.35 -0.11 -45.20
N PHE H 108 -39.17 0.59 -45.98
CA PHE H 108 -38.86 0.85 -47.39
C PHE H 108 -38.04 2.12 -47.49
N GLU H 109 -36.74 1.96 -47.74
CA GLU H 109 -35.78 3.06 -47.65
C GLU H 109 -35.36 3.69 -48.99
N ILE H 110 -35.37 2.91 -50.07
CA ILE H 110 -34.99 3.40 -51.39
C ILE H 110 -36.13 3.09 -52.35
N TRP H 111 -36.56 4.12 -53.10
CA TRP H 111 -37.77 4.06 -53.90
C TRP H 111 -37.47 4.25 -55.38
N GLY H 112 -38.16 3.47 -56.21
CA GLY H 112 -38.11 3.69 -57.65
C GLY H 112 -38.97 4.85 -58.10
N GLN H 113 -38.61 5.40 -59.26
CA GLN H 113 -39.27 6.62 -59.75
C GLN H 113 -40.74 6.42 -60.06
N GLY H 114 -41.19 5.20 -60.28
CA GLY H 114 -42.60 4.90 -60.49
C GLY H 114 -43.09 5.31 -61.86
N THR H 115 -44.28 4.82 -62.20
CA THR H 115 -44.88 5.02 -63.51
C THR H 115 -46.40 4.98 -63.37
N MET H 116 -47.08 5.69 -64.26
CA MET H 116 -48.54 5.79 -64.24
C MET H 116 -49.13 4.88 -65.30
N VAL H 117 -50.09 4.04 -64.90
CA VAL H 117 -50.73 3.08 -65.79
C VAL H 117 -52.23 3.16 -65.56
N THR H 118 -52.99 2.91 -66.64
CA THR H 118 -54.43 3.13 -66.62
C THR H 118 -55.11 2.10 -67.51
N VAL H 119 -56.44 2.13 -67.49
CA VAL H 119 -57.27 1.26 -68.30
C VAL H 119 -58.23 2.13 -69.10
N SER H 120 -58.55 1.67 -70.31
CA SER H 120 -59.50 2.37 -71.17
C SER H 120 -60.19 1.40 -72.12
N GLU I 1 -55.99 -7.60 -36.51
CA GLU I 1 -55.15 -6.88 -37.44
C GLU I 1 -55.22 -5.37 -37.19
N ILE I 2 -54.04 -4.76 -37.03
CA ILE I 2 -53.96 -3.34 -36.78
C ILE I 2 -54.66 -2.57 -37.89
N VAL I 3 -55.52 -1.63 -37.51
CA VAL I 3 -56.05 -0.65 -38.44
C VAL I 3 -55.67 0.73 -37.93
N MET I 4 -55.58 1.68 -38.85
CA MET I 4 -54.86 2.93 -38.60
C MET I 4 -55.72 4.09 -39.06
N THR I 5 -55.64 5.19 -38.31
CA THR I 5 -56.30 6.44 -38.67
C THR I 5 -55.43 7.61 -38.21
N GLN I 6 -55.59 8.74 -38.90
CA GLN I 6 -54.72 9.89 -38.71
C GLN I 6 -55.58 11.15 -38.76
N SER I 7 -55.24 12.11 -37.90
CA SER I 7 -56.09 13.26 -37.66
C SER I 7 -55.23 14.49 -37.41
N PRO I 8 -55.67 15.68 -37.83
CA PRO I 8 -56.89 15.87 -38.64
C PRO I 8 -56.64 15.62 -40.12
N ALA I 9 -57.71 15.71 -40.92
CA ALA I 9 -57.59 15.50 -42.35
C ALA I 9 -56.85 16.64 -43.05
N THR I 10 -56.85 17.86 -42.48
CA THR I 10 -56.18 18.98 -43.11
C THR I 10 -55.66 19.93 -42.05
N LEU I 11 -54.53 20.58 -42.37
CA LEU I 11 -54.00 21.68 -41.57
C LEU I 11 -53.49 22.78 -42.48
N SER I 12 -53.32 23.96 -41.90
CA SER I 12 -52.64 25.07 -42.55
C SER I 12 -51.90 25.87 -41.49
N VAL I 13 -50.74 26.42 -41.87
CA VAL I 13 -49.89 27.19 -40.96
C VAL I 13 -49.13 28.21 -41.77
N SER I 14 -48.66 29.27 -41.10
CA SER I 14 -47.83 30.33 -41.65
C SER I 14 -46.37 30.12 -41.26
N PRO I 15 -45.42 30.76 -41.94
CA PRO I 15 -44.00 30.58 -41.61
C PRO I 15 -43.62 31.00 -40.19
N GLY I 16 -42.73 30.20 -39.60
CA GLY I 16 -42.13 30.39 -38.29
C GLY I 16 -42.89 29.95 -37.05
N GLU I 17 -44.03 29.27 -37.17
CA GLU I 17 -44.70 28.73 -35.99
C GLU I 17 -44.92 27.23 -36.15
N ARG I 18 -44.62 26.50 -35.08
CA ARG I 18 -44.67 25.04 -35.06
C ARG I 18 -46.09 24.49 -35.13
N ALA I 19 -46.21 23.27 -35.65
CA ALA I 19 -47.46 22.53 -35.76
C ALA I 19 -47.19 21.06 -35.50
N THR I 20 -48.24 20.31 -35.16
CA THR I 20 -48.12 18.88 -34.88
C THR I 20 -49.24 18.08 -35.51
N LEU I 21 -48.91 16.91 -36.05
CA LEU I 21 -49.86 15.96 -36.60
C LEU I 21 -49.88 14.69 -35.76
N SER I 22 -51.05 14.04 -35.68
CA SER I 22 -51.21 12.84 -34.88
C SER I 22 -51.92 11.73 -35.67
N CYS I 23 -51.43 10.50 -35.52
CA CYS I 23 -52.10 9.32 -36.06
C CYS I 23 -52.28 8.30 -34.94
N ARG I 24 -53.43 7.63 -34.95
CA ARG I 24 -53.85 6.71 -33.90
C ARG I 24 -54.10 5.31 -34.45
N ALA I 25 -53.93 4.31 -33.58
CA ALA I 25 -54.06 2.92 -33.97
C ALA I 25 -54.92 2.16 -32.97
N SER I 26 -55.47 1.03 -33.43
CA SER I 26 -56.49 0.30 -32.68
C SER I 26 -55.94 -0.54 -31.54
N GLN I 27 -54.65 -0.88 -31.56
CA GLN I 27 -54.09 -1.71 -30.49
C GLN I 27 -52.64 -1.33 -30.26
N SER I 28 -52.11 -1.78 -29.12
CA SER I 28 -50.79 -1.36 -28.67
C SER I 28 -49.69 -1.79 -29.64
N VAL I 29 -48.73 -0.90 -29.83
CA VAL I 29 -47.49 -1.17 -30.55
C VAL I 29 -46.36 -0.44 -29.82
N SER I 30 -45.13 -0.81 -30.14
CA SER I 30 -43.97 -0.15 -29.54
C SER I 30 -42.93 0.18 -30.60
N SER I 31 -42.59 1.46 -30.71
CA SER I 31 -41.48 1.94 -31.54
C SER I 31 -41.50 1.35 -32.95
N SER I 32 -42.70 1.18 -33.50
CA SER I 32 -42.87 0.53 -34.79
C SER I 32 -43.48 1.44 -35.84
N LEU I 33 -43.31 2.75 -35.72
CA LEU I 33 -43.91 3.69 -36.65
C LEU I 33 -42.85 4.51 -37.37
N ALA I 34 -42.99 4.61 -38.68
CA ALA I 34 -42.11 5.40 -39.54
C ALA I 34 -42.89 6.56 -40.14
N TRP I 35 -42.20 7.68 -40.34
CA TRP I 35 -42.81 8.88 -40.90
C TRP I 35 -42.27 9.11 -42.31
N TYR I 36 -43.18 9.31 -43.27
CA TYR I 36 -42.82 9.50 -44.67
C TYR I 36 -43.28 10.87 -45.15
N GLN I 37 -42.48 11.48 -46.01
CA GLN I 37 -42.79 12.76 -46.64
C GLN I 37 -42.92 12.57 -48.14
N GLN I 38 -43.93 13.19 -48.74
CA GLN I 38 -44.14 13.13 -50.18
C GLN I 38 -44.36 14.52 -50.74
N LYS I 39 -43.76 14.79 -51.89
CA LYS I 39 -43.87 16.07 -52.57
C LYS I 39 -44.48 15.87 -53.96
N PRO I 40 -45.18 16.88 -54.49
CA PRO I 40 -45.94 16.69 -55.74
C PRO I 40 -45.14 16.05 -56.86
N GLY I 41 -45.56 14.87 -57.28
CA GLY I 41 -44.92 14.17 -58.38
C GLY I 41 -43.55 13.57 -58.06
N GLN I 42 -43.30 13.24 -56.80
CA GLN I 42 -42.02 12.67 -56.41
C GLN I 42 -42.24 11.48 -55.49
N ALA I 43 -41.21 10.64 -55.39
CA ALA I 43 -41.26 9.48 -54.51
C ALA I 43 -41.16 9.92 -53.04
N PRO I 44 -41.72 9.12 -52.14
CA PRO I 44 -41.60 9.42 -50.71
C PRO I 44 -40.16 9.48 -50.24
N ARG I 45 -39.99 9.86 -48.97
CA ARG I 45 -38.70 9.82 -48.29
C ARG I 45 -38.92 9.39 -46.84
N LEU I 46 -37.89 8.82 -46.23
CA LEU I 46 -37.93 8.34 -44.86
C LEU I 46 -37.32 9.38 -43.92
N LEU I 47 -38.12 9.86 -42.98
CA LEU I 47 -37.65 10.86 -42.01
C LEU I 47 -37.37 10.29 -40.63
N ILE I 48 -38.32 9.55 -40.04
CA ILE I 48 -38.16 8.94 -38.73
C ILE I 48 -38.48 7.46 -38.84
N TYR I 49 -37.52 6.60 -38.46
CA TYR I 49 -37.76 5.16 -38.50
C TYR I 49 -38.01 4.60 -37.11
N GLY I 50 -37.20 4.98 -36.13
CA GLY I 50 -37.42 4.55 -34.77
C GLY I 50 -38.58 5.33 -34.18
N ALA I 51 -38.87 5.06 -32.91
CA ALA I 51 -39.96 5.80 -32.26
C ALA I 51 -39.66 7.29 -32.26
N SER I 52 -38.44 7.67 -31.87
CA SER I 52 -37.95 9.04 -31.95
C SER I 52 -36.51 9.03 -32.46
N THR I 53 -36.29 8.63 -33.71
CA THR I 53 -34.94 8.59 -34.25
C THR I 53 -34.93 9.18 -35.66
N ARG I 54 -34.10 10.20 -35.85
CA ARG I 54 -33.95 10.83 -37.16
C ARG I 54 -33.22 9.90 -38.13
N ALA I 55 -33.80 9.71 -39.31
CA ALA I 55 -33.09 9.00 -40.37
C ALA I 55 -31.87 9.83 -40.80
N PRO I 56 -30.82 9.17 -41.28
CA PRO I 56 -29.56 9.88 -41.56
C PRO I 56 -29.73 10.91 -42.66
N GLY I 57 -29.31 12.14 -42.39
CA GLY I 57 -29.43 13.24 -43.33
C GLY I 57 -30.72 14.03 -43.23
N ILE I 58 -31.61 13.69 -42.31
CA ILE I 58 -32.82 14.48 -42.09
C ILE I 58 -32.47 15.71 -41.26
N PRO I 59 -32.95 16.89 -41.63
CA PRO I 59 -32.62 18.11 -40.88
C PRO I 59 -32.89 17.96 -39.39
N ALA I 60 -32.04 18.59 -38.58
CA ALA I 60 -32.09 18.43 -37.13
C ALA I 60 -33.36 18.96 -36.49
N ARG I 61 -34.17 19.75 -37.20
CA ARG I 61 -35.36 20.33 -36.60
C ARG I 61 -36.53 19.36 -36.52
N PHE I 62 -36.49 18.26 -37.26
CA PHE I 62 -37.57 17.29 -37.21
C PHE I 62 -37.44 16.41 -35.97
N SER I 63 -38.58 16.13 -35.33
CA SER I 63 -38.60 15.24 -34.18
C SER I 63 -40.02 14.73 -34.01
N GLY I 64 -40.13 13.62 -33.27
CA GLY I 64 -41.43 13.05 -32.96
C GLY I 64 -41.39 12.31 -31.65
N SER I 65 -42.56 11.87 -31.21
CA SER I 65 -42.68 11.15 -29.94
C SER I 65 -43.96 10.33 -29.96
N GLY I 66 -44.02 9.38 -29.04
CA GLY I 66 -45.23 8.63 -28.82
C GLY I 66 -44.93 7.24 -28.30
N SER I 67 -45.98 6.60 -27.79
CA SER I 67 -45.95 5.18 -27.45
C SER I 67 -47.38 4.69 -27.34
N GLY I 68 -47.54 3.38 -27.26
CA GLY I 68 -48.87 2.80 -27.21
C GLY I 68 -49.65 3.13 -28.46
N THR I 69 -50.88 3.64 -28.27
CA THR I 69 -51.75 3.97 -29.39
C THR I 69 -51.63 5.42 -29.87
N GLU I 70 -50.82 6.26 -29.23
CA GLU I 70 -50.72 7.66 -29.59
C GLU I 70 -49.31 8.03 -29.99
N PHE I 71 -49.18 8.72 -31.13
CA PHE I 71 -47.90 9.21 -31.63
C PHE I 71 -48.14 10.55 -32.29
N THR I 72 -47.12 11.41 -32.25
CA THR I 72 -47.23 12.74 -32.84
C THR I 72 -45.91 13.12 -33.49
N LEU I 73 -46.01 13.87 -34.59
CA LEU I 73 -44.86 14.43 -35.28
C LEU I 73 -44.84 15.93 -35.07
N THR I 74 -43.71 16.45 -34.60
CA THR I 74 -43.53 17.87 -34.34
C THR I 74 -42.67 18.47 -35.44
N ILE I 75 -43.19 19.50 -36.11
CA ILE I 75 -42.43 20.29 -37.07
C ILE I 75 -42.22 21.69 -36.50
N SER I 76 -40.97 22.12 -36.42
CA SER I 76 -40.62 23.40 -35.83
C SER I 76 -39.95 24.29 -36.86
N SER I 77 -40.13 25.60 -36.70
CA SER I 77 -39.44 26.61 -37.51
C SER I 77 -39.72 26.42 -39.00
N LEU I 78 -40.97 26.12 -39.33
CA LEU I 78 -41.35 25.69 -40.67
C LEU I 78 -40.89 26.68 -41.74
N GLN I 79 -40.38 26.14 -42.84
CA GLN I 79 -40.04 26.91 -44.03
C GLN I 79 -40.89 26.42 -45.20
N SER I 80 -40.99 27.26 -46.23
CA SER I 80 -41.83 26.94 -47.38
C SER I 80 -41.46 25.59 -48.00
N GLU I 81 -40.18 25.22 -47.97
CA GLU I 81 -39.75 23.92 -48.49
C GLU I 81 -40.42 22.76 -47.77
N ASP I 82 -40.94 22.96 -46.56
CA ASP I 82 -41.55 21.89 -45.80
C ASP I 82 -42.96 21.55 -46.25
N PHE I 83 -43.47 22.23 -47.27
CA PHE I 83 -44.77 21.88 -47.85
C PHE I 83 -44.76 20.47 -48.43
N ALA I 84 -45.60 19.60 -47.88
CA ALA I 84 -45.65 18.21 -48.29
C ALA I 84 -46.85 17.52 -47.65
N VAL I 85 -47.10 16.29 -48.09
CA VAL I 85 -48.03 15.36 -47.46
C VAL I 85 -47.24 14.39 -46.60
N TYR I 86 -47.81 13.96 -45.47
CA TYR I 86 -47.12 13.14 -44.50
C TYR I 86 -47.91 11.88 -44.19
N TYR I 87 -47.20 10.76 -44.06
CA TYR I 87 -47.80 9.46 -43.77
C TYR I 87 -47.03 8.76 -42.66
N CYS I 88 -47.74 7.92 -41.89
CA CYS I 88 -47.14 7.09 -40.85
C CYS I 88 -47.51 5.64 -41.12
N GLN I 89 -46.53 4.74 -41.01
CA GLN I 89 -46.70 3.33 -41.30
C GLN I 89 -46.13 2.50 -40.15
N GLN I 90 -46.76 1.35 -39.90
CA GLN I 90 -46.37 0.46 -38.81
C GLN I 90 -45.95 -0.90 -39.36
N TYR I 91 -44.79 -1.39 -38.91
CA TYR I 91 -44.26 -2.67 -39.34
C TYR I 91 -44.22 -3.73 -38.23
N ASN I 92 -44.84 -3.47 -37.08
CA ASN I 92 -44.78 -4.42 -35.98
C ASN I 92 -45.46 -5.75 -36.33
N ASN I 93 -46.62 -5.70 -36.97
CA ASN I 93 -47.35 -6.90 -37.32
C ASN I 93 -47.10 -7.30 -38.77
N TRP I 94 -47.45 -8.55 -39.09
CA TRP I 94 -47.24 -9.06 -40.44
C TRP I 94 -47.92 -8.22 -41.50
N PRO I 95 -49.22 -7.89 -41.42
CA PRO I 95 -49.83 -7.05 -42.46
C PRO I 95 -49.22 -5.66 -42.42
N LEU I 96 -48.99 -5.10 -43.60
CA LEU I 96 -48.41 -3.77 -43.72
C LEU I 96 -49.51 -2.76 -44.07
N THR I 97 -49.56 -1.67 -43.31
CA THR I 97 -50.57 -0.65 -43.49
C THR I 97 -49.94 0.73 -43.40
N PHE I 98 -50.37 1.62 -44.29
CA PHE I 98 -50.01 3.02 -44.23
C PHE I 98 -51.23 3.84 -43.84
N GLY I 99 -50.99 4.95 -43.15
CA GLY I 99 -52.08 5.83 -42.77
C GLY I 99 -52.70 6.53 -43.97
N GLY I 100 -53.89 7.10 -43.75
CA GLY I 100 -54.54 7.86 -44.79
C GLY I 100 -53.82 9.13 -45.16
N GLY I 101 -52.91 9.60 -44.32
CA GLY I 101 -52.14 10.79 -44.60
C GLY I 101 -52.88 12.05 -44.19
N THR I 102 -52.16 13.17 -44.26
CA THR I 102 -52.72 14.47 -44.00
C THR I 102 -52.13 15.48 -44.97
N LYS I 103 -52.99 16.27 -45.61
CA LYS I 103 -52.54 17.34 -46.47
C LYS I 103 -52.26 18.59 -45.64
N VAL I 104 -51.07 19.15 -45.78
CA VAL I 104 -50.72 20.41 -45.14
C VAL I 104 -50.83 21.49 -46.20
N GLU I 105 -51.65 22.51 -45.93
CA GLU I 105 -52.02 23.49 -46.94
C GLU I 105 -51.26 24.78 -46.68
N ILE I 106 -50.68 25.35 -47.73
CA ILE I 106 -49.91 26.58 -47.61
C ILE I 106 -50.81 27.75 -47.24
C1 NAG J . -26.53 -43.40 42.89
C2 NAG J . -26.58 -42.98 44.37
C3 NAG J . -27.05 -44.15 45.25
C4 NAG J . -28.35 -44.72 44.72
C5 NAG J . -28.19 -45.12 43.27
C6 NAG J . -29.49 -45.60 42.64
C7 NAG J . -25.15 -41.65 45.85
C8 NAG J . -23.74 -41.25 46.18
N2 NAG J . -25.29 -42.49 44.82
O3 NAG J . -27.20 -43.70 46.59
O4 NAG J . -28.74 -45.86 45.49
O5 NAG J . -27.78 -43.98 42.51
O6 NAG J . -30.32 -44.51 42.28
O7 NAG J . -26.10 -41.25 46.51
C1 NAG J . -29.90 -45.50 46.28
C2 NAG J . -30.88 -46.68 46.31
C3 NAG J . -32.06 -46.36 47.23
C4 NAG J . -31.57 -45.94 48.61
C5 NAG J . -30.61 -44.76 48.47
C6 NAG J . -30.01 -44.34 49.78
C7 NAG J . -31.41 -48.26 44.51
C8 NAG J . -31.92 -48.43 43.11
N2 NAG J . -31.34 -47.01 44.98
O3 NAG J . -32.89 -47.53 47.35
O4 NAG J . -32.69 -45.54 49.41
O5 NAG J . -29.51 -45.14 47.62
O6 NAG J . -28.59 -44.36 49.74
O7 NAG J . -31.08 -49.23 45.20
C1 NAG K . -7.19 -55.55 37.10
C2 NAG K . -7.85 -56.50 38.10
C3 NAG K . -7.90 -57.90 37.48
C4 NAG K . -8.56 -57.86 36.09
C5 NAG K . -7.86 -56.76 35.28
C6 NAG K . -8.51 -56.50 33.94
C7 NAG K . -5.97 -57.01 39.64
C8 NAG K . -5.50 -56.96 41.06
N2 NAG K . -7.19 -56.52 39.40
O3 NAG K . -8.63 -58.77 38.34
O4 NAG K . -8.31 -59.09 35.43
O5 NAG K . -7.97 -55.52 35.98
O6 NAG K . -9.59 -55.58 34.04
O7 NAG K . -5.26 -57.45 38.74
C1 NAG K . -9.47 -59.63 34.75
C2 NAG K . -9.04 -60.22 33.39
C3 NAG K . -10.23 -60.87 32.68
C4 NAG K . -10.90 -61.88 33.61
C5 NAG K . -11.29 -61.21 34.92
C6 NAG K . -11.88 -62.17 35.92
C7 NAG K . -7.18 -59.31 32.07
C8 NAG K . -6.41 -60.52 32.49
N2 NAG K . -8.43 -59.23 32.54
O3 NAG K . -9.78 -61.52 31.50
O4 NAG K . -12.07 -62.39 32.99
O5 NAG K . -10.12 -60.63 35.54
O6 NAG K . -12.20 -61.52 37.14
O7 NAG K . -6.69 -58.45 31.35
C1 FUC K . -10.85 -56.29 34.20
C2 FUC K . -11.60 -55.73 35.45
C3 FUC K . -12.16 -54.31 35.18
C4 FUC K . -12.99 -54.34 33.91
C5 FUC K . -12.15 -54.88 32.74
C6 FUC K . -12.96 -54.94 31.46
O2 FUC K . -10.82 -55.73 36.63
O3 FUC K . -12.97 -53.89 36.26
O4 FUC K . -14.13 -55.16 34.10
O5 FUC K . -11.68 -56.21 33.03
C1 NAG L . -19.16 -27.75 32.91
C2 NAG L . -19.84 -28.45 34.09
C3 NAG L . -20.89 -27.51 34.71
C4 NAG L . -20.32 -26.12 34.96
C5 NAG L . -19.59 -25.61 33.72
C6 NAG L . -18.87 -24.30 33.93
C7 NAG L . -20.87 -30.63 34.51
C8 NAG L . -21.47 -31.86 33.88
N2 NAG L . -20.44 -29.69 33.66
O3 NAG L . -21.37 -28.06 35.93
O4 NAG L . -21.36 -25.19 35.29
O5 NAG L . -18.59 -26.56 33.35
O6 NAG L . -17.50 -24.52 34.22
O7 NAG L . -20.80 -30.50 35.73
C1 NAG L . -21.30 -24.75 36.66
C2 NAG L . -21.79 -23.28 36.75
C3 NAG L . -21.93 -22.82 38.20
C4 NAG L . -22.78 -23.81 38.99
C5 NAG L . -22.16 -25.19 38.88
C6 NAG L . -22.97 -26.24 39.61
C7 NAG L . -19.63 -22.11 36.36
C8 NAG L . -18.91 -21.13 35.48
N2 NAG L . -20.90 -22.37 36.01
O3 NAG L . -22.52 -21.53 38.24
O4 NAG L . -22.83 -23.42 40.36
O5 NAG L . -22.11 -25.58 37.51
O6 NAG L . -23.37 -25.78 40.89
O7 NAG L . -19.09 -22.65 37.32
C1 NAG M . 24.15 -35.49 22.57
C2 NAG M . 24.35 -36.98 22.25
C3 NAG M . 25.59 -37.51 22.98
C4 NAG M . 26.79 -36.62 22.72
C5 NAG M . 26.42 -35.16 23.00
C6 NAG M . 27.55 -34.20 22.69
C7 NAG M . 22.88 -38.94 22.12
C8 NAG M . 21.62 -39.59 22.62
N2 NAG M . 23.17 -37.75 22.64
O3 NAG M . 25.86 -38.84 22.53
O4 NAG M . 27.82 -36.97 23.62
O5 NAG M . 25.31 -34.78 22.18
O6 NAG M . 27.05 -32.93 22.28
O7 NAG M . 23.59 -39.48 21.28
C1 NAG M . 28.89 -37.73 23.01
C2 NAG M . 29.63 -38.47 24.14
C3 NAG M . 30.73 -39.36 23.58
C4 NAG M . 30.17 -40.29 22.51
C5 NAG M . 29.48 -39.47 21.43
C6 NAG M . 28.84 -40.32 20.36
C7 NAG M . 29.73 -37.43 26.36
C8 NAG M . 28.61 -38.33 26.74
N2 NAG M . 30.18 -37.53 25.11
O3 NAG M . 31.29 -40.14 24.64
O4 NAG M . 31.22 -41.05 21.93
O5 NAG M . 28.44 -38.67 22.02
O6 NAG M . 29.80 -41.17 19.73
O7 NAG M . 30.21 -36.62 27.16
C1 NAG N . -54.85 0.05 16.24
C2 NAG N . -56.14 0.47 16.94
C3 NAG N . -56.92 -0.78 17.30
C4 NAG N . -57.17 -1.61 16.04
C5 NAG N . -55.84 -1.88 15.33
C6 NAG N . -55.99 -2.60 14.01
C7 NAG N . -56.76 2.01 18.74
C8 NAG N . -56.29 2.74 19.95
N2 NAG N . -55.85 1.25 18.12
O3 NAG N . -58.17 -0.41 17.87
O4 NAG N . -57.75 -2.86 16.40
O5 NAG N . -55.17 -0.64 15.05
O6 NAG N . -57.15 -2.17 13.30
O7 NAG N . -57.92 2.09 18.33
C1 NAG N . -59.08 -2.91 15.85
C2 NAG N . -59.51 -4.37 15.77
C3 NAG N . -60.94 -4.46 15.24
C4 NAG N . -61.87 -3.64 16.13
C5 NAG N . -61.38 -2.20 16.17
C6 NAG N . -62.19 -1.31 17.06
C7 NAG N . -58.07 -6.30 15.27
C8 NAG N . -58.45 -6.81 16.63
N2 NAG N . -58.61 -5.13 14.91
O3 NAG N . -61.35 -5.83 15.24
O4 NAG N . -63.18 -3.64 15.60
O5 NAG N . -60.03 -2.17 16.66
O6 NAG N . -61.51 -0.09 17.34
O7 NAG N . -57.31 -6.91 14.53
C1 BMA N . -64.04 -4.54 16.34
C2 BMA N . -65.47 -4.27 15.89
C3 BMA N . -66.41 -5.27 16.55
C4 BMA N . -65.94 -6.70 16.35
C5 BMA N . -64.47 -6.85 16.78
C6 BMA N . -63.94 -8.20 16.44
O2 BMA N . -65.61 -4.44 14.49
O3 BMA N . -67.71 -5.15 16.02
O4 BMA N . -66.74 -7.60 17.09
O5 BMA N . -63.68 -5.88 16.07
O6 BMA N . -62.91 -8.57 17.36
C1 MAN N . -68.57 -4.56 17.01
C2 MAN N . -69.91 -5.30 16.95
C3 MAN N . -70.58 -5.06 15.54
C4 MAN N . -70.44 -3.60 15.02
C5 MAN N . -69.07 -2.98 15.34
C6 MAN N . -69.04 -1.49 15.08
O2 MAN N . -70.78 -4.82 17.97
O3 MAN N . -71.97 -5.53 15.37
O4 MAN N . -70.59 -3.61 13.61
O5 MAN N . -68.74 -3.21 16.72
O6 MAN N . -69.73 -0.84 16.14
C1 MAN N . -73.10 -4.95 16.13
C2 MAN N . -74.13 -4.28 15.06
C3 MAN N . -74.73 -2.93 15.50
C4 MAN N . -73.80 -2.02 16.30
C5 MAN N . -73.31 -2.78 17.54
C6 MAN N . -74.16 -2.73 18.83
O2 MAN N . -75.24 -5.12 14.78
O3 MAN N . -75.97 -3.12 16.19
O4 MAN N . -72.68 -1.68 15.54
O5 MAN N . -72.70 -4.11 17.27
O6 MAN N . -73.57 -1.77 19.70
C1 MAN N . -62.26 -9.78 16.88
C2 MAN N . -63.31 -10.71 16.20
C3 MAN N . -63.76 -11.81 17.15
C4 MAN N . -63.84 -11.29 18.62
C5 MAN N . -62.48 -10.67 19.09
C6 MAN N . -61.74 -11.56 20.06
O2 MAN N . -62.74 -11.36 15.05
O3 MAN N . -62.93 -13.00 17.05
O4 MAN N . -64.87 -10.32 18.75
O5 MAN N . -61.62 -10.44 17.96
O6 MAN N . -61.98 -11.03 21.35
C1 MAN N . -62.20 -10.34 14.17
C2 MAN N . -62.77 -10.53 12.73
C3 MAN N . -61.72 -10.03 11.73
C4 MAN N . -60.40 -10.81 11.84
C5 MAN N . -60.21 -11.33 13.28
C6 MAN N . -58.76 -11.55 13.64
O2 MAN N . -63.94 -9.75 12.52
O3 MAN N . -61.45 -8.65 11.93
O4 MAN N . -60.41 -11.91 10.93
O5 MAN N . -60.77 -10.36 14.16
O6 MAN N . -58.70 -12.45 14.73
C1 MAN N . -63.24 -14.05 18.01
C2 MAN N . -62.43 -15.33 17.57
C3 MAN N . -63.35 -16.45 17.05
C4 MAN N . -64.58 -15.96 16.24
C5 MAN N . -65.29 -14.76 16.89
C6 MAN N . -66.77 -15.00 17.18
O2 MAN N . -61.71 -15.88 18.67
O3 MAN N . -63.80 -17.25 18.13
O4 MAN N . -64.19 -15.60 14.92
O5 MAN N . -64.63 -14.44 18.13
O6 MAN N . -67.17 -14.11 18.22
C1 FUC N . -56.86 -2.24 11.90
C2 FUC N . -57.44 -3.59 11.35
C3 FUC N . -58.95 -3.52 11.12
C4 FUC N . -59.25 -2.35 10.21
C5 FUC N . -58.79 -1.06 10.88
C6 FUC N . -59.02 0.16 10.01
O2 FUC N . -57.10 -4.73 12.14
O3 FUC N . -59.40 -4.70 10.48
O4 FUC N . -58.56 -2.51 8.98
O5 FUC N . -57.38 -1.08 11.23
C1 NAG O . 62.68 -5.47 19.66
C2 NAG O . 63.92 -6.07 20.29
C3 NAG O . 63.89 -7.59 20.12
C4 NAG O . 62.56 -8.17 20.59
C5 NAG O . 61.41 -7.40 19.93
C6 NAG O . 60.05 -7.83 20.41
C7 NAG O . 66.34 -5.67 20.24
C8 NAG O . 67.48 -5.05 19.50
N2 NAG O . 65.14 -5.53 19.70
O3 NAG O . 64.95 -8.18 20.87
O4 NAG O . 62.48 -9.54 20.19
O5 NAG O . 61.54 -6.02 20.25
O6 NAG O . 59.22 -8.29 19.35
O7 NAG O . 66.52 -6.28 21.29
C1 NAG O . 62.14 -10.40 21.30
C2 NAG O . 61.94 -11.83 20.77
C3 NAG O . 61.66 -12.82 21.91
C4 NAG O . 62.72 -12.70 22.99
C5 NAG O . 62.86 -11.24 23.44
C6 NAG O . 63.96 -11.04 24.45
C7 NAG O . 59.63 -11.69 19.73
C8 NAG O . 59.03 -11.24 21.04
N2 NAG O . 60.96 -11.94 19.70
O3 NAG O . 61.64 -14.14 21.38
O4 NAG O . 62.36 -13.49 24.11
O5 NAG O . 63.16 -10.40 22.31
O6 NAG O . 64.91 -12.09 24.38
O7 NAG O . 58.93 -11.83 18.73
C1 NAG P . -13.93 -39.48 -51.72
C2 NAG P . -12.93 -40.58 -52.04
C3 NAG P . -13.29 -41.28 -53.35
C4 NAG P . -14.73 -41.76 -53.33
C5 NAG P . -15.66 -40.60 -53.00
C6 NAG P . -17.09 -41.00 -52.85
C7 NAG P . -10.48 -40.79 -51.92
C8 NAG P . -9.17 -40.08 -52.02
N2 NAG P . -11.57 -40.05 -52.11
O3 NAG P . -12.41 -42.38 -53.58
O4 NAG P . -15.10 -42.33 -54.57
O5 NAG P . -15.27 -40.01 -51.76
O6 NAG P . -17.33 -41.57 -51.57
O7 NAG P . -10.55 -42.00 -51.67
C1 NAG P . -15.24 -43.76 -54.39
C2 NAG P . -16.45 -44.26 -55.20
C3 NAG P . -16.55 -45.78 -55.12
C4 NAG P . -15.24 -46.44 -55.50
C5 NAG P . -14.11 -45.88 -54.64
C6 NAG P . -12.75 -46.42 -55.03
C7 NAG P . -18.59 -43.14 -55.60
C8 NAG P . -19.81 -42.53 -54.97
N2 NAG P . -17.68 -43.64 -54.76
O3 NAG P . -17.58 -46.23 -55.99
O4 NAG P . -15.32 -47.85 -55.31
O5 NAG P . -14.05 -44.45 -54.79
O6 NAG P . -11.84 -45.36 -55.33
O7 NAG P . -18.43 -43.17 -56.82
C1 NAG Q . -10.29 -19.40 -63.50
C2 NAG Q . -10.59 -20.36 -64.64
C3 NAG Q . -11.67 -19.72 -65.53
C4 NAG Q . -12.88 -19.28 -64.70
C5 NAG Q . -12.35 -18.44 -63.53
C6 NAG Q . -13.43 -18.05 -62.54
C7 NAG Q . -8.72 -19.95 -66.21
C8 NAG Q . -7.57 -20.57 -66.93
N2 NAG Q . -9.43 -20.76 -65.41
O3 NAG Q . -12.08 -20.65 -66.54
O4 NAG Q . -13.68 -18.42 -65.51
O5 NAG Q . -11.42 -19.22 -62.78
O6 NAG Q . -13.63 -19.07 -61.57
O7 NAG Q . -8.98 -18.76 -66.32
C1 NAG Q . -15.10 -18.68 -65.39
C2 NAG Q . -15.88 -17.35 -65.36
C3 NAG Q . -17.39 -17.61 -65.32
C4 NAG Q . -17.79 -18.52 -66.47
C5 NAG Q . -16.97 -19.80 -66.44
C6 NAG Q . -17.25 -20.71 -67.61
C7 NAG Q . -14.96 -15.31 -64.34
C8 NAG Q . -14.79 -14.80 -65.75
N2 NAG Q . -15.48 -16.53 -64.22
O3 NAG Q . -18.08 -16.37 -65.40
O4 NAG Q . -19.17 -18.84 -66.37
O5 NAG Q . -15.57 -19.49 -66.49
O6 NAG Q . -16.46 -21.88 -67.56
O7 NAG Q . -14.64 -14.64 -63.38
C1 FUC Q . -14.72 -19.94 -61.98
C2 FUC Q . -14.24 -21.44 -61.93
C3 FUC Q . -14.08 -21.92 -60.48
C4 FUC Q . -15.37 -21.65 -59.72
C5 FUC Q . -15.74 -20.17 -59.82
C6 FUC Q . -17.05 -19.88 -59.09
O2 FUC Q . -13.05 -21.66 -62.65
O3 FUC Q . -13.80 -23.31 -60.45
O4 FUC Q . -16.40 -22.45 -60.27
O5 FUC Q . -15.90 -19.78 -61.19
C1 NAG R . -7.22 -30.49 -35.19
C2 NAG R . -7.33 -31.63 -36.19
C3 NAG R . -7.22 -32.98 -35.47
C4 NAG R . -6.03 -33.01 -34.52
C5 NAG R . -6.02 -31.74 -33.65
C6 NAG R . -4.79 -31.63 -32.79
C7 NAG R . -8.84 -32.24 -38.04
C8 NAG R . -10.18 -32.01 -38.67
N2 NAG R . -8.58 -31.54 -36.93
O3 NAG R . -7.11 -34.04 -36.41
O4 NAG R . -6.09 -34.15 -33.66
O5 NAG R . -6.02 -30.61 -34.50
O6 NAG R . -3.82 -30.78 -33.40
O7 NAG R . -8.03 -33.02 -38.52
C1 NAG R . -5.06 -35.11 -33.93
C2 NAG R . -4.61 -35.79 -32.62
C3 NAG R . -3.65 -36.96 -32.89
C4 NAG R . -4.24 -37.91 -33.92
C5 NAG R . -4.57 -37.13 -35.18
C6 NAG R . -5.19 -38.00 -36.26
C7 NAG R . -2.85 -34.22 -31.89
C8 NAG R . -2.40 -33.29 -30.80
N2 NAG R . -4.01 -34.84 -31.68
O3 NAG R . -3.41 -37.65 -31.67
O4 NAG R . -3.30 -38.93 -34.23
O5 NAG R . -5.51 -36.11 -34.88
O6 NAG R . -4.50 -39.24 -36.38
O7 NAG R . -2.19 -34.36 -32.92
C1 NAG S . 11.85 8.99 -46.18
C2 NAG S . 11.09 9.62 -47.35
C3 NAG S . 12.06 10.13 -48.40
C4 NAG S . 13.14 10.99 -47.77
C5 NAG S . 13.77 10.27 -46.58
C6 NAG S . 14.80 11.09 -45.85
C7 NAG S . 9.08 9.04 -48.65
C8 NAG S . 8.23 7.92 -49.16
N2 NAG S . 10.15 8.67 -47.93
O3 NAG S . 11.35 10.87 -49.39
O4 NAG S . 14.18 11.19 -48.73
O5 NAG S . 12.74 9.94 -45.63
O6 NAG S . 14.83 10.77 -44.47
O7 NAG S . 8.82 10.21 -48.86
C1 NAG S . 14.17 12.52 -49.30
C2 NAG S . 14.95 12.43 -50.63
C3 NAG S . 14.92 13.76 -51.38
C4 NAG S . 13.49 14.25 -51.54
C5 NAG S . 12.82 14.33 -50.18
C6 NAG S . 11.36 14.75 -50.26
C7 NAG S . 16.80 10.81 -50.82
C8 NAG S . 15.82 9.92 -51.53
N2 NAG S . 16.32 12.00 -50.41
O3 NAG S . 15.53 13.60 -52.65
O4 NAG S . 13.49 15.54 -52.13
O5 NAG S . 12.84 13.04 -49.56
O6 NAG S . 11.24 16.02 -50.89
O7 NAG S . 17.96 10.47 -50.61
C1 NAG T . -27.05 -50.23 4.07
C2 NAG T . -27.30 -51.69 4.38
C3 NAG T . -28.22 -52.26 3.31
C4 NAG T . -29.50 -51.44 3.24
C5 NAG T . -29.15 -49.95 3.07
C6 NAG T . -30.36 -49.04 3.11
C7 NAG T . -25.95 -53.64 4.99
C8 NAG T . -24.59 -54.26 4.94
N2 NAG T . -26.05 -52.43 4.43
O3 NAG T . -28.55 -53.61 3.62
O4 NAG T . -30.29 -51.86 2.13
O5 NAG T . -28.28 -49.53 4.12
O6 NAG T . -31.32 -49.47 4.05
O7 NAG T . -26.90 -54.21 5.49
C1 NAG T . -31.51 -52.43 2.63
C2 NAG T . -32.54 -52.41 1.52
C3 NAG T . -33.84 -53.06 1.99
C4 NAG T . -33.55 -54.47 2.47
C5 NAG T . -32.51 -54.42 3.57
C6 NAG T . -32.11 -55.78 4.09
C7 NAG T . -32.81 -50.68 -0.20
C8 NAG T . -32.53 -51.75 -1.21
N2 NAG T . -32.80 -51.04 1.07
O3 NAG T . -34.76 -53.09 0.91
O4 NAG T . -34.73 -55.06 3.00
O5 NAG T . -31.31 -53.79 3.09
O6 NAG T . -30.91 -55.71 4.85
O7 NAG T . -33.02 -49.51 -0.55
C1 BMA T . -35.31 -56.00 2.06
C2 BMA T . -36.38 -56.79 2.82
C3 BMA T . -37.11 -57.71 1.85
C4 BMA T . -37.59 -56.95 0.62
C5 BMA T . -36.44 -56.17 -0.02
C6 BMA T . -36.95 -55.30 -1.13
O2 BMA T . -37.35 -55.91 3.36
O3 BMA T . -38.22 -58.31 2.47
O4 BMA T . -38.14 -57.87 -0.32
O5 BMA T . -35.87 -55.31 0.97
O6 BMA T . -35.92 -55.11 -2.10
C1 MAN T . -37.94 -59.70 2.70
C2 MAN T . -39.21 -60.48 2.38
C3 MAN T . -40.35 -60.07 3.40
C4 MAN T . -39.86 -59.89 4.86
C5 MAN T . -38.46 -59.24 4.95
C6 MAN T . -37.87 -59.32 6.33
O2 MAN T . -38.97 -61.87 2.51
O3 MAN T . -41.59 -60.86 3.37
O4 MAN T . -40.77 -59.06 5.56
O5 MAN T . -37.56 -59.89 4.03
O6 MAN T . -37.42 -60.66 6.54
C1 MAN T . -41.64 -62.29 3.74
C2 MAN T . -42.59 -62.43 5.05
C3 MAN T . -42.10 -63.42 6.12
C4 MAN T . -40.59 -63.47 6.32
C5 MAN T . -39.91 -63.80 4.98
C6 MAN T . -39.72 -65.28 4.59
O2 MAN T . -43.91 -62.88 4.69
O3 MAN T . -42.62 -64.73 5.90
O4 MAN T . -40.12 -62.21 6.73
O5 MAN T . -40.30 -62.92 3.85
O6 MAN T . -38.37 -65.62 4.89
C1 MAN T . -36.33 -54.09 -3.05
C2 MAN T . -37.88 -54.21 -3.30
C3 MAN T . -38.16 -54.97 -4.59
C4 MAN T . -37.12 -56.11 -4.83
C5 MAN T . -35.65 -55.56 -4.81
C6 MAN T . -35.03 -55.51 -6.18
O2 MAN T . -38.47 -52.91 -3.43
O3 MAN T . -38.24 -54.08 -5.74
O4 MAN T . -37.25 -57.11 -3.84
O5 MAN T . -35.62 -54.23 -4.27
O6 MAN T . -34.19 -56.65 -6.29
C1 MAN T . -38.12 -52.14 -2.26
C2 MAN T . -39.40 -51.53 -1.63
C3 MAN T . -39.05 -50.21 -0.95
C4 MAN T . -38.50 -49.18 -1.96
C5 MAN T . -37.79 -49.91 -3.12
C6 MAN T . -36.73 -49.06 -3.79
O2 MAN T . -39.93 -52.38 -0.60
O3 MAN T . -38.09 -50.41 0.08
O4 MAN T . -39.55 -48.37 -2.46
O5 MAN T . -37.19 -51.09 -2.58
O6 MAN T . -36.49 -49.59 -5.09
C1 MAN T . -38.40 -54.74 -7.03
C2 MAN T . -38.72 -53.61 -8.08
C3 MAN T . -40.18 -53.71 -8.60
C4 MAN T . -41.23 -54.15 -7.54
C5 MAN T . -40.74 -55.33 -6.67
C6 MAN T . -41.67 -56.53 -6.71
O2 MAN T . -37.89 -53.73 -9.24
O3 MAN T . -40.25 -54.61 -9.71
O4 MAN T . -41.55 -53.05 -6.69
O5 MAN T . -39.43 -55.75 -7.12
O6 MAN T . -40.91 -57.68 -6.33
C1 FUC T . -31.99 -48.31 4.59
C2 FUC T . -33.33 -48.11 3.82
C3 FUC T . -34.42 -49.05 4.32
C4 FUC T . -34.58 -48.88 5.81
C5 FUC T . -33.26 -49.24 6.49
C6 FUC T . -33.33 -49.06 8.00
O2 FUC T . -33.20 -48.18 2.41
O3 FUC T . -35.66 -48.73 3.70
O4 FUC T . -34.91 -47.54 6.10
O5 FUC T . -32.15 -48.47 6.01
C1 NAG U . 50.20 32.84 -27.35
C2 NAG U . 51.09 33.42 -28.44
C3 NAG U . 50.24 33.81 -29.65
C4 NAG U . 49.35 32.65 -30.07
C5 NAG U . 48.57 32.12 -28.86
C6 NAG U . 47.75 30.90 -29.17
C7 NAG U . 52.87 35.11 -28.58
C8 NAG U . 53.49 36.31 -27.94
N2 NAG U . 51.82 34.58 -27.94
O3 NAG U . 51.09 34.18 -30.73
O4 NAG U . 48.41 33.12 -31.04
O5 NAG U . 49.51 31.74 -27.86
O6 NAG U . 46.37 31.11 -28.87
O7 NAG U . 53.28 34.65 -29.64
C1 NAG U . 48.41 32.30 -32.23
C2 NAG U . 47.28 32.78 -33.16
C3 NAG U . 47.27 32.01 -34.48
C4 NAG U . 48.66 32.02 -35.11
C5 NAG U . 49.69 31.54 -34.11
C6 NAG U . 51.11 31.63 -34.65
C7 NAG U . 45.21 31.79 -32.05
C8 NAG U . 45.79 30.40 -32.15
N2 NAG U . 45.95 32.81 -32.53
O3 NAG U . 46.32 32.60 -35.36
O4 NAG U . 48.67 31.16 -36.25
O5 NAG U . 49.66 32.35 -32.93
O6 NAG U . 51.20 32.54 -35.72
O7 NAG U . 44.12 31.98 -31.55
C1 NAG V . -57.88 32.18 -6.38
C2 NAG V . -57.93 33.34 -7.39
C3 NAG V . -59.26 34.09 -7.28
C4 NAG V . -60.43 33.12 -7.40
C5 NAG V . -60.30 32.02 -6.36
C6 NAG V . -61.36 30.97 -6.48
C7 NAG V . -56.33 35.05 -8.15
C8 NAG V . -55.18 35.92 -7.77
N2 NAG V . -56.81 34.25 -7.18
O3 NAG V . -59.33 35.07 -8.30
O4 NAG V . -61.66 33.80 -7.22
O5 NAG V . -59.04 31.36 -6.53
O6 NAG V . -61.05 30.04 -7.51
O7 NAG V . -56.82 35.06 -9.27
C1 NAG V . -62.34 33.85 -8.50
C2 NAG V . -63.85 33.63 -8.29
C3 NAG V . -64.60 33.79 -9.60
C4 NAG V . -64.26 35.11 -10.27
C5 NAG V . -62.75 35.23 -10.43
C6 NAG V . -62.33 36.57 -11.00
C7 NAG V . -64.95 32.14 -6.68
C8 NAG V . -65.11 30.73 -6.20
N2 NAG V . -64.11 32.32 -7.70
O3 NAG V . -66.00 33.71 -9.36
O4 NAG V . -64.88 35.19 -11.55
O5 NAG V . -62.12 35.11 -9.15
O6 NAG V . -61.39 37.22 -10.15
O7 NAG V . -65.56 33.07 -6.17
C1 NAG W . -52.54 38.87 15.57
C2 NAG W . -53.86 39.59 15.37
C3 NAG W . -54.78 39.29 16.56
C4 NAG W . -54.89 37.78 16.80
C5 NAG W . -53.46 37.22 16.86
C6 NAG W . -53.42 35.71 16.95
C7 NAG W . -53.32 41.90 16.06
C8 NAG W . -53.26 43.33 15.61
N2 NAG W . -53.72 41.02 15.14
O3 NAG W . -56.06 39.84 16.33
O4 NAG W . -55.47 37.58 18.09
O5 NAG W . -52.79 37.52 15.63
O6 NAG W . -53.48 35.09 15.67
O7 NAG W . -52.98 41.57 17.18
C1 NAG W . -56.47 36.54 18.12
C2 NAG W . -56.33 35.69 19.40
C3 NAG W . -57.42 34.65 19.48
C4 NAG W . -58.79 35.30 19.34
C5 NAG W . -58.85 36.11 18.06
C6 NAG W . -60.14 36.86 17.89
C7 NAG W . -54.15 35.30 20.48
C8 NAG W . -54.59 36.25 21.54
N2 NAG W . -55.02 35.07 19.48
O3 NAG W . -57.33 33.97 20.74
O4 NAG W . -59.80 34.30 19.31
O5 NAG W . -57.80 37.09 18.04
O6 NAG W . -60.15 37.63 16.69
O7 NAG W . -53.05 34.74 20.52
C1 FUC W . -54.87 34.76 15.35
C2 FUC W . -55.24 35.36 13.94
C3 FUC W . -54.54 34.60 12.82
C4 FUC W . -54.82 33.11 12.96
C5 FUC W . -54.42 32.62 14.36
C6 FUC W . -54.73 31.14 14.53
O2 FUC W . -54.97 36.75 13.85
O3 FUC W . -55.00 35.05 11.55
O4 FUC W . -56.21 32.88 12.76
O5 FUC W . -55.11 33.35 15.37
C1 NAG X . -39.63 24.20 -7.93
C2 NAG X . -40.82 25.02 -8.40
C3 NAG X . -40.98 24.86 -9.92
C4 NAG X . -39.66 25.09 -10.65
C5 NAG X . -38.55 24.28 -9.98
C6 NAG X . -37.19 24.56 -10.55
C7 NAG X . -43.18 25.29 -7.73
C8 NAG X . -44.31 24.70 -6.96
N2 NAG X . -42.03 24.60 -7.71
O3 NAG X . -41.96 25.78 -10.40
O4 NAG X . -39.77 24.69 -12.01
O5 NAG X . -38.49 24.63 -8.59
O6 NAG X . -36.49 25.51 -9.75
O7 NAG X . -43.29 26.35 -8.35
C1 NAG X . -39.70 25.80 -12.93
C2 NAG X . -38.98 25.37 -14.23
C3 NAG X . -39.06 26.46 -15.31
C4 NAG X . -40.50 26.91 -15.51
C5 NAG X . -41.07 27.37 -14.18
C6 NAG X . -42.50 27.81 -14.27
C7 NAG X . -36.63 25.85 -13.60
C8 NAG X . -35.27 25.26 -13.43
N2 NAG X . -37.59 25.00 -13.99
O3 NAG X . -38.53 25.96 -16.53
O4 NAG X . -40.54 27.99 -16.45
O5 NAG X . -41.02 26.30 -13.24
O6 NAG X . -42.72 28.62 -15.42
O7 NAG X . -36.86 27.04 -13.38
C1 NAG Y . -14.26 37.72 26.96
C2 NAG Y . -15.14 37.83 28.21
C3 NAG Y . -14.84 39.14 28.94
C4 NAG Y . -13.35 39.32 29.16
C5 NAG Y . -12.61 39.12 27.83
C6 NAG Y . -11.11 39.21 27.98
C7 NAG Y . -17.48 37.38 28.76
C8 NAG Y . -18.89 37.33 28.23
N2 NAG Y . -16.54 37.73 27.88
O3 NAG Y . -15.52 39.15 30.19
O4 NAG Y . -13.11 40.67 29.55
O5 NAG Y . -12.90 37.80 27.33
O6 NAG Y . -10.45 38.37 27.04
O7 NAG Y . -17.22 37.10 29.92
C1 NAG Y . -12.81 40.80 30.97
C2 NAG Y . -13.09 42.27 31.34
C3 NAG Y . -12.90 42.49 32.84
C4 NAG Y . -13.70 41.48 33.65
C5 NAG Y . -13.34 40.07 33.22
C6 NAG Y . -14.14 39.01 33.92
C7 NAG Y . -12.76 44.02 29.66
C8 NAG Y . -14.24 43.97 29.44
N2 NAG Y . -12.26 43.18 30.57
O3 NAG Y . -13.30 43.81 33.18
O4 NAG Y . -13.43 41.64 35.03
O5 NAG Y . -13.59 39.92 31.81
O6 NAG Y . -13.98 39.10 35.32
O7 NAG Y . -12.03 44.78 29.02
C1 NAG Z . -39.79 -12.56 -39.11
C2 NAG Z . -40.49 -12.66 -40.46
C3 NAG Z . -41.98 -12.50 -40.24
C4 NAG Z . -42.47 -13.53 -39.23
C5 NAG Z . -41.63 -13.44 -37.96
C6 NAG Z . -41.97 -14.51 -36.94
C7 NAG Z . -40.18 -11.72 -42.70
C8 NAG Z . -39.61 -10.60 -43.49
N2 NAG Z . -39.99 -11.66 -41.38
O3 NAG Z . -42.67 -12.67 -41.47
O4 NAG Z . -43.83 -13.27 -38.91
O5 NAG Z . -40.24 -13.60 -38.28
O6 NAG Z . -42.27 -15.75 -37.56
O7 NAG Z . -40.80 -12.64 -43.22
C1 NAG Z . -44.64 -14.37 -39.37
C2 NAG Z . -45.95 -14.37 -38.59
C3 NAG Z . -46.85 -15.49 -39.10
C4 NAG Z . -47.06 -15.33 -40.61
C5 NAG Z . -45.71 -15.34 -41.30
C6 NAG Z . -45.81 -15.14 -42.79
C7 NAG Z . -46.28 -13.73 -36.24
C8 NAG Z . -47.18 -12.66 -36.75
N2 NAG Z . -45.72 -14.52 -37.17
O3 NAG Z . -48.10 -15.42 -38.42
O4 NAG Z . -47.83 -16.42 -41.11
O5 NAG Z . -44.90 -14.27 -40.79
O6 NAG Z . -44.55 -14.80 -43.35
O7 NAG Z . -46.05 -13.89 -35.05
C1 BMA Z . -49.20 -16.03 -41.34
C2 BMA Z . -49.86 -17.16 -42.13
C3 BMA Z . -51.34 -16.85 -42.31
C4 BMA Z . -52.00 -16.52 -40.98
C5 BMA Z . -51.23 -15.41 -40.25
C6 BMA Z . -51.77 -15.19 -38.88
O2 BMA Z . -49.77 -18.39 -41.43
O3 BMA Z . -52.01 -17.96 -42.89
O4 BMA Z . -53.35 -16.11 -41.21
O5 BMA Z . -49.87 -15.83 -40.11
O6 BMA Z . -51.56 -13.85 -38.48
C1 MAN Z . -52.36 -17.64 -44.25
C2 MAN Z . -53.76 -18.19 -44.49
C3 MAN Z . -53.74 -19.77 -44.38
C4 MAN Z . -52.49 -20.42 -45.01
C5 MAN Z . -51.20 -19.60 -44.80
C6 MAN Z . -50.05 -20.10 -45.66
O2 MAN Z . -54.20 -17.83 -45.80
O3 MAN Z . -54.96 -20.49 -44.78
O4 MAN Z . -52.29 -21.71 -44.43
O5 MAN Z . -51.44 -18.22 -45.11
O6 MAN Z . -50.28 -19.65 -46.99
C1 MAN Z . -55.46 -20.50 -46.16
C2 MAN Z . -55.42 -22.03 -46.70
C3 MAN Z . -54.96 -22.20 -48.15
C4 MAN Z . -53.86 -21.25 -48.61
C5 MAN Z . -54.34 -19.80 -48.41
C6 MAN Z . -55.14 -19.12 -49.53
O2 MAN Z . -56.71 -22.65 -46.63
O3 MAN Z . -56.06 -22.17 -49.06
O4 MAN Z . -52.71 -21.43 -47.83
O5 MAN Z . -54.82 -19.49 -47.04
O6 MAN Z . -54.25 -18.28 -50.25
C1 MAN Z . -51.89 -13.70 -37.07
C2 MAN Z . -53.11 -14.62 -36.73
C3 MAN Z . -54.40 -13.80 -36.70
C4 MAN Z . -54.39 -12.69 -37.79
C5 MAN Z . -53.15 -11.76 -37.65
C6 MAN Z . -53.51 -10.40 -37.09
O2 MAN Z . -52.96 -15.21 -35.43
O3 MAN Z . -54.68 -13.27 -35.39
O4 MAN Z . -54.40 -13.26 -39.09
O5 MAN Z . -52.17 -12.36 -36.78
O6 MAN Z . -53.56 -9.51 -38.18
C1 MAN Z . -51.67 -15.89 -35.39
C2 MAN Z . -51.88 -17.35 -34.90
C3 MAN Z . -50.62 -17.81 -34.17
C4 MAN Z . -50.33 -16.93 -32.93
C5 MAN Z . -50.88 -15.51 -33.15
C6 MAN Z . -50.15 -14.46 -32.34
O2 MAN Z . -52.05 -18.25 -36.00
O3 MAN Z . -49.48 -17.77 -35.03
O4 MAN Z . -50.93 -17.49 -31.77
O5 MAN Z . -50.75 -15.20 -34.55
O6 MAN Z . -51.00 -13.31 -32.23
C1 MAN Z . -55.85 -12.40 -35.30
C2 MAN Z . -56.12 -12.14 -33.78
C3 MAN Z . -57.43 -12.82 -33.31
C4 MAN Z . -57.74 -14.20 -33.96
C5 MAN Z . -57.48 -14.21 -35.48
C6 MAN Z . -58.70 -14.62 -36.29
O2 MAN Z . -56.29 -10.75 -33.51
O3 MAN Z . -58.54 -11.96 -33.54
O4 MAN Z . -56.93 -15.21 -33.36
O5 MAN Z . -57.08 -12.89 -35.91
O6 MAN Z . -58.53 -14.11 -37.61
C1 FUC Z . -41.84 -16.81 -36.67
C2 FUC Z . -43.08 -17.30 -35.85
C3 FUC Z . -43.97 -18.23 -36.66
C4 FUC Z . -43.13 -19.37 -37.18
C5 FUC Z . -42.05 -18.82 -38.10
C6 FUC Z . -41.14 -19.92 -38.63
O2 FUC Z . -43.84 -16.24 -35.26
O3 FUC Z . -44.99 -18.78 -35.81
O4 FUC Z . -42.55 -20.07 -36.09
O5 FUC Z . -41.21 -17.85 -37.43
C1 NAG AA . 33.45 48.05 30.29
C2 NAG AA . 33.70 49.31 31.10
C3 NAG AA . 32.62 49.44 32.20
C4 NAG AA . 31.23 49.31 31.59
C5 NAG AA . 31.16 48.05 30.73
C6 NAG AA . 29.85 47.89 30.00
C7 NAG AA . 35.60 50.37 32.25
C8 NAG AA . 36.96 50.15 32.84
N2 NAG AA . 35.03 49.29 31.71
O3 NAG AA . 32.75 50.71 32.84
O4 NAG AA . 30.28 49.20 32.65
O5 NAG AA . 32.18 48.12 29.73
O6 NAG AA . 29.20 46.67 30.35
O7 NAG AA . 35.06 51.46 32.26
C1 NAG AA . 29.20 50.15 32.51
C2 NAG AA . 28.15 49.87 33.60
C3 NAG AA . 27.02 50.90 33.57
C4 NAG AA . 27.58 52.31 33.58
C5 NAG AA . 28.62 52.49 32.47
C6 NAG AA . 29.29 53.84 32.50
C7 NAG AA . 26.95 47.84 32.67
C8 NAG AA . 26.60 48.59 31.41
N2 NAG AA . 27.66 48.50 33.62
O3 NAG AA . 26.16 50.70 34.69
O4 NAG AA . 26.53 53.25 33.38
O5 NAG AA . 29.66 51.50 32.61
O6 NAG AA . 29.17 54.44 33.78
O7 NAG AA . 26.59 46.68 32.83
C1 NAG BA . 0.40 -19.11 47.04
C2 NAG BA . -0.93 -19.86 46.90
C3 NAG BA . -2.05 -18.87 46.62
C4 NAG BA . -2.01 -17.70 47.59
C5 NAG BA . -0.60 -17.12 47.70
C6 NAG BA . -0.48 -16.05 48.75
C7 NAG BA . -1.30 -22.11 46.00
C8 NAG BA . -1.89 -22.45 47.34
N2 NAG BA . -0.85 -20.86 45.86
O3 NAG BA . -3.31 -19.53 46.69
O4 NAG BA . -2.91 -16.67 47.17
O5 NAG BA . 0.29 -18.17 48.07
O6 NAG BA . 0.78 -15.38 48.66
O7 NAG BA . -1.22 -22.94 45.10
C1 NAG CA . 4.45 -42.64 65.30
C2 NAG CA . 5.86 -43.25 65.24
C3 NAG CA . 6.91 -42.23 65.72
C4 NAG CA . 6.76 -40.93 64.97
C5 NAG CA . 5.33 -40.41 65.09
C6 NAG CA . 5.09 -39.16 64.29
C7 NAG CA . 5.73 -44.60 67.31
C8 NAG CA . 5.87 -45.97 67.90
N2 NAG CA . 5.95 -44.49 66.01
O3 NAG CA . 8.21 -42.77 65.51
O4 NAG CA . 7.65 -39.96 65.52
O5 NAG CA . 4.43 -41.40 64.59
O6 NAG CA . 6.16 -38.88 63.41
O7 NAG CA . 5.42 -43.63 68.02
C1 NAG DA . -28.78 -45.09 29.96
C2 NAG DA . -29.65 -45.45 31.17
C3 NAG DA . -31.14 -45.35 30.79
C4 NAG DA . -31.44 -44.03 30.07
C5 NAG DA . -30.43 -43.80 28.95
C6 NAG DA . -30.61 -42.46 28.26
C7 NAG DA . -29.43 -47.18 32.93
C8 NAG DA . -29.87 -46.13 33.93
N2 NAG DA . -29.35 -46.78 31.65
O3 NAG DA . -31.99 -45.47 31.93
O4 NAG DA . -32.75 -44.06 29.54
O5 NAG DA . -29.12 -43.80 29.52
O6 NAG DA . -29.36 -41.98 27.78
O7 NAG DA . -29.17 -48.32 33.28
C1 NAG EA . -33.38 15.54 36.34
C2 NAG EA . -33.96 16.87 35.87
C3 NAG EA . -33.31 18.01 36.64
C4 NAG EA . -33.34 17.73 38.15
C5 NAG EA . -32.85 16.32 38.45
C6 NAG EA . -32.99 15.94 39.91
C7 NAG EA . -34.38 17.98 33.72
C8 NAG EA . -34.05 18.01 32.26
N2 NAG EA . -33.75 17.04 34.44
O3 NAG EA . -33.97 19.23 36.36
O4 NAG EA . -32.52 18.66 38.84
O5 NAG EA . -33.64 15.39 37.72
O6 NAG EA . -33.90 14.87 40.08
O7 NAG EA . -35.18 18.76 34.22
C1 NAG FA . -36.26 -9.57 21.09
C2 NAG FA . -37.20 -10.37 22.02
C3 NAG FA . -36.99 -9.99 23.49
C4 NAG FA . -35.51 -10.09 23.86
C5 NAG FA . -34.68 -9.25 22.90
C6 NAG FA . -33.18 -9.38 23.14
C7 NAG FA . -39.42 -9.20 21.61
C8 NAG FA . -38.83 -7.87 21.99
N2 NAG FA . -38.61 -10.29 21.64
O3 NAG FA . -37.76 -10.84 24.34
O4 NAG FA . -35.31 -9.62 25.19
O5 NAG FA . -34.91 -9.70 21.56
O6 NAG FA . -32.84 -8.96 24.46
O7 NAG FA . -40.59 -9.30 21.27
C1 NAG GA . 32.98 -11.94 35.14
C2 NAG GA . 34.28 -11.33 34.70
C3 NAG GA . 35.40 -12.36 34.85
C4 NAG GA . 35.40 -12.95 36.27
C5 NAG GA . 33.98 -13.40 36.60
C6 NAG GA . 33.83 -13.89 38.02
C7 NAG GA . 33.97 -11.60 32.26
C8 NAG GA . 33.94 -10.90 30.94
N2 NAG GA . 34.22 -10.84 33.33
O3 NAG GA . 36.65 -11.74 34.58
O4 NAG GA . 36.28 -14.07 36.33
O5 NAG GA . 33.08 -12.29 36.46
O6 NAG GA . 32.55 -14.46 38.24
O7 NAG GA . 33.78 -12.82 32.34
C1 NAG HA . 2.05 15.59 41.37
C2 NAG HA . 1.87 16.13 42.80
C3 NAG HA . 2.64 17.44 42.98
C4 NAG HA . 4.09 17.27 42.56
C5 NAG HA . 4.16 16.73 41.13
C6 NAG HA . 5.57 16.46 40.67
C7 NAG HA . -0.24 15.48 43.88
C8 NAG HA . 0.51 14.31 44.43
N2 NAG HA . 0.46 16.32 43.10
O3 NAG HA . 2.57 17.84 44.34
O4 NAG HA . 4.77 18.51 42.61
O5 NAG HA . 3.44 15.49 41.06
O6 NAG HA . 5.74 16.82 39.31
O7 NAG HA . -1.43 15.67 44.12
C1 NAG IA . 50.36 45.41 36.54
C2 NAG IA . 49.90 44.87 37.90
C3 NAG IA . 49.57 46.05 38.84
C4 NAG IA . 50.71 47.07 38.84
C5 NAG IA . 51.11 47.41 37.40
C6 NAG IA . 52.30 48.34 37.33
C7 NAG IA . 47.55 44.08 37.35
C8 NAG IA . 47.18 45.42 36.79
N2 NAG IA . 48.80 43.91 37.82
O3 NAG IA . 49.37 45.54 40.15
O4 NAG IA . 50.29 48.25 39.51
O5 NAG IA . 51.49 46.21 36.72
O6 NAG IA . 53.30 47.99 38.28
O7 NAG IA . 46.74 43.15 37.37
C1 NAG JA . 62.56 14.71 32.51
C2 NAG JA . 63.86 14.89 33.28
C3 NAG JA . 64.67 13.59 33.23
C4 NAG JA . 63.81 12.42 33.67
C5 NAG JA . 62.50 12.39 32.89
C6 NAG JA . 61.55 11.31 33.33
C7 NAG JA . 65.11 16.08 31.51
C8 NAG JA . 65.89 17.32 31.19
N2 NAG JA . 64.64 16.00 32.76
O3 NAG JA . 65.81 13.71 34.08
O4 NAG JA . 64.50 11.19 33.45
O5 NAG JA . 61.83 13.64 33.08
O6 NAG JA . 60.98 10.63 32.22
O7 NAG JA . 64.93 15.19 30.68
C1 NAG KA . 54.15 30.43 40.81
C2 NAG KA . 54.70 31.79 41.26
C3 NAG KA . 54.40 31.97 42.75
C4 NAG KA . 52.92 31.74 43.03
C5 NAG KA . 52.47 30.41 42.43
C6 NAG KA . 50.98 30.17 42.57
C7 NAG KA . 56.75 33.01 40.65
C8 NAG KA . 55.88 34.21 40.43
N2 NAG KA . 56.13 31.89 41.03
O3 NAG KA . 54.77 33.29 43.16
O4 NAG KA . 52.68 31.73 44.44
O5 NAG KA . 52.76 30.40 41.03
O6 NAG KA . 50.53 29.15 41.69
O7 NAG KA . 57.96 33.05 40.47
C1 NAG LA . 70.54 32.31 35.99
C2 NAG LA . 70.94 31.58 37.27
C3 NAG LA . 72.44 31.65 37.47
C4 NAG LA . 73.17 31.22 36.21
C5 NAG LA . 72.62 31.96 34.99
C6 NAG LA . 73.22 31.48 33.70
C7 NAG LA . 69.93 31.33 39.49
C8 NAG LA . 69.20 32.01 40.61
N2 NAG LA . 70.23 32.09 38.43
O3 NAG LA . 72.82 30.82 38.55
O4 NAG LA . 74.57 31.47 36.32
O5 NAG LA . 71.20 31.75 34.90
O6 NAG LA . 73.18 30.06 33.60
O7 NAG LA . 70.22 30.14 39.53
C1 NAG MA . 66.04 53.58 34.11
C2 NAG MA . 66.24 54.69 33.09
C3 NAG MA . 65.72 56.01 33.66
C4 NAG MA . 64.29 55.82 34.17
C5 NAG MA . 64.21 54.62 35.11
C6 NAG MA . 62.81 54.31 35.57
C7 NAG MA . 68.63 55.16 33.49
C8 NAG MA . 69.98 55.23 32.87
N2 NAG MA . 67.63 54.81 32.68
O3 NAG MA . 65.75 57.00 32.65
O4 NAG MA . 63.88 56.99 34.88
O5 NAG MA . 64.68 53.46 34.41
O6 NAG MA . 62.61 52.91 35.73
O7 NAG MA . 68.46 55.40 34.69
C1 NAG NA . 18.00 -27.58 -38.64
C2 NAG NA . 16.69 -28.30 -38.94
C3 NAG NA . 16.25 -29.10 -37.72
C4 NAG NA . 17.40 -29.96 -37.18
C5 NAG NA . 18.67 -29.12 -37.04
C6 NAG NA . 19.88 -29.93 -36.64
C7 NAG NA . 14.84 -27.53 -40.37
C8 NAG NA . 15.05 -28.78 -41.17
N2 NAG NA . 15.65 -27.35 -39.32
O3 NAG NA . 15.14 -29.92 -38.05
O4 NAG NA . 17.05 -30.50 -35.92
O5 NAG NA . 18.98 -28.52 -38.31
O6 NAG NA . 20.97 -29.10 -36.30
O7 NAG NA . 13.97 -26.71 -40.67
C1 NAG OA . 19.81 -32.41 -68.26
C2 NAG OA . 20.42 -31.25 -69.06
C3 NAG OA . 21.87 -31.02 -68.64
C4 NAG OA . 21.99 -30.87 -67.13
C5 NAG OA . 21.35 -32.07 -66.44
C6 NAG OA . 21.34 -31.95 -64.93
C7 NAG OA . 20.87 -32.48 -71.16
C8 NAG OA . 20.63 -32.50 -72.63
N2 NAG OA . 20.32 -31.45 -70.49
O3 NAG OA . 22.37 -29.84 -69.28
O4 NAG OA . 23.35 -30.77 -66.75
O5 NAG OA . 19.98 -32.19 -66.85
O6 NAG OA . 21.68 -30.63 -64.52
O7 NAG OA . 21.54 -33.34 -70.59
C1 NAG PA . -23.65 -32.11 -46.57
C2 NAG PA . -23.71 -33.48 -47.27
C3 NAG PA . -24.87 -34.29 -46.68
C4 NAG PA . -24.83 -34.29 -45.15
C5 NAG PA . -24.71 -32.86 -44.64
C6 NAG PA . -24.56 -32.78 -43.13
C7 NAG PA . -23.38 -34.18 -49.62
C8 NAG PA . -22.60 -35.34 -49.11
N2 NAG PA . -23.88 -33.32 -48.70
O3 NAG PA . -24.83 -35.64 -47.14
O4 NAG PA . -26.04 -34.87 -44.64
O5 NAG PA . -23.51 -32.30 -45.19
O6 NAG PA . -23.78 -31.65 -42.76
O7 NAG PA . -23.55 -33.99 -50.83
C1 NAG QA . 6.16 -51.25 3.25
C2 NAG QA . 6.14 -51.60 4.73
C3 NAG QA . 7.58 -51.87 5.20
C4 NAG QA . 8.28 -52.85 4.27
C5 NAG QA . 8.10 -52.44 2.81
C6 NAG QA . 8.67 -53.44 1.83
C7 NAG QA . 5.16 -50.67 6.79
C8 NAG QA . 4.57 -49.46 7.43
N2 NAG QA . 5.55 -50.53 5.52
O3 NAG QA . 7.57 -52.39 6.53
O4 NAG QA . 9.67 -52.90 4.56
O5 NAG QA . 6.70 -52.33 2.53
O6 NAG QA . 7.63 -54.00 1.02
O7 NAG QA . 5.30 -51.74 7.39
C1 NAG RA . -16.59 -38.31 -10.41
C2 NAG RA . -17.06 -39.45 -11.33
C3 NAG RA . -15.89 -40.35 -11.75
C4 NAG RA . -14.74 -39.52 -12.32
C5 NAG RA . -14.34 -38.44 -11.33
C6 NAG RA . -13.27 -37.51 -11.87
C7 NAG RA . -18.19 -40.98 -9.66
C8 NAG RA . -16.95 -41.08 -8.83
N2 NAG RA . -18.18 -40.22 -10.77
O3 NAG RA . -16.33 -41.30 -12.70
O4 NAG RA . -13.62 -40.35 -12.60
O5 NAG RA . -15.47 -37.62 -11.03
O6 NAG RA . -12.08 -38.21 -12.21
O7 NAG RA . -19.22 -41.57 -9.33
C1 NAG SA . 36.24 2.40 -33.85
C2 NAG SA . 37.16 3.52 -33.40
C3 NAG SA . 37.49 4.40 -34.60
C4 NAG SA . 38.01 3.58 -35.76
C5 NAG SA . 37.04 2.42 -36.00
C6 NAG SA . 37.52 1.46 -37.07
C7 NAG SA . 35.42 4.97 -32.42
C8 NAG SA . 34.98 5.70 -31.18
N2 NAG SA . 36.56 4.29 -32.32
O3 NAG SA . 38.46 5.37 -34.21
O4 NAG SA . 38.09 4.38 -36.94
O5 NAG SA . 36.89 1.66 -34.80
O6 NAG SA . 36.53 0.49 -37.38
O7 NAG SA . 34.76 5.01 -33.45
C1 NAG TA . 32.56 -29.22 -6.64
C2 NAG TA . 33.52 -30.40 -6.82
C3 NAG TA . 34.77 -30.22 -5.95
C4 NAG TA . 35.41 -28.87 -6.21
C5 NAG TA . 34.38 -27.77 -6.01
C6 NAG TA . 34.92 -26.39 -6.33
C7 NAG TA . 32.42 -32.52 -7.43
C8 NAG TA . 32.68 -32.13 -8.85
N2 NAG TA . 32.86 -31.66 -6.50
O3 NAG TA . 35.70 -31.26 -6.23
O4 NAG TA . 36.49 -28.66 -5.30
O5 NAG TA . 33.26 -27.99 -6.88
O6 NAG TA . 34.43 -25.42 -5.40
O7 NAG TA . 31.87 -33.56 -7.13
C1 NAG UA . 76.20 2.98 10.84
C2 NAG UA . 76.42 1.85 9.83
C3 NAG UA . 77.30 0.76 10.45
C4 NAG UA . 78.55 1.38 11.08
C5 NAG UA . 78.16 2.56 11.96
C6 NAG UA . 79.36 3.29 12.54
C7 NAG UA . 74.16 0.68 9.90
C8 NAG UA . 74.25 0.53 11.40
N2 NAG UA . 75.19 1.29 9.26
O3 NAG UA . 77.68 -0.18 9.44
O4 NAG UA . 79.22 0.40 11.86
O5 NAG UA . 77.44 3.52 11.18
O6 NAG UA . 80.40 3.44 11.58
O7 NAG UA . 73.19 0.27 9.27
C1 NAG VA . 67.19 20.29 -16.14
C2 NAG VA . 68.59 20.68 -16.62
C3 NAG VA . 68.47 21.54 -17.88
C4 NAG VA . 67.58 20.86 -18.92
C5 NAG VA . 66.26 20.44 -18.28
C6 NAG VA . 65.36 19.67 -19.21
C7 NAG VA . 68.98 22.52 -15.03
C8 NAG VA . 69.91 23.06 -13.99
N2 NAG VA . 69.35 21.36 -15.59
O3 NAG VA . 69.77 21.76 -18.42
O4 NAG VA . 67.33 21.74 -20.00
O5 NAG VA . 66.53 19.59 -17.15
O6 NAG VA . 64.03 20.13 -19.15
O7 NAG VA . 67.95 23.12 -15.37
C1 NAG WA . 73.95 5.70 -4.81
C2 NAG WA . 75.22 5.53 -3.97
C3 NAG WA . 75.97 4.28 -4.45
C4 NAG WA . 75.04 3.07 -4.47
C5 NAG WA . 73.76 3.40 -5.24
C6 NAG WA . 72.73 2.30 -5.18
C7 NAG WA . 76.82 7.18 -3.08
C8 NAG WA . 76.69 6.48 -1.76
N2 NAG WA . 76.10 6.69 -4.10
O3 NAG WA . 77.08 4.02 -3.61
O4 NAG WA . 75.68 1.96 -5.10
O5 NAG WA . 73.14 4.56 -4.64
O6 NAG WA . 71.44 2.76 -5.56
O7 NAG WA . 77.55 8.16 -3.23
C1 NAG XA . 82.97 20.32 -4.43
C2 NAG XA . 83.61 19.89 -5.74
C3 NAG XA . 84.76 20.83 -6.09
C4 NAG XA . 84.31 22.28 -6.03
C5 NAG XA . 83.60 22.56 -4.70
C6 NAG XA . 83.03 23.95 -4.63
C7 NAG XA . 84.09 17.74 -6.79
C8 NAG XA . 84.57 16.33 -6.58
N2 NAG XA . 84.05 18.51 -5.71
O3 NAG XA . 85.23 20.53 -7.40
O4 NAG XA . 85.42 23.15 -6.16
O5 NAG XA . 82.51 21.65 -4.54
O6 NAG XA . 82.26 24.25 -5.79
O7 NAG XA . 83.73 18.14 -7.89
C1 NAG YA . 89.15 14.29 15.61
C2 NAG YA . 89.22 14.91 17.00
C3 NAG YA . 89.84 13.91 17.97
C4 NAG YA . 89.11 12.57 17.88
C5 NAG YA . 89.00 12.12 16.43
C6 NAG YA . 88.19 10.87 16.24
C7 NAG YA . 91.28 16.26 16.70
C8 NAG YA . 91.86 17.65 16.77
N2 NAG YA . 89.97 16.16 17.00
O3 NAG YA . 89.76 14.42 19.30
O4 NAG YA . 89.81 11.58 18.63
O5 NAG YA . 88.35 13.14 15.66
O6 NAG YA . 87.47 10.88 15.02
O7 NAG YA . 91.96 15.30 16.38
C1 NAG ZA . -23.48 44.06 -9.18
C2 NAG ZA . -24.86 43.45 -9.37
C3 NAG ZA . -24.83 42.47 -10.55
C4 NAG ZA . -24.19 43.11 -11.78
C5 NAG ZA . -22.86 43.77 -11.40
C6 NAG ZA . -22.22 44.52 -12.54
C7 NAG ZA . -26.54 42.93 -7.65
C8 NAG ZA . -27.46 43.87 -8.38
N2 NAG ZA . -25.32 42.78 -8.16
O3 NAG ZA . -26.16 42.06 -10.85
O4 NAG ZA . -23.96 42.12 -12.77
O5 NAG ZA . -23.09 44.72 -10.36
O6 NAG ZA . -20.90 44.92 -12.22
O7 NAG ZA . -26.89 42.35 -6.63
C1 NAG AB . -41.58 66.13 0.28
C2 NAG AB . -41.06 66.88 1.52
C3 NAG AB . -39.75 67.59 1.21
C4 NAG AB . -38.74 66.63 0.60
C5 NAG AB . -39.34 65.95 -0.61
C6 NAG AB . -38.43 64.90 -1.22
C7 NAG AB . -42.56 68.84 1.36
C8 NAG AB . -43.58 69.67 2.09
N2 NAG AB . -42.05 67.80 2.04
O3 NAG AB . -39.22 68.14 2.42
O4 NAG AB . -37.58 67.34 0.20
O5 NAG AB . -40.55 65.26 -0.23
O6 NAG AB . -37.33 64.61 -0.37
O7 NAG AB . -42.21 69.10 0.21
C1 NAG BB . -57.82 20.35 -0.42
C2 NAG BB . -58.91 21.04 -1.26
C3 NAG BB . -59.75 19.98 -1.99
C4 NAG BB . -58.85 18.98 -2.70
C5 NAG BB . -57.77 18.45 -1.76
C6 NAG BB . -56.78 17.52 -2.43
C7 NAG BB . -60.38 22.99 -0.80
C8 NAG BB . -60.14 23.42 -2.22
N2 NAG BB . -59.78 21.86 -0.41
O3 NAG BB . -60.63 20.56 -2.93
O4 NAG BB . -59.63 17.88 -3.18
O5 NAG BB . -57.03 19.57 -1.26
O6 NAG BB . -55.51 17.62 -1.81
O7 NAG BB . -61.10 23.63 -0.05
C1 NAG CB . -18.73 12.02 -46.69
C2 NAG CB . -18.07 11.08 -47.68
C3 NAG CB . -16.97 11.84 -48.44
C4 NAG CB . -17.52 13.17 -48.99
C5 NAG CB . -18.27 13.93 -47.90
C6 NAG CB . -18.94 15.19 -48.42
C7 NAG CB . -17.09 8.82 -47.65
C8 NAG CB . -16.53 7.73 -46.79
N2 NAG CB . -17.49 9.92 -47.01
O3 NAG CB . -16.48 11.04 -49.51
O4 NAG CB . -16.45 13.97 -49.47
O5 NAG CB . -19.31 13.10 -47.38
O6 NAG CB . -20.35 15.09 -48.30
O7 NAG CB . -17.16 8.72 -48.87
C1 NAG DB . -35.41 2.38 -24.31
C2 NAG DB . -36.80 2.88 -24.75
C3 NAG DB . -36.70 4.17 -25.57
C4 NAG DB . -35.86 5.21 -24.84
C5 NAG DB . -34.51 4.63 -24.47
C6 NAG DB . -33.66 5.58 -23.65
C7 NAG DB . -37.34 1.24 -26.61
C8 NAG DB . -36.07 1.59 -27.35
N2 NAG DB . -37.58 1.85 -25.44
O3 NAG DB . -38.00 4.67 -25.85
O4 NAG DB . -35.68 6.35 -25.67
O5 NAG DB . -34.69 3.46 -23.67
O6 NAG DB . -33.41 6.80 -24.34
O7 NAG DB . -38.12 0.39 -27.05
C1 NAG EB . 5.81 48.21 10.30
C2 NAG EB . 7.21 48.36 10.85
C3 NAG EB . 7.17 49.22 12.11
C4 NAG EB . 6.45 50.54 11.83
C5 NAG EB . 5.12 50.23 11.16
C6 NAG EB . 4.35 51.47 10.74
C7 NAG EB . 7.32 46.17 12.01
C8 NAG EB . 8.09 44.89 12.14
N2 NAG EB . 7.80 47.05 11.13
O3 NAG EB . 8.50 49.48 12.54
O4 NAG EB . 6.21 51.23 13.05
O5 NAG EB . 5.33 49.46 9.97
O6 NAG EB . 3.05 51.15 10.27
O7 NAG EB . 6.31 46.39 12.67
C1 NAG FB . 3.72 33.39 -28.80
C2 NAG FB . 3.69 34.41 -29.94
C3 NAG FB . 5.10 34.69 -30.46
C4 NAG FB . 6.03 35.06 -29.32
C5 NAG FB . 5.99 33.98 -28.25
C6 NAG FB . 6.83 34.32 -27.04
C7 NAG FB . 1.59 34.44 -31.23
C8 NAG FB . 1.12 35.50 -30.27
N2 NAG FB . 2.82 33.97 -31.02
O3 NAG FB . 5.05 35.75 -31.41
O4 NAG FB . 7.36 35.20 -29.79
O5 NAG FB . 4.64 33.81 -27.78
O6 NAG FB . 7.50 33.16 -26.54
O7 NAG FB . 0.89 34.04 -32.15
C1 NAG GB . 58.19 46.83 -18.83
C2 NAG GB . 57.20 47.88 -19.36
C3 NAG GB . 57.62 48.31 -20.78
C4 NAG GB . 59.11 48.66 -20.82
C5 NAG GB . 59.93 47.57 -20.14
C6 NAG GB . 61.40 47.89 -20.05
C7 NAG GB . 55.18 46.44 -19.91
C8 NAG GB . 56.02 45.53 -20.77
N2 NAG GB . 55.80 47.48 -19.32
O3 NAG GB . 56.85 49.43 -21.19
O4 NAG GB . 59.54 48.80 -22.17
O5 NAG GB . 59.47 47.38 -18.79
O6 NAG GB . 61.61 49.25 -19.69
O7 NAG GB . 53.98 46.23 -19.77
C1 NAG HB . 45.10 55.15 10.63
C2 NAG HB . 45.92 56.40 10.90
C3 NAG HB . 45.55 56.98 12.26
C4 NAG HB . 44.04 57.18 12.34
C5 NAG HB . 43.33 55.87 11.97
C6 NAG HB . 41.82 56.00 11.94
C7 NAG HB . 47.99 55.26 11.65
C8 NAG HB . 49.47 55.11 11.42
N2 NAG HB . 47.36 56.11 10.84
O3 NAG HB . 46.21 58.23 12.42
O4 NAG HB . 43.66 57.55 13.67
O5 NAG HB . 43.73 55.48 10.65
O6 NAG HB . 41.19 54.91 12.60
O7 NAG HB . 47.41 54.63 12.53
C1 NAG IB . 49.04 55.18 -8.63
C2 NAG IB . 50.28 55.57 -9.45
C3 NAG IB . 49.89 56.66 -10.45
C4 NAG IB . 48.69 56.23 -11.27
C5 NAG IB . 47.56 55.77 -10.36
C6 NAG IB . 46.37 55.21 -11.12
C7 NAG IB . 52.65 55.80 -8.79
C8 NAG IB . 52.97 54.96 -9.99
N2 NAG IB . 51.35 56.06 -8.58
O3 NAG IB . 50.99 56.94 -11.31
O4 NAG IB . 48.22 57.32 -12.07
O5 NAG IB . 48.04 54.71 -9.51
O6 NAG IB . 45.53 54.43 -10.26
O7 NAG IB . 53.51 56.23 -8.04
C1 NAG JB . 62.28 58.61 1.77
C2 NAG JB . 61.74 60.03 1.89
C3 NAG JB . 62.76 60.91 2.60
C4 NAG JB . 63.19 60.26 3.91
C5 NAG JB . 63.62 58.82 3.67
C6 NAG JB . 63.95 58.08 4.95
C7 NAG JB . 60.42 61.49 0.43
C8 NAG JB . 60.19 61.96 -0.98
N2 NAG JB . 61.39 60.58 0.59
O3 NAG JB . 62.17 62.18 2.86
O4 NAG JB . 64.27 60.99 4.48
O5 NAG JB . 62.54 58.10 3.05
O6 NAG JB . 62.93 58.25 5.92
O7 NAG JB . 59.75 61.89 1.38
C1 NAG KB . 74.96 50.77 -14.17
C2 NAG KB . 76.10 49.77 -14.31
C3 NAG KB . 76.58 49.75 -15.76
C4 NAG KB . 75.40 49.54 -16.71
C5 NAG KB . 74.28 50.53 -16.38
C6 NAG KB . 73.03 50.31 -17.21
C7 NAG KB . 77.94 51.19 -13.45
C8 NAG KB . 79.03 51.29 -12.42
N2 NAG KB . 77.20 50.07 -13.41
O3 NAG KB . 77.54 48.71 -15.94
O4 NAG KB . 75.82 49.74 -18.05
O5 NAG KB . 73.90 50.38 -15.01
O6 NAG KB . 71.87 50.62 -16.45
O7 NAG KB . 77.74 52.07 -14.28
#